data_7AZG
#
_entry.id   7AZG
#
_cell.length_a   70.422
_cell.length_b   165.302
_cell.length_c   138.510
_cell.angle_alpha   90.000
_cell.angle_beta   91.840
_cell.angle_gamma   90.000
#
_symmetry.space_group_name_H-M   'P 1 21 1'
#
loop_
_entity.id
_entity.type
_entity.pdbx_description
1 polymer 'Beta sliding clamp'
2 polymer 'Peptide 4'
3 water water
#
loop_
_entity_poly.entity_id
_entity_poly.type
_entity_poly.pdbx_seq_one_letter_code
_entity_poly.pdbx_strand_id
1 'polypeptide(L)'
;MGSSHHHHHHSSGLVPRGSHMKFTVEREHLLKPLQQVSGPLGGRPTLPILGNLLLQVADGTLSLTGTDLEMEMVARVALV
QPHEPGATTVPARKFFDICRGLPEGAEIAVQLEGERMLVRSGRSRFSLSTLPAADFPNLDDWQSEVEFTLPQATMKRLIE
ATQFSMAHQDVRYYLNGMLFETEGEELRTVATDGHRLAVCSMPIGQSLPSHSVIVPRKGVIELMRMLDGGDNPLRVQIGS
NNIRAHVGDFIFTSKLVDGRFPDYRRVLPKNPDKHLEAGCDLLKQAFARAAILSNEKFRGVRLYVSENQLKITANNPEQE
EAEEILDVTYSGAEMEIGFNVSYVLDVLNALKCENVRMMLTDSVSSVQIEDAASQSAAYVVMPMRL
;
A,B,C,D,E,F,G,H
2 'polypeptide(L)' GQ(ALC)(SOQ)LF I,J,K,L,M,N,O,P
#
loop_
_chem_comp.id
_chem_comp.type
_chem_comp.name
_chem_comp.formula
SOQ non-polymer 'N-methyl-L-aspartic acid' 'C5 H9 N O4'
#
# COMPACT_ATOMS: atom_id res chain seq x y z
N HIS A 20 -14.39 0.92 -7.34
CA HIS A 20 -14.92 0.16 -8.48
CA HIS A 20 -14.83 0.22 -8.55
C HIS A 20 -16.07 0.88 -9.21
N MET A 21 -16.65 1.90 -8.59
CA MET A 21 -17.79 2.66 -9.11
C MET A 21 -17.37 3.40 -10.41
N LYS A 22 -18.27 3.45 -11.43
CA LYS A 22 -18.02 4.19 -12.68
C LYS A 22 -19.35 4.67 -13.31
N PHE A 23 -19.32 5.79 -14.12
CA PHE A 23 -20.51 6.31 -14.81
C PHE A 23 -20.14 7.36 -15.87
N THR A 24 -21.00 7.52 -16.88
CA THR A 24 -20.78 8.54 -17.91
C THR A 24 -22.09 9.27 -18.14
N VAL A 25 -22.17 10.55 -17.79
CA VAL A 25 -23.41 11.25 -18.04
C VAL A 25 -23.14 12.66 -18.54
N GLU A 26 -24.09 13.19 -19.31
CA GLU A 26 -24.00 14.54 -19.85
C GLU A 26 -23.83 15.60 -18.75
N ARG A 27 -22.98 16.58 -19.01
CA ARG A 27 -22.75 17.72 -18.12
C ARG A 27 -24.05 18.43 -17.84
N GLU A 28 -24.87 18.67 -18.86
CA GLU A 28 -26.12 19.37 -18.67
C GLU A 28 -27.02 18.78 -17.56
N HIS A 29 -27.11 17.44 -17.49
CA HIS A 29 -27.95 16.72 -16.52
C HIS A 29 -27.43 16.95 -15.11
N LEU A 30 -26.15 16.63 -14.90
CA LEU A 30 -25.44 16.69 -13.61
C LEU A 30 -25.33 18.09 -12.95
N LEU A 31 -25.68 19.20 -13.63
CA LEU A 31 -25.53 20.57 -13.10
C LEU A 31 -26.56 21.03 -12.01
N LYS A 32 -27.87 20.93 -12.29
CA LYS A 32 -28.86 21.35 -11.30
C LYS A 32 -28.76 20.46 -10.07
N PRO A 33 -28.61 19.11 -10.21
CA PRO A 33 -28.48 18.25 -9.03
C PRO A 33 -27.27 18.56 -8.17
N LEU A 34 -26.11 18.85 -8.79
CA LEU A 34 -24.90 19.18 -8.05
C LEU A 34 -25.07 20.47 -7.27
N GLN A 35 -25.63 21.51 -7.89
CA GLN A 35 -25.88 22.77 -7.23
C GLN A 35 -26.83 22.58 -6.02
N GLN A 36 -27.87 21.74 -6.18
CA GLN A 36 -28.87 21.49 -5.16
C GLN A 36 -28.32 20.77 -3.94
N VAL A 37 -27.66 19.60 -4.17
CA VAL A 37 -27.12 18.80 -3.06
C VAL A 37 -25.94 19.46 -2.41
N SER A 38 -25.33 20.46 -3.08
CA SER A 38 -24.28 21.29 -2.47
C SER A 38 -24.91 22.44 -1.64
N GLY A 39 -26.17 22.28 -1.22
CA GLY A 39 -26.89 23.28 -0.44
C GLY A 39 -26.59 23.25 1.04
N PRO A 40 -26.86 22.10 1.73
CA PRO A 40 -26.60 22.04 3.18
C PRO A 40 -25.11 22.21 3.59
N LEU A 41 -24.18 22.20 2.61
CA LEU A 41 -22.75 22.35 2.84
C LEU A 41 -22.43 23.84 3.08
N GLY A 42 -21.89 24.15 4.27
CA GLY A 42 -21.59 25.50 4.72
C GLY A 42 -20.12 25.83 4.64
N GLY A 43 -19.57 26.43 5.71
CA GLY A 43 -18.18 26.87 5.76
C GLY A 43 -17.36 26.32 6.92
N ARG A 44 -16.08 26.01 6.65
CA ARG A 44 -15.13 25.39 7.61
C ARG A 44 -15.73 24.15 8.31
N PRO A 45 -16.16 23.12 7.54
CA PRO A 45 -16.75 21.95 8.22
C PRO A 45 -15.68 21.31 9.09
N THR A 46 -16.06 21.00 10.34
CA THR A 46 -15.15 20.35 11.28
C THR A 46 -14.71 18.97 10.71
N LEU A 47 -15.71 18.19 10.27
CA LEU A 47 -15.50 16.89 9.68
C LEU A 47 -15.32 17.05 8.17
N PRO A 48 -14.13 16.67 7.64
CA PRO A 48 -13.87 16.80 6.20
C PRO A 48 -14.93 16.17 5.31
N ILE A 49 -15.53 15.03 5.73
CA ILE A 49 -16.50 14.38 4.87
C ILE A 49 -17.79 15.19 4.66
N LEU A 50 -17.99 16.27 5.46
CA LEU A 50 -19.15 17.15 5.30
C LEU A 50 -18.97 18.20 4.21
N GLY A 51 -17.78 18.22 3.63
CA GLY A 51 -17.48 19.02 2.45
C GLY A 51 -17.54 18.21 1.17
N ASN A 52 -17.72 16.87 1.27
CA ASN A 52 -17.81 15.99 0.10
C ASN A 52 -19.27 15.68 -0.21
N LEU A 53 -19.53 15.11 -1.41
CA LEU A 53 -20.86 14.63 -1.82
C LEU A 53 -20.80 13.12 -2.03
N LEU A 54 -21.79 12.39 -1.46
CA LEU A 54 -21.86 10.94 -1.62
C LEU A 54 -22.44 10.62 -2.99
N LEU A 55 -21.61 10.02 -3.86
CA LEU A 55 -22.00 9.55 -5.18
C LEU A 55 -22.22 8.04 -5.13
N GLN A 56 -23.45 7.59 -5.46
CA GLN A 56 -23.83 6.18 -5.39
C GLN A 56 -24.47 5.76 -6.71
N VAL A 57 -23.74 4.94 -7.48
CA VAL A 57 -24.26 4.33 -8.71
C VAL A 57 -24.82 2.96 -8.26
N ALA A 58 -26.09 2.61 -8.55
CA ALA A 58 -26.57 1.31 -8.03
C ALA A 58 -27.39 0.43 -9.01
N ASP A 59 -28.49 0.93 -9.58
CA ASP A 59 -29.28 0.09 -10.48
C ASP A 59 -29.32 0.65 -11.91
N GLY A 60 -29.45 1.96 -11.99
CA GLY A 60 -29.51 2.69 -13.24
C GLY A 60 -29.63 4.18 -12.99
N THR A 61 -29.40 4.56 -11.73
CA THR A 61 -29.53 5.92 -11.25
C THR A 61 -28.31 6.22 -10.38
N LEU A 62 -27.81 7.45 -10.55
CA LEU A 62 -26.70 8.02 -9.79
C LEU A 62 -27.33 8.83 -8.68
N SER A 63 -26.86 8.66 -7.44
CA SER A 63 -27.42 9.38 -6.30
C SER A 63 -26.37 10.29 -5.70
N LEU A 64 -26.64 11.59 -5.70
CA LEU A 64 -25.76 12.59 -5.13
C LEU A 64 -26.36 12.99 -3.78
N THR A 65 -25.59 12.89 -2.69
CA THR A 65 -26.11 13.24 -1.35
C THR A 65 -25.18 14.26 -0.70
N GLY A 66 -25.77 15.28 -0.06
CA GLY A 66 -25.03 16.32 0.64
C GLY A 66 -25.64 16.61 2.00
N THR A 67 -24.85 16.50 3.08
CA THR A 67 -25.36 16.67 4.46
C THR A 67 -24.47 17.60 5.31
N ASP A 68 -25.00 18.05 6.45
CA ASP A 68 -24.27 18.81 7.47
C ASP A 68 -24.50 18.18 8.86
N LEU A 69 -24.91 16.90 8.86
CA LEU A 69 -25.18 16.05 10.02
C LEU A 69 -26.61 16.17 10.54
N GLU A 70 -27.22 17.36 10.43
CA GLU A 70 -28.59 17.59 10.90
C GLU A 70 -29.61 17.48 9.79
N MET A 71 -29.24 17.81 8.53
CA MET A 71 -30.12 17.65 7.37
C MET A 71 -29.38 17.07 6.18
N GLU A 72 -30.12 16.49 5.23
CA GLU A 72 -29.51 15.94 4.03
C GLU A 72 -30.35 16.23 2.81
N MET A 73 -29.73 16.18 1.62
CA MET A 73 -30.37 16.43 0.34
C MET A 73 -29.92 15.38 -0.63
N VAL A 74 -30.85 14.59 -1.18
CA VAL A 74 -30.51 13.52 -2.12
C VAL A 74 -31.05 13.81 -3.51
N ALA A 75 -30.19 13.78 -4.54
CA ALA A 75 -30.61 13.98 -5.94
C ALA A 75 -30.36 12.71 -6.75
N ARG A 76 -31.42 12.15 -7.37
CA ARG A 76 -31.28 10.96 -8.20
C ARG A 76 -31.18 11.40 -9.66
N VAL A 77 -30.19 10.89 -10.39
CA VAL A 77 -29.96 11.22 -11.80
C VAL A 77 -29.99 9.94 -12.62
N ALA A 78 -30.83 9.88 -13.67
CA ALA A 78 -30.96 8.70 -14.53
C ALA A 78 -29.72 8.51 -15.40
N LEU A 79 -29.17 7.29 -15.40
CA LEU A 79 -27.97 6.92 -16.17
C LEU A 79 -28.32 6.07 -17.40
N VAL A 80 -28.14 6.65 -18.59
CA VAL A 80 -28.44 5.97 -19.85
C VAL A 80 -27.23 5.12 -20.26
N GLN A 81 -26.01 5.70 -20.16
CA GLN A 81 -24.75 5.04 -20.55
C GLN A 81 -24.41 3.87 -19.64
N PRO A 82 -23.53 2.96 -20.10
CA PRO A 82 -23.10 1.87 -19.19
C PRO A 82 -22.32 2.42 -18.00
N HIS A 83 -22.51 1.76 -16.86
CA HIS A 83 -21.91 2.17 -15.61
C HIS A 83 -21.68 0.96 -14.71
N GLU A 84 -20.85 1.11 -13.67
CA GLU A 84 -20.54 0.02 -12.74
C GLU A 84 -20.96 0.42 -11.34
N PRO A 85 -21.53 -0.52 -10.57
CA PRO A 85 -22.05 -0.19 -9.25
C PRO A 85 -20.94 0.17 -8.28
N GLY A 86 -21.28 1.05 -7.34
CA GLY A 86 -20.35 1.37 -6.26
C GLY A 86 -20.64 2.74 -5.67
N ALA A 87 -19.78 3.19 -4.75
CA ALA A 87 -20.00 4.48 -4.12
C ALA A 87 -18.74 5.09 -3.55
N THR A 88 -18.70 6.42 -3.49
CA THR A 88 -17.60 7.19 -2.92
C THR A 88 -18.04 8.62 -2.68
N THR A 89 -17.22 9.40 -1.97
CA THR A 89 -17.52 10.80 -1.69
C THR A 89 -16.43 11.66 -2.31
N VAL A 90 -16.80 12.78 -2.92
CA VAL A 90 -15.86 13.65 -3.61
C VAL A 90 -16.10 15.13 -3.22
N PRO A 91 -15.05 15.99 -3.13
CA PRO A 91 -15.29 17.39 -2.75
C PRO A 91 -16.36 18.08 -3.58
N ALA A 92 -17.35 18.69 -2.91
CA ALA A 92 -18.49 19.31 -3.57
C ALA A 92 -18.10 20.50 -4.45
N ARG A 93 -17.38 21.51 -3.91
CA ARG A 93 -17.07 22.70 -4.70
C ARG A 93 -16.23 22.35 -5.89
N LYS A 94 -15.18 21.52 -5.69
CA LYS A 94 -14.27 21.18 -6.78
C LYS A 94 -15.02 20.42 -7.86
N PHE A 95 -15.79 19.38 -7.47
CA PHE A 95 -16.51 18.58 -8.44
C PHE A 95 -17.57 19.40 -9.19
N PHE A 96 -18.25 20.32 -8.50
CA PHE A 96 -19.22 21.18 -9.16
C PHE A 96 -18.53 22.18 -10.08
N ASP A 97 -17.54 22.91 -9.59
CA ASP A 97 -16.85 23.90 -10.41
C ASP A 97 -16.24 23.27 -11.64
N ILE A 98 -15.83 21.99 -11.57
CA ILE A 98 -15.28 21.26 -12.71
C ILE A 98 -16.39 21.00 -13.75
N CYS A 99 -17.50 20.42 -13.32
CA CYS A 99 -18.64 20.17 -14.22
C CYS A 99 -19.16 21.46 -14.81
N ARG A 100 -19.22 22.52 -14.02
CA ARG A 100 -19.70 23.81 -14.48
C ARG A 100 -18.72 24.49 -15.44
N GLY A 101 -17.43 24.36 -15.15
CA GLY A 101 -16.37 24.93 -15.97
C GLY A 101 -16.22 24.30 -17.35
N LEU A 102 -16.72 23.06 -17.52
CA LEU A 102 -16.66 22.35 -18.81
C LEU A 102 -17.57 23.01 -19.83
N PRO A 103 -17.29 22.83 -21.14
CA PRO A 103 -18.14 23.47 -22.15
C PRO A 103 -19.52 22.85 -22.23
N GLU A 104 -20.47 23.62 -22.75
CA GLU A 104 -21.86 23.19 -22.83
C GLU A 104 -22.03 21.94 -23.70
N GLY A 105 -22.63 20.90 -23.11
CA GLY A 105 -22.90 19.63 -23.79
C GLY A 105 -21.79 18.60 -23.66
N ALA A 106 -20.91 18.76 -22.66
CA ALA A 106 -19.78 17.87 -22.44
C ALA A 106 -20.20 16.48 -21.92
N GLU A 107 -19.44 15.43 -22.30
CA GLU A 107 -19.65 14.06 -21.81
C GLU A 107 -18.69 13.83 -20.67
N ILE A 108 -19.20 13.75 -19.44
CA ILE A 108 -18.35 13.57 -18.27
C ILE A 108 -18.25 12.09 -17.92
N ALA A 109 -17.06 11.50 -18.07
CA ALA A 109 -16.79 10.11 -17.74
C ALA A 109 -16.06 10.05 -16.39
N VAL A 110 -16.75 9.58 -15.34
CA VAL A 110 -16.21 9.51 -13.99
C VAL A 110 -15.91 8.07 -13.61
N GLN A 111 -14.72 7.82 -13.05
CA GLN A 111 -14.32 6.47 -12.65
C GLN A 111 -13.42 6.54 -11.44
N LEU A 112 -13.74 5.77 -10.40
CA LEU A 112 -12.91 5.72 -9.20
C LEU A 112 -11.67 4.87 -9.49
N GLU A 113 -10.46 5.34 -9.12
CA GLU A 113 -9.21 4.61 -9.36
C GLU A 113 -8.31 4.69 -8.15
N GLY A 114 -8.51 3.77 -7.20
CA GLY A 114 -7.77 3.73 -5.96
C GLY A 114 -8.44 4.65 -4.96
N GLU A 115 -7.70 5.66 -4.48
CA GLU A 115 -8.21 6.64 -3.51
C GLU A 115 -8.45 8.01 -4.16
N ARG A 116 -8.53 8.06 -5.50
CA ARG A 116 -8.82 9.28 -6.24
C ARG A 116 -9.90 8.98 -7.27
N MET A 117 -10.74 9.96 -7.57
CA MET A 117 -11.82 9.85 -8.54
C MET A 117 -11.32 10.51 -9.80
N LEU A 118 -11.39 9.83 -10.93
CA LEU A 118 -10.93 10.37 -12.19
C LEU A 118 -12.11 10.92 -13.00
N VAL A 119 -12.13 12.24 -13.21
CA VAL A 119 -13.16 12.92 -14.00
C VAL A 119 -12.54 13.31 -15.35
N ARG A 120 -13.00 12.69 -16.45
CA ARG A 120 -12.49 12.98 -17.79
C ARG A 120 -13.60 13.45 -18.73
N SER A 121 -13.32 14.49 -19.51
CA SER A 121 -14.26 15.04 -20.47
C SER A 121 -13.50 15.71 -21.61
N GLY A 122 -13.35 14.99 -22.72
CA GLY A 122 -12.59 15.44 -23.85
C GLY A 122 -11.11 15.39 -23.56
N ARG A 123 -10.40 16.51 -23.74
CA ARG A 123 -8.97 16.61 -23.43
C ARG A 123 -8.73 17.19 -22.00
N SER A 124 -9.82 17.31 -21.18
CA SER A 124 -9.75 17.73 -19.78
C SER A 124 -9.75 16.49 -18.90
N ARG A 125 -8.83 16.42 -17.93
CA ARG A 125 -8.70 15.27 -17.03
C ARG A 125 -8.46 15.78 -15.60
N PHE A 126 -9.24 15.28 -14.62
CA PHE A 126 -9.13 15.72 -13.23
C PHE A 126 -9.03 14.55 -12.30
N SER A 127 -8.22 14.69 -11.25
CA SER A 127 -7.99 13.67 -10.25
C SER A 127 -8.39 14.22 -8.89
N LEU A 128 -9.58 13.87 -8.40
CA LEU A 128 -10.08 14.36 -7.13
C LEU A 128 -9.82 13.39 -5.98
N SER A 129 -9.45 13.90 -4.80
CA SER A 129 -9.20 13.07 -3.62
C SER A 129 -10.53 12.65 -3.03
N THR A 130 -10.71 11.36 -2.73
CA THR A 130 -11.98 10.87 -2.20
C THR A 130 -11.88 10.34 -0.78
N LEU A 131 -13.01 10.39 -0.05
CA LEU A 131 -13.14 9.79 1.27
C LEU A 131 -14.12 8.62 1.16
N PRO A 132 -13.94 7.51 1.90
CA PRO A 132 -14.83 6.34 1.74
C PRO A 132 -16.32 6.65 1.89
N ALA A 133 -17.15 5.99 1.08
CA ALA A 133 -18.61 6.15 1.14
C ALA A 133 -19.19 5.64 2.45
N ALA A 134 -18.57 4.60 3.05
CA ALA A 134 -19.02 4.02 4.31
C ALA A 134 -18.95 5.01 5.45
N ASP A 135 -18.06 6.02 5.36
CA ASP A 135 -17.89 7.05 6.38
C ASP A 135 -18.90 8.21 6.24
N PHE A 136 -19.74 8.20 5.21
CA PHE A 136 -20.69 9.28 5.00
C PHE A 136 -21.85 9.20 6.00
N PRO A 137 -22.29 10.34 6.59
CA PRO A 137 -23.38 10.30 7.59
C PRO A 137 -24.78 9.92 7.04
N ASN A 138 -25.44 8.89 7.61
CA ASN A 138 -26.80 8.59 7.17
C ASN A 138 -27.82 9.08 8.20
N LEU A 139 -28.82 9.84 7.76
CA LEU A 139 -29.84 10.30 8.69
C LEU A 139 -30.59 9.07 9.23
N ASP A 140 -30.84 9.05 10.53
CA ASP A 140 -31.43 7.90 11.19
C ASP A 140 -32.74 7.42 10.53
N ASP A 141 -32.85 6.12 10.17
CA ASP A 141 -34.06 5.57 9.54
C ASP A 141 -35.26 5.82 10.43
N TRP A 142 -36.38 6.20 9.82
CA TRP A 142 -37.56 6.58 10.57
C TRP A 142 -38.87 6.25 9.83
N GLN A 143 -40.01 6.38 10.55
CA GLN A 143 -41.36 6.11 10.05
C GLN A 143 -42.21 7.39 10.02
N SER A 144 -42.87 7.67 8.87
CA SER A 144 -43.69 8.87 8.68
C SER A 144 -45.00 8.73 9.44
N GLU A 145 -45.54 9.86 9.90
CA GLU A 145 -46.80 9.93 10.62
C GLU A 145 -47.83 10.71 9.80
N VAL A 146 -47.46 11.90 9.33
CA VAL A 146 -48.34 12.73 8.52
C VAL A 146 -47.74 12.82 7.12
N GLU A 147 -48.55 12.55 6.08
CA GLU A 147 -48.09 12.59 4.69
C GLU A 147 -49.09 13.34 3.83
N PHE A 148 -48.60 14.31 3.03
CA PHE A 148 -49.49 15.11 2.19
C PHE A 148 -48.76 15.76 1.01
N THR A 149 -49.53 16.20 0.01
CA THR A 149 -49.00 16.84 -1.20
C THR A 149 -49.61 18.21 -1.36
N LEU A 150 -48.82 19.16 -1.90
CA LEU A 150 -49.29 20.51 -2.16
C LEU A 150 -48.42 21.19 -3.26
N PRO A 151 -48.94 22.25 -3.90
CA PRO A 151 -48.14 22.89 -4.96
C PRO A 151 -46.91 23.62 -4.40
N GLN A 152 -45.85 23.68 -5.21
CA GLN A 152 -44.64 24.42 -4.84
C GLN A 152 -44.96 25.87 -4.43
N ALA A 153 -45.86 26.55 -5.15
CA ALA A 153 -46.22 27.94 -4.88
C ALA A 153 -46.82 28.14 -3.50
N THR A 154 -47.57 27.14 -3.03
CA THR A 154 -48.22 27.18 -1.72
C THR A 154 -47.17 27.15 -0.61
N MET A 155 -46.23 26.17 -0.67
CA MET A 155 -45.15 26.06 0.30
C MET A 155 -44.27 27.29 0.25
N LYS A 156 -43.95 27.77 -0.96
CA LYS A 156 -43.12 28.96 -1.14
C LYS A 156 -43.73 30.16 -0.42
N ARG A 157 -45.04 30.40 -0.64
CA ARG A 157 -45.75 31.53 -0.02
CA ARG A 157 -45.74 31.53 -0.03
C ARG A 157 -45.72 31.37 1.49
N LEU A 158 -46.01 30.16 1.98
CA LEU A 158 -46.03 29.87 3.41
C LEU A 158 -44.67 30.15 4.07
N ILE A 159 -43.57 29.74 3.44
CA ILE A 159 -42.25 29.97 3.99
C ILE A 159 -41.86 31.43 3.79
N GLU A 160 -41.98 31.97 2.56
CA GLU A 160 -41.60 33.37 2.27
C GLU A 160 -42.23 34.38 3.23
N ALA A 161 -43.52 34.21 3.53
CA ALA A 161 -44.26 35.18 4.33
C ALA A 161 -43.95 35.12 5.83
N THR A 162 -43.15 34.14 6.30
CA THR A 162 -42.84 33.99 7.73
C THR A 162 -41.34 33.77 8.05
N GLN A 163 -40.50 33.50 7.05
CA GLN A 163 -39.10 33.18 7.32
C GLN A 163 -38.31 34.33 8.00
N PHE A 164 -38.64 35.58 7.72
CA PHE A 164 -37.90 36.71 8.29
C PHE A 164 -38.05 36.83 9.79
N SER A 165 -39.19 36.34 10.34
CA SER A 165 -39.47 36.43 11.78
C SER A 165 -38.79 35.35 12.63
N MET A 166 -38.09 34.36 12.01
CA MET A 166 -37.40 33.32 12.79
C MET A 166 -36.27 33.94 13.59
N ALA A 167 -35.94 33.36 14.78
CA ALA A 167 -34.79 33.82 15.56
C ALA A 167 -33.55 33.24 14.95
N HIS A 168 -32.45 33.99 14.97
CA HIS A 168 -31.24 33.50 14.35
CA HIS A 168 -31.25 33.52 14.33
C HIS A 168 -30.50 32.60 15.32
N GLN A 169 -29.89 33.17 16.40
CA GLN A 169 -29.09 32.37 17.33
C GLN A 169 -29.48 32.60 18.76
N ASP A 170 -30.76 32.43 19.01
CA ASP A 170 -31.32 32.66 20.34
C ASP A 170 -31.01 31.47 21.25
N VAL A 171 -30.78 31.73 22.55
CA VAL A 171 -30.55 30.64 23.51
C VAL A 171 -31.76 29.73 23.55
N ARG A 172 -32.96 30.31 23.30
CA ARG A 172 -34.22 29.57 23.22
C ARG A 172 -34.24 28.84 21.90
N TYR A 173 -33.51 27.71 21.85
CA TYR A 173 -33.31 26.88 20.66
C TYR A 173 -34.56 26.61 19.80
N TYR A 174 -35.73 26.47 20.42
CA TYR A 174 -36.98 26.20 19.72
C TYR A 174 -37.49 27.37 18.86
N LEU A 175 -36.98 28.62 19.08
CA LEU A 175 -37.34 29.80 18.26
C LEU A 175 -36.45 29.91 17.02
N ASN A 176 -35.29 29.22 17.00
CA ASN A 176 -34.39 29.21 15.86
C ASN A 176 -34.88 28.22 14.78
N GLY A 177 -36.05 28.51 14.24
CA GLY A 177 -36.69 27.67 13.26
C GLY A 177 -38.12 28.10 13.00
N MET A 178 -38.84 27.32 12.18
CA MET A 178 -40.21 27.61 11.78
C MET A 178 -41.14 26.45 12.15
N LEU A 179 -42.33 26.76 12.67
CA LEU A 179 -43.27 25.73 13.03
C LEU A 179 -44.10 25.39 11.81
N PHE A 180 -44.26 24.10 11.53
CA PHE A 180 -45.09 23.60 10.43
C PHE A 180 -46.23 22.84 11.05
N GLU A 181 -47.37 23.52 11.20
CA GLU A 181 -48.53 22.98 11.86
C GLU A 181 -49.61 22.71 10.84
N THR A 182 -50.20 21.50 10.87
CA THR A 182 -51.34 21.11 10.01
C THR A 182 -52.62 21.11 10.87
N GLU A 183 -53.62 21.89 10.47
CA GLU A 183 -54.86 21.98 11.24
C GLU A 183 -56.07 21.92 10.29
N GLY A 184 -56.70 20.75 10.23
CA GLY A 184 -57.84 20.51 9.38
C GLY A 184 -57.48 20.48 7.91
N GLU A 185 -58.07 21.44 7.18
CA GLU A 185 -57.93 21.64 5.75
C GLU A 185 -56.61 22.39 5.41
N GLU A 186 -56.08 23.22 6.37
CA GLU A 186 -54.91 24.11 6.17
C GLU A 186 -53.58 23.58 6.67
N LEU A 187 -52.50 24.17 6.11
CA LEU A 187 -51.11 24.03 6.56
C LEU A 187 -50.65 25.41 7.03
N ARG A 188 -50.11 25.50 8.23
CA ARG A 188 -49.74 26.76 8.83
C ARG A 188 -48.28 26.80 9.16
N THR A 189 -47.63 27.94 8.90
CA THR A 189 -46.23 28.17 9.27
C THR A 189 -46.20 29.33 10.25
N VAL A 190 -45.52 29.15 11.38
CA VAL A 190 -45.38 30.20 12.39
C VAL A 190 -43.89 30.39 12.70
N ALA A 191 -43.43 31.65 12.78
CA ALA A 191 -42.05 31.98 13.12
C ALA A 191 -42.03 33.23 13.99
N THR A 192 -41.23 33.21 15.07
CA THR A 192 -41.13 34.32 16.03
C THR A 192 -39.80 34.32 16.73
N ASP A 193 -39.34 35.51 17.17
CA ASP A 193 -38.02 35.66 17.81
C ASP A 193 -38.08 36.27 19.22
N GLY A 194 -39.27 36.49 19.74
CA GLY A 194 -39.43 37.12 21.06
C GLY A 194 -39.79 38.59 21.00
N HIS A 195 -39.63 39.22 19.81
CA HIS A 195 -40.00 40.63 19.56
C HIS A 195 -41.15 40.75 18.56
N ARG A 196 -41.20 39.83 17.54
CA ARG A 196 -42.19 39.80 16.46
C ARG A 196 -42.87 38.41 16.29
N LEU A 197 -43.98 38.37 15.55
CA LEU A 197 -44.63 37.11 15.17
C LEU A 197 -45.06 37.23 13.75
N ALA A 198 -45.14 36.10 13.06
CA ALA A 198 -45.57 36.01 11.68
C ALA A 198 -46.23 34.68 11.59
N VAL A 199 -47.45 34.66 11.09
CA VAL A 199 -48.23 33.43 10.95
C VAL A 199 -48.86 33.45 9.57
N CYS A 200 -48.85 32.28 8.90
CA CYS A 200 -49.46 32.14 7.57
C CYS A 200 -50.07 30.76 7.45
N SER A 201 -51.33 30.69 7.01
CA SER A 201 -52.03 29.42 6.89
C SER A 201 -52.78 29.38 5.57
N MET A 202 -52.66 28.29 4.84
CA MET A 202 -53.32 28.17 3.56
C MET A 202 -53.92 26.78 3.36
N PRO A 203 -55.13 26.71 2.77
CA PRO A 203 -55.75 25.39 2.53
C PRO A 203 -55.07 24.59 1.42
N ILE A 204 -54.94 23.27 1.64
CA ILE A 204 -54.30 22.37 0.69
C ILE A 204 -55.21 21.20 0.25
N GLY A 205 -56.51 21.44 0.23
CA GLY A 205 -57.49 20.47 -0.29
C GLY A 205 -57.32 19.06 0.24
N GLN A 206 -57.09 18.94 1.54
CA GLN A 206 -56.84 17.66 2.16
C GLN A 206 -57.31 17.63 3.61
N SER A 207 -57.79 16.46 4.05
CA SER A 207 -58.18 16.25 5.44
C SER A 207 -56.92 15.92 6.24
N LEU A 208 -56.39 16.89 7.02
CA LEU A 208 -55.17 16.65 7.77
C LEU A 208 -55.39 16.49 9.26
N PRO A 209 -54.53 15.67 9.90
CA PRO A 209 -54.60 15.55 11.36
C PRO A 209 -53.90 16.72 12.03
N SER A 210 -54.28 17.07 13.27
CA SER A 210 -53.62 18.16 13.99
C SER A 210 -52.23 17.71 14.45
N HIS A 211 -51.19 18.27 13.84
CA HIS A 211 -49.80 17.89 14.11
C HIS A 211 -48.91 19.12 13.91
N SER A 212 -48.06 19.43 14.90
CA SER A 212 -47.20 20.60 14.82
C SER A 212 -45.75 20.21 15.08
N VAL A 213 -44.84 20.59 14.16
CA VAL A 213 -43.41 20.28 14.26
C VAL A 213 -42.57 21.52 13.99
N ILE A 214 -41.38 21.61 14.62
CA ILE A 214 -40.46 22.73 14.43
C ILE A 214 -39.36 22.32 13.48
N VAL A 215 -39.31 22.93 12.30
CA VAL A 215 -38.24 22.67 11.32
C VAL A 215 -37.10 23.67 11.59
N PRO A 216 -35.84 23.21 11.73
CA PRO A 216 -34.76 24.16 12.04
C PRO A 216 -34.57 25.28 11.03
N ARG A 217 -34.03 26.40 11.49
CA ARG A 217 -33.79 27.59 10.67
C ARG A 217 -33.10 27.25 9.34
N LYS A 218 -31.96 26.53 9.42
CA LYS A 218 -31.18 26.20 8.23
C LYS A 218 -31.91 25.24 7.29
N GLY A 219 -32.69 24.31 7.84
CA GLY A 219 -33.48 23.37 7.07
C GLY A 219 -34.53 24.06 6.23
N VAL A 220 -35.20 25.06 6.84
CA VAL A 220 -36.24 25.90 6.23
C VAL A 220 -35.70 26.66 5.01
N ILE A 221 -34.47 27.13 5.13
CA ILE A 221 -33.84 27.86 4.04
C ILE A 221 -33.56 26.91 2.89
N GLU A 222 -32.97 25.74 3.17
CA GLU A 222 -32.67 24.77 2.12
C GLU A 222 -33.93 24.17 1.51
N LEU A 223 -35.01 24.07 2.28
CA LEU A 223 -36.29 23.60 1.76
C LEU A 223 -36.88 24.61 0.74
N MET A 224 -36.85 25.89 1.08
CA MET A 224 -37.36 26.94 0.21
C MET A 224 -36.49 27.10 -1.05
N ARG A 225 -35.17 26.86 -0.92
CA ARG A 225 -34.24 26.95 -2.05
C ARG A 225 -34.42 25.85 -3.12
N MET A 226 -35.13 24.74 -2.82
CA MET A 226 -35.38 23.75 -3.88
C MET A 226 -36.73 23.96 -4.63
N LEU A 227 -37.47 25.08 -4.35
CA LEU A 227 -38.75 25.38 -5.01
C LEU A 227 -38.62 26.54 -6.01
N ASP A 228 -38.97 26.31 -7.32
CA ASP A 228 -38.95 27.30 -8.43
C ASP A 228 -40.02 28.38 -8.30
N GLY A 229 -41.25 27.95 -8.38
CA GLY A 229 -42.45 28.78 -8.40
C GLY A 229 -43.61 27.89 -7.98
N GLY A 230 -44.19 27.20 -8.94
CA GLY A 230 -45.20 26.16 -8.75
C GLY A 230 -44.97 24.83 -9.48
N ASP A 231 -43.80 24.74 -10.19
CA ASP A 231 -43.41 23.77 -11.22
C ASP A 231 -43.70 22.27 -10.98
N ASN A 232 -43.43 21.73 -9.80
CA ASN A 232 -43.59 20.29 -9.57
C ASN A 232 -44.23 20.10 -8.18
N PRO A 233 -45.30 19.26 -7.97
CA PRO A 233 -45.89 19.12 -6.61
C PRO A 233 -44.84 18.77 -5.54
N LEU A 234 -45.15 19.12 -4.29
CA LEU A 234 -44.26 18.86 -3.15
C LEU A 234 -44.91 17.84 -2.20
N ARG A 235 -44.36 16.62 -2.06
CA ARG A 235 -44.90 15.60 -1.16
C ARG A 235 -44.11 15.68 0.14
N VAL A 236 -44.78 16.04 1.24
CA VAL A 236 -44.14 16.22 2.56
C VAL A 236 -44.44 15.03 3.47
N GLN A 237 -43.45 14.53 4.21
CA GLN A 237 -43.64 13.44 5.17
C GLN A 237 -43.12 13.91 6.53
N ILE A 238 -44.01 14.11 7.50
CA ILE A 238 -43.62 14.53 8.85
C ILE A 238 -43.63 13.31 9.75
N GLY A 239 -42.49 12.98 10.33
CA GLY A 239 -42.35 11.82 11.22
C GLY A 239 -42.30 12.21 12.67
N SER A 240 -41.67 11.35 13.49
CA SER A 240 -41.57 11.60 14.94
C SER A 240 -40.58 12.72 15.24
N ASN A 241 -39.34 12.62 14.70
CA ASN A 241 -38.30 13.63 14.88
C ASN A 241 -37.62 13.99 13.55
N ASN A 242 -38.30 13.77 12.41
CA ASN A 242 -37.76 14.16 11.11
C ASN A 242 -38.85 14.66 10.18
N ILE A 243 -38.47 15.43 9.16
CA ILE A 243 -39.39 15.88 8.12
C ILE A 243 -38.74 15.59 6.78
N ARG A 244 -39.53 15.20 5.76
CA ARG A 244 -38.99 14.89 4.43
C ARG A 244 -39.81 15.59 3.37
N ALA A 245 -39.17 16.06 2.29
CA ALA A 245 -39.86 16.79 1.22
C ALA A 245 -39.37 16.29 -0.14
N HIS A 246 -40.29 15.70 -0.95
CA HIS A 246 -39.95 15.17 -2.26
C HIS A 246 -40.45 16.09 -3.35
N VAL A 247 -39.56 16.76 -4.07
CA VAL A 247 -39.97 17.57 -5.20
C VAL A 247 -39.10 17.15 -6.38
N GLY A 248 -39.72 16.50 -7.35
CA GLY A 248 -39.05 15.95 -8.53
C GLY A 248 -38.09 14.84 -8.18
N ASP A 249 -36.84 14.97 -8.64
CA ASP A 249 -35.79 14.00 -8.36
C ASP A 249 -34.94 14.39 -7.13
N PHE A 250 -35.46 15.26 -6.25
CA PHE A 250 -34.79 15.75 -5.04
C PHE A 250 -35.56 15.36 -3.80
N ILE A 251 -34.84 14.83 -2.79
CA ILE A 251 -35.40 14.39 -1.52
C ILE A 251 -34.71 15.11 -0.36
N PHE A 252 -35.36 16.13 0.21
CA PHE A 252 -34.79 16.84 1.33
C PHE A 252 -35.29 16.19 2.62
N THR A 253 -34.36 15.95 3.58
CA THR A 253 -34.71 15.39 4.90
C THR A 253 -34.03 16.24 5.98
N SER A 254 -34.72 16.49 7.10
CA SER A 254 -34.19 17.32 8.19
C SER A 254 -34.70 16.89 9.56
N LYS A 255 -33.82 16.90 10.57
CA LYS A 255 -34.24 16.59 11.94
C LYS A 255 -35.08 17.75 12.46
N LEU A 256 -36.04 17.49 13.36
CA LEU A 256 -36.88 18.56 13.86
C LEU A 256 -36.30 19.12 15.13
N VAL A 257 -36.43 20.46 15.36
CA VAL A 257 -35.98 21.11 16.58
C VAL A 257 -36.90 20.63 17.67
N ASP A 258 -36.49 19.67 18.47
CA ASP A 258 -37.33 19.08 19.47
C ASP A 258 -37.44 20.02 20.69
N GLY A 259 -38.49 20.82 20.71
CA GLY A 259 -38.83 21.75 21.79
C GLY A 259 -40.29 22.15 21.76
N ARG A 260 -40.70 23.02 22.72
CA ARG A 260 -42.09 23.47 22.84
C ARG A 260 -42.26 24.87 22.24
N PHE A 261 -42.77 24.95 21.01
CA PHE A 261 -42.92 26.24 20.34
C PHE A 261 -44.05 27.00 21.02
N PRO A 262 -43.92 28.34 21.22
CA PRO A 262 -45.04 29.09 21.82
C PRO A 262 -46.34 29.08 21.01
N ASP A 263 -47.50 29.20 21.66
CA ASP A 263 -48.78 29.24 20.95
C ASP A 263 -49.03 30.62 20.35
N TYR A 264 -49.16 30.67 19.01
CA TYR A 264 -49.37 31.94 18.29
C TYR A 264 -50.70 32.59 18.69
N ARG A 265 -51.69 31.78 19.04
CA ARG A 265 -53.02 32.27 19.36
C ARG A 265 -52.98 33.13 20.62
N ARG A 266 -52.09 32.81 21.57
CA ARG A 266 -51.96 33.58 22.82
C ARG A 266 -51.23 34.90 22.57
N VAL A 267 -50.36 34.92 21.55
CA VAL A 267 -49.56 36.10 21.20
C VAL A 267 -50.40 37.17 20.47
N LEU A 268 -51.36 36.74 19.64
CA LEU A 268 -52.24 37.63 18.89
C LEU A 268 -53.00 38.57 19.85
N PRO A 269 -53.08 39.90 19.57
CA PRO A 269 -53.86 40.79 20.44
C PRO A 269 -55.32 40.34 20.53
N LYS A 270 -55.80 40.06 21.77
CA LYS A 270 -57.12 39.51 22.00
C LYS A 270 -58.20 40.53 21.63
N ASN A 271 -57.93 41.81 21.88
CA ASN A 271 -58.90 42.83 21.52
C ASN A 271 -58.29 44.24 21.38
N PRO A 272 -57.81 44.51 20.16
CA PRO A 272 -57.45 45.89 19.79
C PRO A 272 -58.71 46.68 19.39
N ASP A 273 -58.84 47.88 19.91
CA ASP A 273 -59.97 48.78 19.70
C ASP A 273 -59.71 49.90 18.71
N LYS A 274 -58.48 50.00 18.22
CA LYS A 274 -58.04 51.07 17.31
C LYS A 274 -57.54 50.44 16.01
N HIS A 275 -58.28 50.65 14.90
CA HIS A 275 -57.95 50.07 13.60
C HIS A 275 -57.53 51.15 12.60
N LEU A 276 -56.34 50.98 12.01
CA LEU A 276 -55.80 51.92 11.05
C LEU A 276 -55.65 51.23 9.71
N GLU A 277 -56.13 51.85 8.63
CA GLU A 277 -55.98 51.32 7.29
C GLU A 277 -55.22 52.33 6.44
N ALA A 278 -54.23 51.86 5.67
CA ALA A 278 -53.45 52.72 4.80
C ALA A 278 -52.81 51.93 3.66
N GLY A 279 -52.35 52.65 2.63
CA GLY A 279 -51.72 52.05 1.47
C GLY A 279 -50.37 51.46 1.81
N CYS A 280 -50.19 50.15 1.55
CA CYS A 280 -48.97 49.42 1.93
C CYS A 280 -47.69 50.14 1.48
N ASP A 281 -47.67 50.61 0.21
CA ASP A 281 -46.48 51.27 -0.34
C ASP A 281 -46.26 52.66 0.26
N LEU A 282 -47.33 53.44 0.45
CA LEU A 282 -47.18 54.77 1.04
C LEU A 282 -46.70 54.68 2.47
N LEU A 283 -47.19 53.67 3.20
CA LEU A 283 -46.81 53.44 4.59
C LEU A 283 -45.35 52.95 4.66
N LYS A 284 -44.98 52.03 3.77
CA LYS A 284 -43.62 51.49 3.68
C LYS A 284 -42.60 52.58 3.39
N GLN A 285 -42.88 53.48 2.44
CA GLN A 285 -41.95 54.56 2.13
C GLN A 285 -41.82 55.54 3.26
N ALA A 286 -42.92 55.81 3.98
CA ALA A 286 -42.90 56.75 5.08
C ALA A 286 -42.02 56.26 6.22
N PHE A 287 -42.05 54.95 6.44
CA PHE A 287 -41.20 54.31 7.45
C PHE A 287 -39.76 54.20 6.97
N ALA A 288 -39.56 53.93 5.67
CA ALA A 288 -38.23 53.83 5.10
C ALA A 288 -37.52 55.17 5.15
N ARG A 289 -38.26 56.26 4.90
CA ARG A 289 -37.68 57.61 4.90
C ARG A 289 -37.41 58.07 6.33
N ALA A 290 -38.34 57.77 7.26
CA ALA A 290 -38.16 58.15 8.66
C ALA A 290 -36.97 57.40 9.27
N ALA A 291 -36.81 56.10 8.92
CA ALA A 291 -35.72 55.25 9.40
C ALA A 291 -34.33 55.84 9.16
N ILE A 292 -34.20 56.75 8.19
CA ILE A 292 -32.93 57.37 7.87
C ILE A 292 -32.38 58.15 9.06
N LEU A 293 -33.23 58.95 9.71
CA LEU A 293 -32.79 59.74 10.85
C LEU A 293 -33.16 59.12 12.19
N SER A 294 -33.32 57.78 12.21
CA SER A 294 -33.59 57.02 13.43
C SER A 294 -32.27 56.59 14.06
N ASN A 295 -32.33 56.11 15.31
CA ASN A 295 -31.14 55.64 16.00
C ASN A 295 -30.57 54.44 15.23
N GLU A 296 -29.24 54.46 15.00
CA GLU A 296 -28.51 53.45 14.22
CA GLU A 296 -28.53 53.42 14.22
C GLU A 296 -28.64 52.05 14.85
N LYS A 297 -28.65 51.99 16.19
CA LYS A 297 -28.67 50.75 16.95
C LYS A 297 -30.06 50.33 17.35
N PHE A 298 -30.85 51.28 17.86
CA PHE A 298 -32.17 50.97 18.40
C PHE A 298 -33.30 51.09 17.39
N ARG A 299 -33.12 51.92 16.34
CA ARG A 299 -34.08 52.08 15.25
C ARG A 299 -35.50 52.45 15.73
N GLY A 300 -35.57 53.41 16.65
CA GLY A 300 -36.83 53.83 17.25
C GLY A 300 -37.56 54.92 16.50
N VAL A 301 -38.84 54.68 16.21
CA VAL A 301 -39.71 55.67 15.58
C VAL A 301 -41.04 55.78 16.35
N ARG A 302 -41.61 56.99 16.40
CA ARG A 302 -42.86 57.24 17.12
C ARG A 302 -44.02 57.27 16.15
N LEU A 303 -45.16 56.66 16.53
CA LEU A 303 -46.38 56.69 15.73
C LEU A 303 -47.41 57.52 16.49
N TYR A 304 -47.94 58.59 15.88
CA TYR A 304 -48.99 59.42 16.49
C TYR A 304 -50.27 59.22 15.69
N VAL A 305 -51.23 58.44 16.22
CA VAL A 305 -52.48 58.17 15.51
C VAL A 305 -53.58 59.16 15.91
N SER A 306 -53.91 60.10 15.01
CA SER A 306 -54.97 61.06 15.22
C SER A 306 -56.07 60.75 14.20
N GLU A 307 -57.17 61.50 14.23
CA GLU A 307 -58.29 61.21 13.33
C GLU A 307 -57.86 61.25 11.87
N ASN A 308 -57.88 60.10 11.19
CA ASN A 308 -57.46 59.93 9.79
C ASN A 308 -56.09 60.56 9.47
N GLN A 309 -55.12 60.34 10.35
CA GLN A 309 -53.78 60.88 10.18
C GLN A 309 -52.77 60.13 11.06
N LEU A 310 -51.66 59.70 10.47
CA LEU A 310 -50.60 59.02 11.19
C LEU A 310 -49.33 59.86 11.05
N LYS A 311 -48.64 60.14 12.16
CA LYS A 311 -47.39 60.91 12.14
C LYS A 311 -46.26 60.02 12.63
N ILE A 312 -45.24 59.78 11.78
CA ILE A 312 -44.07 58.99 12.13
C ILE A 312 -42.92 59.97 12.41
N THR A 313 -42.28 59.86 13.58
CA THR A 313 -41.18 60.74 13.98
C THR A 313 -39.97 59.91 14.37
N ALA A 314 -38.81 60.24 13.82
CA ALA A 314 -37.57 59.52 14.13
C ALA A 314 -36.50 60.50 14.64
N ASN A 315 -35.77 60.10 15.69
CA ASN A 315 -34.67 60.90 16.26
C ASN A 315 -33.41 60.05 16.42
N ASN A 316 -32.22 60.65 16.21
CA ASN A 316 -30.98 59.92 16.38
C ASN A 316 -30.07 60.69 17.35
N PRO A 317 -28.97 60.09 17.85
CA PRO A 317 -28.13 60.81 18.81
C PRO A 317 -27.56 62.15 18.33
N GLU A 318 -27.40 62.32 17.00
CA GLU A 318 -26.86 63.55 16.40
C GLU A 318 -27.92 64.67 16.34
N GLN A 319 -29.10 64.47 17.01
CA GLN A 319 -30.19 65.44 17.11
C GLN A 319 -30.83 65.77 15.74
N GLU A 320 -30.90 64.78 14.86
CA GLU A 320 -31.54 64.93 13.56
C GLU A 320 -32.90 64.32 13.65
N GLU A 321 -33.88 64.91 12.95
CA GLU A 321 -35.30 64.51 13.03
C GLU A 321 -35.86 64.22 11.69
N ALA A 322 -36.70 63.21 11.59
CA ALA A 322 -37.50 62.99 10.38
C ALA A 322 -38.93 63.09 10.83
N GLU A 323 -39.81 63.55 9.96
CA GLU A 323 -41.23 63.63 10.28
C GLU A 323 -42.05 63.29 9.06
N GLU A 324 -42.93 62.31 9.15
CA GLU A 324 -43.76 61.87 8.04
C GLU A 324 -45.21 61.93 8.46
N ILE A 325 -46.07 62.63 7.70
CA ILE A 325 -47.50 62.70 7.99
C ILE A 325 -48.26 62.04 6.86
N LEU A 326 -49.16 61.12 7.18
CA LEU A 326 -49.84 60.33 6.17
C LEU A 326 -51.32 60.33 6.42
N ASP A 327 -52.12 60.31 5.34
CA ASP A 327 -53.57 60.29 5.44
C ASP A 327 -54.00 58.83 5.51
N VAL A 328 -54.54 58.43 6.68
CA VAL A 328 -54.96 57.05 6.95
C VAL A 328 -56.47 57.00 7.21
N THR A 329 -57.01 55.77 7.27
CA THR A 329 -58.42 55.54 7.58
C THR A 329 -58.43 55.09 9.04
N TYR A 330 -58.39 56.05 9.96
CA TYR A 330 -58.28 55.73 11.39
C TYR A 330 -59.59 56.04 12.17
N SER A 331 -60.00 55.11 13.06
CA SER A 331 -61.20 55.25 13.87
C SER A 331 -60.91 54.73 15.29
N GLY A 332 -60.92 55.66 16.24
CA GLY A 332 -60.52 55.38 17.61
C GLY A 332 -59.88 56.57 18.30
N ALA A 333 -59.45 56.38 19.55
CA ALA A 333 -58.83 57.42 20.37
C ALA A 333 -57.41 57.71 19.92
N GLU A 334 -56.91 58.91 20.27
CA GLU A 334 -55.54 59.31 19.96
C GLU A 334 -54.56 58.61 20.91
N MET A 335 -53.53 58.00 20.35
CA MET A 335 -52.50 57.34 21.16
C MET A 335 -51.13 57.44 20.49
N GLU A 336 -50.09 57.13 21.24
CA GLU A 336 -48.71 57.23 20.76
C GLU A 336 -48.02 55.89 21.03
N ILE A 337 -47.27 55.35 20.03
CA ILE A 337 -46.61 54.06 20.21
C ILE A 337 -45.21 54.06 19.55
N GLY A 338 -44.23 53.55 20.29
CA GLY A 338 -42.86 53.47 19.82
C GLY A 338 -42.61 52.14 19.13
N PHE A 339 -41.87 52.15 18.02
CA PHE A 339 -41.59 50.92 17.29
C PHE A 339 -40.16 50.85 16.71
N ASN A 340 -39.67 49.61 16.54
CA ASN A 340 -38.41 49.33 15.89
C ASN A 340 -38.69 49.35 14.39
N VAL A 341 -38.37 50.48 13.72
CA VAL A 341 -38.77 50.69 12.32
C VAL A 341 -38.36 49.54 11.41
N SER A 342 -37.25 48.82 11.72
CA SER A 342 -36.82 47.67 10.93
C SER A 342 -37.82 46.51 11.03
N TYR A 343 -38.33 46.25 12.24
CA TYR A 343 -39.34 45.22 12.43
C TYR A 343 -40.61 45.54 11.66
N VAL A 344 -40.99 46.84 11.60
CA VAL A 344 -42.19 47.30 10.91
C VAL A 344 -42.00 47.22 9.40
N LEU A 345 -40.84 47.65 8.91
CA LEU A 345 -40.57 47.59 7.48
C LEU A 345 -40.53 46.14 6.98
N ASP A 346 -39.98 45.23 7.79
CA ASP A 346 -39.92 43.80 7.48
C ASP A 346 -41.31 43.25 7.14
N VAL A 347 -42.31 43.66 7.91
CA VAL A 347 -43.70 43.23 7.75
C VAL A 347 -44.26 43.81 6.46
N LEU A 348 -44.08 45.13 6.24
CA LEU A 348 -44.60 45.83 5.06
C LEU A 348 -44.06 45.26 3.78
N ASN A 349 -42.81 44.75 3.82
CA ASN A 349 -42.19 44.12 2.66
C ASN A 349 -42.69 42.69 2.47
N ALA A 350 -43.01 41.99 3.58
CA ALA A 350 -43.58 40.63 3.54
C ALA A 350 -45.01 40.66 3.00
N LEU A 351 -45.73 41.76 3.31
CA LEU A 351 -47.07 42.02 2.80
C LEU A 351 -46.97 42.63 1.41
N LYS A 352 -46.94 41.79 0.38
CA LYS A 352 -46.88 42.28 -0.99
C LYS A 352 -48.34 42.54 -1.44
N CYS A 353 -48.91 43.63 -0.93
CA CYS A 353 -50.30 43.95 -1.18
C CYS A 353 -50.51 45.45 -1.42
N GLU A 354 -51.80 45.85 -1.61
CA GLU A 354 -52.20 47.23 -1.89
C GLU A 354 -52.47 48.00 -0.60
N ASN A 355 -53.29 47.44 0.29
CA ASN A 355 -53.65 48.10 1.55
C ASN A 355 -53.46 47.21 2.76
N VAL A 356 -53.03 47.80 3.88
CA VAL A 356 -52.75 47.08 5.13
C VAL A 356 -53.66 47.55 6.23
N ARG A 357 -53.79 46.73 7.28
CA ARG A 357 -54.59 47.06 8.44
C ARG A 357 -53.74 46.88 9.67
N MET A 358 -53.74 47.88 10.58
CA MET A 358 -52.98 47.81 11.84
C MET A 358 -53.97 47.82 13.01
N MET A 359 -53.87 46.84 13.91
CA MET A 359 -54.78 46.71 15.04
C MET A 359 -54.08 47.07 16.35
N LEU A 360 -54.24 48.35 16.77
CA LEU A 360 -53.59 48.88 17.96
C LEU A 360 -54.43 48.67 19.21
N THR A 361 -53.80 48.32 20.31
CA THR A 361 -54.49 48.15 21.59
C THR A 361 -54.14 49.38 22.46
N ASP A 362 -52.86 49.55 22.77
CA ASP A 362 -52.39 50.68 23.56
C ASP A 362 -50.90 50.87 23.32
N SER A 363 -50.27 51.85 24.00
CA SER A 363 -48.85 52.17 23.84
C SER A 363 -47.87 51.09 24.30
N VAL A 364 -48.30 50.17 25.20
CA VAL A 364 -47.41 49.13 25.72
C VAL A 364 -47.81 47.72 25.25
N SER A 365 -48.75 47.61 24.30
CA SER A 365 -49.18 46.31 23.79
C SER A 365 -48.87 46.16 22.32
N SER A 366 -48.81 44.90 21.89
CA SER A 366 -48.58 44.46 20.50
C SER A 366 -49.59 45.08 19.50
N VAL A 367 -49.12 45.30 18.26
CA VAL A 367 -50.02 45.68 17.16
C VAL A 367 -50.05 44.55 16.13
N GLN A 368 -51.24 44.22 15.64
CA GLN A 368 -51.38 43.18 14.64
C GLN A 368 -51.46 43.84 13.28
N ILE A 369 -50.49 43.59 12.41
CA ILE A 369 -50.48 44.16 11.08
C ILE A 369 -50.77 43.03 10.12
N GLU A 370 -51.75 43.21 9.21
CA GLU A 370 -52.07 42.20 8.21
C GLU A 370 -52.63 42.85 6.95
N ASP A 371 -52.77 42.07 5.89
CA ASP A 371 -53.33 42.57 4.63
C ASP A 371 -54.82 42.87 4.85
N ALA A 372 -55.26 44.06 4.42
CA ALA A 372 -56.65 44.46 4.58
C ALA A 372 -57.60 43.60 3.73
N ALA A 373 -57.07 42.97 2.67
CA ALA A 373 -57.86 42.11 1.79
C ALA A 373 -57.86 40.65 2.23
N SER A 374 -56.69 40.11 2.66
CA SER A 374 -56.56 38.71 3.06
C SER A 374 -56.08 38.57 4.49
N GLN A 375 -56.61 37.58 5.19
CA GLN A 375 -56.21 37.28 6.57
C GLN A 375 -55.39 35.98 6.68
N SER A 376 -54.93 35.41 5.54
CA SER A 376 -54.13 34.19 5.54
C SER A 376 -52.86 34.39 6.36
N ALA A 377 -52.23 35.58 6.24
CA ALA A 377 -51.04 35.94 7.02
C ALA A 377 -51.33 37.11 7.96
N ALA A 378 -50.83 37.00 9.20
CA ALA A 378 -50.96 38.05 10.22
C ALA A 378 -49.63 38.22 10.92
N TYR A 379 -49.30 39.46 11.32
CA TYR A 379 -48.03 39.77 11.96
C TYR A 379 -48.26 40.54 13.23
N VAL A 380 -47.52 40.19 14.29
CA VAL A 380 -47.62 40.85 15.57
C VAL A 380 -46.25 41.44 15.89
N VAL A 381 -46.18 42.74 16.19
CA VAL A 381 -44.92 43.42 16.50
C VAL A 381 -45.03 44.07 17.87
N MET A 382 -44.10 43.73 18.77
CA MET A 382 -44.07 44.29 20.11
C MET A 382 -43.42 45.69 20.09
N PRO A 383 -44.04 46.70 20.74
CA PRO A 383 -43.47 48.06 20.69
C PRO A 383 -42.28 48.27 21.61
N MET A 384 -41.69 49.46 21.56
CA MET A 384 -40.60 49.81 22.47
C MET A 384 -41.01 51.01 23.33
N ARG A 385 -40.43 51.12 24.56
CA ARG A 385 -40.64 52.24 25.49
C ARG A 385 -40.37 53.62 24.82
N LEU A 386 -41.36 54.53 25.00
CA LEU A 386 -41.36 55.90 24.46
C LEU A 386 -40.43 56.81 25.29
N SER B 19 -25.27 82.06 6.87
CA SER B 19 -26.15 80.92 6.67
C SER B 19 -27.50 81.38 6.11
N HIS B 20 -27.63 81.41 4.77
CA HIS B 20 -28.82 81.92 4.11
C HIS B 20 -29.37 81.04 3.00
N MET B 21 -28.56 80.18 2.35
CA MET B 21 -28.98 79.49 1.13
C MET B 21 -30.29 78.72 1.21
N LYS B 22 -31.07 78.79 0.12
CA LYS B 22 -32.32 78.07 -0.03
C LYS B 22 -32.38 77.64 -1.46
N PHE B 23 -33.02 76.51 -1.77
CA PHE B 23 -33.18 76.07 -3.14
C PHE B 23 -34.32 75.07 -3.25
N THR B 24 -34.94 74.98 -4.43
CA THR B 24 -36.02 74.02 -4.68
C THR B 24 -35.74 73.31 -6.00
N VAL B 25 -35.40 72.00 -5.92
CA VAL B 25 -35.06 71.20 -7.09
C VAL B 25 -35.98 70.00 -7.18
N GLU B 26 -36.22 69.50 -8.39
CA GLU B 26 -36.98 68.28 -8.59
C GLU B 26 -36.06 67.06 -8.32
N ARG B 27 -36.60 66.04 -7.62
CA ARG B 27 -35.91 64.83 -7.19
C ARG B 27 -34.98 64.22 -8.22
N GLU B 28 -35.46 64.02 -9.44
CA GLU B 28 -34.70 63.38 -10.51
C GLU B 28 -33.48 64.21 -10.94
N HIS B 29 -33.58 65.54 -10.82
CA HIS B 29 -32.49 66.42 -11.20
C HIS B 29 -31.35 66.39 -10.17
N LEU B 30 -31.57 65.80 -8.96
CA LEU B 30 -30.56 65.67 -7.92
C LEU B 30 -30.03 64.25 -7.79
N LEU B 31 -30.80 63.25 -8.24
CA LEU B 31 -30.47 61.86 -7.97
C LEU B 31 -29.13 61.38 -8.53
N LYS B 32 -28.89 61.57 -9.84
CA LYS B 32 -27.62 61.13 -10.42
C LYS B 32 -26.45 61.94 -9.82
N PRO B 33 -26.57 63.27 -9.72
CA PRO B 33 -25.46 64.06 -9.10
C PRO B 33 -25.14 63.62 -7.70
N LEU B 34 -26.14 63.33 -6.86
CA LEU B 34 -25.91 62.89 -5.49
C LEU B 34 -25.19 61.54 -5.45
N GLN B 35 -25.64 60.58 -6.27
CA GLN B 35 -25.02 59.27 -6.37
C GLN B 35 -23.57 59.41 -6.82
N GLN B 36 -23.34 60.31 -7.79
CA GLN B 36 -22.03 60.59 -8.38
C GLN B 36 -21.04 61.14 -7.36
N VAL B 37 -21.37 62.24 -6.68
CA VAL B 37 -20.48 62.89 -5.69
C VAL B 37 -20.28 62.06 -4.41
N SER B 38 -21.13 61.03 -4.16
CA SER B 38 -20.97 60.13 -3.02
C SER B 38 -20.03 58.92 -3.31
N GLY B 39 -19.35 58.95 -4.46
CA GLY B 39 -18.37 57.94 -4.83
C GLY B 39 -17.13 57.95 -3.95
N PRO B 40 -16.36 59.09 -3.90
CA PRO B 40 -15.14 59.13 -3.04
C PRO B 40 -15.41 58.70 -1.61
N LEU B 41 -16.64 58.98 -1.16
CA LEU B 41 -17.10 58.71 0.20
C LEU B 41 -17.35 57.21 0.38
N GLY B 42 -16.65 56.61 1.36
CA GLY B 42 -16.73 55.18 1.64
C GLY B 42 -16.90 54.85 3.11
N GLY B 43 -17.61 53.74 3.37
CA GLY B 43 -17.89 53.23 4.71
C GLY B 43 -17.95 54.30 5.79
N ARG B 44 -17.13 54.17 6.83
CA ARG B 44 -17.04 55.12 7.91
C ARG B 44 -15.73 55.99 7.77
N PRO B 45 -15.90 57.30 7.48
CA PRO B 45 -14.73 58.20 7.14
C PRO B 45 -13.90 58.70 8.31
N THR B 46 -12.61 59.05 8.06
CA THR B 46 -11.67 59.47 9.09
C THR B 46 -12.05 60.78 9.76
N LEU B 47 -12.45 61.76 8.99
CA LEU B 47 -12.88 63.04 9.52
C LEU B 47 -14.39 63.13 9.37
N PRO B 48 -15.08 63.81 10.28
CA PRO B 48 -16.52 63.91 10.15
C PRO B 48 -16.96 64.65 8.90
N ILE B 49 -16.28 65.75 8.58
CA ILE B 49 -16.59 66.54 7.38
C ILE B 49 -16.45 65.72 6.10
N LEU B 50 -15.58 64.68 6.09
CA LEU B 50 -15.40 63.83 4.90
C LEU B 50 -16.59 62.90 4.63
N GLY B 51 -17.58 62.88 5.50
CA GLY B 51 -18.81 62.14 5.29
C GLY B 51 -19.95 63.00 4.79
N ASN B 52 -19.71 64.33 4.70
CA ASN B 52 -20.71 65.31 4.28
C ASN B 52 -20.45 65.77 2.87
N LEU B 53 -21.48 66.33 2.21
CA LEU B 53 -21.38 66.88 0.86
C LEU B 53 -21.51 68.39 0.93
N LEU B 54 -20.59 69.12 0.29
CA LEU B 54 -20.64 70.57 0.25
C LEU B 54 -21.67 71.01 -0.75
N LEU B 55 -22.75 71.64 -0.26
CA LEU B 55 -23.81 72.21 -1.08
C LEU B 55 -23.60 73.70 -1.18
N GLN B 56 -23.61 74.22 -2.40
CA GLN B 56 -23.28 75.61 -2.64
C GLN B 56 -24.16 76.22 -3.73
N VAL B 57 -25.14 77.04 -3.30
CA VAL B 57 -26.04 77.75 -4.22
C VAL B 57 -25.32 79.03 -4.61
N ALA B 58 -25.16 79.29 -5.94
CA ALA B 58 -24.53 80.49 -6.46
C ALA B 58 -24.83 80.66 -7.97
N ASP B 59 -25.04 81.92 -8.44
CA ASP B 59 -25.29 82.27 -9.85
C ASP B 59 -26.54 81.59 -10.48
N GLY B 60 -27.34 80.86 -9.70
CA GLY B 60 -28.47 80.12 -10.23
C GLY B 60 -28.16 78.66 -10.45
N THR B 61 -27.06 78.17 -9.82
CA THR B 61 -26.61 76.79 -9.95
C THR B 61 -26.26 76.22 -8.56
N LEU B 62 -26.59 74.96 -8.34
CA LEU B 62 -26.29 74.27 -7.09
C LEU B 62 -25.06 73.43 -7.30
N SER B 63 -24.10 73.48 -6.37
CA SER B 63 -22.87 72.72 -6.50
C SER B 63 -22.74 71.71 -5.38
N LEU B 64 -22.72 70.42 -5.72
CA LEU B 64 -22.57 69.34 -4.74
C LEU B 64 -21.13 68.88 -4.83
N THR B 65 -20.39 68.86 -3.71
CA THR B 65 -19.00 68.43 -3.72
C THR B 65 -18.79 67.32 -2.69
N GLY B 66 -18.04 66.27 -3.07
CA GLY B 66 -17.73 65.15 -2.19
C GLY B 66 -16.27 64.77 -2.27
N THR B 67 -15.56 64.76 -1.13
CA THR B 67 -14.11 64.51 -1.12
C THR B 67 -13.69 63.49 -0.06
N ASP B 68 -12.44 63.01 -0.19
CA ASP B 68 -11.75 62.13 0.77
C ASP B 68 -10.36 62.72 1.08
N LEU B 69 -10.20 64.06 0.94
CA LEU B 69 -8.96 64.81 1.02
C LEU B 69 -8.20 64.65 -0.27
N GLU B 70 -7.79 63.41 -0.62
CA GLU B 70 -7.01 63.09 -1.82
C GLU B 70 -7.68 63.51 -3.15
N MET B 71 -8.96 63.16 -3.35
CA MET B 71 -9.67 63.45 -4.60
C MET B 71 -11.09 63.95 -4.32
N GLU B 72 -11.62 64.82 -5.21
CA GLU B 72 -12.93 65.43 -5.04
C GLU B 72 -13.75 65.29 -6.29
N MET B 73 -15.07 65.43 -6.15
CA MET B 73 -16.02 65.32 -7.26
C MET B 73 -17.04 66.43 -7.11
N VAL B 74 -17.16 67.31 -8.13
CA VAL B 74 -18.09 68.44 -8.08
C VAL B 74 -19.19 68.28 -9.12
N ALA B 75 -20.46 68.31 -8.70
CA ALA B 75 -21.59 68.23 -9.62
C ALA B 75 -22.36 69.54 -9.61
N ARG B 76 -22.54 70.18 -10.80
CA ARG B 76 -23.24 71.44 -10.97
C ARG B 76 -24.68 71.16 -11.46
N VAL B 77 -25.68 71.59 -10.69
CA VAL B 77 -27.08 71.34 -11.04
C VAL B 77 -27.78 72.68 -11.27
N ALA B 78 -28.39 72.85 -12.46
CA ALA B 78 -29.06 74.09 -12.82
C ALA B 78 -30.37 74.25 -12.04
N LEU B 79 -30.55 75.41 -11.40
CA LEU B 79 -31.76 75.66 -10.62
C LEU B 79 -32.83 76.37 -11.46
N VAL B 80 -34.08 75.89 -11.36
CA VAL B 80 -35.23 76.44 -12.08
C VAL B 80 -36.13 77.25 -11.13
N GLN B 81 -36.38 76.69 -9.93
CA GLN B 81 -37.20 77.34 -8.93
C GLN B 81 -36.41 78.46 -8.21
N PRO B 82 -37.10 79.51 -7.69
CA PRO B 82 -36.40 80.56 -6.93
C PRO B 82 -35.51 80.04 -5.80
N HIS B 83 -34.38 80.69 -5.59
CA HIS B 83 -33.38 80.25 -4.60
C HIS B 83 -32.59 81.42 -4.05
N GLU B 84 -31.74 81.14 -3.07
CA GLU B 84 -30.88 82.16 -2.49
C GLU B 84 -29.47 81.59 -2.34
N PRO B 85 -28.42 82.38 -2.61
CA PRO B 85 -27.06 81.83 -2.51
C PRO B 85 -26.57 81.66 -1.08
N GLY B 86 -25.59 80.76 -0.92
CA GLY B 86 -24.96 80.42 0.36
C GLY B 86 -24.37 79.03 0.31
N ALA B 87 -23.88 78.49 1.44
CA ALA B 87 -23.27 77.17 1.43
C ALA B 87 -23.25 76.48 2.79
N THR B 88 -23.26 75.13 2.77
CA THR B 88 -23.14 74.28 3.96
C THR B 88 -22.83 72.85 3.55
N THR B 89 -22.47 71.99 4.51
CA THR B 89 -22.20 70.58 4.23
C THR B 89 -23.23 69.72 4.98
N VAL B 90 -23.73 68.65 4.34
CA VAL B 90 -24.74 67.79 4.92
C VAL B 90 -24.39 66.29 4.76
N PRO B 91 -24.73 65.40 5.72
CA PRO B 91 -24.36 63.97 5.56
C PRO B 91 -24.80 63.40 4.23
N ALA B 92 -23.86 62.74 3.56
CA ALA B 92 -24.05 62.22 2.22
C ALA B 92 -25.05 61.06 2.19
N ARG B 93 -24.78 59.96 2.92
CA ARG B 93 -25.62 58.76 2.89
C ARG B 93 -27.06 59.04 3.33
N LYS B 94 -27.24 59.88 4.33
CA LYS B 94 -28.57 60.21 4.77
C LYS B 94 -29.26 61.01 3.65
N PHE B 95 -28.69 62.13 3.24
CA PHE B 95 -29.34 62.99 2.27
C PHE B 95 -29.77 62.26 1.01
N PHE B 96 -28.86 61.49 0.40
CA PHE B 96 -29.20 60.72 -0.77
C PHE B 96 -30.33 59.72 -0.45
N ASP B 97 -30.25 59.00 0.70
CA ASP B 97 -31.29 58.03 1.05
C ASP B 97 -32.62 58.73 1.21
N ILE B 98 -32.62 60.03 1.60
CA ILE B 98 -33.83 60.83 1.73
C ILE B 98 -34.38 61.18 0.33
N CYS B 99 -33.54 61.76 -0.53
CA CYS B 99 -33.97 62.11 -1.88
C CYS B 99 -34.42 60.89 -2.68
N ARG B 100 -33.75 59.76 -2.52
CA ARG B 100 -34.16 58.56 -3.24
C ARG B 100 -35.43 57.98 -2.64
N GLY B 101 -35.53 57.99 -1.33
CA GLY B 101 -36.72 57.45 -0.68
C GLY B 101 -38.00 58.17 -1.03
N LEU B 102 -37.91 59.45 -1.46
CA LEU B 102 -39.08 60.25 -1.83
C LEU B 102 -39.75 59.72 -3.08
N PRO B 103 -41.06 60.00 -3.28
CA PRO B 103 -41.74 59.46 -4.45
C PRO B 103 -41.28 60.11 -5.74
N GLU B 104 -41.46 59.40 -6.85
CA GLU B 104 -41.02 59.87 -8.15
C GLU B 104 -41.69 61.17 -8.53
N GLY B 105 -40.88 62.17 -8.83
CA GLY B 105 -41.33 63.48 -9.27
C GLY B 105 -41.51 64.48 -8.14
N ALA B 106 -40.90 64.22 -6.98
CA ALA B 106 -41.04 65.05 -5.79
C ALA B 106 -40.31 66.38 -5.93
N GLU B 107 -40.88 67.44 -5.31
CA GLU B 107 -40.27 68.77 -5.30
C GLU B 107 -39.55 68.92 -3.96
N ILE B 108 -38.22 68.91 -3.97
CA ILE B 108 -37.43 68.99 -2.74
C ILE B 108 -37.08 70.45 -2.46
N ALA B 109 -37.63 71.01 -1.37
CA ALA B 109 -37.34 72.38 -0.94
C ALA B 109 -36.33 72.35 0.23
N VAL B 110 -35.12 72.91 0.02
CA VAL B 110 -34.03 72.88 1.00
C VAL B 110 -33.64 74.29 1.48
N GLN B 111 -33.32 74.44 2.81
CA GLN B 111 -32.87 75.71 3.44
C GLN B 111 -32.11 75.49 4.79
N LEU B 112 -31.56 76.56 5.37
CA LEU B 112 -30.79 76.46 6.62
C LEU B 112 -31.62 76.69 7.91
N GLU B 113 -31.04 76.33 9.07
CA GLU B 113 -31.71 76.43 10.36
C GLU B 113 -30.69 76.49 11.51
N GLY B 114 -29.90 77.54 11.54
CA GLY B 114 -28.83 77.66 12.52
C GLY B 114 -27.69 76.72 12.18
N GLU B 115 -27.69 75.52 12.79
CA GLU B 115 -26.70 74.48 12.50
C GLU B 115 -27.35 73.21 11.92
N ARG B 116 -28.56 73.35 11.31
CA ARG B 116 -29.30 72.26 10.67
C ARG B 116 -29.66 72.61 9.23
N MET B 117 -30.04 71.61 8.45
CA MET B 117 -30.56 71.81 7.09
C MET B 117 -31.95 71.24 7.05
N LEU B 118 -32.92 72.03 6.59
CA LEU B 118 -34.31 71.57 6.52
C LEU B 118 -34.66 71.11 5.12
N VAL B 119 -34.93 69.81 4.95
CA VAL B 119 -35.32 69.21 3.68
C VAL B 119 -36.82 68.91 3.75
N ARG B 120 -37.65 69.61 2.94
CA ARG B 120 -39.09 69.40 2.92
C ARG B 120 -39.57 69.02 1.53
N SER B 121 -40.48 68.04 1.46
CA SER B 121 -41.05 67.58 0.20
C SER B 121 -42.43 66.96 0.47
N GLY B 122 -43.47 67.74 0.23
CA GLY B 122 -44.84 67.31 0.51
C GLY B 122 -45.11 67.31 2.00
N ARG B 123 -45.58 66.16 2.54
CA ARG B 123 -45.77 66.03 3.98
C ARG B 123 -44.57 65.38 4.69
N SER B 124 -43.43 65.25 3.97
CA SER B 124 -42.19 64.73 4.52
C SER B 124 -41.29 65.91 4.90
N ARG B 125 -40.73 65.89 6.11
CA ARG B 125 -39.87 66.98 6.62
C ARG B 125 -38.67 66.37 7.32
N PHE B 126 -37.44 66.81 6.98
CA PHE B 126 -36.22 66.26 7.57
C PHE B 126 -35.32 67.35 8.05
N SER B 127 -34.68 67.12 9.18
CA SER B 127 -33.78 68.07 9.82
C SER B 127 -32.40 67.42 9.95
N LEU B 128 -31.48 67.76 9.04
CA LEU B 128 -30.15 67.17 9.02
C LEU B 128 -29.11 68.05 9.72
N SER B 129 -28.18 67.43 10.45
CA SER B 129 -27.12 68.15 11.17
C SER B 129 -26.06 68.55 10.16
N THR B 130 -25.66 69.83 10.18
CA THR B 130 -24.68 70.33 9.21
C THR B 130 -23.38 70.77 9.86
N LEU B 131 -22.29 70.71 9.10
CA LEU B 131 -20.98 71.21 9.51
C LEU B 131 -20.67 72.42 8.61
N PRO B 132 -19.96 73.46 9.11
CA PRO B 132 -19.74 74.67 8.29
C PRO B 132 -19.09 74.41 6.94
N ALA B 133 -19.52 75.17 5.90
CA ALA B 133 -18.97 75.06 4.56
C ALA B 133 -17.50 75.47 4.51
N ALA B 134 -17.11 76.46 5.34
CA ALA B 134 -15.74 76.96 5.40
C ALA B 134 -14.73 75.89 5.79
N ASP B 135 -15.18 74.83 6.50
CA ASP B 135 -14.33 73.72 6.92
C ASP B 135 -14.44 72.52 5.97
N PHE B 136 -14.65 72.75 4.66
CA PHE B 136 -14.71 71.68 3.69
C PHE B 136 -13.42 71.74 2.85
N PRO B 137 -12.73 70.61 2.62
CA PRO B 137 -11.40 70.67 2.00
C PRO B 137 -11.48 70.90 0.52
N ASN B 138 -11.60 72.19 0.14
CA ASN B 138 -11.58 72.60 -1.25
C ASN B 138 -10.11 72.63 -1.66
N LEU B 139 -9.76 71.71 -2.59
CA LEU B 139 -8.39 71.38 -3.00
C LEU B 139 -7.52 72.60 -3.28
N ASP B 140 -6.25 72.54 -2.82
CA ASP B 140 -5.21 73.56 -2.97
C ASP B 140 -5.17 74.15 -4.39
N ASP B 141 -5.27 75.49 -4.51
CA ASP B 141 -5.29 76.18 -5.81
C ASP B 141 -4.18 75.63 -6.72
N TRP B 142 -4.51 75.27 -7.99
CA TRP B 142 -3.48 74.88 -8.95
C TRP B 142 -3.75 75.36 -10.40
N GLN B 143 -2.69 75.29 -11.25
CA GLN B 143 -2.71 75.72 -12.64
C GLN B 143 -2.34 74.52 -13.58
N SER B 144 -3.11 74.34 -14.65
CA SER B 144 -2.95 73.24 -15.59
C SER B 144 -1.74 73.41 -16.48
N GLU B 145 -1.15 72.29 -16.94
CA GLU B 145 0.00 72.26 -17.85
C GLU B 145 -0.37 71.64 -19.20
N VAL B 146 -1.00 70.46 -19.16
CA VAL B 146 -1.44 69.76 -20.38
C VAL B 146 -2.97 69.75 -20.36
N GLU B 147 -3.60 70.17 -21.46
CA GLU B 147 -5.05 70.22 -21.56
C GLU B 147 -5.51 69.62 -22.88
N PHE B 148 -6.46 68.69 -22.83
CA PHE B 148 -6.92 68.02 -24.04
C PHE B 148 -8.29 67.44 -23.87
N THR B 149 -8.95 67.13 -24.99
CA THR B 149 -10.29 66.59 -24.98
C THR B 149 -10.31 65.27 -25.74
N LEU B 150 -11.16 64.31 -25.32
CA LEU B 150 -11.26 63.02 -25.98
C LEU B 150 -12.62 62.39 -25.66
N PRO B 151 -13.12 61.38 -26.41
CA PRO B 151 -14.43 60.81 -26.06
C PRO B 151 -14.40 59.99 -24.78
N GLN B 152 -15.51 59.98 -24.06
CA GLN B 152 -15.67 59.19 -22.83
C GLN B 152 -15.31 57.71 -23.05
N ALA B 153 -15.78 57.11 -24.17
CA ALA B 153 -15.53 55.71 -24.53
C ALA B 153 -14.02 55.39 -24.67
N THR B 154 -13.23 56.38 -25.13
CA THR B 154 -11.77 56.24 -25.28
C THR B 154 -11.12 56.10 -23.92
N MET B 155 -11.44 57.03 -23.00
CA MET B 155 -10.91 56.98 -21.64
C MET B 155 -11.35 55.72 -20.94
N LYS B 156 -12.62 55.33 -21.11
CA LYS B 156 -13.16 54.11 -20.51
C LYS B 156 -12.36 52.90 -20.93
N ARG B 157 -12.11 52.76 -22.26
CA ARG B 157 -11.36 51.61 -22.72
C ARG B 157 -9.95 51.62 -22.10
N LEU B 158 -9.31 52.80 -22.17
CA LEU B 158 -7.96 52.97 -21.67
C LEU B 158 -7.84 52.53 -20.20
N ILE B 159 -8.80 52.93 -19.37
CA ILE B 159 -8.76 52.57 -17.95
C ILE B 159 -9.19 51.11 -17.76
N GLU B 160 -10.31 50.74 -18.35
CA GLU B 160 -10.86 49.41 -18.20
C GLU B 160 -9.87 48.30 -18.54
N ALA B 161 -9.11 48.48 -19.63
CA ALA B 161 -8.18 47.46 -20.09
C ALA B 161 -6.88 47.37 -19.28
N THR B 162 -6.64 48.28 -18.31
CA THR B 162 -5.40 48.27 -17.51
C THR B 162 -5.63 48.35 -15.97
N GLN B 163 -6.86 48.69 -15.53
CA GLN B 163 -7.25 48.84 -14.12
C GLN B 163 -6.77 47.70 -13.21
N PHE B 164 -7.01 46.47 -13.63
CA PHE B 164 -6.74 45.27 -12.85
C PHE B 164 -5.28 45.04 -12.49
N SER B 165 -4.33 45.51 -13.34
CA SER B 165 -2.89 45.31 -13.14
C SER B 165 -2.27 46.23 -12.09
N MET B 166 -3.02 47.20 -11.56
CA MET B 166 -2.49 48.09 -10.52
C MET B 166 -2.25 47.30 -9.25
N ALA B 167 -1.34 47.80 -8.41
CA ALA B 167 -1.02 47.15 -7.13
C ALA B 167 -1.91 47.79 -6.09
N HIS B 168 -2.43 47.00 -5.11
CA HIS B 168 -3.37 47.51 -4.10
C HIS B 168 -2.66 48.33 -3.03
N GLN B 169 -1.91 47.67 -2.11
CA GLN B 169 -1.25 48.37 -1.00
C GLN B 169 0.25 48.11 -1.03
N ASP B 170 0.85 48.11 -2.22
CA ASP B 170 2.28 47.84 -2.30
C ASP B 170 3.04 48.94 -1.58
N VAL B 171 4.13 48.57 -0.90
CA VAL B 171 4.97 49.56 -0.20
C VAL B 171 5.48 50.58 -1.25
N ARG B 172 5.70 50.11 -2.52
CA ARG B 172 6.14 50.93 -3.64
C ARG B 172 4.93 51.74 -4.05
N TYR B 173 4.66 52.81 -3.28
CA TYR B 173 3.51 53.72 -3.43
CA TYR B 173 3.47 53.67 -3.45
C TYR B 173 3.17 54.07 -4.89
N TYR B 174 4.21 54.29 -5.73
CA TYR B 174 4.04 54.69 -7.13
C TYR B 174 3.35 53.63 -8.00
N LEU B 175 3.31 52.34 -7.56
CA LEU B 175 2.65 51.25 -8.30
C LEU B 175 1.17 51.14 -7.94
N ASN B 176 0.74 51.76 -6.82
CA ASN B 176 -0.66 51.77 -6.40
C ASN B 176 -1.40 52.86 -7.15
N GLY B 177 -1.38 52.76 -8.47
CA GLY B 177 -1.97 53.76 -9.34
C GLY B 177 -1.72 53.45 -10.79
N MET B 178 -2.27 54.29 -11.65
CA MET B 178 -2.14 54.11 -13.10
C MET B 178 -1.41 55.30 -13.72
N LEU B 179 -0.53 55.04 -14.66
CA LEU B 179 0.21 56.09 -15.31
C LEU B 179 -0.59 56.58 -16.49
N PHE B 180 -0.74 57.90 -16.63
CA PHE B 180 -1.42 58.54 -17.74
C PHE B 180 -0.38 59.32 -18.52
N GLU B 181 0.14 58.69 -19.58
CA GLU B 181 1.21 59.24 -20.39
C GLU B 181 0.69 59.66 -21.75
N THR B 182 1.00 60.90 -22.16
CA THR B 182 0.63 61.45 -23.47
C THR B 182 1.89 61.47 -24.35
N GLU B 183 1.84 60.80 -25.50
CA GLU B 183 2.98 60.72 -26.40
C GLU B 183 2.55 60.93 -27.87
N GLY B 184 2.79 62.12 -28.38
CA GLY B 184 2.43 62.45 -29.75
C GLY B 184 0.94 62.62 -29.89
N GLU B 185 0.25 61.79 -30.71
CA GLU B 185 -1.21 61.88 -30.84
C GLU B 185 -1.97 60.89 -29.93
N GLU B 186 -1.24 59.93 -29.32
CA GLU B 186 -1.86 58.94 -28.43
C GLU B 186 -1.82 59.36 -26.98
N LEU B 187 -2.76 58.78 -26.22
CA LEU B 187 -2.83 58.82 -24.77
C LEU B 187 -2.66 57.36 -24.32
N ARG B 188 -1.75 57.14 -23.38
CA ARG B 188 -1.42 55.80 -22.94
C ARG B 188 -1.65 55.66 -21.47
N THR B 189 -2.18 54.49 -21.05
CA THR B 189 -2.34 54.13 -19.65
C THR B 189 -1.53 52.87 -19.38
N VAL B 190 -0.70 52.87 -18.37
CA VAL B 190 0.02 51.67 -18.05
C VAL B 190 -0.08 51.46 -16.56
N ALA B 191 -0.32 50.21 -16.16
CA ALA B 191 -0.48 49.78 -14.77
C ALA B 191 0.31 48.48 -14.55
N THR B 192 0.99 48.37 -13.40
CA THR B 192 1.79 47.19 -13.09
C THR B 192 1.98 47.06 -11.59
N ASP B 193 2.18 45.82 -11.11
CA ASP B 193 2.33 45.53 -9.68
C ASP B 193 3.65 44.85 -9.32
N GLY B 194 4.54 44.69 -10.29
CA GLY B 194 5.82 44.01 -10.06
C GLY B 194 5.83 42.60 -10.63
N HIS B 195 4.63 42.01 -10.86
CA HIS B 195 4.46 40.66 -11.40
C HIS B 195 3.83 40.68 -12.78
N ARG B 196 2.81 41.54 -12.98
CA ARG B 196 2.15 41.72 -14.27
C ARG B 196 2.24 43.16 -14.74
N LEU B 197 1.96 43.39 -16.04
CA LEU B 197 1.85 44.74 -16.57
C LEU B 197 0.78 44.79 -17.63
N ALA B 198 0.05 45.90 -17.69
CA ALA B 198 -0.98 46.14 -18.70
C ALA B 198 -0.71 47.49 -19.27
N VAL B 199 -0.72 47.61 -20.59
CA VAL B 199 -0.52 48.90 -21.27
C VAL B 199 -1.52 49.03 -22.40
N CYS B 200 -2.09 50.23 -22.55
CA CYS B 200 -3.06 50.50 -23.59
C CYS B 200 -2.84 51.92 -24.09
N SER B 201 -2.77 52.11 -25.42
CA SER B 201 -2.54 53.43 -26.01
C SER B 201 -3.50 53.64 -27.16
N MET B 202 -4.15 54.81 -27.20
CA MET B 202 -5.10 55.09 -28.26
C MET B 202 -5.01 56.53 -28.75
N PRO B 203 -5.14 56.72 -30.08
CA PRO B 203 -5.05 58.08 -30.63
C PRO B 203 -6.26 58.96 -30.31
N ILE B 204 -6.00 60.25 -30.01
CA ILE B 204 -7.07 61.21 -29.68
C ILE B 204 -7.07 62.46 -30.57
N GLY B 205 -6.57 62.31 -31.80
CA GLY B 205 -6.57 63.37 -32.80
C GLY B 205 -6.02 64.72 -32.36
N GLN B 206 -4.90 64.72 -31.61
CA GLN B 206 -4.26 65.94 -31.11
C GLN B 206 -2.77 65.72 -30.98
N SER B 207 -1.97 66.66 -31.44
CA SER B 207 -0.52 66.54 -31.30
C SER B 207 -0.11 67.04 -29.89
N LEU B 208 0.04 66.10 -28.93
CA LEU B 208 0.26 66.31 -27.48
C LEU B 208 1.73 66.40 -27.09
N PRO B 209 2.03 67.10 -25.97
CA PRO B 209 3.41 67.08 -25.46
C PRO B 209 3.68 65.80 -24.69
N SER B 210 4.94 65.37 -24.62
CA SER B 210 5.30 64.18 -23.85
C SER B 210 5.24 64.51 -22.35
N HIS B 211 4.24 63.96 -21.64
CA HIS B 211 4.01 64.23 -20.22
C HIS B 211 3.45 62.96 -19.60
N SER B 212 4.05 62.48 -18.49
CA SER B 212 3.56 61.29 -17.81
C SER B 212 3.25 61.61 -16.35
N VAL B 213 2.05 61.23 -15.87
CA VAL B 213 1.63 61.43 -14.48
C VAL B 213 1.00 60.16 -13.90
N ILE B 214 1.16 59.95 -12.58
CA ILE B 214 0.59 58.78 -11.90
C ILE B 214 -0.69 59.18 -11.17
N VAL B 215 -1.84 58.66 -11.63
CA VAL B 215 -3.13 58.90 -10.97
C VAL B 215 -3.33 57.80 -9.91
N PRO B 216 -3.67 58.15 -8.66
CA PRO B 216 -3.83 57.11 -7.62
C PRO B 216 -4.90 56.06 -7.94
N ARG B 217 -4.74 54.88 -7.36
CA ARG B 217 -5.62 53.73 -7.56
C ARG B 217 -7.09 54.10 -7.37
N LYS B 218 -7.43 54.74 -6.23
CA LYS B 218 -8.81 55.10 -5.91
C LYS B 218 -9.37 56.17 -6.85
N GLY B 219 -8.52 57.12 -7.29
CA GLY B 219 -8.91 58.15 -8.22
C GLY B 219 -9.29 57.61 -9.59
N VAL B 220 -8.48 56.66 -10.08
CA VAL B 220 -8.69 55.93 -11.32
C VAL B 220 -10.07 55.27 -11.33
N ILE B 221 -10.43 54.64 -10.21
CA ILE B 221 -11.70 53.94 -10.14
C ILE B 221 -12.83 54.93 -10.23
N GLU B 222 -12.78 56.03 -9.46
CA GLU B 222 -13.85 57.04 -9.46
C GLU B 222 -13.93 57.77 -10.78
N LEU B 223 -12.80 57.90 -11.48
CA LEU B 223 -12.81 58.53 -12.80
C LEU B 223 -13.55 57.63 -13.78
N MET B 224 -13.29 56.32 -13.75
CA MET B 224 -13.95 55.37 -14.64
C MET B 224 -15.44 55.26 -14.34
N ARG B 225 -15.79 55.35 -13.06
CA ARG B 225 -17.17 55.23 -12.63
C ARG B 225 -18.03 56.41 -13.09
N MET B 226 -17.42 57.60 -13.22
CA MET B 226 -18.15 58.80 -13.68
C MET B 226 -18.44 58.77 -15.19
N LEU B 227 -17.81 57.84 -15.93
CA LEU B 227 -18.04 57.69 -17.36
C LEU B 227 -19.23 56.76 -17.60
N ASP B 228 -20.37 57.39 -17.93
CA ASP B 228 -21.64 56.74 -18.27
C ASP B 228 -21.59 56.10 -19.65
N GLY B 229 -20.60 56.50 -20.47
CA GLY B 229 -20.38 56.01 -21.84
C GLY B 229 -21.00 56.88 -22.91
N GLY B 230 -21.59 58.00 -22.50
CA GLY B 230 -22.29 58.91 -23.40
C GLY B 230 -21.49 59.46 -24.56
N ASP B 231 -22.15 60.29 -25.36
CA ASP B 231 -21.54 60.90 -26.53
C ASP B 231 -20.83 62.22 -26.21
N ASN B 232 -20.67 62.54 -24.92
CA ASN B 232 -20.06 63.80 -24.57
C ASN B 232 -18.56 63.68 -24.57
N PRO B 233 -17.86 64.81 -24.74
CA PRO B 233 -16.41 64.79 -24.62
C PRO B 233 -15.95 64.84 -23.16
N LEU B 234 -14.67 64.53 -22.93
CA LEU B 234 -14.04 64.56 -21.62
C LEU B 234 -12.85 65.51 -21.69
N ARG B 235 -12.84 66.57 -20.84
CA ARG B 235 -11.80 67.61 -20.80
C ARG B 235 -10.81 67.27 -19.69
N VAL B 236 -9.62 66.75 -20.06
CA VAL B 236 -8.64 66.39 -19.04
C VAL B 236 -7.61 67.50 -18.90
N GLN B 237 -7.37 67.95 -17.66
CA GLN B 237 -6.37 68.97 -17.36
C GLN B 237 -5.33 68.36 -16.43
N ILE B 238 -4.10 68.14 -16.90
CA ILE B 238 -3.03 67.59 -16.09
C ILE B 238 -2.14 68.73 -15.62
N GLY B 239 -2.03 68.91 -14.30
CA GLY B 239 -1.24 69.99 -13.72
C GLY B 239 0.07 69.48 -13.14
N SER B 240 0.61 70.23 -12.17
CA SER B 240 1.88 69.88 -11.55
C SER B 240 1.73 68.67 -10.63
N ASN B 241 0.79 68.73 -9.69
CA ASN B 241 0.52 67.64 -8.74
C ASN B 241 -0.97 67.30 -8.66
N ASN B 242 -1.75 67.64 -9.70
CA ASN B 242 -3.18 67.34 -9.75
C ASN B 242 -3.63 66.99 -11.17
N ILE B 243 -4.75 66.28 -11.28
CA ILE B 243 -5.37 65.98 -12.58
C ILE B 243 -6.85 66.31 -12.45
N ARG B 244 -7.47 66.86 -13.51
CA ARG B 244 -8.88 67.21 -13.49
C ARG B 244 -9.56 66.64 -14.71
N ALA B 245 -10.81 66.23 -14.57
CA ALA B 245 -11.55 65.65 -15.68
C ALA B 245 -12.99 66.22 -15.67
N HIS B 246 -13.38 66.88 -16.77
CA HIS B 246 -14.71 67.47 -16.91
C HIS B 246 -15.55 66.63 -17.85
N VAL B 247 -16.61 65.99 -17.36
CA VAL B 247 -17.51 65.27 -18.25
C VAL B 247 -18.92 65.68 -17.88
N GLY B 248 -19.54 66.42 -18.78
CA GLY B 248 -20.88 66.96 -18.56
C GLY B 248 -20.87 67.96 -17.42
N ASP B 249 -21.80 67.80 -16.47
CA ASP B 249 -21.90 68.71 -15.31
C ASP B 249 -21.14 68.18 -14.08
N PHE B 250 -20.13 67.28 -14.31
CA PHE B 250 -19.30 66.68 -13.27
C PHE B 250 -17.86 67.07 -13.49
N ILE B 251 -17.17 67.46 -12.43
CA ILE B 251 -15.75 67.83 -12.48
C ILE B 251 -15.01 67.00 -11.42
N PHE B 252 -14.24 66.01 -11.88
CA PHE B 252 -13.46 65.17 -10.98
C PHE B 252 -12.05 65.76 -10.87
N THR B 253 -11.52 65.86 -9.66
CA THR B 253 -10.15 66.33 -9.43
C THR B 253 -9.43 65.36 -8.49
N SER B 254 -8.14 65.09 -8.73
CA SER B 254 -7.38 64.14 -7.91
C SER B 254 -5.90 64.52 -7.81
N LYS B 255 -5.29 64.36 -6.63
CA LYS B 255 -3.87 64.58 -6.45
C LYS B 255 -3.14 63.46 -7.18
N LEU B 256 -1.93 63.72 -7.70
CA LEU B 256 -1.16 62.71 -8.39
C LEU B 256 -0.18 62.09 -7.43
N VAL B 257 0.17 60.82 -7.66
CA VAL B 257 1.13 60.09 -6.82
C VAL B 257 2.54 60.58 -7.17
N ASP B 258 3.35 60.87 -6.13
CA ASP B 258 4.68 61.42 -6.34
C ASP B 258 5.80 60.37 -6.26
N GLY B 259 6.08 59.75 -7.40
CA GLY B 259 7.18 58.79 -7.57
C GLY B 259 7.54 58.55 -9.02
N ARG B 260 8.67 57.85 -9.28
CA ARG B 260 9.06 57.56 -10.67
C ARG B 260 8.48 56.24 -11.14
N PHE B 261 7.44 56.25 -12.00
CA PHE B 261 6.82 55.02 -12.52
C PHE B 261 7.76 54.22 -13.47
N PRO B 262 7.87 52.87 -13.36
CA PRO B 262 8.78 52.12 -14.25
C PRO B 262 8.48 52.23 -15.74
N ASP B 263 9.50 52.11 -16.60
CA ASP B 263 9.32 52.22 -18.05
C ASP B 263 8.75 50.93 -18.61
N TYR B 264 7.55 51.01 -19.21
CA TYR B 264 6.89 49.84 -19.77
C TYR B 264 7.68 49.23 -20.94
N ARG B 265 8.41 50.07 -21.66
CA ARG B 265 9.15 49.64 -22.84
C ARG B 265 10.26 48.66 -22.45
N ARG B 266 10.87 48.84 -21.26
CA ARG B 266 11.94 47.96 -20.79
C ARG B 266 11.36 46.62 -20.31
N VAL B 267 10.09 46.63 -19.87
CA VAL B 267 9.40 45.45 -19.36
C VAL B 267 8.95 44.53 -20.51
N LEU B 268 8.55 45.10 -21.66
CA LEU B 268 8.09 44.34 -22.82
C LEU B 268 9.17 43.38 -23.30
N PRO B 269 8.84 42.11 -23.64
CA PRO B 269 9.88 41.19 -24.15
C PRO B 269 10.52 41.68 -25.45
N LYS B 270 11.87 41.69 -25.52
CA LYS B 270 12.60 42.23 -26.67
C LYS B 270 12.50 41.34 -27.92
N ASN B 271 12.56 40.02 -27.73
CA ASN B 271 12.52 39.05 -28.83
C ASN B 271 11.73 37.79 -28.42
N PRO B 272 10.40 37.93 -28.20
CA PRO B 272 9.61 36.75 -27.89
C PRO B 272 9.21 36.01 -29.17
N ASP B 273 10.08 35.09 -29.61
CA ASP B 273 9.97 34.43 -30.90
C ASP B 273 9.01 33.21 -30.96
N LYS B 274 8.50 32.74 -29.84
CA LYS B 274 7.62 31.58 -29.91
C LYS B 274 6.18 32.06 -29.76
N HIS B 275 5.47 32.28 -30.90
CA HIS B 275 4.09 32.79 -30.87
C HIS B 275 3.11 31.66 -30.89
N LEU B 276 2.17 31.73 -29.95
CA LEU B 276 1.04 30.80 -29.78
C LEU B 276 -0.27 31.55 -30.01
N GLU B 277 -1.13 31.01 -30.87
CA GLU B 277 -2.42 31.62 -31.14
C GLU B 277 -3.50 30.61 -30.79
N ALA B 278 -4.52 31.07 -30.07
CA ALA B 278 -5.64 30.22 -29.66
C ALA B 278 -6.88 31.06 -29.39
N GLY B 279 -8.02 30.41 -29.35
CA GLY B 279 -9.28 31.08 -29.08
C GLY B 279 -9.35 31.59 -27.66
N CYS B 280 -9.59 32.91 -27.49
CA CYS B 280 -9.60 33.55 -26.18
C CYS B 280 -10.50 32.82 -25.18
N ASP B 281 -11.71 32.45 -25.58
CA ASP B 281 -12.64 31.77 -24.68
C ASP B 281 -12.22 30.35 -24.37
N LEU B 282 -11.77 29.60 -25.35
CA LEU B 282 -11.34 28.22 -25.09
C LEU B 282 -10.13 28.19 -24.15
N LEU B 283 -9.20 29.15 -24.33
CA LEU B 283 -8.01 29.27 -23.52
C LEU B 283 -8.38 29.70 -22.10
N LYS B 284 -9.32 30.66 -21.97
CA LYS B 284 -9.82 31.14 -20.69
C LYS B 284 -10.52 30.01 -19.92
N GLN B 285 -11.39 29.24 -20.58
CA GLN B 285 -12.07 28.10 -19.96
C GLN B 285 -11.10 27.04 -19.45
N ALA B 286 -10.10 26.68 -20.25
CA ALA B 286 -9.11 25.69 -19.82
C ALA B 286 -8.40 26.16 -18.55
N PHE B 287 -7.91 27.42 -18.52
CA PHE B 287 -7.19 27.96 -17.37
C PHE B 287 -8.11 28.05 -16.16
N ALA B 288 -9.38 28.38 -16.38
CA ALA B 288 -10.35 28.46 -15.31
C ALA B 288 -10.60 27.08 -14.70
N ARG B 289 -10.64 26.03 -15.54
CA ARG B 289 -10.87 24.66 -15.08
C ARG B 289 -9.64 24.11 -14.39
N ALA B 290 -8.44 24.40 -14.93
CA ALA B 290 -7.19 23.94 -14.32
C ALA B 290 -6.99 24.59 -12.96
N ALA B 291 -7.33 25.89 -12.85
CA ALA B 291 -7.22 26.67 -11.61
C ALA B 291 -7.93 26.04 -10.42
N ILE B 292 -8.92 25.17 -10.68
CA ILE B 292 -9.69 24.52 -9.62
C ILE B 292 -8.78 23.65 -8.77
N LEU B 293 -7.90 22.87 -9.40
CA LEU B 293 -7.00 21.99 -8.66
C LEU B 293 -5.59 22.56 -8.54
N SER B 294 -5.47 23.89 -8.58
CA SER B 294 -4.20 24.59 -8.38
C SER B 294 -4.06 24.93 -6.90
N ASN B 295 -2.86 25.35 -6.49
CA ASN B 295 -2.62 25.75 -5.11
C ASN B 295 -3.47 26.95 -4.77
N GLU B 296 -4.17 26.91 -3.65
CA GLU B 296 -5.14 27.95 -3.28
C GLU B 296 -4.47 29.30 -3.00
N LYS B 297 -3.21 29.28 -2.56
CA LYS B 297 -2.46 30.48 -2.19
C LYS B 297 -1.56 30.95 -3.32
N PHE B 298 -0.82 30.02 -3.96
CA PHE B 298 0.17 30.35 -4.98
C PHE B 298 -0.38 30.32 -6.39
N ARG B 299 -1.45 29.52 -6.64
CA ARG B 299 -2.14 29.44 -7.94
C ARG B 299 -1.21 29.09 -9.13
N GLY B 300 -0.35 28.10 -8.93
CA GLY B 300 0.62 27.69 -9.93
C GLY B 300 0.13 26.66 -10.92
N VAL B 301 0.30 26.97 -12.23
CA VAL B 301 -0.03 26.06 -13.33
C VAL B 301 1.17 25.98 -14.30
N ARG B 302 1.52 24.81 -14.87
CA ARG B 302 2.62 24.86 -15.82
C ARG B 302 2.17 24.48 -17.23
N LEU B 303 2.66 25.28 -18.19
CA LEU B 303 2.29 25.31 -19.62
C LEU B 303 3.31 24.53 -20.43
N TYR B 304 2.88 23.53 -21.20
CA TYR B 304 3.76 22.75 -22.06
C TYR B 304 3.39 23.05 -23.50
N VAL B 305 4.24 23.83 -24.22
CA VAL B 305 3.96 24.20 -25.62
C VAL B 305 4.64 23.26 -26.60
N SER B 306 3.83 22.46 -27.29
CA SER B 306 4.26 21.48 -28.29
C SER B 306 3.71 21.91 -29.64
N GLU B 307 4.17 21.29 -30.73
CA GLU B 307 3.68 21.65 -32.07
C GLU B 307 2.15 21.62 -32.09
N ASN B 308 1.54 22.78 -32.28
CA ASN B 308 0.08 22.98 -32.30
C ASN B 308 -0.63 22.31 -31.14
N GLN B 309 -0.09 22.53 -29.95
CA GLN B 309 -0.62 21.95 -28.73
C GLN B 309 -0.16 22.76 -27.50
N LEU B 310 -1.06 22.91 -26.54
CA LEU B 310 -0.73 23.50 -25.25
C LEU B 310 -1.28 22.61 -24.16
N LYS B 311 -0.46 22.23 -23.16
CA LYS B 311 -0.91 21.42 -22.04
C LYS B 311 -0.80 22.22 -20.74
N ILE B 312 -1.93 22.43 -20.05
CA ILE B 312 -1.96 23.16 -18.78
C ILE B 312 -2.10 22.11 -17.68
N THR B 313 -1.21 22.12 -16.68
CA THR B 313 -1.23 21.17 -15.56
C THR B 313 -1.25 21.92 -14.24
N ALA B 314 -2.17 21.57 -13.34
CA ALA B 314 -2.29 22.22 -12.04
C ALA B 314 -2.21 21.19 -10.92
N ASN B 315 -1.46 21.50 -9.85
CA ASN B 315 -1.32 20.63 -8.66
C ASN B 315 -1.56 21.44 -7.38
N ASN B 316 -2.20 20.82 -6.38
CA ASN B 316 -2.43 21.48 -5.10
C ASN B 316 -1.82 20.64 -3.97
N PRO B 317 -1.70 21.16 -2.72
CA PRO B 317 -1.08 20.37 -1.64
C PRO B 317 -1.70 18.99 -1.39
N GLU B 318 -3.02 18.84 -1.68
CA GLU B 318 -3.75 17.59 -1.48
C GLU B 318 -3.43 16.56 -2.57
N GLN B 319 -2.43 16.83 -3.43
CA GLN B 319 -2.00 15.93 -4.51
C GLN B 319 -3.10 15.64 -5.54
N GLU B 320 -3.98 16.62 -5.79
CA GLU B 320 -4.97 16.50 -6.84
C GLU B 320 -4.40 17.16 -8.08
N GLU B 321 -4.69 16.61 -9.25
CA GLU B 321 -4.13 17.12 -10.49
C GLU B 321 -5.19 17.38 -11.53
N ALA B 322 -5.10 18.53 -12.21
CA ALA B 322 -5.93 18.87 -13.37
C ALA B 322 -5.01 18.83 -14.59
N GLU B 323 -5.55 18.51 -15.77
CA GLU B 323 -4.78 18.50 -17.00
C GLU B 323 -5.67 18.94 -18.15
N GLU B 324 -5.25 19.96 -18.89
CA GLU B 324 -6.01 20.48 -20.02
C GLU B 324 -5.13 20.47 -21.25
N ILE B 325 -5.58 19.86 -22.34
CA ILE B 325 -4.85 19.85 -23.61
C ILE B 325 -5.67 20.63 -24.65
N LEU B 326 -5.05 21.62 -25.30
CA LEU B 326 -5.73 22.48 -26.27
C LEU B 326 -5.03 22.41 -27.60
N ASP B 327 -5.80 22.59 -28.68
CA ASP B 327 -5.25 22.64 -30.02
C ASP B 327 -5.02 24.10 -30.32
N VAL B 328 -3.74 24.50 -30.42
CA VAL B 328 -3.34 25.88 -30.65
C VAL B 328 -2.60 25.99 -31.98
N THR B 329 -2.30 27.22 -32.40
CA THR B 329 -1.53 27.50 -33.61
C THR B 329 -0.13 27.84 -33.12
N TYR B 330 0.67 26.78 -32.82
CA TYR B 330 2.00 26.95 -32.24
C TYR B 330 3.15 26.61 -33.18
N SER B 331 3.87 27.66 -33.51
CA SER B 331 5.08 27.69 -34.32
C SER B 331 6.27 27.99 -33.38
N GLY B 332 7.18 27.03 -33.21
CA GLY B 332 8.33 27.23 -32.35
C GLY B 332 8.76 25.99 -31.60
N ALA B 333 9.85 26.12 -30.83
CA ALA B 333 10.48 25.03 -30.11
C ALA B 333 9.69 24.66 -28.90
N GLU B 334 9.83 23.43 -28.42
CA GLU B 334 9.13 22.97 -27.22
C GLU B 334 9.75 23.58 -25.98
N MET B 335 8.92 24.16 -25.09
CA MET B 335 9.38 24.72 -23.83
C MET B 335 8.30 24.60 -22.76
N GLU B 336 8.68 24.78 -21.49
CA GLU B 336 7.79 24.64 -20.34
C GLU B 336 7.86 25.92 -19.52
N ILE B 337 6.72 26.45 -19.07
CA ILE B 337 6.70 27.70 -18.29
C ILE B 337 5.63 27.66 -17.17
N GLY B 338 6.02 28.09 -15.96
CA GLY B 338 5.12 28.15 -14.83
C GLY B 338 4.45 29.49 -14.72
N PHE B 339 3.16 29.51 -14.34
CA PHE B 339 2.42 30.78 -14.24
C PHE B 339 1.40 30.81 -13.10
N ASN B 340 1.11 32.02 -12.63
CA ASN B 340 0.07 32.28 -11.63
C ASN B 340 -1.25 32.36 -12.40
N VAL B 341 -2.03 31.27 -12.40
CA VAL B 341 -3.22 31.16 -13.24
C VAL B 341 -4.17 32.36 -13.09
N SER B 342 -4.23 32.99 -11.90
CA SER B 342 -5.07 34.18 -11.69
C SER B 342 -4.58 35.37 -12.52
N TYR B 343 -3.26 35.57 -12.58
CA TYR B 343 -2.71 36.63 -13.38
C TYR B 343 -3.04 36.42 -14.86
N VAL B 344 -3.02 35.14 -15.32
CA VAL B 344 -3.29 34.79 -16.73
C VAL B 344 -4.77 34.94 -17.03
N LEU B 345 -5.63 34.49 -16.14
CA LEU B 345 -7.06 34.64 -16.34
C LEU B 345 -7.49 36.10 -16.35
N ASP B 346 -6.86 36.95 -15.51
CA ASP B 346 -7.10 38.40 -15.47
C ASP B 346 -6.92 39.03 -16.85
N VAL B 347 -5.88 38.57 -17.56
CA VAL B 347 -5.52 39.05 -18.89
C VAL B 347 -6.54 38.61 -19.92
N LEU B 348 -6.93 37.33 -19.88
CA LEU B 348 -7.90 36.74 -20.80
C LEU B 348 -9.29 37.37 -20.66
N ASN B 349 -9.62 37.81 -19.45
CA ASN B 349 -10.90 38.47 -19.21
C ASN B 349 -10.84 39.92 -19.67
N ALA B 350 -9.67 40.58 -19.55
CA ALA B 350 -9.47 41.97 -20.01
C ALA B 350 -9.53 42.03 -21.53
N LEU B 351 -9.04 40.96 -22.18
CA LEU B 351 -9.09 40.80 -23.63
C LEU B 351 -10.47 40.27 -24.01
N LYS B 352 -11.43 41.15 -24.26
CA LYS B 352 -12.77 40.73 -24.65
C LYS B 352 -12.77 40.58 -26.18
N CYS B 353 -12.11 39.50 -26.65
CA CYS B 353 -11.89 39.29 -28.08
C CYS B 353 -12.11 37.81 -28.46
N GLU B 354 -11.88 37.50 -29.74
CA GLU B 354 -12.08 36.15 -30.28
C GLU B 354 -10.80 35.34 -30.22
N ASN B 355 -9.69 35.93 -30.69
CA ASN B 355 -8.40 35.24 -30.73
C ASN B 355 -7.30 35.98 -29.92
N VAL B 356 -6.41 35.22 -29.27
CA VAL B 356 -5.33 35.80 -28.48
C VAL B 356 -3.98 35.30 -28.97
N ARG B 357 -2.93 36.11 -28.79
CA ARG B 357 -1.57 35.74 -29.19
C ARG B 357 -0.67 35.81 -27.97
N MET B 358 0.14 34.76 -27.74
CA MET B 358 1.08 34.72 -26.62
C MET B 358 2.50 34.68 -27.16
N MET B 359 3.37 35.58 -26.69
CA MET B 359 4.74 35.69 -27.17
C MET B 359 5.72 35.20 -26.12
N LEU B 360 6.01 33.90 -26.19
CA LEU B 360 6.91 33.22 -25.28
C LEU B 360 8.38 33.48 -25.62
N THR B 361 9.14 33.92 -24.63
CA THR B 361 10.57 34.12 -24.80
C THR B 361 11.26 32.83 -24.34
N ASP B 362 11.07 32.43 -23.06
CA ASP B 362 11.63 31.19 -22.52
C ASP B 362 10.96 30.84 -21.18
N SER B 363 11.51 29.88 -20.43
CA SER B 363 10.85 29.47 -19.18
C SER B 363 10.99 30.51 -18.06
N VAL B 364 12.10 31.28 -18.02
CA VAL B 364 12.36 32.24 -16.93
C VAL B 364 12.14 33.69 -17.36
N SER B 365 11.56 33.91 -18.56
CA SER B 365 11.28 35.26 -19.05
C SER B 365 9.78 35.49 -19.24
N SER B 366 9.38 36.76 -19.22
CA SER B 366 7.97 37.15 -19.35
C SER B 366 7.37 36.80 -20.69
N VAL B 367 6.03 36.63 -20.71
CA VAL B 367 5.27 36.37 -21.95
C VAL B 367 4.37 37.56 -22.23
N GLN B 368 4.30 37.98 -23.50
CA GLN B 368 3.44 39.08 -23.88
C GLN B 368 2.16 38.52 -24.45
N ILE B 369 1.03 38.77 -23.80
CA ILE B 369 -0.27 38.30 -24.25
C ILE B 369 -1.04 39.51 -24.76
N GLU B 370 -1.57 39.43 -25.98
CA GLU B 370 -2.35 40.52 -26.57
C GLU B 370 -3.38 39.97 -27.56
N ASP B 371 -4.31 40.83 -27.98
CA ASP B 371 -5.33 40.44 -28.94
C ASP B 371 -4.67 40.19 -30.29
N ALA B 372 -4.99 39.05 -30.92
CA ALA B 372 -4.39 38.70 -32.22
C ALA B 372 -4.83 39.67 -33.32
N ALA B 373 -5.96 40.39 -33.11
CA ALA B 373 -6.46 41.34 -34.09
C ALA B 373 -5.95 42.76 -33.83
N SER B 374 -5.94 43.21 -32.56
CA SER B 374 -5.53 44.57 -32.19
C SER B 374 -4.32 44.58 -31.25
N GLN B 375 -3.44 45.56 -31.47
CA GLN B 375 -2.22 45.73 -30.66
C GLN B 375 -2.28 47.01 -29.80
N SER B 376 -3.47 47.67 -29.68
CA SER B 376 -3.59 48.87 -28.82
C SER B 376 -3.23 48.54 -27.37
N ALA B 377 -3.69 47.35 -26.90
CA ALA B 377 -3.41 46.85 -25.56
C ALA B 377 -2.52 45.62 -25.59
N ALA B 378 -1.52 45.60 -24.71
CA ALA B 378 -0.58 44.50 -24.58
C ALA B 378 -0.38 44.21 -23.10
N TYR B 379 -0.18 42.92 -22.75
CA TYR B 379 -0.03 42.50 -21.37
C TYR B 379 1.22 41.67 -21.22
N VAL B 380 1.98 41.90 -20.15
CA VAL B 380 3.20 41.15 -19.88
C VAL B 380 3.02 40.49 -18.51
N VAL B 381 3.20 39.17 -18.45
CA VAL B 381 3.06 38.41 -17.20
C VAL B 381 4.37 37.68 -16.90
N MET B 382 4.94 37.93 -15.73
CA MET B 382 6.18 37.30 -15.32
C MET B 382 5.90 35.89 -14.81
N PRO B 383 6.68 34.86 -15.23
CA PRO B 383 6.41 33.49 -14.77
C PRO B 383 6.96 33.22 -13.35
N MET B 384 6.65 32.06 -12.80
CA MET B 384 7.17 31.69 -11.51
C MET B 384 7.98 30.45 -11.73
N ARG B 385 9.03 30.29 -10.94
CA ARG B 385 9.88 29.11 -11.03
C ARG B 385 9.22 27.93 -10.32
N LEU B 386 8.72 26.93 -11.06
CA LEU B 386 8.06 25.77 -10.45
C LEU B 386 9.00 24.54 -10.30
N SER C 19 -1.86 73.29 16.79
CA SER C 19 -1.55 72.62 18.04
C SER C 19 -0.07 72.81 18.43
N HIS C 20 0.18 73.04 19.73
CA HIS C 20 1.50 73.28 20.29
C HIS C 20 1.83 72.24 21.37
N MET C 21 1.24 71.03 21.31
CA MET C 21 1.45 70.03 22.35
C MET C 21 2.83 69.37 22.32
N LYS C 22 3.40 69.10 23.51
CA LYS C 22 4.68 68.40 23.67
C LYS C 22 4.80 67.87 25.10
N PHE C 23 5.54 66.76 25.30
CA PHE C 23 5.78 66.18 26.63
C PHE C 23 6.94 65.19 26.59
N THR C 24 7.61 64.99 27.75
CA THR C 24 8.70 64.02 27.84
C THR C 24 8.48 63.17 29.09
N VAL C 25 8.17 61.89 28.89
CA VAL C 25 7.87 60.96 29.99
C VAL C 25 8.83 59.77 29.92
N GLU C 26 9.14 59.19 31.08
CA GLU C 26 9.96 57.98 31.13
C GLU C 26 9.07 56.75 30.81
N ARG C 27 9.62 55.78 30.05
CA ARG C 27 8.89 54.60 29.56
C ARG C 27 8.03 53.92 30.60
N GLU C 28 8.56 53.71 31.80
CA GLU C 28 7.83 53.01 32.87
C GLU C 28 6.53 53.73 33.24
N HIS C 29 6.51 55.07 33.15
CA HIS C 29 5.33 55.86 33.51
C HIS C 29 4.23 55.84 32.46
N LEU C 30 4.50 55.29 31.28
CA LEU C 30 3.51 55.25 30.21
C LEU C 30 3.02 53.84 29.91
N LEU C 31 3.70 52.82 30.40
CA LEU C 31 3.36 51.47 30.00
C LEU C 31 2.02 50.95 30.53
N LYS C 32 1.83 50.98 31.86
CA LYS C 32 0.60 50.47 32.43
C LYS C 32 -0.58 51.32 31.98
N PRO C 33 -0.49 52.67 31.99
CA PRO C 33 -1.61 53.48 31.50
C PRO C 33 -1.99 53.22 30.06
N LEU C 34 -1.00 53.04 29.18
CA LEU C 34 -1.30 52.76 27.78
C LEU C 34 -2.00 51.42 27.59
N GLN C 35 -1.52 50.38 28.30
CA GLN C 35 -2.12 49.05 28.25
C GLN C 35 -3.57 49.07 28.75
N GLN C 36 -3.82 49.86 29.79
CA GLN C 36 -5.15 49.98 30.40
C GLN C 36 -6.16 50.69 29.50
N VAL C 37 -5.80 51.88 28.98
CA VAL C 37 -6.71 52.64 28.11
C VAL C 37 -6.93 51.97 26.75
N SER C 38 -6.08 51.00 26.35
CA SER C 38 -6.24 50.25 25.10
C SER C 38 -7.16 49.01 25.24
N GLY C 39 -7.81 48.89 26.39
CA GLY C 39 -8.76 47.82 26.64
C GLY C 39 -10.06 47.96 25.86
N PRO C 40 -10.80 49.10 26.03
CA PRO C 40 -12.08 49.26 25.27
C PRO C 40 -11.95 49.19 23.74
N LEU C 41 -10.69 49.27 23.23
CA LEU C 41 -10.37 49.26 21.81
C LEU C 41 -10.17 47.82 21.33
N GLY C 42 -10.81 47.48 20.21
CA GLY C 42 -10.75 46.15 19.65
C GLY C 42 -10.58 46.12 18.14
N GLY C 43 -10.73 44.95 17.55
CA GLY C 43 -10.60 44.77 16.12
C GLY C 43 -11.79 45.27 15.34
N ARG C 44 -11.52 45.69 14.10
CA ARG C 44 -12.52 46.30 13.22
C ARG C 44 -13.29 47.40 13.96
N PRO C 45 -12.65 48.54 14.39
CA PRO C 45 -13.43 49.60 15.02
C PRO C 45 -14.35 50.25 13.98
N THR C 46 -15.58 50.62 14.37
CA THR C 46 -16.54 51.19 13.44
C THR C 46 -16.03 52.53 12.83
N LEU C 47 -15.46 53.40 13.69
CA LEU C 47 -14.91 54.68 13.29
C LEU C 47 -13.39 54.66 13.42
N PRO C 48 -12.68 55.41 12.57
CA PRO C 48 -11.22 55.43 12.67
C PRO C 48 -10.70 56.02 13.97
N ILE C 49 -11.35 57.10 14.44
CA ILE C 49 -11.01 57.75 15.70
C ILE C 49 -11.12 56.79 16.90
N LEU C 50 -12.01 55.77 16.82
CA LEU C 50 -12.18 54.80 17.91
C LEU C 50 -11.00 53.81 18.03
N GLY C 51 -10.02 53.91 17.14
CA GLY C 51 -8.78 53.15 17.22
C GLY C 51 -7.60 53.97 17.78
N ASN C 52 -7.84 55.27 18.01
CA ASN C 52 -6.83 56.19 18.53
C ASN C 52 -7.05 56.47 20.02
N LEU C 53 -6.00 57.00 20.70
CA LEU C 53 -6.07 57.41 22.11
C LEU C 53 -5.94 58.92 22.21
N LEU C 54 -6.83 59.58 22.98
CA LEU C 54 -6.81 61.03 23.14
C LEU C 54 -5.78 61.40 24.16
N LEU C 55 -4.68 62.03 23.70
CA LEU C 55 -3.61 62.50 24.56
C LEU C 55 -3.81 64.02 24.78
N GLN C 56 -3.83 64.47 26.01
CA GLN C 56 -4.00 65.91 26.25
C GLN C 56 -3.23 66.27 27.48
N VAL C 57 -2.65 67.48 27.49
CA VAL C 57 -1.77 67.91 28.57
C VAL C 57 -2.37 69.09 29.32
N ALA C 58 -2.58 68.89 30.64
CA ALA C 58 -3.13 69.89 31.55
C ALA C 58 -1.98 70.67 32.21
N ASP C 59 -2.26 71.41 33.32
CA ASP C 59 -1.21 72.16 34.02
C ASP C 59 0.10 71.32 34.14
N GLY C 60 0.00 70.15 34.75
CA GLY C 60 1.16 69.30 34.97
C GLY C 60 0.96 67.83 34.68
N THR C 61 -0.09 67.49 33.91
CA THR C 61 -0.44 66.08 33.72
C THR C 61 -0.77 65.72 32.29
N LEU C 62 -0.64 64.44 31.96
CA LEU C 62 -0.98 63.89 30.64
C LEU C 62 -2.19 63.00 30.82
N SER C 63 -3.20 63.15 29.95
CA SER C 63 -4.42 62.34 30.06
C SER C 63 -4.59 61.48 28.81
N LEU C 64 -4.58 60.16 29.00
CA LEU C 64 -4.76 59.20 27.92
C LEU C 64 -6.19 58.70 28.04
N THR C 65 -6.98 58.81 26.94
CA THR C 65 -8.38 58.36 26.96
C THR C 65 -8.62 57.39 25.79
N GLY C 66 -9.32 56.30 26.07
CA GLY C 66 -9.65 55.29 25.06
C GLY C 66 -11.11 54.88 25.14
N THR C 67 -11.87 55.04 24.04
CA THR C 67 -13.31 54.78 24.03
C THR C 67 -13.76 53.91 22.85
N ASP C 68 -14.96 53.32 23.00
CA ASP C 68 -15.63 52.56 21.96
C ASP C 68 -17.07 53.10 21.84
N LEU C 69 -17.28 54.43 22.12
CA LEU C 69 -18.56 55.15 22.20
C LEU C 69 -19.35 54.80 23.45
N GLU C 70 -19.63 53.50 23.67
CA GLU C 70 -20.41 53.02 24.81
C GLU C 70 -19.64 53.15 26.16
N MET C 71 -18.31 52.93 26.18
CA MET C 71 -17.53 53.08 27.43
C MET C 71 -16.21 53.79 27.18
N GLU C 72 -15.62 54.35 28.24
CA GLU C 72 -14.34 55.02 28.11
C GLU C 72 -13.46 54.72 29.30
N MET C 73 -12.16 54.93 29.13
CA MET C 73 -11.16 54.70 30.16
C MET C 73 -10.17 55.85 30.14
N VAL C 74 -10.02 56.56 31.27
CA VAL C 74 -9.11 57.71 31.34
C VAL C 74 -7.96 57.43 32.30
N ALA C 75 -6.72 57.61 31.85
CA ALA C 75 -5.56 57.47 32.73
C ALA C 75 -4.90 58.81 32.89
N ARG C 76 -4.51 59.15 34.09
CA ARG C 76 -3.83 60.43 34.36
C ARG C 76 -2.36 60.15 34.73
N VAL C 77 -1.41 60.77 33.99
CA VAL C 77 0.00 60.54 34.23
C VAL C 77 0.67 61.86 34.59
N ALA C 78 1.34 61.91 35.74
CA ALA C 78 2.02 63.11 36.22
C ALA C 78 3.26 63.42 35.38
N LEU C 79 3.39 64.68 34.93
CA LEU C 79 4.51 65.14 34.09
C LEU C 79 5.50 66.00 34.90
N VAL C 80 6.69 65.46 35.19
CA VAL C 80 7.70 66.17 35.98
C VAL C 80 8.62 66.99 35.07
N GLN C 81 8.80 66.56 33.81
CA GLN C 81 9.69 67.26 32.88
C GLN C 81 8.92 68.31 32.09
N PRO C 82 9.61 69.37 31.63
CA PRO C 82 8.90 70.45 30.91
C PRO C 82 8.07 69.96 29.73
N HIS C 83 6.92 70.59 29.52
CA HIS C 83 5.96 70.22 28.49
C HIS C 83 5.14 71.44 28.04
N GLU C 84 4.34 71.28 26.99
CA GLU C 84 3.49 72.36 26.55
C GLU C 84 2.05 71.84 26.40
N PRO C 85 1.03 72.65 26.78
CA PRO C 85 -0.36 72.17 26.69
C PRO C 85 -0.85 72.00 25.25
N GLY C 86 -1.89 71.18 25.09
CA GLY C 86 -2.50 70.90 23.80
C GLY C 86 -3.08 69.50 23.78
N ALA C 87 -3.58 69.04 22.63
CA ALA C 87 -4.18 67.70 22.54
C ALA C 87 -4.24 67.16 21.11
N THR C 88 -4.21 65.82 21.00
CA THR C 88 -4.36 65.10 19.72
C THR C 88 -4.68 63.63 20.02
N THR C 89 -5.06 62.86 18.98
CA THR C 89 -5.32 61.43 19.12
C THR C 89 -4.32 60.65 18.26
N VAL C 90 -3.81 59.53 18.77
CA VAL C 90 -2.79 58.73 18.07
C VAL C 90 -3.14 57.22 18.09
N PRO C 91 -2.83 56.43 17.03
CA PRO C 91 -3.19 54.99 17.05
C PRO C 91 -2.71 54.26 18.30
N ALA C 92 -3.59 53.52 18.97
CA ALA C 92 -3.25 52.87 20.23
C ALA C 92 -2.23 51.75 20.07
N ARG C 93 -2.48 50.77 19.20
CA ARG C 93 -1.58 49.61 19.11
C ARG C 93 -0.18 50.01 18.63
N LYS C 94 -0.09 51.00 17.74
CA LYS C 94 1.21 51.45 17.28
C LYS C 94 1.92 52.20 18.40
N PHE C 95 1.24 53.18 19.02
CA PHE C 95 1.86 53.96 20.08
C PHE C 95 2.25 53.09 21.28
N PHE C 96 1.44 52.12 21.64
CA PHE C 96 1.79 51.20 22.73
C PHE C 96 2.95 50.29 22.34
N ASP C 97 2.86 49.61 21.20
CA ASP C 97 3.93 48.69 20.79
C ASP C 97 5.25 49.41 20.67
N ILE C 98 5.23 50.71 20.33
CA ILE C 98 6.44 51.53 20.23
C ILE C 98 7.03 51.74 21.64
N CYS C 99 6.21 52.21 22.58
CA CYS C 99 6.66 52.43 23.95
C CYS C 99 7.12 51.14 24.59
N ARG C 100 6.43 50.03 24.35
CA ARG C 100 6.82 48.74 24.92
C ARG C 100 8.11 48.22 24.27
N GLY C 101 8.22 48.38 22.95
CA GLY C 101 9.37 47.94 22.19
C GLY C 101 10.67 48.62 22.58
N LEU C 102 10.58 49.86 23.12
CA LEU C 102 11.75 50.62 23.55
C LEU C 102 12.43 49.96 24.77
N PRO C 103 13.75 50.21 24.95
CA PRO C 103 14.45 49.57 26.06
C PRO C 103 14.04 50.13 27.42
N GLU C 104 14.24 49.33 28.46
CA GLU C 104 13.85 49.68 29.82
C GLU C 104 14.57 50.96 30.26
N GLY C 105 13.79 51.95 30.68
CA GLY C 105 14.32 53.20 31.19
C GLY C 105 14.50 54.27 30.13
N ALA C 106 13.81 54.12 28.99
CA ALA C 106 13.91 55.06 27.87
C ALA C 106 13.18 56.37 28.15
N GLU C 107 13.71 57.48 27.61
CA GLU C 107 13.09 58.81 27.75
C GLU C 107 12.32 59.06 26.48
N ILE C 108 10.97 59.04 26.56
CA ILE C 108 10.15 59.23 25.37
C ILE C 108 9.76 60.71 25.25
N ALA C 109 10.29 61.39 24.21
CA ALA C 109 9.98 62.79 23.92
C ALA C 109 8.97 62.86 22.76
N VAL C 110 7.75 63.29 23.06
CA VAL C 110 6.64 63.31 22.10
C VAL C 110 6.29 64.74 21.72
N GLN C 111 6.46 65.09 20.44
CA GLN C 111 6.12 66.40 19.90
C GLN C 111 4.97 66.24 18.91
N LEU C 112 4.46 67.34 18.40
CA LEU C 112 3.39 67.33 17.43
C LEU C 112 3.79 68.17 16.21
N GLU C 113 3.78 67.56 15.00
CA GLU C 113 4.12 68.27 13.75
C GLU C 113 2.95 68.30 12.74
N GLY C 114 1.95 69.12 13.02
CA GLY C 114 0.76 69.24 12.19
C GLY C 114 -0.11 68.00 12.31
N GLU C 115 -0.28 67.26 11.21
CA GLU C 115 -1.14 66.08 11.18
C GLU C 115 -0.38 64.79 11.52
N ARG C 116 0.80 64.89 12.17
CA ARG C 116 1.60 63.74 12.62
C ARG C 116 2.14 63.98 14.02
N MET C 117 2.41 62.90 14.78
CA MET C 117 2.98 62.97 16.13
C MET C 117 4.38 62.39 16.07
N LEU C 118 5.36 63.07 16.65
CA LEU C 118 6.75 62.61 16.63
C LEU C 118 7.21 62.06 17.99
N VAL C 119 7.29 60.73 18.09
CA VAL C 119 7.73 60.03 19.28
C VAL C 119 9.22 59.66 19.12
N ARG C 120 10.14 60.39 19.78
CA ARG C 120 11.59 60.10 19.69
C ARG C 120 12.15 59.63 21.03
N SER C 121 13.09 58.69 20.99
CA SER C 121 13.70 58.13 22.18
C SER C 121 15.05 57.52 21.82
N GLY C 122 16.12 58.26 22.10
CA GLY C 122 17.47 57.83 21.78
C GLY C 122 17.71 57.90 20.28
N ARG C 123 18.12 56.77 19.67
CA ARG C 123 18.32 56.71 18.22
C ARG C 123 17.06 56.22 17.46
N SER C 124 15.94 56.07 18.18
CA SER C 124 14.68 55.62 17.60
C SER C 124 13.80 56.85 17.35
N ARG C 125 13.19 56.93 16.16
CA ARG C 125 12.33 58.06 15.78
C ARG C 125 11.09 57.52 15.04
N PHE C 126 9.89 57.94 15.46
CA PHE C 126 8.63 57.47 14.88
C PHE C 126 7.72 58.62 14.55
N SER C 127 7.02 58.50 13.42
CA SER C 127 6.10 59.52 12.92
C SER C 127 4.72 58.87 12.78
N LEU C 128 3.83 59.12 13.76
CA LEU C 128 2.49 58.54 13.77
C LEU C 128 1.44 59.48 13.19
N SER C 129 0.48 58.95 12.43
CA SER C 129 -0.60 59.74 11.84
C SER C 129 -1.63 60.04 12.92
N THR C 130 -2.03 61.31 13.06
CA THR C 130 -2.99 61.71 14.10
C THR C 130 -4.30 62.21 13.52
N LEU C 131 -5.38 62.06 14.30
CA LEU C 131 -6.69 62.60 13.98
C LEU C 131 -6.99 63.72 15.00
N PRO C 132 -7.69 64.80 14.62
CA PRO C 132 -7.89 65.91 15.57
C PRO C 132 -8.51 65.52 16.91
N ALA C 133 -8.05 66.17 18.00
CA ALA C 133 -8.57 65.92 19.34
C ALA C 133 -10.03 66.32 19.46
N ALA C 134 -10.45 67.37 18.73
CA ALA C 134 -11.82 67.87 18.77
C ALA C 134 -12.83 66.83 18.26
N ASP C 135 -12.38 65.88 17.42
CA ASP C 135 -13.23 64.82 16.88
C ASP C 135 -13.37 63.60 17.82
N PHE C 136 -12.67 63.60 18.98
CA PHE C 136 -12.71 62.47 19.91
C PHE C 136 -14.05 62.43 20.66
N PRO C 137 -14.68 61.23 20.80
CA PRO C 137 -15.99 61.16 21.47
C PRO C 137 -15.99 61.51 22.97
N ASN C 138 -16.64 62.63 23.36
CA ASN C 138 -16.77 62.99 24.76
C ASN C 138 -18.16 62.60 25.25
N LEU C 139 -18.23 61.73 26.27
CA LEU C 139 -19.50 61.31 26.87
C LEU C 139 -20.19 62.51 27.52
N ASP C 140 -21.48 62.76 27.17
CA ASP C 140 -22.26 63.88 27.73
C ASP C 140 -22.32 63.78 29.25
N ASP C 141 -21.96 64.87 29.96
CA ASP C 141 -21.86 64.89 31.42
C ASP C 141 -23.09 64.29 32.09
N TRP C 142 -22.88 63.42 33.06
CA TRP C 142 -23.96 62.74 33.78
C TRP C 142 -23.86 63.10 35.28
N GLN C 143 -24.87 62.70 36.05
CA GLN C 143 -24.93 63.05 37.46
C GLN C 143 -24.89 61.83 38.33
N SER C 144 -24.02 61.80 39.36
CA SER C 144 -24.05 60.61 40.21
C SER C 144 -25.21 60.63 41.17
N GLU C 145 -25.77 59.45 41.43
CA GLU C 145 -26.89 59.27 42.36
C GLU C 145 -26.43 58.45 43.57
N VAL C 146 -25.77 57.30 43.31
CA VAL C 146 -25.28 56.44 44.37
C VAL C 146 -23.75 56.43 44.30
N GLU C 147 -23.07 56.64 45.43
CA GLU C 147 -21.62 56.70 45.47
C GLU C 147 -21.10 55.87 46.63
N PHE C 148 -20.21 54.89 46.35
CA PHE C 148 -19.66 54.04 47.41
C PHE C 148 -18.24 53.66 47.11
N THR C 149 -17.49 53.24 48.15
CA THR C 149 -16.13 52.74 48.05
C THR C 149 -16.05 51.33 48.61
N LEU C 150 -15.20 50.50 48.01
CA LEU C 150 -14.99 49.13 48.47
C LEU C 150 -13.64 48.60 47.95
N PRO C 151 -13.10 47.54 48.56
CA PRO C 151 -11.80 47.02 48.09
C PRO C 151 -11.89 46.40 46.71
N GLN C 152 -10.79 46.40 45.96
CA GLN C 152 -10.80 45.78 44.63
C GLN C 152 -11.14 44.28 44.70
N ALA C 153 -10.62 43.57 45.70
CA ALA C 153 -10.90 42.15 45.86
C ALA C 153 -12.41 41.84 46.00
N THR C 154 -13.16 42.77 46.61
CA THR C 154 -14.60 42.64 46.79
C THR C 154 -15.30 42.71 45.44
N MET C 155 -15.02 43.76 44.66
CA MET C 155 -15.60 43.91 43.33
C MET C 155 -15.19 42.75 42.43
N LYS C 156 -13.90 42.36 42.48
CA LYS C 156 -13.40 41.24 41.69
C LYS C 156 -14.19 39.96 41.97
N ARG C 157 -14.38 39.65 43.27
CA ARG C 157 -15.13 38.46 43.67
C ARG C 157 -16.56 38.55 43.19
N LEU C 158 -17.20 39.72 43.37
CA LEU C 158 -18.57 39.95 42.93
C LEU C 158 -18.76 39.74 41.42
N ILE C 159 -17.83 40.24 40.61
CA ILE C 159 -17.91 40.06 39.16
C ILE C 159 -17.52 38.63 38.80
N GLU C 160 -16.35 38.15 39.28
CA GLU C 160 -15.86 36.80 38.99
C GLU C 160 -16.91 35.72 39.25
N ALA C 161 -17.60 35.80 40.39
CA ALA C 161 -18.58 34.80 40.79
C ALA C 161 -19.91 34.84 40.00
N THR C 162 -20.12 35.78 39.07
CA THR C 162 -21.38 35.88 38.31
C THR C 162 -21.23 36.13 36.81
N GLN C 163 -20.03 36.60 36.33
CA GLN C 163 -19.85 37.03 34.94
C GLN C 163 -20.16 35.92 33.93
N PHE C 164 -19.87 34.66 34.27
CA PHE C 164 -20.11 33.55 33.35
C PHE C 164 -21.59 33.35 32.99
N SER C 165 -22.52 33.73 33.89
CA SER C 165 -23.95 33.55 33.67
C SER C 165 -24.57 34.63 32.79
N MET C 166 -23.82 35.69 32.40
CA MET C 166 -24.38 36.74 31.53
C MET C 166 -24.74 36.19 30.15
N ALA C 167 -25.75 36.80 29.50
CA ALA C 167 -26.10 36.41 28.14
C ALA C 167 -25.18 37.10 27.15
N HIS C 168 -24.99 36.46 26.00
CA HIS C 168 -24.11 36.91 24.94
C HIS C 168 -25.02 37.10 23.74
N GLN C 169 -25.26 38.36 23.32
CA GLN C 169 -26.03 38.69 22.11
C GLN C 169 -27.42 38.08 22.04
N ASP C 170 -28.07 37.88 23.21
CA ASP C 170 -29.47 37.48 23.29
C ASP C 170 -30.31 38.65 22.75
N VAL C 171 -31.44 38.34 22.08
CA VAL C 171 -32.34 39.38 21.59
C VAL C 171 -32.84 40.20 22.76
N ARG C 172 -32.97 39.57 23.94
CA ARG C 172 -33.35 40.23 25.18
C ARG C 172 -32.15 41.02 25.69
N TYR C 173 -31.93 42.19 25.08
CA TYR C 173 -30.79 43.09 25.31
C TYR C 173 -30.40 43.31 26.77
N TYR C 174 -31.38 43.36 27.68
CA TYR C 174 -31.14 43.57 29.12
C TYR C 174 -30.41 42.40 29.81
N LEU C 175 -30.40 41.19 29.19
CA LEU C 175 -29.69 40.01 29.74
C LEU C 175 -28.22 40.02 29.34
N ASN C 176 -27.84 40.80 28.31
CA ASN C 176 -26.47 40.92 27.82
C ASN C 176 -25.65 41.90 28.69
N GLY C 177 -25.52 41.55 29.95
CA GLY C 177 -24.87 42.39 30.95
C GLY C 177 -25.11 41.87 32.35
N MET C 178 -24.64 42.62 33.35
CA MET C 178 -24.72 42.25 34.76
C MET C 178 -25.41 43.31 35.57
N LEU C 179 -26.28 42.89 36.50
CA LEU C 179 -27.01 43.85 37.33
C LEU C 179 -26.17 44.16 38.54
N PHE C 180 -26.03 45.44 38.86
CA PHE C 180 -25.31 45.91 40.02
C PHE C 180 -26.33 46.56 40.93
N GLU C 181 -26.81 45.78 41.91
CA GLU C 181 -27.85 46.20 42.82
C GLU C 181 -27.26 46.43 44.20
N THR C 182 -27.58 47.58 44.82
CA THR C 182 -27.17 47.92 46.19
C THR C 182 -28.40 47.78 47.12
N GLU C 183 -28.30 46.95 48.15
CA GLU C 183 -29.42 46.75 49.07
C GLU C 183 -28.91 46.73 50.52
N GLY C 184 -29.14 47.84 51.21
CA GLY C 184 -28.70 47.98 52.60
C GLY C 184 -27.20 48.20 52.69
N GLU C 185 -26.46 47.34 53.37
CA GLU C 185 -25.03 47.56 53.37
C GLU C 185 -24.36 46.78 52.26
N GLU C 186 -25.13 45.91 51.58
CA GLU C 186 -24.56 45.00 50.61
C GLU C 186 -24.51 45.58 49.23
N LEU C 187 -23.65 44.97 48.41
CA LEU C 187 -23.61 45.18 46.97
C LEU C 187 -23.82 43.81 46.32
N ARG C 188 -24.77 43.72 45.40
CA ARG C 188 -25.15 42.47 44.79
C ARG C 188 -24.95 42.54 43.29
N THR C 189 -24.43 41.46 42.72
CA THR C 189 -24.31 41.33 41.27
C THR C 189 -25.15 40.15 40.84
N VAL C 190 -26.00 40.34 39.83
CA VAL C 190 -26.85 39.27 39.32
C VAL C 190 -26.60 39.18 37.82
N ALA C 191 -26.48 37.95 37.31
CA ALA C 191 -26.34 37.71 35.89
C ALA C 191 -27.13 36.44 35.51
N THR C 192 -27.82 36.48 34.37
CA THR C 192 -28.62 35.35 33.91
C THR C 192 -28.84 35.42 32.41
N ASP C 193 -29.02 34.25 31.77
CA ASP C 193 -29.17 34.16 30.32
C ASP C 193 -30.47 33.50 29.88
N GLY C 194 -31.35 33.18 30.83
CA GLY C 194 -32.59 32.48 30.53
C GLY C 194 -32.56 31.00 30.82
N HIS C 195 -31.35 30.42 31.00
CA HIS C 195 -31.15 29.01 31.36
C HIS C 195 -30.61 28.83 32.76
N ARG C 196 -29.75 29.75 33.20
CA ARG C 196 -29.21 29.69 34.54
C ARG C 196 -29.07 31.09 35.09
N LEU C 197 -28.76 31.20 36.37
CA LEU C 197 -28.64 32.48 37.05
C LEU C 197 -27.55 32.40 38.10
N ALA C 198 -26.83 33.50 38.27
CA ALA C 198 -25.80 33.62 39.29
C ALA C 198 -26.04 34.89 40.04
N VAL C 199 -26.02 34.83 41.37
CA VAL C 199 -26.21 35.99 42.21
C VAL C 199 -25.20 35.96 43.35
N CYS C 200 -24.58 37.09 43.63
CA CYS C 200 -23.60 37.20 44.70
C CYS C 200 -23.76 38.54 45.33
N SER C 201 -23.72 38.57 46.65
CA SER C 201 -23.88 39.79 47.42
C SER C 201 -22.77 39.86 48.49
N MET C 202 -22.06 41.00 48.54
CA MET C 202 -20.97 41.19 49.50
C MET C 202 -21.23 42.44 50.37
N PRO C 203 -21.12 42.33 51.72
CA PRO C 203 -21.22 43.54 52.55
C PRO C 203 -20.00 44.46 52.35
N ILE C 204 -20.27 45.78 52.25
CA ILE C 204 -19.22 46.78 52.05
C ILE C 204 -19.20 47.84 53.15
N GLY C 205 -19.67 47.49 54.35
CA GLY C 205 -19.65 48.36 55.52
C GLY C 205 -20.14 49.78 55.29
N GLN C 206 -21.23 49.93 54.52
CA GLN C 206 -21.73 51.25 54.13
C GLN C 206 -23.26 51.27 54.00
N SER C 207 -23.91 52.33 54.48
CA SER C 207 -25.38 52.45 54.41
C SER C 207 -25.79 52.83 52.99
N LEU C 208 -26.33 51.88 52.21
CA LEU C 208 -26.68 52.17 50.82
C LEU C 208 -28.18 52.24 50.53
N PRO C 209 -28.56 53.10 49.56
CA PRO C 209 -29.96 53.13 49.12
C PRO C 209 -30.26 51.98 48.18
N SER C 210 -31.52 51.57 48.08
CA SER C 210 -31.91 50.50 47.15
C SER C 210 -31.92 51.01 45.70
N HIS C 211 -30.93 50.58 44.90
CA HIS C 211 -30.74 51.05 43.53
C HIS C 211 -30.17 49.91 42.70
N SER C 212 -30.79 49.61 41.54
CA SER C 212 -30.36 48.54 40.67
C SER C 212 -30.12 49.06 39.24
N VAL C 213 -28.91 48.78 38.67
CA VAL C 213 -28.52 49.20 37.31
C VAL C 213 -27.91 48.05 36.55
N ILE C 214 -28.08 48.02 35.23
CA ILE C 214 -27.51 46.98 34.36
C ILE C 214 -26.27 47.51 33.67
N VAL C 215 -25.10 46.96 34.00
CA VAL C 215 -23.84 47.32 33.36
C VAL C 215 -23.65 46.41 32.13
N PRO C 216 -23.37 46.95 30.93
CA PRO C 216 -23.25 46.08 29.76
C PRO C 216 -22.18 45.01 29.88
N ARG C 217 -22.36 43.92 29.10
CA ARG C 217 -21.46 42.79 29.09
CA ARG C 217 -21.46 42.78 29.08
C ARG C 217 -20.00 43.22 28.92
N LYS C 218 -19.71 44.04 27.90
CA LYS C 218 -18.33 44.45 27.60
C LYS C 218 -17.73 45.43 28.57
N GLY C 219 -18.58 46.22 29.23
CA GLY C 219 -18.15 47.11 30.30
C GLY C 219 -17.71 46.37 31.56
N VAL C 220 -18.48 45.34 31.96
CA VAL C 220 -18.18 44.48 33.10
C VAL C 220 -16.80 43.84 32.90
N ILE C 221 -16.52 43.34 31.68
CA ILE C 221 -15.25 42.67 31.39
C ILE C 221 -14.11 43.68 31.49
N GLU C 222 -14.33 44.88 30.93
CA GLU C 222 -13.34 45.98 30.95
C GLU C 222 -13.15 46.62 32.32
N LEU C 223 -14.11 46.46 33.22
CA LEU C 223 -13.97 46.92 34.58
C LEU C 223 -13.17 45.88 35.34
N MET C 224 -13.55 44.60 35.21
CA MET C 224 -12.85 43.51 35.90
C MET C 224 -11.35 43.49 35.58
N ARG C 225 -10.99 43.73 34.29
CA ARG C 225 -9.59 43.79 33.88
CA ARG C 225 -9.60 43.79 33.89
C ARG C 225 -8.83 44.82 34.72
N MET C 226 -9.40 46.00 34.85
CA MET C 226 -8.69 47.07 35.55
C MET C 226 -8.43 46.75 37.04
N LEU C 227 -9.12 45.74 37.60
CA LEU C 227 -8.92 45.31 38.97
C LEU C 227 -7.80 44.27 39.06
N ASP C 228 -6.72 44.63 39.77
CA ASP C 228 -5.56 43.75 39.93
C ASP C 228 -5.64 42.93 41.24
N GLY C 229 -6.46 43.40 42.19
CA GLY C 229 -6.58 42.79 43.51
C GLY C 229 -5.61 43.36 44.53
N GLY C 230 -4.96 44.47 44.18
CA GLY C 230 -3.99 45.13 45.04
C GLY C 230 -4.62 45.93 46.16
N ASP C 231 -3.76 46.43 47.05
CA ASP C 231 -4.19 47.22 48.21
C ASP C 231 -4.50 48.67 47.78
N ASN C 232 -5.72 48.88 47.29
CA ASN C 232 -6.22 50.20 46.97
C ASN C 232 -7.75 50.15 46.83
N PRO C 233 -8.45 51.17 47.35
CA PRO C 233 -9.91 51.20 47.19
C PRO C 233 -10.42 51.53 45.78
N LEU C 234 -11.70 51.22 45.55
CA LEU C 234 -12.39 51.45 44.29
C LEU C 234 -13.61 52.32 44.57
N ARG C 235 -13.65 53.53 44.00
CA ARG C 235 -14.81 54.38 44.18
C ARG C 235 -15.76 54.16 43.02
N VAL C 236 -16.99 53.68 43.28
CA VAL C 236 -18.01 53.48 42.25
C VAL C 236 -19.09 54.57 42.32
N GLN C 237 -19.40 55.19 41.18
CA GLN C 237 -20.45 56.21 41.09
C GLN C 237 -21.51 55.75 40.11
N ILE C 238 -22.71 55.43 40.60
CA ILE C 238 -23.81 55.01 39.73
C ILE C 238 -24.75 56.20 39.50
N GLY C 239 -24.92 56.58 38.24
CA GLY C 239 -25.77 57.71 37.87
C GLY C 239 -27.08 57.28 37.27
N SER C 240 -27.68 58.16 36.47
CA SER C 240 -28.97 57.88 35.84
C SER C 240 -28.80 56.87 34.70
N ASN C 241 -27.88 57.14 33.76
CA ASN C 241 -27.62 56.26 32.62
C ASN C 241 -26.13 55.94 32.45
N ASN C 242 -25.32 56.12 33.52
CA ASN C 242 -23.88 55.82 33.47
C ASN C 242 -23.39 55.24 34.79
N ILE C 243 -22.25 54.55 34.74
CA ILE C 243 -21.56 54.06 35.93
C ILE C 243 -20.10 54.44 35.81
N ARG C 244 -19.44 54.81 36.92
CA ARG C 244 -18.03 55.20 36.90
C ARG C 244 -17.27 54.46 37.99
N ALA C 245 -16.00 54.10 37.73
CA ALA C 245 -15.17 53.38 38.67
C ALA C 245 -13.77 54.00 38.74
N HIS C 246 -13.37 54.51 39.92
CA HIS C 246 -12.05 55.15 40.11
C HIS C 246 -11.12 54.23 40.90
N VAL C 247 -10.05 53.75 40.28
CA VAL C 247 -9.06 52.94 40.98
C VAL C 247 -7.68 53.49 40.62
N GLY C 248 -7.04 54.14 41.58
CA GLY C 248 -5.75 54.80 41.37
C GLY C 248 -5.84 55.96 40.41
N ASP C 249 -4.98 55.96 39.38
CA ASP C 249 -4.96 57.01 38.36
C ASP C 249 -5.80 56.64 37.12
N PHE C 250 -6.76 55.70 37.28
CA PHE C 250 -7.63 55.21 36.20
C PHE C 250 -9.08 55.48 36.53
N ILE C 251 -9.83 56.00 35.55
CA ILE C 251 -11.24 56.29 35.72
C ILE C 251 -12.01 55.61 34.57
N PHE C 252 -12.72 54.52 34.88
CA PHE C 252 -13.53 53.80 33.91
C PHE C 252 -14.96 54.32 33.96
N THR C 253 -15.55 54.59 32.80
CA THR C 253 -16.94 55.05 32.71
C THR C 253 -17.66 54.22 31.66
N SER C 254 -18.93 53.87 31.91
CA SER C 254 -19.70 53.04 30.97
C SER C 254 -21.19 53.41 31.00
N LYS C 255 -21.84 53.42 29.81
CA LYS C 255 -23.27 53.66 29.75
C LYS C 255 -23.99 52.43 30.28
N LEU C 256 -25.17 52.59 30.87
CA LEU C 256 -25.92 51.46 31.42
C LEU C 256 -26.92 50.97 30.41
N VAL C 257 -27.28 49.66 30.49
CA VAL C 257 -28.29 49.04 29.61
C VAL C 257 -29.66 49.48 30.12
N ASP C 258 -30.40 50.21 29.28
CA ASP C 258 -31.72 50.78 29.58
C ASP C 258 -32.79 49.70 29.40
N GLY C 259 -32.89 48.78 30.36
CA GLY C 259 -33.87 47.71 30.32
C GLY C 259 -34.36 47.30 31.69
N ARG C 260 -35.31 46.34 31.72
CA ARG C 260 -35.88 45.83 32.96
C ARG C 260 -35.35 44.42 33.23
N PHE C 261 -34.36 44.33 34.15
CA PHE C 261 -33.73 43.07 34.50
C PHE C 261 -34.69 42.21 35.33
N PRO C 262 -34.74 40.88 35.09
CA PRO C 262 -35.67 40.05 35.88
C PRO C 262 -35.34 39.98 37.37
N ASP C 263 -36.36 39.76 38.24
CA ASP C 263 -36.14 39.68 39.69
C ASP C 263 -35.56 38.33 40.06
N TYR C 264 -34.35 38.33 40.61
CA TYR C 264 -33.66 37.08 40.99
C TYR C 264 -34.43 36.31 42.07
N ARG C 265 -35.14 37.04 42.93
CA ARG C 265 -35.84 36.45 44.04
C ARG C 265 -36.96 35.53 43.55
N ARG C 266 -37.58 35.87 42.40
CA ARG C 266 -38.65 35.05 41.83
C ARG C 266 -38.12 33.81 41.13
N VAL C 267 -36.87 33.88 40.67
CA VAL C 267 -36.19 32.78 39.97
C VAL C 267 -35.73 31.71 40.97
N LEU C 268 -35.30 32.12 42.18
CA LEU C 268 -34.83 31.20 43.21
C LEU C 268 -35.91 30.18 43.54
N PRO C 269 -35.59 28.86 43.65
CA PRO C 269 -36.63 27.89 44.03
C PRO C 269 -37.28 28.23 45.38
N LYS C 270 -38.61 28.25 45.42
CA LYS C 270 -39.33 28.71 46.59
C LYS C 270 -39.12 27.77 47.72
N ASN C 271 -39.50 26.51 47.54
CA ASN C 271 -39.27 25.52 48.59
C ASN C 271 -38.77 24.21 48.05
N PRO C 272 -37.44 24.12 47.83
CA PRO C 272 -36.84 22.83 47.53
C PRO C 272 -36.71 22.02 48.84
N ASP C 273 -36.92 20.71 48.76
CA ASP C 273 -36.92 19.85 49.94
C ASP C 273 -35.92 18.69 49.82
N LYS C 274 -34.93 18.79 48.94
CA LYS C 274 -34.01 17.69 48.69
C LYS C 274 -32.61 18.26 48.60
N HIS C 275 -31.99 18.47 49.77
CA HIS C 275 -30.68 19.15 49.81
C HIS C 275 -29.52 18.14 49.85
N LEU C 276 -28.81 18.01 48.71
CA LEU C 276 -27.68 17.10 48.52
C LEU C 276 -26.44 17.86 48.90
N GLU C 277 -25.50 17.24 49.63
CA GLU C 277 -24.26 17.91 49.99
C GLU C 277 -23.05 17.03 49.64
N ALA C 278 -22.06 17.57 48.86
CA ALA C 278 -20.89 16.81 48.38
C ALA C 278 -19.66 17.70 48.22
N GLY C 279 -18.50 17.08 48.11
CA GLY C 279 -17.24 17.80 47.92
C GLY C 279 -17.18 18.47 46.56
N CYS C 280 -16.98 19.79 46.55
CA CYS C 280 -16.99 20.59 45.32
C CYS C 280 -16.06 20.03 44.25
N ASP C 281 -14.83 19.71 44.64
CA ASP C 281 -13.82 19.24 43.73
C ASP C 281 -14.09 17.82 43.22
N LEU C 282 -14.64 16.93 44.06
CA LEU C 282 -15.00 15.57 43.65
C LEU C 282 -16.19 15.57 42.71
N LEU C 283 -17.17 16.47 42.99
CA LEU C 283 -18.38 16.63 42.18
C LEU C 283 -18.02 17.22 40.81
N LYS C 284 -17.12 18.21 40.79
CA LYS C 284 -16.63 18.85 39.57
C LYS C 284 -15.89 17.86 38.69
N GLN C 285 -15.00 17.05 39.26
CA GLN C 285 -14.25 16.04 38.51
C GLN C 285 -15.17 15.02 37.87
N ALA C 286 -16.19 14.55 38.60
CA ALA C 286 -17.13 13.56 38.08
C ALA C 286 -17.90 14.11 36.88
N PHE C 287 -18.37 15.36 36.98
CA PHE C 287 -19.11 16.00 35.88
C PHE C 287 -18.20 16.26 34.69
N ALA C 288 -16.95 16.61 34.95
CA ALA C 288 -15.97 16.85 33.89
C ALA C 288 -15.66 15.56 33.14
N ARG C 289 -15.56 14.43 33.86
CA ARG C 289 -15.27 13.15 33.25
C ARG C 289 -16.50 12.61 32.50
N ALA C 290 -17.70 12.79 33.07
CA ALA C 290 -18.93 12.36 32.43
C ALA C 290 -19.18 13.14 31.13
N ALA C 291 -18.89 14.48 31.16
CA ALA C 291 -19.06 15.38 30.01
C ALA C 291 -18.33 14.90 28.76
N ILE C 292 -17.28 14.07 28.92
CA ILE C 292 -16.51 13.56 27.80
C ILE C 292 -17.40 12.76 26.84
N LEU C 293 -18.24 11.86 27.40
CA LEU C 293 -19.11 11.02 26.59
C LEU C 293 -20.54 11.54 26.55
N SER C 294 -20.71 12.87 26.72
CA SER C 294 -22.01 13.52 26.59
C SER C 294 -22.20 14.01 25.16
N ASN C 295 -23.42 14.43 24.82
CA ASN C 295 -23.73 14.95 23.50
C ASN C 295 -22.93 16.23 23.28
N GLU C 296 -22.27 16.36 22.14
CA GLU C 296 -21.37 17.48 21.86
C GLU C 296 -22.12 18.80 21.74
N LYS C 297 -23.41 18.76 21.32
CA LYS C 297 -24.25 19.95 21.10
C LYS C 297 -25.13 20.24 22.28
N PHE C 298 -25.78 19.21 22.83
CA PHE C 298 -26.74 19.39 23.92
C PHE C 298 -26.14 19.24 25.31
N ARG C 299 -25.03 18.50 25.45
CA ARG C 299 -24.30 18.31 26.71
C ARG C 299 -25.19 17.81 27.85
N GLY C 300 -26.00 16.81 27.57
CA GLY C 300 -26.96 16.24 28.51
C GLY C 300 -26.39 15.15 29.39
N VAL C 301 -26.56 15.30 30.71
CA VAL C 301 -26.18 14.30 31.70
C VAL C 301 -27.38 14.05 32.63
N ARG C 302 -27.56 12.81 33.10
CA ARG C 302 -28.64 12.42 34.01
C ARG C 302 -28.11 12.28 35.43
N LEU C 303 -28.83 12.84 36.42
CA LEU C 303 -28.46 12.74 37.83
C LEU C 303 -29.44 11.81 38.52
N TYR C 304 -28.94 10.74 39.17
CA TYR C 304 -29.80 9.82 39.93
C TYR C 304 -29.47 10.01 41.40
N VAL C 305 -30.29 10.79 42.11
CA VAL C 305 -30.03 11.10 43.52
C VAL C 305 -30.72 10.05 44.39
N SER C 306 -29.91 9.20 45.04
CA SER C 306 -30.38 8.12 45.93
C SER C 306 -29.89 8.36 47.37
N GLU C 307 -30.24 7.47 48.32
CA GLU C 307 -29.79 7.64 49.69
C GLU C 307 -28.26 7.66 49.73
N ASN C 308 -27.69 8.83 50.06
CA ASN C 308 -26.24 9.08 50.13
C ASN C 308 -25.47 8.56 48.92
N GLN C 309 -26.02 8.78 47.72
CA GLN C 309 -25.38 8.36 46.47
C GLN C 309 -25.93 9.13 45.26
N LEU C 310 -25.03 9.70 44.45
CA LEU C 310 -25.39 10.41 43.24
C LEU C 310 -24.78 9.67 42.06
N LYS C 311 -25.57 9.38 41.02
CA LYS C 311 -25.05 8.72 39.83
C LYS C 311 -25.22 9.65 38.63
N ILE C 312 -24.10 10.01 37.97
CA ILE C 312 -24.10 10.87 36.79
C ILE C 312 -23.93 9.96 35.57
N THR C 313 -24.84 10.05 34.58
CA THR C 313 -24.77 9.22 33.38
C THR C 313 -24.80 10.12 32.15
N ALA C 314 -23.86 9.92 31.23
CA ALA C 314 -23.79 10.72 30.00
C ALA C 314 -23.84 9.80 28.78
N ASN C 315 -24.62 10.19 27.75
CA ASN C 315 -24.75 9.44 26.49
C ASN C 315 -24.56 10.36 25.27
N ASN C 316 -24.00 9.83 24.18
CA ASN C 316 -23.80 10.65 22.99
C ASN C 316 -24.42 9.97 21.75
N PRO C 317 -24.51 10.62 20.59
CA PRO C 317 -25.07 9.94 19.42
C PRO C 317 -24.34 8.65 18.98
N GLU C 318 -23.03 8.53 19.29
CA GLU C 318 -22.24 7.34 18.97
C GLU C 318 -22.51 6.18 19.94
N GLN C 319 -23.52 6.31 20.83
CA GLN C 319 -23.93 5.29 21.78
C GLN C 319 -22.84 4.95 22.81
N GLU C 320 -21.98 5.92 23.14
CA GLU C 320 -20.97 5.71 24.18
C GLU C 320 -21.55 6.19 25.49
N GLU C 321 -21.22 5.52 26.59
CA GLU C 321 -21.80 5.82 27.88
C GLU C 321 -20.73 6.05 28.95
N ALA C 322 -20.86 7.12 29.75
CA ALA C 322 -20.01 7.37 30.93
C ALA C 322 -20.91 7.16 32.14
N GLU C 323 -20.32 6.74 33.28
CA GLU C 323 -21.07 6.56 34.51
C GLU C 323 -20.19 6.92 35.68
N GLU C 324 -20.65 7.83 36.55
CA GLU C 324 -19.90 8.27 37.73
C GLU C 324 -20.79 8.10 38.96
N ILE C 325 -20.30 7.39 39.98
CA ILE C 325 -21.03 7.20 41.22
C ILE C 325 -20.28 7.88 42.37
N LEU C 326 -20.96 8.76 43.11
CA LEU C 326 -20.35 9.53 44.19
C LEU C 326 -21.05 9.28 45.50
N ASP C 327 -20.32 9.38 46.61
CA ASP C 327 -20.88 9.26 47.93
C ASP C 327 -21.20 10.67 48.37
N VAL C 328 -22.50 10.98 48.48
CA VAL C 328 -22.98 12.31 48.86
C VAL C 328 -23.75 12.25 50.19
N THR C 329 -24.10 13.41 50.73
CA THR C 329 -24.88 13.52 51.95
C THR C 329 -26.28 13.88 51.49
N TYR C 330 -27.11 12.88 51.25
CA TYR C 330 -28.47 13.15 50.80
C TYR C 330 -29.43 12.10 51.34
N SER C 331 -30.57 12.56 51.88
CA SER C 331 -31.63 11.67 52.34
C SER C 331 -32.98 12.25 51.93
N GLY C 332 -33.89 11.36 51.59
CA GLY C 332 -35.19 11.75 51.06
C GLY C 332 -35.50 10.97 49.82
N ALA C 333 -36.53 11.38 49.08
CA ALA C 333 -37.00 10.58 47.96
C ALA C 333 -35.98 10.51 46.82
N GLU C 334 -36.00 9.39 46.10
CA GLU C 334 -35.15 9.19 44.93
C GLU C 334 -35.70 9.95 43.75
N MET C 335 -34.84 10.65 42.99
CA MET C 335 -35.28 11.37 41.80
C MET C 335 -34.24 11.34 40.66
N GLU C 336 -34.69 11.66 39.45
CA GLU C 336 -33.87 11.75 38.26
C GLU C 336 -34.01 13.14 37.71
N ILE C 337 -32.90 13.80 37.34
CA ILE C 337 -32.95 15.13 36.73
C ILE C 337 -31.86 15.28 35.64
N GLY C 338 -32.26 15.81 34.49
CA GLY C 338 -31.37 16.01 33.36
C GLY C 338 -30.75 17.38 33.41
N PHE C 339 -29.47 17.51 33.07
CA PHE C 339 -28.78 18.79 33.11
C PHE C 339 -27.76 18.99 31.99
N ASN C 340 -27.52 20.26 31.64
CA ASN C 340 -26.53 20.67 30.67
C ASN C 340 -25.21 20.71 31.43
N VAL C 341 -24.40 19.67 31.31
CA VAL C 341 -23.20 19.50 32.13
C VAL C 341 -22.28 20.73 32.11
N SER C 342 -22.25 21.51 31.00
CA SER C 342 -21.45 22.73 30.94
C SER C 342 -21.98 23.79 31.90
N TYR C 343 -23.31 23.94 31.98
CA TYR C 343 -23.90 24.90 32.92
C TYR C 343 -23.58 24.52 34.36
N VAL C 344 -23.56 23.19 34.67
CA VAL C 344 -23.28 22.68 36.02
C VAL C 344 -21.82 22.86 36.35
N LEU C 345 -20.92 22.54 35.41
CA LEU C 345 -19.49 22.70 35.64
C LEU C 345 -19.12 24.16 35.84
N ASP C 346 -19.78 25.07 35.09
CA ASP C 346 -19.56 26.51 35.22
C ASP C 346 -19.77 26.97 36.67
N VAL C 347 -20.80 26.44 37.34
CA VAL C 347 -21.13 26.78 38.71
C VAL C 347 -20.07 26.24 39.64
N LEU C 348 -19.70 24.96 39.47
CA LEU C 348 -18.72 24.29 40.34
C LEU C 348 -17.36 24.96 40.28
N ASN C 349 -17.02 25.55 39.13
CA ASN C 349 -15.77 26.29 38.95
C ASN C 349 -15.87 27.68 39.57
N ALA C 350 -17.06 28.28 39.53
CA ALA C 350 -17.30 29.58 40.14
C ALA C 350 -17.27 29.45 41.67
N LEU C 351 -17.73 28.31 42.19
CA LEU C 351 -17.67 27.99 43.61
C LEU C 351 -16.28 27.46 43.95
N LYS C 352 -15.36 28.34 44.31
CA LYS C 352 -14.01 27.91 44.69
C LYS C 352 -14.04 27.59 46.17
N CYS C 353 -14.67 26.48 46.53
CA CYS C 353 -14.90 26.08 47.93
C CYS C 353 -14.63 24.60 48.12
N GLU C 354 -14.84 24.12 49.35
CA GLU C 354 -14.59 22.72 49.69
C GLU C 354 -15.84 21.88 49.51
N ASN C 355 -17.00 22.32 50.04
CA ASN C 355 -18.25 21.56 49.95
C ASN C 355 -19.43 22.39 49.42
N VAL C 356 -20.28 21.77 48.59
CA VAL C 356 -21.41 22.45 47.93
C VAL C 356 -22.72 21.84 48.37
N ARG C 357 -23.81 22.59 48.19
CA ARG C 357 -25.15 22.13 48.51
C ARG C 357 -26.03 22.31 47.29
N MET C 358 -26.82 21.28 46.94
CA MET C 358 -27.75 21.35 45.81
C MET C 358 -29.17 21.21 46.32
N MET C 359 -30.06 22.14 45.95
CA MET C 359 -31.44 22.17 46.43
C MET C 359 -32.41 21.79 45.32
N LEU C 360 -32.76 20.51 45.23
CA LEU C 360 -33.62 20.02 44.15
C LEU C 360 -35.07 20.09 44.57
N THR C 361 -35.96 20.49 43.65
CA THR C 361 -37.42 20.58 43.88
C THR C 361 -38.08 19.32 43.28
N ASP C 362 -37.89 19.14 41.96
CA ASP C 362 -38.36 17.97 41.21
C ASP C 362 -37.59 17.87 39.86
N SER C 363 -37.91 16.86 39.07
CA SER C 363 -37.25 16.61 37.78
C SER C 363 -37.45 17.70 36.72
N VAL C 364 -38.50 18.53 36.83
CA VAL C 364 -38.76 19.58 35.82
C VAL C 364 -38.59 20.99 36.37
N SER C 365 -38.04 21.13 37.59
CA SER C 365 -37.83 22.44 38.20
C SER C 365 -36.35 22.71 38.46
N SER C 366 -36.00 24.01 38.56
CA SER C 366 -34.63 24.43 38.78
C SER C 366 -34.01 23.94 40.08
N VAL C 367 -32.67 23.81 40.11
CA VAL C 367 -31.92 23.44 41.32
C VAL C 367 -31.06 24.60 41.75
N GLN C 368 -31.01 24.88 43.05
CA GLN C 368 -30.18 25.94 43.56
C GLN C 368 -28.90 25.35 44.08
N ILE C 369 -27.79 25.76 43.52
CA ILE C 369 -26.50 25.28 43.95
C ILE C 369 -25.80 26.43 44.64
N GLU C 370 -25.20 26.15 45.80
CA GLU C 370 -24.44 27.18 46.50
C GLU C 370 -23.41 26.55 47.44
N ASP C 371 -22.50 27.38 47.97
CA ASP C 371 -21.49 26.91 48.90
C ASP C 371 -22.19 26.48 50.20
N ALA C 372 -21.85 25.28 50.71
CA ALA C 372 -22.46 24.76 51.93
C ALA C 372 -22.06 25.58 53.16
N ALA C 373 -20.94 26.33 53.07
CA ALA C 373 -20.46 27.17 54.17
C ALA C 373 -21.01 28.59 54.09
N SER C 374 -21.02 29.18 52.88
CA SER C 374 -21.44 30.57 52.69
C SER C 374 -22.63 30.69 51.73
N GLN C 375 -23.52 31.64 52.02
CA GLN C 375 -24.68 31.89 51.18
C GLN C 375 -24.60 33.25 50.46
N SER C 376 -23.38 33.87 50.41
CA SER C 376 -23.16 35.13 49.69
C SER C 376 -23.49 34.97 48.23
N ALA C 377 -23.10 33.82 47.65
CA ALA C 377 -23.40 33.51 46.25
C ALA C 377 -24.32 32.29 46.14
N ALA C 378 -25.29 32.37 45.25
CA ALA C 378 -26.22 31.29 44.95
C ALA C 378 -26.43 31.17 43.44
N TYR C 379 -26.61 29.95 42.95
CA TYR C 379 -26.75 29.70 41.52
C TYR C 379 -27.98 28.87 41.25
N VAL C 380 -28.75 29.22 40.22
CA VAL C 380 -29.95 28.48 39.84
C VAL C 380 -29.76 27.98 38.41
N VAL C 381 -29.91 26.67 38.19
CA VAL C 381 -29.73 26.07 36.87
C VAL C 381 -31.02 25.34 36.50
N MET C 382 -31.60 25.70 35.34
CA MET C 382 -32.80 25.04 34.83
C MET C 382 -32.43 23.69 34.16
N PRO C 383 -33.17 22.60 34.47
CA PRO C 383 -32.84 21.30 33.88
C PRO C 383 -33.31 21.11 32.43
N MET C 384 -32.84 20.01 31.81
CA MET C 384 -33.19 19.59 30.46
C MET C 384 -34.15 18.45 30.55
N ARG C 385 -35.01 18.27 29.55
CA ARG C 385 -35.90 17.11 29.54
C ARG C 385 -35.01 15.87 29.33
N LEU C 386 -35.37 14.77 30.02
CA LEU C 386 -34.64 13.51 29.98
C LEU C 386 -35.23 12.68 28.84
N SER D 19 -9.07 -12.33 21.15
CA SER D 19 -8.74 -10.92 21.31
C SER D 19 -9.62 -10.26 22.38
N HIS D 20 -9.52 -10.76 23.63
CA HIS D 20 -10.04 -10.05 24.79
C HIS D 20 -8.87 -9.18 25.23
N MET D 21 -9.13 -7.97 25.70
CA MET D 21 -7.99 -7.10 25.91
C MET D 21 -8.03 -6.51 27.27
N LYS D 22 -7.70 -7.33 28.24
CA LYS D 22 -7.72 -6.89 29.62
C LYS D 22 -6.32 -6.40 29.91
N PHE D 23 -6.23 -5.21 30.49
CA PHE D 23 -5.01 -4.69 31.09
C PHE D 23 -5.34 -3.75 32.22
N THR D 24 -4.46 -3.64 33.21
CA THR D 24 -4.65 -2.72 34.33
C THR D 24 -3.36 -1.93 34.54
N VAL D 25 -3.40 -0.62 34.23
CA VAL D 25 -2.23 0.24 34.33
C VAL D 25 -2.52 1.39 35.27
N GLU D 26 -1.45 1.82 35.97
CA GLU D 26 -1.42 3.01 36.82
C GLU D 26 -1.54 4.26 35.89
N ARG D 27 -2.60 5.08 36.11
CA ARG D 27 -2.92 6.29 35.35
C ARG D 27 -1.69 7.09 34.93
N GLU D 28 -0.69 7.29 35.80
CA GLU D 28 0.49 8.07 35.41
C GLU D 28 1.33 7.43 34.27
N HIS D 29 1.36 6.09 34.22
CA HIS D 29 2.15 5.40 33.21
C HIS D 29 1.57 5.50 31.81
N LEU D 30 0.27 5.83 31.71
CA LEU D 30 -0.44 6.02 30.43
C LEU D 30 -0.42 7.46 29.98
N LEU D 31 -0.24 8.39 30.91
CA LEU D 31 -0.40 9.79 30.55
C LEU D 31 0.59 10.33 29.51
N LYS D 32 1.91 10.22 29.74
CA LYS D 32 2.88 10.73 28.77
C LYS D 32 2.77 9.97 27.46
N PRO D 33 2.68 8.61 27.48
CA PRO D 33 2.51 7.87 26.22
C PRO D 33 1.27 8.25 25.43
N LEU D 34 0.13 8.44 26.11
CA LEU D 34 -1.10 8.83 25.42
C LEU D 34 -0.97 10.19 24.78
N GLN D 35 -0.38 11.16 25.50
CA GLN D 35 -0.16 12.50 24.99
C GLN D 35 0.74 12.49 23.77
N GLN D 36 1.79 11.63 23.79
CA GLN D 36 2.77 11.51 22.71
C GLN D 36 2.21 10.93 21.41
N VAL D 37 1.54 9.77 21.49
CA VAL D 37 0.98 9.14 20.31
C VAL D 37 -0.18 9.95 19.71
N SER D 38 -0.83 10.86 20.51
CA SER D 38 -1.93 11.72 20.04
C SER D 38 -1.44 12.99 19.29
N GLY D 39 -0.14 13.05 19.05
CA GLY D 39 0.48 14.15 18.32
C GLY D 39 0.14 14.14 16.84
N PRO D 40 0.45 13.02 16.11
CA PRO D 40 0.13 12.97 14.65
C PRO D 40 -1.34 13.20 14.31
N LEU D 41 -2.24 12.99 15.30
CA LEU D 41 -3.67 13.16 15.15
C LEU D 41 -4.03 14.66 15.23
N GLY D 42 -4.91 15.10 14.36
CA GLY D 42 -5.33 16.49 14.28
C GLY D 42 -6.84 16.64 14.37
N GLY D 43 -7.30 17.84 14.06
CA GLY D 43 -8.69 18.20 14.13
C GLY D 43 -9.55 17.43 13.15
N ARG D 44 -10.41 16.54 13.71
CA ARG D 44 -11.38 15.72 12.99
C ARG D 44 -10.71 15.12 11.78
N PRO D 45 -9.87 14.04 11.97
CA PRO D 45 -9.15 13.49 10.89
C PRO D 45 -10.10 12.85 9.81
N THR D 46 -9.61 12.82 8.55
CA THR D 46 -10.35 12.45 7.35
C THR D 46 -11.10 11.11 7.50
N LEU D 47 -10.44 10.10 8.07
CA LEU D 47 -11.11 8.84 8.29
C LEU D 47 -11.38 8.72 9.77
N PRO D 48 -12.39 7.95 10.17
CA PRO D 48 -12.66 7.79 11.59
C PRO D 48 -11.51 7.02 12.27
N ILE D 49 -10.94 6.07 11.52
CA ILE D 49 -9.85 5.22 12.02
C ILE D 49 -8.61 6.08 12.33
N LEU D 50 -8.46 7.25 11.66
CA LEU D 50 -7.34 8.17 11.89
C LEU D 50 -7.45 9.04 13.14
N GLY D 51 -8.54 8.83 13.88
CA GLY D 51 -8.75 9.50 15.15
C GLY D 51 -8.61 8.55 16.34
N ASN D 52 -8.36 7.25 16.08
CA ASN D 52 -8.29 6.21 17.10
C ASN D 52 -6.83 5.87 17.39
N LEU D 53 -6.56 5.28 18.55
CA LEU D 53 -5.23 4.80 18.87
C LEU D 53 -5.24 3.29 18.93
N LEU D 54 -4.28 2.65 18.26
CA LEU D 54 -4.18 1.19 18.28
C LEU D 54 -3.56 0.75 19.58
N LEU D 55 -4.35 0.04 20.40
CA LEU D 55 -3.90 -0.55 21.67
C LEU D 55 -3.65 -2.05 21.46
N GLN D 56 -2.42 -2.51 21.74
CA GLN D 56 -2.01 -3.89 21.52
C GLN D 56 -1.36 -4.42 22.79
N VAL D 57 -2.08 -5.30 23.52
CA VAL D 57 -1.53 -6.01 24.67
C VAL D 57 -0.92 -7.27 24.11
N ALA D 58 0.39 -7.35 24.26
CA ALA D 58 1.17 -8.43 23.71
C ALA D 58 2.23 -8.72 24.74
N ASP D 59 2.19 -9.93 25.35
CA ASP D 59 3.14 -10.37 26.39
C ASP D 59 2.99 -9.42 27.59
N GLY D 60 4.07 -8.88 28.17
CA GLY D 60 3.97 -7.92 29.26
C GLY D 60 4.10 -6.48 28.83
N THR D 61 3.61 -6.13 27.63
CA THR D 61 3.75 -4.79 27.08
C THR D 61 2.49 -4.33 26.37
N LEU D 62 2.07 -3.09 26.67
CA LEU D 62 0.97 -2.44 26.00
C LEU D 62 1.57 -1.52 24.94
N SER D 63 1.06 -1.57 23.72
CA SER D 63 1.56 -0.72 22.63
C SER D 63 0.47 0.23 22.14
N LEU D 64 0.71 1.53 22.27
CA LEU D 64 -0.21 2.55 21.82
C LEU D 64 0.34 3.11 20.50
N THR D 65 -0.46 3.11 19.43
CA THR D 65 0.00 3.62 18.13
C THR D 65 -0.96 4.69 17.61
N GLY D 66 -0.42 5.78 17.09
CA GLY D 66 -1.20 6.87 16.53
C GLY D 66 -0.65 7.33 15.20
N THR D 67 -1.48 7.33 14.16
CA THR D 67 -1.03 7.66 12.80
C THR D 67 -1.96 8.68 12.09
N ASP D 68 -1.45 9.26 11.00
CA ASP D 68 -2.17 10.15 10.10
C ASP D 68 -1.91 9.68 8.67
N LEU D 69 -1.67 8.36 8.48
CA LEU D 69 -1.28 7.73 7.23
C LEU D 69 0.19 7.98 6.86
N GLU D 70 0.60 9.25 6.78
CA GLU D 70 1.96 9.65 6.42
C GLU D 70 3.00 9.33 7.53
N MET D 71 2.64 9.46 8.83
CA MET D 71 3.58 9.16 9.91
C MET D 71 2.92 8.37 11.03
N GLU D 72 3.73 7.60 11.81
CA GLU D 72 3.28 6.66 12.86
C GLU D 72 4.09 6.88 14.14
N MET D 73 3.44 6.91 15.33
CA MET D 73 4.14 7.06 16.61
C MET D 73 3.75 5.90 17.50
N VAL D 74 4.72 5.09 17.95
CA VAL D 74 4.42 3.92 18.78
C VAL D 74 5.02 4.07 20.17
N ALA D 75 4.17 3.91 21.23
CA ALA D 75 4.62 3.98 22.62
C ALA D 75 4.44 2.62 23.31
N ARG D 76 5.54 2.07 23.88
CA ARG D 76 5.55 0.81 24.62
C ARG D 76 5.39 1.11 26.11
N VAL D 77 4.44 0.44 26.79
CA VAL D 77 4.23 0.61 28.22
C VAL D 77 4.28 -0.76 28.90
N ALA D 78 5.13 -0.92 29.93
CA ALA D 78 5.30 -2.19 30.64
C ALA D 78 4.11 -2.51 31.52
N LEU D 79 3.72 -3.82 31.56
CA LEU D 79 2.60 -4.34 32.38
C LEU D 79 3.05 -5.31 33.51
N VAL D 80 2.86 -4.88 34.77
CA VAL D 80 3.25 -5.66 35.93
C VAL D 80 2.04 -6.23 36.62
N GLN D 81 0.82 -5.97 36.09
CA GLN D 81 -0.41 -6.47 36.70
C GLN D 81 -1.07 -7.42 35.69
N PRO D 82 -1.96 -8.35 36.14
CA PRO D 82 -2.49 -9.33 35.22
C PRO D 82 -3.21 -8.72 34.02
N HIS D 83 -3.04 -9.33 32.84
CA HIS D 83 -3.62 -8.84 31.60
C HIS D 83 -3.86 -9.99 30.63
N GLU D 84 -4.62 -9.78 29.57
CA GLU D 84 -4.86 -10.82 28.58
C GLU D 84 -4.61 -10.20 27.19
N PRO D 85 -3.83 -10.86 26.31
CA PRO D 85 -3.45 -10.22 25.04
C PRO D 85 -4.57 -10.10 24.02
N GLY D 86 -4.40 -9.13 23.12
CA GLY D 86 -5.35 -8.81 22.07
C GLY D 86 -5.13 -7.40 21.56
N ALA D 87 -5.99 -6.91 20.66
CA ALA D 87 -5.81 -5.56 20.14
C ALA D 87 -7.11 -4.92 19.64
N THR D 88 -7.16 -3.58 19.72
CA THR D 88 -8.30 -2.79 19.24
C THR D 88 -7.86 -1.33 19.13
N THR D 89 -8.70 -0.48 18.51
CA THR D 89 -8.44 0.95 18.40
C THR D 89 -9.57 1.71 19.12
N VAL D 90 -9.23 2.81 19.81
CA VAL D 90 -10.24 3.56 20.59
C VAL D 90 -9.99 5.07 20.41
N PRO D 91 -11.04 5.90 20.40
CA PRO D 91 -10.83 7.34 20.14
C PRO D 91 -9.76 7.97 21.03
N ALA D 92 -8.81 8.66 20.42
CA ALA D 92 -7.67 9.23 21.13
C ALA D 92 -8.05 10.32 22.13
N ARG D 93 -8.82 11.34 21.70
CA ARG D 93 -9.17 12.47 22.57
CA ARG D 93 -9.17 12.47 22.58
C ARG D 93 -10.05 12.04 23.74
N LYS D 94 -10.97 11.12 23.50
CA LYS D 94 -11.84 10.65 24.57
C LYS D 94 -11.04 9.81 25.56
N PHE D 95 -10.28 8.83 25.06
CA PHE D 95 -9.49 7.97 25.94
C PHE D 95 -8.44 8.75 26.75
N PHE D 96 -7.76 9.73 26.13
CA PHE D 96 -6.81 10.55 26.85
C PHE D 96 -7.51 11.45 27.88
N ASP D 97 -8.53 12.18 27.46
CA ASP D 97 -9.22 13.09 28.38
C ASP D 97 -9.82 12.35 29.58
N ILE D 98 -10.19 11.07 29.40
CA ILE D 98 -10.70 10.22 30.48
C ILE D 98 -9.57 9.90 31.46
N CYS D 99 -8.44 9.40 30.95
CA CYS D 99 -7.28 9.08 31.80
C CYS D 99 -6.77 10.31 32.52
N ARG D 100 -6.70 11.46 31.83
CA ARG D 100 -6.23 12.69 32.45
C ARG D 100 -7.25 13.21 33.49
N GLY D 101 -8.54 13.12 33.16
CA GLY D 101 -9.62 13.59 34.03
C GLY D 101 -9.76 12.82 35.32
N LEU D 102 -9.22 11.57 35.37
CA LEU D 102 -9.26 10.75 36.59
C LEU D 102 -8.34 11.34 37.65
N PRO D 103 -8.61 11.04 38.94
CA PRO D 103 -7.82 11.67 40.00
C PRO D 103 -6.37 11.20 40.01
N GLU D 104 -5.53 12.02 40.67
CA GLU D 104 -4.10 11.78 40.82
C GLU D 104 -3.89 10.41 41.40
N GLY D 105 -3.27 9.54 40.63
CA GLY D 105 -3.04 8.18 41.05
C GLY D 105 -4.28 7.33 41.04
N ALA D 106 -4.60 6.81 39.87
CA ALA D 106 -5.80 6.01 39.69
C ALA D 106 -5.40 4.73 38.96
N GLU D 107 -6.08 3.63 39.29
CA GLU D 107 -5.84 2.33 38.69
C GLU D 107 -6.84 2.15 37.55
N ILE D 108 -6.36 2.23 36.32
CA ILE D 108 -7.25 2.13 35.16
C ILE D 108 -7.31 0.68 34.69
N ALA D 109 -8.50 0.05 34.82
CA ALA D 109 -8.73 -1.31 34.36
C ALA D 109 -9.49 -1.27 33.03
N VAL D 110 -8.80 -1.60 31.93
CA VAL D 110 -9.38 -1.56 30.59
C VAL D 110 -9.65 -2.94 30.10
N GLN D 111 -10.83 -3.14 29.52
CA GLN D 111 -11.21 -4.45 29.05
C GLN D 111 -12.06 -4.29 27.82
N LEU D 112 -11.53 -4.76 26.69
CA LEU D 112 -12.26 -4.75 25.44
C LEU D 112 -13.41 -5.74 25.58
N GLU D 113 -14.64 -5.21 25.56
CA GLU D 113 -15.80 -6.05 25.68
C GLU D 113 -16.65 -5.97 24.39
N GLY D 114 -16.18 -6.67 23.36
CA GLY D 114 -16.88 -6.74 22.09
C GLY D 114 -16.61 -5.53 21.22
N GLU D 115 -17.67 -4.96 20.64
CA GLU D 115 -17.55 -3.79 19.78
C GLU D 115 -17.05 -2.56 20.54
N ARG D 116 -17.14 -2.55 21.90
CA ARG D 116 -16.75 -1.39 22.71
C ARG D 116 -15.69 -1.74 23.72
N MET D 117 -15.01 -0.70 24.26
CA MET D 117 -13.92 -0.86 25.23
C MET D 117 -14.42 -0.34 26.56
N LEU D 118 -14.28 -1.14 27.61
CA LEU D 118 -14.74 -0.73 28.93
C LEU D 118 -13.56 -0.23 29.79
N VAL D 119 -13.57 1.07 30.12
CA VAL D 119 -12.54 1.70 30.95
C VAL D 119 -13.15 1.94 32.34
N ARG D 120 -12.65 1.23 33.38
CA ARG D 120 -13.13 1.37 34.74
C ARG D 120 -12.00 1.80 35.68
N SER D 121 -12.30 2.74 36.59
CA SER D 121 -11.34 3.23 37.58
C SER D 121 -12.08 3.77 38.81
N GLY D 122 -12.19 2.92 39.84
CA GLY D 122 -12.94 3.23 41.03
C GLY D 122 -14.42 3.14 40.75
N ARG D 123 -15.18 4.21 41.04
CA ARG D 123 -16.61 4.23 40.72
C ARG D 123 -16.90 4.94 39.38
N SER D 124 -15.84 5.23 38.59
CA SER D 124 -15.95 5.80 37.26
C SER D 124 -15.91 4.66 36.24
N ARG D 125 -16.84 4.68 35.26
CA ARG D 125 -16.97 3.63 34.24
C ARG D 125 -17.24 4.29 32.88
N PHE D 126 -16.50 3.90 31.85
CA PHE D 126 -16.65 4.47 30.52
C PHE D 126 -16.73 3.38 29.47
N SER D 127 -17.64 3.52 28.49
CA SER D 127 -17.79 2.55 27.41
C SER D 127 -17.55 3.25 26.08
N LEU D 128 -16.31 3.07 25.54
CA LEU D 128 -15.83 3.73 24.31
C LEU D 128 -16.08 2.86 23.08
N SER D 129 -16.50 3.48 21.96
CA SER D 129 -16.76 2.77 20.71
C SER D 129 -15.44 2.48 20.04
N THR D 130 -15.23 1.23 19.62
CA THR D 130 -13.95 0.83 19.02
C THR D 130 -14.10 0.41 17.58
N LEU D 131 -13.03 0.56 16.83
CA LEU D 131 -12.94 0.10 15.45
C LEU D 131 -11.93 -1.05 15.42
N PRO D 132 -12.12 -2.08 14.57
CA PRO D 132 -11.19 -3.22 14.59
C PRO D 132 -9.72 -2.85 14.43
N ALA D 133 -8.85 -3.57 15.15
CA ALA D 133 -7.41 -3.36 15.08
C ALA D 133 -6.85 -3.68 13.69
N ALA D 134 -7.45 -4.68 13.00
CA ALA D 134 -7.03 -5.09 11.67
C ALA D 134 -7.17 -3.97 10.63
N ASP D 135 -8.08 -3.02 10.87
CA ASP D 135 -8.31 -1.90 9.96
C ASP D 135 -7.33 -0.72 10.19
N PHE D 136 -6.45 -0.80 11.22
CA PHE D 136 -5.53 0.28 11.53
C PHE D 136 -4.44 0.38 10.48
N PRO D 137 -4.07 1.60 10.02
CA PRO D 137 -3.02 1.72 8.99
C PRO D 137 -1.61 1.30 9.46
N ASN D 138 -1.09 0.16 9.02
CA ASN D 138 0.27 -0.18 9.43
C ASN D 138 1.23 0.15 8.30
N LEU D 139 2.32 0.90 8.60
CA LEU D 139 3.27 1.33 7.58
C LEU D 139 3.98 0.15 6.97
N ASP D 140 4.36 0.27 5.68
CA ASP D 140 5.04 -0.78 4.93
C ASP D 140 6.34 -1.21 5.62
N ASP D 141 6.52 -2.53 5.88
CA ASP D 141 7.77 -3.00 6.46
C ASP D 141 8.92 -2.67 5.51
N TRP D 142 9.91 -1.94 6.01
CA TRP D 142 11.01 -1.44 5.18
C TRP D 142 12.36 -1.75 5.86
N GLN D 143 13.47 -1.57 5.11
CA GLN D 143 14.83 -1.82 5.60
C GLN D 143 15.62 -0.52 5.58
N SER D 144 16.35 -0.28 6.68
CA SER D 144 17.15 0.93 6.81
C SER D 144 18.42 0.82 6.02
N GLU D 145 18.82 1.96 5.49
CA GLU D 145 20.03 2.11 4.71
C GLU D 145 21.09 2.75 5.57
N VAL D 146 20.76 3.87 6.23
CA VAL D 146 21.68 4.58 7.10
C VAL D 146 21.17 4.49 8.54
N GLU D 147 22.04 4.10 9.48
CA GLU D 147 21.65 3.93 10.87
C GLU D 147 22.68 4.55 11.79
N PHE D 148 22.25 5.38 12.75
CA PHE D 148 23.18 6.08 13.64
C PHE D 148 22.51 6.56 14.91
N THR D 149 23.32 6.90 15.92
CA THR D 149 22.86 7.37 17.23
C THR D 149 23.47 8.73 17.53
N LEU D 150 22.71 9.58 18.25
CA LEU D 150 23.18 10.89 18.67
C LEU D 150 22.38 11.39 19.88
N PRO D 151 22.89 12.38 20.65
CA PRO D 151 22.12 12.87 21.81
C PRO D 151 20.84 13.61 21.43
N GLN D 152 19.83 13.53 22.30
CA GLN D 152 18.56 14.24 22.15
C GLN D 152 18.79 15.73 21.86
N ALA D 153 19.69 16.38 22.63
CA ALA D 153 20.00 17.81 22.53
C ALA D 153 20.58 18.20 21.17
N THR D 154 21.35 17.31 20.54
CA THR D 154 21.94 17.53 19.22
C THR D 154 20.84 17.63 18.18
N MET D 155 19.93 16.63 18.13
CA MET D 155 18.83 16.63 17.19
C MET D 155 17.93 17.82 17.43
N LYS D 156 17.63 18.11 18.70
CA LYS D 156 16.78 19.23 19.07
C LYS D 156 17.35 20.54 18.53
N ARG D 157 18.65 20.77 18.75
CA ARG D 157 19.30 21.99 18.27
C ARG D 157 19.23 22.06 16.75
N LEU D 158 19.53 20.93 16.08
CA LEU D 158 19.51 20.84 14.62
C LEU D 158 18.12 21.20 14.04
N ILE D 159 17.05 20.69 14.65
CA ILE D 159 15.70 20.98 14.18
C ILE D 159 15.30 22.40 14.61
N GLU D 160 15.45 22.74 15.90
CA GLU D 160 15.07 24.06 16.43
C GLU D 160 15.66 25.24 15.63
N ALA D 161 16.94 25.13 15.26
CA ALA D 161 17.64 26.23 14.59
C ALA D 161 17.30 26.36 13.10
N THR D 162 16.52 25.42 12.52
CA THR D 162 16.14 25.48 11.10
C THR D 162 14.62 25.27 10.80
N GLN D 163 13.80 24.79 11.75
CA GLN D 163 12.39 24.51 11.45
C GLN D 163 11.57 25.73 11.02
N PHE D 164 11.89 26.93 11.52
CA PHE D 164 11.14 28.13 11.14
C PHE D 164 11.23 28.47 9.66
N SER D 165 12.34 28.08 8.99
CA SER D 165 12.56 28.39 7.58
C SER D 165 11.83 27.44 6.60
N MET D 166 11.16 26.38 7.08
CA MET D 166 10.46 25.44 6.18
C MET D 166 9.26 26.13 5.52
N ALA D 167 8.91 25.70 4.29
CA ALA D 167 7.73 26.23 3.61
C ALA D 167 6.49 25.55 4.15
N HIS D 168 5.37 26.29 4.21
CA HIS D 168 4.06 25.82 4.67
C HIS D 168 3.15 25.83 3.45
N GLN D 169 2.83 24.64 2.92
CA GLN D 169 1.99 24.40 1.72
C GLN D 169 2.35 25.24 0.46
N ASP D 170 3.66 25.28 0.13
CA ASP D 170 4.19 25.80 -1.13
C ASP D 170 3.86 24.82 -2.24
N VAL D 171 3.63 25.35 -3.45
CA VAL D 171 3.35 24.56 -4.63
C VAL D 171 4.54 23.58 -4.90
N ARG D 172 5.75 24.04 -4.53
CA ARG D 172 6.98 23.27 -4.61
C ARG D 172 7.04 22.32 -3.43
N TYR D 173 6.30 21.21 -3.54
CA TYR D 173 6.12 20.18 -2.51
C TYR D 173 7.38 19.76 -1.72
N TYR D 174 8.54 19.71 -2.37
CA TYR D 174 9.82 19.33 -1.73
C TYR D 174 10.33 20.38 -0.69
N LEU D 175 9.83 21.63 -0.72
CA LEU D 175 10.21 22.68 0.24
C LEU D 175 9.39 22.61 1.53
N ASN D 176 8.22 21.91 1.50
CA ASN D 176 7.36 21.74 2.65
C ASN D 176 7.90 20.65 3.55
N GLY D 177 9.08 20.88 4.11
CA GLY D 177 9.78 19.91 4.94
C GLY D 177 11.22 20.32 5.17
N MET D 178 11.99 19.44 5.85
CA MET D 178 13.39 19.70 6.22
C MET D 178 14.30 18.61 5.69
N LEU D 179 15.47 19.00 5.18
CA LEU D 179 16.41 18.04 4.64
C LEU D 179 17.29 17.55 5.74
N PHE D 180 17.48 16.24 5.84
CA PHE D 180 18.36 15.61 6.84
C PHE D 180 19.48 14.96 6.07
N GLU D 181 20.60 15.67 5.97
CA GLU D 181 21.74 15.23 5.18
C GLU D 181 22.88 14.77 6.07
N THR D 182 23.40 13.56 5.78
CA THR D 182 24.55 12.98 6.47
C THR D 182 25.69 12.94 5.46
N GLU D 183 26.78 13.66 5.72
CA GLU D 183 27.93 13.67 4.83
C GLU D 183 28.97 12.64 5.30
N GLY D 184 29.58 12.90 6.44
CA GLY D 184 30.58 12.02 7.04
C GLY D 184 31.00 12.63 8.36
N GLU D 185 30.65 11.97 9.49
CA GLU D 185 30.87 12.50 10.84
C GLU D 185 30.16 13.86 11.05
N GLU D 186 29.06 14.08 10.33
CA GLU D 186 28.33 15.34 10.42
C GLU D 186 26.88 15.14 10.01
N LEU D 187 25.91 15.67 10.81
CA LEU D 187 24.50 15.61 10.43
C LEU D 187 24.03 17.05 10.16
N ARG D 188 23.55 17.33 8.93
CA ARG D 188 23.09 18.67 8.51
C ARG D 188 21.59 18.72 8.29
N THR D 189 20.92 19.75 8.83
CA THR D 189 19.51 20.00 8.57
C THR D 189 19.42 21.28 7.77
N VAL D 190 18.70 21.25 6.66
CA VAL D 190 18.51 22.41 5.82
C VAL D 190 17.03 22.62 5.59
N ALA D 191 16.57 23.87 5.72
CA ALA D 191 15.17 24.23 5.48
C ALA D 191 15.10 25.57 4.76
N THR D 192 14.21 25.66 3.78
CA THR D 192 14.07 26.89 3.00
C THR D 192 12.69 26.96 2.36
N ASP D 193 12.20 28.19 2.12
CA ASP D 193 10.88 28.40 1.54
C ASP D 193 10.92 29.19 0.24
N GLY D 194 12.10 29.51 -0.25
CA GLY D 194 12.25 30.31 -1.46
C GLY D 194 12.55 31.75 -1.15
N HIS D 195 12.24 32.19 0.07
CA HIS D 195 12.51 33.54 0.51
C HIS D 195 13.69 33.55 1.50
N ARG D 196 13.86 32.50 2.30
CA ARG D 196 14.97 32.43 3.26
C ARG D 196 15.42 31.00 3.42
N LEU D 197 16.63 30.80 3.96
CA LEU D 197 17.20 29.48 4.16
C LEU D 197 17.89 29.42 5.49
N ALA D 198 17.82 28.26 6.14
CA ALA D 198 18.49 28.01 7.39
C ALA D 198 19.22 26.69 7.24
N VAL D 199 20.49 26.67 7.63
CA VAL D 199 21.31 25.46 7.62
C VAL D 199 22.02 25.30 8.95
N CYS D 200 22.04 24.08 9.49
CA CYS D 200 22.71 23.84 10.76
C CYS D 200 23.50 22.56 10.69
N SER D 201 24.70 22.57 11.30
CA SER D 201 25.63 21.46 11.28
C SER D 201 26.04 21.10 12.68
N MET D 202 26.09 19.80 12.99
CA MET D 202 26.63 19.34 14.27
C MET D 202 27.27 17.93 14.13
N PRO D 203 28.56 17.79 14.53
CA PRO D 203 29.23 16.48 14.44
C PRO D 203 28.67 15.46 15.41
N ILE D 204 28.55 14.19 14.97
CA ILE D 204 28.00 13.13 15.82
C ILE D 204 28.97 11.94 15.99
N GLY D 205 30.28 12.19 15.81
CA GLY D 205 31.32 11.20 16.02
C GLY D 205 31.12 9.85 15.37
N GLN D 206 30.64 9.81 14.11
CA GLN D 206 30.41 8.53 13.41
C GLN D 206 30.69 8.67 11.93
N SER D 207 31.31 7.65 11.31
CA SER D 207 31.59 7.65 9.87
C SER D 207 30.31 7.34 9.12
N LEU D 208 29.72 8.36 8.47
CA LEU D 208 28.44 8.21 7.78
C LEU D 208 28.59 8.23 6.26
N PRO D 209 27.82 7.35 5.58
CA PRO D 209 27.78 7.36 4.11
C PRO D 209 27.05 8.59 3.58
N SER D 210 27.29 8.97 2.32
CA SER D 210 26.62 10.13 1.74
C SER D 210 25.14 9.83 1.43
N HIS D 211 24.22 10.51 2.12
CA HIS D 211 22.78 10.39 1.84
C HIS D 211 21.97 11.55 2.46
N SER D 212 21.13 12.18 1.63
CA SER D 212 20.27 13.29 1.98
C SER D 212 18.81 12.89 1.75
N VAL D 213 17.94 13.12 2.76
CA VAL D 213 16.50 12.81 2.69
C VAL D 213 15.66 13.99 3.17
N ILE D 214 14.45 14.15 2.59
CA ILE D 214 13.53 15.23 2.97
C ILE D 214 12.46 14.67 3.91
N VAL D 215 12.48 15.12 5.17
CA VAL D 215 11.46 14.73 6.15
C VAL D 215 10.31 15.75 6.05
N PRO D 216 9.04 15.29 5.93
CA PRO D 216 7.93 16.26 5.78
C PRO D 216 7.78 17.24 6.94
N ARG D 217 7.19 18.38 6.66
CA ARG D 217 6.99 19.45 7.63
C ARG D 217 6.36 18.95 8.93
N LYS D 218 5.24 18.24 8.84
CA LYS D 218 4.52 17.75 10.02
C LYS D 218 5.31 16.71 10.80
N GLY D 219 6.06 15.86 10.09
CA GLY D 219 6.90 14.85 10.72
C GLY D 219 8.00 15.45 11.57
N VAL D 220 8.66 16.49 11.03
CA VAL D 220 9.71 17.27 11.68
C VAL D 220 9.20 17.83 13.02
N ILE D 221 7.98 18.36 13.02
CA ILE D 221 7.41 18.94 14.22
C ILE D 221 7.20 17.87 15.27
N GLU D 222 6.59 16.74 14.90
CA GLU D 222 6.32 15.66 15.86
C GLU D 222 7.60 15.00 16.33
N LEU D 223 8.64 14.99 15.49
CA LEU D 223 9.94 14.43 15.89
C LEU D 223 10.53 15.33 16.97
N MET D 224 10.50 16.65 16.78
CA MET D 224 11.05 17.61 17.74
C MET D 224 10.28 17.58 19.04
N ARG D 225 8.95 17.40 18.97
CA ARG D 225 8.07 17.39 20.13
C ARG D 225 8.27 16.17 21.04
N MET D 226 8.68 15.02 20.45
CA MET D 226 8.96 13.81 21.24
C MET D 226 10.29 13.94 22.02
N LEU D 227 11.08 14.98 21.70
CA LEU D 227 12.31 15.32 22.40
C LEU D 227 11.98 16.41 23.43
N ASP D 228 11.47 16.02 24.62
CA ASP D 228 11.13 16.96 25.70
C ASP D 228 12.35 17.80 26.16
N GLY D 229 13.52 17.16 26.18
CA GLY D 229 14.79 17.78 26.54
C GLY D 229 15.64 16.86 27.41
N GLY D 230 16.87 16.59 26.95
CA GLY D 230 17.81 15.76 27.71
C GLY D 230 19.02 15.24 26.94
N ASP D 231 19.80 14.38 27.62
CA ASP D 231 21.03 13.80 27.08
C ASP D 231 20.85 12.31 26.70
N ASN D 232 19.61 11.78 26.72
CA ASN D 232 19.37 10.36 26.42
C ASN D 232 19.52 10.10 24.92
N PRO D 233 20.13 8.97 24.48
CA PRO D 233 20.36 8.82 23.03
C PRO D 233 19.13 8.62 22.14
N LEU D 234 19.32 8.93 20.85
CA LEU D 234 18.31 8.85 19.79
C LEU D 234 18.86 8.01 18.64
N ARG D 235 18.21 6.90 18.30
CA ARG D 235 18.63 6.05 17.18
C ARG D 235 17.84 6.41 15.95
N VAL D 236 18.49 6.96 14.93
CA VAL D 236 17.82 7.33 13.68
C VAL D 236 18.11 6.29 12.59
N GLN D 237 17.05 5.83 11.91
CA GLN D 237 17.19 4.88 10.82
C GLN D 237 16.61 5.52 9.54
N ILE D 238 17.45 5.84 8.56
CA ILE D 238 16.98 6.43 7.30
C ILE D 238 16.94 5.33 6.24
N GLY D 239 15.76 5.08 5.69
CA GLY D 239 15.57 4.05 4.68
C GLY D 239 15.42 4.60 3.27
N SER D 240 14.75 3.82 2.41
CA SER D 240 14.53 4.22 1.02
C SER D 240 13.53 5.38 0.93
N ASN D 241 12.33 5.18 1.50
CA ASN D 241 11.27 6.18 1.52
C ASN D 241 10.69 6.39 2.92
N ASN D 242 11.45 6.05 3.97
CA ASN D 242 10.99 6.25 5.35
C ASN D 242 12.14 6.66 6.27
N ILE D 243 11.81 7.28 7.40
CA ILE D 243 12.80 7.62 8.44
C ILE D 243 12.20 7.16 9.78
N ARG D 244 13.04 6.66 10.69
CA ARG D 244 12.58 6.19 12.00
C ARG D 244 13.46 6.78 13.09
N ALA D 245 12.87 7.09 14.26
CA ALA D 245 13.59 7.68 15.38
C ALA D 245 13.17 7.01 16.69
N HIS D 246 14.13 6.35 17.38
CA HIS D 246 13.85 5.68 18.66
C HIS D 246 14.39 6.50 19.83
N VAL D 247 13.51 7.04 20.69
CA VAL D 247 13.95 7.76 21.89
C VAL D 247 13.08 7.34 23.07
N GLY D 248 13.72 6.98 24.19
CA GLY D 248 13.05 6.45 25.38
C GLY D 248 12.41 5.13 25.06
N ASP D 249 11.05 5.09 25.04
CA ASP D 249 10.28 3.94 24.56
C ASP D 249 9.22 4.42 23.56
N PHE D 250 9.56 5.45 22.75
CA PHE D 250 8.72 5.97 21.67
C PHE D 250 9.47 5.75 20.38
N ILE D 251 8.77 5.22 19.39
CA ILE D 251 9.35 4.94 18.07
C ILE D 251 8.55 5.76 17.06
N PHE D 252 9.15 6.83 16.55
CA PHE D 252 8.52 7.66 15.54
C PHE D 252 8.95 7.19 14.16
N THR D 253 7.99 7.06 13.22
CA THR D 253 8.28 6.68 11.84
C THR D 253 7.54 7.64 10.91
N SER D 254 8.17 8.04 9.79
CA SER D 254 7.58 9.00 8.85
C SER D 254 8.03 8.72 7.41
N LYS D 255 7.11 8.87 6.44
CA LYS D 255 7.44 8.74 5.02
C LYS D 255 8.24 9.96 4.61
N LEU D 256 9.15 9.82 3.65
CA LEU D 256 9.97 10.94 3.20
C LEU D 256 9.35 11.61 1.98
N VAL D 257 9.58 12.92 1.80
CA VAL D 257 9.07 13.67 0.66
C VAL D 257 9.91 13.29 -0.55
N ASP D 258 9.31 12.62 -1.54
CA ASP D 258 10.05 12.26 -2.73
C ASP D 258 10.11 13.48 -3.64
N GLY D 259 11.20 14.21 -3.52
CA GLY D 259 11.52 15.35 -4.36
C GLY D 259 13.00 15.65 -4.36
N ARG D 260 13.44 16.64 -5.17
CA ARG D 260 14.84 17.04 -5.23
C ARG D 260 15.05 18.40 -4.56
N PHE D 261 15.56 18.36 -3.33
CA PHE D 261 15.77 19.54 -2.50
C PHE D 261 16.88 20.38 -3.10
N PRO D 262 16.73 21.73 -3.11
CA PRO D 262 17.79 22.57 -3.67
C PRO D 262 19.12 22.49 -2.88
N ASP D 263 20.25 22.69 -3.56
CA ASP D 263 21.57 22.65 -2.91
C ASP D 263 21.81 23.93 -2.12
N TYR D 264 21.99 23.80 -0.80
CA TYR D 264 22.22 24.96 0.06
C TYR D 264 23.51 25.69 -0.29
N ARG D 265 24.49 24.96 -0.80
CA ARG D 265 25.80 25.53 -1.11
C ARG D 265 25.69 26.55 -2.24
N ARG D 266 24.76 26.34 -3.19
CA ARG D 266 24.54 27.26 -4.31
C ARG D 266 23.85 28.52 -3.83
N VAL D 267 23.01 28.39 -2.80
CA VAL D 267 22.20 29.48 -2.26
C VAL D 267 23.07 30.44 -1.45
N LEU D 268 24.08 29.91 -0.73
CA LEU D 268 24.97 30.72 0.10
C LEU D 268 25.67 31.76 -0.77
N PRO D 269 25.74 33.04 -0.35
CA PRO D 269 26.50 34.04 -1.15
C PRO D 269 27.98 33.65 -1.32
N LYS D 270 28.49 33.57 -2.57
CA LYS D 270 29.84 33.06 -2.86
C LYS D 270 30.98 33.96 -2.37
N ASN D 271 30.93 35.25 -2.70
CA ASN D 271 31.95 36.20 -2.24
C ASN D 271 31.27 37.50 -1.78
N PRO D 272 30.96 37.62 -0.47
CA PRO D 272 30.35 38.86 0.03
C PRO D 272 31.41 39.95 0.18
N ASP D 273 31.21 41.10 -0.47
CA ASP D 273 32.18 42.21 -0.41
C ASP D 273 31.87 43.23 0.70
N LYS D 274 30.81 42.99 1.48
CA LYS D 274 30.43 43.87 2.57
C LYS D 274 30.12 43.02 3.81
N HIS D 275 30.69 43.39 4.99
CA HIS D 275 30.51 42.63 6.25
C HIS D 275 30.12 43.56 7.42
N LEU D 276 28.95 43.32 8.05
CA LEU D 276 28.42 44.13 9.13
C LEU D 276 28.35 43.32 10.42
N GLU D 277 28.88 43.85 11.52
CA GLU D 277 28.82 43.19 12.82
C GLU D 277 28.08 44.09 13.79
N ALA D 278 27.16 43.50 14.57
CA ALA D 278 26.42 44.25 15.56
C ALA D 278 25.87 43.32 16.66
N GLY D 279 25.44 43.92 17.77
CA GLY D 279 24.86 43.19 18.89
C GLY D 279 23.51 42.59 18.54
N CYS D 280 23.38 41.26 18.69
CA CYS D 280 22.17 40.53 18.33
C CYS D 280 20.89 41.14 18.90
N ASP D 281 20.89 41.51 20.17
CA ASP D 281 19.67 42.06 20.75
C ASP D 281 19.43 43.50 20.29
N LEU D 282 20.48 44.31 20.14
CA LEU D 282 20.25 45.70 19.71
C LEU D 282 19.65 45.74 18.30
N LEU D 283 20.10 44.81 17.43
CA LEU D 283 19.57 44.66 16.07
C LEU D 283 18.17 44.19 16.17
N LYS D 284 17.96 43.13 16.97
CA LYS D 284 16.64 42.52 17.09
C LYS D 284 15.61 43.53 17.59
N GLN D 285 15.94 44.31 18.63
CA GLN D 285 15.07 45.34 19.16
C GLN D 285 14.74 46.41 18.11
N ALA D 286 15.76 46.86 17.34
CA ALA D 286 15.56 47.90 16.33
C ALA D 286 14.63 47.42 15.22
N PHE D 287 14.81 46.18 14.77
CA PHE D 287 13.95 45.60 13.73
C PHE D 287 12.54 45.39 14.26
N ALA D 288 12.41 45.00 15.54
CA ALA D 288 11.11 44.79 16.15
C ALA D 288 10.33 46.10 16.26
N ARG D 289 11.03 47.19 16.59
CA ARG D 289 10.42 48.51 16.73
C ARG D 289 10.07 49.10 15.37
N ALA D 290 10.97 48.92 14.37
CA ALA D 290 10.72 49.41 13.02
C ALA D 290 9.52 48.70 12.40
N ALA D 291 9.42 47.36 12.64
CA ALA D 291 8.34 46.51 12.13
C ALA D 291 6.95 47.03 12.48
N ILE D 292 6.83 47.85 13.54
CA ILE D 292 5.54 48.40 13.98
C ILE D 292 4.92 49.26 12.87
N LEU D 293 5.71 50.16 12.26
CA LEU D 293 5.20 51.03 11.23
C LEU D 293 5.54 50.54 9.82
N SER D 294 5.71 49.21 9.66
CA SER D 294 5.94 48.62 8.34
C SER D 294 4.61 48.10 7.79
N ASN D 295 4.59 47.75 6.49
CA ASN D 295 3.37 47.26 5.85
C ASN D 295 2.89 45.99 6.57
N GLU D 296 1.61 45.95 6.91
CA GLU D 296 1.06 44.86 7.71
C GLU D 296 1.12 43.52 6.98
N LYS D 297 1.05 43.54 5.63
CA LYS D 297 1.03 42.33 4.83
C LYS D 297 2.40 42.00 4.27
N PHE D 298 3.11 43.00 3.74
CA PHE D 298 4.41 42.76 3.08
C PHE D 298 5.61 42.90 4.00
N ARG D 299 5.47 43.66 5.12
CA ARG D 299 6.50 43.78 6.15
CA ARG D 299 6.50 43.78 6.15
C ARG D 299 7.85 44.27 5.61
N GLY D 300 7.82 45.29 4.76
CA GLY D 300 9.02 45.82 4.13
C GLY D 300 9.75 46.88 4.94
N VAL D 301 11.07 46.67 5.16
CA VAL D 301 11.95 47.64 5.83
C VAL D 301 13.20 47.90 4.97
N ARG D 302 13.70 49.17 4.93
CA ARG D 302 14.93 49.55 4.21
C ARG D 302 16.13 49.46 5.15
N LEU D 303 17.28 48.99 4.66
CA LEU D 303 18.54 49.00 5.42
C LEU D 303 19.48 49.94 4.69
N TYR D 304 20.03 50.96 5.38
CA TYR D 304 21.03 51.87 4.81
C TYR D 304 22.35 51.62 5.52
N VAL D 305 23.31 50.96 4.84
CA VAL D 305 24.62 50.68 5.46
C VAL D 305 25.66 51.74 5.06
N SER D 306 26.02 52.60 6.00
CA SER D 306 27.05 53.61 5.79
C SER D 306 28.20 53.23 6.70
N GLU D 307 29.27 54.01 6.72
CA GLU D 307 30.44 53.69 7.53
C GLU D 307 30.07 53.57 9.02
N ASN D 308 30.19 52.34 9.58
CA ASN D 308 29.86 52.03 10.97
C ASN D 308 28.50 52.57 11.44
N GLN D 309 27.49 52.42 10.59
CA GLN D 309 26.14 52.89 10.90
C GLN D 309 25.10 52.20 10.03
N LEU D 310 24.05 51.65 10.65
CA LEU D 310 22.96 50.99 9.95
C LEU D 310 21.68 51.78 10.24
N LYS D 311 20.91 52.14 9.20
CA LYS D 311 19.65 52.85 9.38
C LYS D 311 18.51 51.98 8.85
N ILE D 312 17.57 51.62 9.73
CA ILE D 312 16.40 50.81 9.36
C ILE D 312 15.21 51.76 9.24
N THR D 313 14.53 51.75 8.09
CA THR D 313 13.38 52.63 7.83
C THR D 313 12.19 51.78 7.42
N ALA D 314 11.04 52.00 8.05
CA ALA D 314 9.83 51.25 7.75
C ALA D 314 8.72 52.20 7.37
N ASN D 315 7.95 51.86 6.32
CA ASN D 315 6.81 52.65 5.85
C ASN D 315 5.56 51.73 5.66
N ASN D 316 4.36 52.23 6.00
CA ASN D 316 3.12 51.48 5.83
C ASN D 316 2.16 52.29 4.94
N PRO D 317 1.05 51.70 4.42
CA PRO D 317 0.14 52.46 3.53
C PRO D 317 -0.37 53.79 4.07
N GLU D 318 -0.41 53.94 5.39
CA GLU D 318 -0.87 55.17 6.04
C GLU D 318 0.21 56.26 6.05
N GLN D 319 1.35 56.03 5.38
CA GLN D 319 2.45 56.98 5.30
C GLN D 319 3.05 57.36 6.68
N GLU D 320 3.07 56.38 7.59
CA GLU D 320 3.75 56.52 8.87
C GLU D 320 5.13 55.96 8.71
N GLU D 321 6.10 56.55 9.38
CA GLU D 321 7.48 56.13 9.21
C GLU D 321 8.17 55.91 10.54
N ALA D 322 8.92 54.79 10.62
CA ALA D 322 9.78 54.47 11.75
C ALA D 322 11.20 54.64 11.26
N GLU D 323 12.12 55.01 12.15
CA GLU D 323 13.54 55.15 11.79
C GLU D 323 14.42 54.73 12.95
N GLU D 324 15.32 53.78 12.72
CA GLU D 324 16.22 53.27 13.74
C GLU D 324 17.66 53.41 13.26
N ILE D 325 18.53 54.06 14.04
CA ILE D 325 19.94 54.21 13.68
C ILE D 325 20.77 53.44 14.70
N LEU D 326 21.66 52.56 14.22
CA LEU D 326 22.50 51.73 15.08
C LEU D 326 23.97 51.94 14.77
N ASP D 327 24.83 51.78 15.78
CA ASP D 327 26.27 51.85 15.59
C ASP D 327 26.73 50.43 15.37
N VAL D 328 27.20 50.14 14.14
CA VAL D 328 27.64 48.80 13.75
C VAL D 328 29.13 48.82 13.38
N THR D 329 29.70 47.64 13.17
CA THR D 329 31.09 47.50 12.73
C THR D 329 31.02 47.19 11.24
N TYR D 330 30.91 48.22 10.39
CA TYR D 330 30.71 48.02 8.94
C TYR D 330 31.92 48.34 8.08
N SER D 331 32.19 47.44 7.11
CA SER D 331 33.23 47.50 6.09
C SER D 331 32.59 47.36 4.71
N GLY D 332 32.88 48.29 3.82
CA GLY D 332 32.38 48.21 2.47
C GLY D 332 31.72 49.50 2.01
N ALA D 333 31.24 49.48 0.77
CA ALA D 333 30.63 50.63 0.12
C ALA D 333 29.23 50.88 0.64
N GLU D 334 28.71 52.09 0.45
CA GLU D 334 27.34 52.40 0.86
C GLU D 334 26.36 51.69 -0.06
N MET D 335 25.35 51.04 0.52
CA MET D 335 24.28 50.42 -0.27
C MET D 335 22.98 50.40 0.51
N GLU D 336 21.87 50.15 -0.20
CA GLU D 336 20.52 50.13 0.36
C GLU D 336 19.86 48.80 0.01
N ILE D 337 19.23 48.13 0.97
CA ILE D 337 18.60 46.83 0.70
C ILE D 337 17.27 46.68 1.44
N GLY D 338 16.27 46.20 0.72
CA GLY D 338 14.93 46.01 1.26
C GLY D 338 14.77 44.61 1.81
N PHE D 339 14.08 44.48 2.96
CA PHE D 339 13.91 43.17 3.57
C PHE D 339 12.53 42.97 4.22
N ASN D 340 12.10 41.70 4.32
CA ASN D 340 10.90 41.34 5.04
C ASN D 340 11.33 41.27 6.50
N VAL D 341 10.96 42.27 7.27
CA VAL D 341 11.41 42.37 8.66
C VAL D 341 11.10 41.11 9.49
N SER D 342 10.00 40.39 9.18
CA SER D 342 9.65 39.16 9.89
C SER D 342 10.69 38.07 9.62
N TYR D 343 11.15 37.95 8.37
CA TYR D 343 12.17 36.97 8.03
C TYR D 343 13.48 37.26 8.76
N VAL D 344 13.81 38.57 8.93
CA VAL D 344 15.05 39.01 9.58
C VAL D 344 14.94 38.77 11.07
N LEU D 345 13.80 39.10 11.66
CA LEU D 345 13.60 38.90 13.09
C LEU D 345 13.63 37.40 13.45
N ASP D 346 13.07 36.55 12.58
CA ASP D 346 13.08 35.09 12.74
C ASP D 346 14.50 34.55 12.92
N VAL D 347 15.45 35.09 12.16
CA VAL D 347 16.84 34.68 12.22
C VAL D 347 17.45 35.14 13.53
N LEU D 348 17.23 36.43 13.90
CA LEU D 348 17.77 37.04 15.13
C LEU D 348 17.31 36.31 16.38
N ASN D 349 16.12 35.70 16.39
CA ASN D 349 15.74 34.89 17.54
C ASN D 349 16.34 33.50 17.44
N ALA D 350 16.45 32.96 16.23
CA ALA D 350 16.97 31.59 16.08
C ALA D 350 18.38 31.48 16.60
N LEU D 351 19.23 32.44 16.29
CA LEU D 351 20.58 32.40 16.82
C LEU D 351 20.54 33.12 18.15
N LYS D 352 20.55 32.36 19.24
CA LYS D 352 20.48 32.99 20.56
C LYS D 352 21.90 33.28 21.02
N CYS D 353 22.44 34.43 20.55
CA CYS D 353 23.83 34.78 20.79
C CYS D 353 23.97 36.25 21.16
N GLU D 354 25.24 36.69 21.37
CA GLU D 354 25.54 38.06 21.78
C GLU D 354 25.78 38.97 20.58
N ASN D 355 26.60 38.53 19.60
CA ASN D 355 26.90 39.33 18.40
C ASN D 355 26.69 38.54 17.10
N VAL D 356 26.19 39.23 16.06
CA VAL D 356 25.88 38.62 14.76
C VAL D 356 26.72 39.24 13.66
N ARG D 357 26.82 38.52 12.53
CA ARG D 357 27.54 39.01 11.37
C ARG D 357 26.62 38.91 10.16
N MET D 358 26.53 39.98 9.36
CA MET D 358 25.73 40.02 8.15
C MET D 358 26.64 40.18 6.94
N MET D 359 26.53 39.31 5.95
CA MET D 359 27.38 39.33 4.76
C MET D 359 26.62 39.81 3.52
N LEU D 360 26.83 41.07 3.11
CA LEU D 360 26.13 41.72 2.01
C LEU D 360 26.95 41.80 0.70
N THR D 361 26.28 41.68 -0.48
CA THR D 361 26.91 41.86 -1.80
C THR D 361 26.27 43.03 -2.49
N ASP D 362 24.94 43.00 -2.71
CA ASP D 362 24.31 44.15 -3.35
C ASP D 362 22.84 44.23 -2.98
N SER D 363 22.13 45.24 -3.50
CA SER D 363 20.72 45.47 -3.22
C SER D 363 19.75 44.39 -3.74
N VAL D 364 20.16 43.58 -4.74
CA VAL D 364 19.28 42.55 -5.31
C VAL D 364 19.77 41.13 -5.03
N SER D 365 20.78 40.98 -4.15
CA SER D 365 21.30 39.66 -3.81
C SER D 365 21.10 39.34 -2.32
N SER D 366 21.07 38.05 -1.99
CA SER D 366 20.87 37.57 -0.62
C SER D 366 21.98 37.99 0.37
N VAL D 367 21.63 38.07 1.66
CA VAL D 367 22.57 38.36 2.75
C VAL D 367 22.69 37.14 3.66
N GLN D 368 23.91 36.80 4.08
CA GLN D 368 24.13 35.67 4.97
C GLN D 368 24.26 36.17 6.38
N ILE D 369 23.34 35.79 7.27
CA ILE D 369 23.37 36.22 8.66
C ILE D 369 23.76 35.01 9.49
N GLU D 370 24.78 35.13 10.34
CA GLU D 370 25.19 34.04 11.21
C GLU D 370 25.82 34.60 12.49
N ASP D 371 26.01 33.72 13.49
CA ASP D 371 26.64 34.10 14.74
C ASP D 371 28.10 34.47 14.49
N ALA D 372 28.53 35.63 15.02
CA ALA D 372 29.90 36.09 14.83
C ALA D 372 30.90 35.17 15.53
N ALA D 373 30.45 34.40 16.54
CA ALA D 373 31.31 33.47 17.28
C ALA D 373 31.31 32.04 16.68
N SER D 374 30.13 31.53 16.29
CA SER D 374 29.99 30.18 15.75
C SER D 374 29.43 30.16 14.32
N GLN D 375 29.94 29.24 13.50
CA GLN D 375 29.50 29.09 12.11
C GLN D 375 28.75 27.77 11.89
N SER D 376 28.35 27.06 12.98
CA SER D 376 27.58 25.81 12.84
C SER D 376 26.19 26.10 12.19
N ALA D 377 25.59 27.29 12.47
CA ALA D 377 24.32 27.71 11.87
C ALA D 377 24.50 29.00 11.00
N ALA D 378 24.03 28.93 9.75
CA ALA D 378 24.08 30.07 8.85
C ALA D 378 22.71 30.27 8.25
N TYR D 379 22.34 31.53 7.99
CA TYR D 379 21.03 31.85 7.45
C TYR D 379 21.17 32.76 6.26
N VAL D 380 20.41 32.50 5.20
CA VAL D 380 20.42 33.32 3.99
C VAL D 380 19.02 33.89 3.80
N VAL D 381 18.90 35.20 3.65
CA VAL D 381 17.61 35.85 3.46
C VAL D 381 17.62 36.63 2.15
N MET D 382 16.66 36.34 1.26
CA MET D 382 16.54 37.01 -0.01
C MET D 382 15.83 38.37 0.18
N PRO D 383 16.35 39.46 -0.42
CA PRO D 383 15.71 40.77 -0.21
C PRO D 383 14.49 41.03 -1.08
N MET D 384 13.84 42.17 -0.85
CA MET D 384 12.71 42.62 -1.64
C MET D 384 13.17 43.79 -2.51
N ARG D 385 12.67 43.88 -3.75
CA ARG D 385 12.92 45.03 -4.62
C ARG D 385 12.34 46.33 -4.01
N LEU D 386 13.18 47.40 -3.93
CA LEU D 386 12.75 48.71 -3.44
C LEU D 386 12.38 49.63 -4.64
N SER E 19 7.08 -72.81 -5.73
CA SER E 19 7.28 -74.20 -5.35
C SER E 19 7.14 -74.36 -3.82
N HIS E 20 7.32 -75.61 -3.30
CA HIS E 20 7.41 -75.90 -1.86
C HIS E 20 8.77 -75.44 -1.42
N MET E 21 8.86 -74.29 -0.75
CA MET E 21 10.17 -73.78 -0.34
C MET E 21 10.15 -73.47 1.11
N LYS E 22 11.22 -73.86 1.82
CA LYS E 22 11.33 -73.58 3.24
C LYS E 22 12.79 -73.49 3.60
N PHE E 23 13.16 -72.51 4.42
CA PHE E 23 14.51 -72.42 4.96
C PHE E 23 14.51 -71.63 6.26
N THR E 24 15.47 -71.95 7.14
CA THR E 24 15.61 -71.25 8.42
C THR E 24 17.06 -70.90 8.58
N VAL E 25 17.32 -69.60 8.48
CA VAL E 25 18.65 -69.04 8.47
C VAL E 25 18.80 -68.13 9.67
N GLU E 26 20.05 -67.91 10.06
CA GLU E 26 20.48 -66.97 11.07
C GLU E 26 20.70 -65.64 10.38
N ARG E 27 20.06 -64.58 10.91
CA ARG E 27 20.03 -63.23 10.35
C ARG E 27 21.40 -62.68 9.90
N GLU E 28 22.46 -62.98 10.66
CA GLU E 28 23.82 -62.52 10.35
C GLU E 28 24.36 -63.11 9.05
N HIS E 29 24.01 -64.39 8.77
CA HIS E 29 24.45 -65.07 7.55
C HIS E 29 23.74 -64.53 6.33
N LEU E 30 22.54 -63.98 6.54
CA LEU E 30 21.67 -63.47 5.50
C LEU E 30 21.86 -61.99 5.20
N LEU E 31 22.50 -61.21 6.06
CA LEU E 31 22.62 -59.76 5.84
C LEU E 31 23.68 -59.35 4.80
N LYS E 32 24.97 -59.76 4.95
CA LYS E 32 25.98 -59.35 3.97
C LYS E 32 25.58 -59.84 2.58
N PRO E 33 25.12 -61.11 2.41
CA PRO E 33 24.66 -61.53 1.08
C PRO E 33 23.52 -60.71 0.52
N LEU E 34 22.53 -60.36 1.35
CA LEU E 34 21.41 -59.55 0.91
C LEU E 34 21.85 -58.16 0.45
N GLN E 35 22.72 -57.52 1.23
CA GLN E 35 23.27 -56.20 0.90
C GLN E 35 24.04 -56.26 -0.43
N GLN E 36 24.81 -57.34 -0.64
CA GLN E 36 25.64 -57.53 -1.84
C GLN E 36 24.81 -57.73 -3.09
N VAL E 37 23.84 -58.67 -3.06
CA VAL E 37 23.01 -58.96 -4.23
C VAL E 37 22.04 -57.80 -4.57
N SER E 38 21.79 -56.86 -3.62
CA SER E 38 20.93 -55.69 -3.85
C SER E 38 21.68 -54.50 -4.49
N GLY E 39 22.92 -54.75 -4.88
CA GLY E 39 23.74 -53.74 -5.55
C GLY E 39 23.31 -53.47 -6.97
N PRO E 40 23.25 -54.50 -7.86
CA PRO E 40 22.85 -54.25 -9.26
C PRO E 40 21.47 -53.60 -9.41
N LEU E 41 20.65 -53.62 -8.35
CA LEU E 41 19.33 -52.95 -8.33
C LEU E 41 19.51 -51.42 -8.22
N GLY E 42 19.29 -50.72 -9.34
CA GLY E 42 19.48 -49.28 -9.43
C GLY E 42 18.19 -48.52 -9.24
N GLY E 43 17.87 -47.66 -10.22
CA GLY E 43 16.71 -46.77 -10.16
C GLY E 43 15.54 -47.22 -10.99
N ARG E 44 14.30 -46.93 -10.50
CA ARG E 44 13.01 -47.28 -11.13
C ARG E 44 13.09 -48.41 -12.19
N PRO E 45 13.42 -49.66 -11.77
CA PRO E 45 13.46 -50.79 -12.72
C PRO E 45 12.34 -50.80 -13.75
N THR E 46 12.72 -51.04 -15.01
CA THR E 46 11.79 -51.19 -16.12
C THR E 46 10.82 -52.34 -15.89
N LEU E 47 11.36 -53.51 -15.50
CA LEU E 47 10.58 -54.70 -15.18
C LEU E 47 10.35 -54.77 -13.67
N PRO E 48 9.18 -55.26 -13.21
CA PRO E 48 8.96 -55.43 -11.76
C PRO E 48 9.89 -56.48 -11.16
N ILE E 49 10.19 -57.51 -11.96
CA ILE E 49 11.04 -58.64 -11.60
C ILE E 49 12.47 -58.16 -11.30
N LEU E 50 12.91 -57.03 -11.91
CA LEU E 50 14.24 -56.48 -11.66
C LEU E 50 14.40 -55.81 -10.28
N GLY E 51 13.30 -55.70 -9.52
CA GLY E 51 13.32 -55.18 -8.15
C GLY E 51 13.27 -56.27 -7.09
N ASN E 52 13.13 -57.54 -7.54
CA ASN E 52 13.05 -58.70 -6.65
C ASN E 52 14.38 -59.47 -6.67
N LEU E 53 14.60 -60.32 -5.66
CA LEU E 53 15.76 -61.20 -5.58
C LEU E 53 15.34 -62.65 -5.73
N LEU E 54 16.02 -63.40 -6.61
CA LEU E 54 15.72 -64.81 -6.81
C LEU E 54 16.32 -65.61 -5.69
N LEU E 55 15.44 -66.22 -4.87
CA LEU E 55 15.83 -67.10 -3.77
C LEU E 55 15.64 -68.56 -4.21
N GLN E 56 16.72 -69.34 -4.17
CA GLN E 56 16.72 -70.72 -4.63
C GLN E 56 17.32 -71.63 -3.55
N VAL E 57 16.47 -72.48 -2.93
CA VAL E 57 16.95 -73.47 -1.96
C VAL E 57 17.35 -74.74 -2.71
N ALA E 58 18.53 -75.28 -2.39
CA ALA E 58 19.04 -76.52 -2.97
C ALA E 58 19.06 -77.55 -1.84
N ASP E 59 19.96 -78.56 -1.89
CA ASP E 59 20.04 -79.58 -0.81
C ASP E 59 21.13 -79.18 0.20
N GLY E 60 21.08 -77.94 0.67
CA GLY E 60 22.03 -77.43 1.65
C GLY E 60 22.42 -75.97 1.47
N THR E 61 22.15 -75.40 0.29
CA THR E 61 22.58 -74.04 -0.05
C THR E 61 21.42 -73.19 -0.48
N LEU E 62 21.36 -71.92 0.02
CA LEU E 62 20.39 -70.91 -0.41
C LEU E 62 21.10 -70.00 -1.39
N SER E 63 20.48 -69.71 -2.55
CA SER E 63 21.11 -68.87 -3.55
C SER E 63 20.30 -67.60 -3.77
N LEU E 64 20.95 -66.47 -3.56
CA LEU E 64 20.36 -65.15 -3.74
C LEU E 64 20.91 -64.59 -5.04
N THR E 65 20.06 -64.40 -6.09
CA THR E 65 20.52 -63.72 -7.32
C THR E 65 19.77 -62.39 -7.54
N GLY E 66 20.52 -61.31 -7.82
CA GLY E 66 19.97 -59.98 -8.09
C GLY E 66 20.52 -59.43 -9.38
N THR E 67 19.64 -59.07 -10.35
CA THR E 67 20.09 -58.66 -11.69
C THR E 67 19.46 -57.35 -12.16
N ASP E 68 20.09 -56.76 -13.18
CA ASP E 68 19.60 -55.58 -13.88
C ASP E 68 19.65 -55.84 -15.39
N LEU E 69 19.47 -57.11 -15.77
CA LEU E 69 19.60 -57.62 -17.15
C LEU E 69 21.06 -57.72 -17.60
N GLU E 70 21.82 -56.63 -17.54
CA GLU E 70 23.22 -56.56 -17.98
C GLU E 70 24.21 -57.33 -17.05
N MET E 71 23.98 -57.34 -15.72
CA MET E 71 24.85 -58.06 -14.80
C MET E 71 24.04 -58.78 -13.73
N GLU E 72 24.62 -59.78 -13.06
CA GLU E 72 23.95 -60.51 -11.98
C GLU E 72 24.95 -60.95 -10.90
N MET E 73 24.61 -60.74 -9.62
CA MET E 73 25.46 -61.14 -8.50
C MET E 73 24.79 -62.24 -7.65
N VAL E 74 25.43 -63.42 -7.59
CA VAL E 74 24.86 -64.59 -6.94
C VAL E 74 25.56 -64.84 -5.62
N ALA E 75 24.79 -64.93 -4.53
CA ALA E 75 25.35 -65.19 -3.22
C ALA E 75 24.85 -66.55 -2.74
N ARG E 76 25.77 -67.49 -2.44
CA ARG E 76 25.42 -68.81 -1.91
C ARG E 76 25.50 -68.70 -0.38
N VAL E 77 24.49 -69.18 0.34
CA VAL E 77 24.48 -69.16 1.81
C VAL E 77 24.26 -70.57 2.32
N ALA E 78 25.17 -71.06 3.18
CA ALA E 78 25.10 -72.41 3.72
C ALA E 78 23.90 -72.53 4.68
N LEU E 79 23.02 -73.51 4.42
CA LEU E 79 21.87 -73.81 5.27
C LEU E 79 22.10 -75.12 6.04
N VAL E 80 22.23 -75.01 7.37
CA VAL E 80 22.38 -76.20 8.19
C VAL E 80 21.02 -76.66 8.72
N GLN E 81 20.18 -75.73 9.22
CA GLN E 81 18.85 -76.10 9.76
C GLN E 81 17.94 -76.78 8.70
N PRO E 82 16.84 -77.46 9.08
CA PRO E 82 16.02 -78.14 8.05
C PRO E 82 15.41 -77.22 7.02
N HIS E 83 15.39 -77.66 5.76
CA HIS E 83 14.89 -76.84 4.65
C HIS E 83 14.34 -77.71 3.54
N GLU E 84 13.62 -77.06 2.61
CA GLU E 84 13.01 -77.70 1.45
C GLU E 84 13.46 -77.00 0.16
N PRO E 85 13.93 -77.75 -0.87
CA PRO E 85 14.33 -77.11 -2.13
C PRO E 85 13.15 -76.60 -2.99
N GLY E 86 13.31 -75.38 -3.49
CA GLY E 86 12.33 -74.66 -4.30
C GLY E 86 12.86 -73.29 -4.68
N ALA E 87 12.05 -72.45 -5.36
CA ALA E 87 12.50 -71.11 -5.71
C ALA E 87 11.37 -70.11 -5.92
N THR E 88 11.67 -68.82 -5.65
CA THR E 88 10.77 -67.69 -5.84
C THR E 88 11.56 -66.39 -5.80
N THR E 89 10.94 -65.27 -6.18
CA THR E 89 11.58 -63.97 -6.13
C THR E 89 10.81 -63.07 -5.16
N VAL E 90 11.52 -62.27 -4.36
CA VAL E 90 10.89 -61.43 -3.35
C VAL E 90 11.45 -59.98 -3.39
N PRO E 91 10.65 -58.92 -3.11
CA PRO E 91 11.19 -57.55 -3.18
C PRO E 91 12.46 -57.37 -2.37
N ALA E 92 13.52 -56.87 -3.04
CA ALA E 92 14.83 -56.74 -2.41
C ALA E 92 14.84 -55.77 -1.21
N ARG E 93 14.35 -54.53 -1.41
CA ARG E 93 14.38 -53.50 -0.39
C ARG E 93 13.58 -53.94 0.85
N LYS E 94 12.38 -54.48 0.65
CA LYS E 94 11.53 -54.90 1.77
C LYS E 94 12.16 -56.07 2.52
N PHE E 95 12.58 -57.10 1.78
CA PHE E 95 13.18 -58.29 2.41
C PHE E 95 14.44 -57.93 3.17
N PHE E 96 15.26 -57.03 2.65
CA PHE E 96 16.48 -56.62 3.33
C PHE E 96 16.16 -55.80 4.55
N ASP E 97 15.32 -54.76 4.41
CA ASP E 97 14.97 -53.89 5.53
C ASP E 97 14.32 -54.67 6.66
N ILE E 98 13.63 -55.78 6.34
CA ILE E 98 13.03 -56.66 7.34
C ILE E 98 14.12 -57.41 8.10
N CYS E 99 15.02 -58.08 7.38
CA CYS E 99 16.12 -58.82 7.99
C CYS E 99 17.01 -57.88 8.79
N ARG E 100 17.22 -56.64 8.30
CA ARG E 100 18.04 -55.62 8.97
C ARG E 100 17.35 -55.14 10.24
N GLY E 101 16.06 -54.87 10.11
CA GLY E 101 15.26 -54.36 11.21
C GLY E 101 15.12 -55.32 12.38
N LEU E 102 15.32 -56.63 12.14
CA LEU E 102 15.23 -57.64 13.20
C LEU E 102 16.42 -57.51 14.16
N PRO E 103 16.26 -57.99 15.40
CA PRO E 103 17.37 -57.87 16.36
C PRO E 103 18.54 -58.79 16.04
N GLU E 104 19.74 -58.41 16.48
CA GLU E 104 20.95 -59.16 16.19
C GLU E 104 20.86 -60.57 16.79
N GLY E 105 21.06 -61.58 15.96
CA GLY E 105 21.01 -62.99 16.37
C GLY E 105 19.67 -63.64 16.17
N ALA E 106 18.79 -63.03 15.33
CA ALA E 106 17.45 -63.52 15.06
C ALA E 106 17.46 -64.74 14.14
N GLU E 107 16.52 -65.68 14.36
CA GLU E 107 16.36 -66.87 13.54
C GLU E 107 15.24 -66.58 12.55
N ILE E 108 15.58 -66.42 11.27
CA ILE E 108 14.60 -66.07 10.26
C ILE E 108 14.09 -67.36 9.60
N ALA E 109 12.79 -67.68 9.81
CA ALA E 109 12.15 -68.84 9.19
C ALA E 109 11.29 -68.38 8.01
N VAL E 110 11.74 -68.69 6.78
CA VAL E 110 11.08 -68.26 5.55
C VAL E 110 10.39 -69.46 4.88
N GLN E 111 9.15 -69.31 4.45
CA GLN E 111 8.42 -70.41 3.81
C GLN E 111 7.39 -69.81 2.85
N LEU E 112 7.13 -70.48 1.72
CA LEU E 112 6.21 -69.94 0.72
C LEU E 112 4.78 -70.43 0.92
N GLU E 113 3.80 -69.53 0.72
CA GLU E 113 2.37 -69.83 0.80
C GLU E 113 1.63 -69.27 -0.45
N GLY E 114 1.50 -70.10 -1.48
CA GLY E 114 0.81 -69.71 -2.71
C GLY E 114 1.52 -68.65 -3.51
N GLU E 115 1.12 -67.36 -3.34
CA GLU E 115 1.74 -66.22 -4.02
C GLU E 115 2.37 -65.25 -3.01
N ARG E 116 2.70 -65.76 -1.81
CA ARG E 116 3.25 -64.96 -0.74
C ARG E 116 4.42 -65.64 -0.14
N MET E 117 5.37 -64.87 0.33
CA MET E 117 6.47 -65.45 1.08
C MET E 117 6.26 -65.08 2.52
N LEU E 118 6.26 -66.07 3.43
CA LEU E 118 6.07 -65.81 4.85
C LEU E 118 7.41 -65.77 5.58
N VAL E 119 7.78 -64.59 6.10
CA VAL E 119 9.02 -64.39 6.86
C VAL E 119 8.65 -64.26 8.34
N ARG E 120 9.05 -65.23 9.17
CA ARG E 120 8.76 -65.21 10.62
C ARG E 120 10.04 -65.27 11.44
N SER E 121 10.11 -64.46 12.49
CA SER E 121 11.26 -64.41 13.40
C SER E 121 10.78 -63.93 14.77
N GLY E 122 10.57 -64.88 15.67
CA GLY E 122 10.05 -64.61 17.00
C GLY E 122 8.58 -64.26 16.93
N ARG E 123 8.20 -63.11 17.51
CA ARG E 123 6.83 -62.58 17.44
C ARG E 123 6.60 -61.67 16.20
N SER E 124 7.61 -61.53 15.30
CA SER E 124 7.53 -60.73 14.09
C SER E 124 7.13 -61.64 12.93
N ARG E 125 6.14 -61.24 12.12
CA ARG E 125 5.62 -62.03 11.01
C ARG E 125 5.38 -61.12 9.81
N PHE E 126 5.91 -61.48 8.63
CA PHE E 126 5.78 -60.66 7.42
C PHE E 126 5.30 -61.49 6.25
N SER E 127 4.45 -60.89 5.42
CA SER E 127 3.89 -61.55 4.26
C SER E 127 4.26 -60.75 3.00
N LEU E 128 5.26 -61.19 2.26
CA LEU E 128 5.75 -60.47 1.09
C LEU E 128 5.15 -61.01 -0.21
N SER E 129 4.86 -60.12 -1.17
CA SER E 129 4.30 -60.50 -2.46
C SER E 129 5.43 -61.00 -3.35
N THR E 130 5.26 -62.18 -3.97
CA THR E 130 6.32 -62.77 -4.78
C THR E 130 5.94 -62.86 -6.22
N LEU E 131 6.94 -62.85 -7.08
CA LEU E 131 6.75 -63.04 -8.50
C LEU E 131 7.43 -64.37 -8.86
N PRO E 132 6.87 -65.16 -9.81
CA PRO E 132 7.43 -66.49 -10.09
C PRO E 132 8.94 -66.52 -10.39
N ALA E 133 9.63 -67.56 -9.91
CA ALA E 133 11.07 -67.74 -10.15
C ALA E 133 11.36 -67.95 -11.63
N ALA E 134 10.44 -68.59 -12.37
CA ALA E 134 10.60 -68.88 -13.79
C ALA E 134 10.68 -67.61 -14.64
N ASP E 135 10.11 -66.49 -14.14
CA ASP E 135 10.15 -65.19 -14.84
C ASP E 135 11.44 -64.40 -14.59
N PHE E 136 12.34 -64.89 -13.72
CA PHE E 136 13.57 -64.17 -13.39
C PHE E 136 14.54 -64.21 -14.56
N PRO E 137 15.22 -63.07 -14.89
CA PRO E 137 16.14 -63.07 -16.04
C PRO E 137 17.37 -63.99 -15.88
N ASN E 138 17.35 -65.10 -16.60
CA ASN E 138 18.47 -66.02 -16.64
C ASN E 138 19.39 -65.53 -17.75
N LEU E 139 20.69 -65.41 -17.46
CA LEU E 139 21.67 -65.06 -18.48
C LEU E 139 22.07 -66.34 -19.22
N ASP E 140 22.07 -66.28 -20.59
CA ASP E 140 22.35 -67.45 -21.43
C ASP E 140 23.78 -67.96 -21.19
N ASP E 141 23.97 -69.28 -21.25
CA ASP E 141 25.25 -69.90 -20.92
C ASP E 141 26.35 -69.39 -21.85
N TRP E 142 27.53 -69.16 -21.28
CA TRP E 142 28.72 -68.73 -22.02
C TRP E 142 29.90 -69.54 -21.52
N GLN E 143 30.98 -69.62 -22.29
CA GLN E 143 32.14 -70.40 -21.90
C GLN E 143 33.40 -69.52 -21.74
N SER E 144 34.18 -69.75 -20.66
CA SER E 144 35.36 -68.97 -20.33
C SER E 144 36.50 -69.22 -21.28
N GLU E 145 37.33 -68.17 -21.51
CA GLU E 145 38.52 -68.23 -22.36
C GLU E 145 39.78 -68.01 -21.53
N VAL E 146 39.81 -66.95 -20.72
CA VAL E 146 40.94 -66.64 -19.86
C VAL E 146 40.49 -66.84 -18.41
N GLU E 147 41.27 -67.58 -17.62
CA GLU E 147 40.93 -67.86 -16.23
C GLU E 147 42.16 -67.68 -15.36
N PHE E 148 42.01 -66.92 -14.27
CA PHE E 148 43.13 -66.65 -13.38
C PHE E 148 42.68 -66.25 -11.98
N THR E 149 43.61 -66.30 -11.03
CA THR E 149 43.36 -65.94 -9.65
C THR E 149 44.34 -64.86 -9.20
N LEU E 150 43.88 -63.95 -8.34
CA LEU E 150 44.71 -62.89 -7.76
C LEU E 150 44.14 -62.42 -6.43
N PRO E 151 44.93 -61.72 -5.58
CA PRO E 151 44.36 -61.27 -4.30
C PRO E 151 43.33 -60.15 -4.47
N GLN E 152 42.37 -60.09 -3.57
CA GLN E 152 41.37 -59.02 -3.65
C GLN E 152 42.02 -57.62 -3.63
N ALA E 153 43.06 -57.41 -2.81
CA ALA E 153 43.75 -56.12 -2.70
C ALA E 153 44.33 -55.66 -4.04
N THR E 154 44.77 -56.61 -4.87
CA THR E 154 45.33 -56.33 -6.19
C THR E 154 44.24 -55.79 -7.09
N MET E 155 43.10 -56.50 -7.20
CA MET E 155 41.98 -56.07 -8.02
C MET E 155 41.44 -54.73 -7.52
N LYS E 156 41.30 -54.60 -6.20
CA LYS E 156 40.81 -53.37 -5.59
C LYS E 156 41.67 -52.18 -6.00
N ARG E 157 42.98 -52.33 -5.88
CA ARG E 157 43.90 -51.25 -6.23
C ARG E 157 43.79 -50.93 -7.71
N LEU E 158 43.73 -51.97 -8.56
CA LEU E 158 43.61 -51.81 -10.01
C LEU E 158 42.34 -51.03 -10.38
N ILE E 159 41.21 -51.33 -9.75
CA ILE E 159 39.97 -50.63 -10.05
C ILE E 159 39.98 -49.25 -9.39
N GLU E 160 40.27 -49.18 -8.08
CA GLU E 160 40.29 -47.91 -7.34
C GLU E 160 41.13 -46.81 -8.02
N ALA E 161 42.32 -47.18 -8.50
CA ALA E 161 43.24 -46.22 -9.07
C ALA E 161 42.86 -45.74 -10.47
N THR E 162 41.83 -46.32 -11.12
CA THR E 162 41.42 -45.92 -12.48
C THR E 162 39.91 -45.68 -12.62
N GLN E 163 39.13 -45.95 -11.54
CA GLN E 163 37.67 -45.86 -11.52
C GLN E 163 37.20 -44.51 -12.04
N PHE E 164 37.79 -43.44 -11.48
CA PHE E 164 37.39 -42.04 -11.66
C PHE E 164 37.51 -41.52 -13.07
N SER E 165 38.43 -42.07 -13.86
CA SER E 165 38.65 -41.62 -15.24
C SER E 165 37.63 -42.16 -16.24
N MET E 166 36.75 -43.10 -15.87
CA MET E 166 35.75 -43.65 -16.80
C MET E 166 34.76 -42.56 -17.23
N ALA E 167 34.23 -42.64 -18.47
CA ALA E 167 33.20 -41.70 -18.92
C ALA E 167 31.85 -42.16 -18.33
N HIS E 168 30.88 -41.24 -18.06
CA HIS E 168 29.57 -41.66 -17.50
C HIS E 168 28.47 -41.87 -18.58
N GLN E 169 28.12 -40.80 -19.31
CA GLN E 169 27.05 -40.88 -20.31
C GLN E 169 27.59 -40.44 -21.65
N ASP E 170 28.81 -40.88 -22.04
CA ASP E 170 29.36 -40.45 -23.33
C ASP E 170 28.69 -41.18 -24.48
N VAL E 171 28.48 -40.47 -25.62
CA VAL E 171 27.87 -41.12 -26.79
C VAL E 171 28.75 -42.28 -27.23
N ARG E 172 30.09 -42.15 -27.01
CA ARG E 172 31.09 -43.18 -27.30
C ARG E 172 30.97 -44.26 -26.23
N TYR E 173 29.96 -45.12 -26.38
CA TYR E 173 29.58 -46.18 -25.45
C TYR E 173 30.75 -47.01 -24.87
N TYR E 174 31.79 -47.29 -25.67
CA TYR E 174 32.96 -48.07 -25.26
C TYR E 174 33.79 -47.39 -24.18
N LEU E 175 33.63 -46.05 -24.05
CA LEU E 175 34.33 -45.24 -23.05
C LEU E 175 33.70 -45.43 -21.68
N ASN E 176 32.36 -45.62 -21.64
CA ASN E 176 31.59 -45.78 -20.39
C ASN E 176 31.81 -47.17 -19.77
N GLY E 177 33.04 -47.35 -19.30
CA GLY E 177 33.49 -48.58 -18.71
C GLY E 177 34.99 -48.60 -18.55
N MET E 178 35.54 -49.74 -18.09
CA MET E 178 36.96 -49.92 -17.84
C MET E 178 37.51 -51.11 -18.62
N LEU E 179 38.71 -50.97 -19.18
CA LEU E 179 39.32 -52.04 -19.93
C LEU E 179 40.11 -52.92 -18.99
N PHE E 180 39.93 -54.23 -19.10
CA PHE E 180 40.66 -55.22 -18.30
C PHE E 180 41.54 -56.02 -19.26
N GLU E 181 42.79 -55.62 -19.38
CA GLU E 181 43.73 -56.21 -20.33
C GLU E 181 44.76 -57.04 -19.60
N THR E 182 44.98 -58.30 -20.02
CA THR E 182 46.00 -59.21 -19.47
C THR E 182 47.18 -59.30 -20.46
N GLU E 183 48.37 -58.93 -20.01
CA GLU E 183 49.54 -58.94 -20.90
C GLU E 183 50.73 -59.55 -20.14
N GLY E 184 51.03 -60.80 -20.44
CA GLY E 184 52.13 -61.53 -19.82
C GLY E 184 51.81 -61.95 -18.40
N GLU E 185 52.56 -61.42 -17.42
CA GLU E 185 52.28 -61.67 -16.00
C GLU E 185 51.35 -60.61 -15.44
N GLU E 186 51.32 -59.42 -16.07
CA GLU E 186 50.56 -58.28 -15.55
C GLU E 186 49.08 -58.28 -15.99
N LEU E 187 48.21 -57.75 -15.10
CA LEU E 187 46.80 -57.44 -15.36
C LEU E 187 46.70 -55.90 -15.35
N ARG E 188 46.15 -55.35 -16.45
CA ARG E 188 46.08 -53.91 -16.69
C ARG E 188 44.63 -53.41 -16.71
N THR E 189 44.35 -52.29 -16.00
CA THR E 189 43.04 -51.63 -16.08
C THR E 189 43.25 -50.24 -16.66
N VAL E 190 42.49 -49.91 -17.70
CA VAL E 190 42.60 -48.61 -18.35
C VAL E 190 41.22 -47.99 -18.39
N ALA E 191 41.13 -46.70 -18.05
CA ALA E 191 39.88 -45.95 -18.11
C ALA E 191 40.16 -44.53 -18.64
N THR E 192 39.29 -44.04 -19.51
CA THR E 192 39.45 -42.70 -20.08
C THR E 192 38.12 -42.16 -20.58
N ASP E 193 37.99 -40.83 -20.62
CA ASP E 193 36.75 -40.16 -21.02
C ASP E 193 36.91 -39.22 -22.22
N GLY E 194 38.12 -39.16 -22.78
CA GLY E 194 38.41 -38.26 -23.90
C GLY E 194 39.20 -37.04 -23.47
N HIS E 195 39.25 -36.74 -22.15
CA HIS E 195 40.00 -35.60 -21.60
C HIS E 195 41.17 -36.05 -20.73
N ARG E 196 40.97 -37.13 -19.97
CA ARG E 196 41.98 -37.68 -19.11
C ARG E 196 42.00 -39.19 -19.19
N LEU E 197 43.12 -39.80 -18.79
CA LEU E 197 43.27 -41.25 -18.83
C LEU E 197 43.96 -41.72 -17.58
N ALA E 198 43.58 -42.91 -17.11
CA ALA E 198 44.20 -43.56 -15.97
C ALA E 198 44.51 -44.97 -16.36
N VAL E 199 45.73 -45.42 -16.08
CA VAL E 199 46.15 -46.78 -16.40
C VAL E 199 46.91 -47.34 -15.21
N CYS E 200 46.64 -48.59 -14.89
CA CYS E 200 47.28 -49.27 -13.77
C CYS E 200 47.51 -50.73 -14.13
N SER E 201 48.73 -51.21 -13.93
CA SER E 201 49.08 -52.58 -14.27
C SER E 201 49.87 -53.20 -13.14
N MET E 202 49.48 -54.41 -12.72
CA MET E 202 50.17 -55.06 -11.62
C MET E 202 50.38 -56.53 -11.89
N PRO E 203 51.57 -57.04 -11.51
CA PRO E 203 51.86 -58.47 -11.74
C PRO E 203 51.06 -59.40 -10.83
N ILE E 204 50.58 -60.52 -11.39
CA ILE E 204 49.79 -61.50 -10.64
C ILE E 204 50.41 -62.92 -10.69
N GLY E 205 51.73 -62.99 -10.85
CA GLY E 205 52.48 -64.24 -10.80
C GLY E 205 51.95 -65.36 -11.66
N GLN E 206 51.48 -65.07 -12.88
CA GLN E 206 50.90 -66.09 -13.76
C GLN E 206 51.22 -65.85 -15.22
N SER E 207 51.32 -66.94 -16.00
CA SER E 207 51.50 -66.87 -17.44
C SER E 207 50.17 -66.57 -18.11
N LEU E 208 49.90 -65.30 -18.46
CA LEU E 208 48.60 -64.98 -19.07
C LEU E 208 48.67 -64.73 -20.57
N PRO E 209 47.60 -65.10 -21.29
CA PRO E 209 47.53 -64.77 -22.72
C PRO E 209 47.14 -63.33 -22.92
N SER E 210 47.51 -62.76 -24.06
CA SER E 210 47.15 -61.36 -24.36
C SER E 210 45.65 -61.27 -24.72
N HIS E 211 44.84 -60.66 -23.83
CA HIS E 211 43.40 -60.58 -24.01
C HIS E 211 42.91 -59.28 -23.39
N SER E 212 42.13 -58.46 -24.13
CA SER E 212 41.59 -57.19 -23.61
C SER E 212 40.08 -57.16 -23.73
N VAL E 213 39.37 -56.84 -22.63
CA VAL E 213 37.90 -56.75 -22.58
C VAL E 213 37.44 -55.49 -21.87
N ILE E 214 36.29 -54.92 -22.31
CA ILE E 214 35.71 -53.72 -21.69
C ILE E 214 34.59 -54.12 -20.73
N VAL E 215 34.79 -53.89 -19.43
CA VAL E 215 33.76 -54.16 -18.43
C VAL E 215 32.91 -52.88 -18.26
N PRO E 216 31.56 -52.96 -18.34
CA PRO E 216 30.76 -51.74 -18.22
C PRO E 216 30.95 -50.95 -16.93
N ARG E 217 30.67 -49.65 -17.00
CA ARG E 217 30.83 -48.73 -15.87
C ARG E 217 30.14 -49.25 -14.59
N LYS E 218 28.87 -49.64 -14.70
CA LYS E 218 28.12 -50.11 -13.52
C LYS E 218 28.64 -51.45 -12.98
N GLY E 219 29.10 -52.32 -13.87
CA GLY E 219 29.65 -53.61 -13.49
C GLY E 219 30.92 -53.45 -12.68
N VAL E 220 31.80 -52.54 -13.13
CA VAL E 220 33.06 -52.19 -12.47
C VAL E 220 32.80 -51.76 -11.03
N ILE E 221 31.77 -50.94 -10.82
CA ILE E 221 31.46 -50.44 -9.49
C ILE E 221 31.03 -51.58 -8.58
N GLU E 222 30.11 -52.44 -9.07
CA GLU E 222 29.63 -53.58 -8.28
C GLU E 222 30.72 -54.61 -8.05
N LEU E 223 31.66 -54.73 -8.96
CA LEU E 223 32.78 -55.64 -8.77
C LEU E 223 33.67 -55.13 -7.63
N MET E 224 33.98 -53.83 -7.63
CA MET E 224 34.83 -53.23 -6.63
C MET E 224 34.18 -53.25 -5.25
N ARG E 225 32.84 -53.09 -5.22
CA ARG E 225 32.07 -53.07 -3.97
C ARG E 225 32.06 -54.44 -3.30
N MET E 226 32.12 -55.53 -4.10
CA MET E 226 32.13 -56.89 -3.55
C MET E 226 33.48 -57.29 -2.94
N LEU E 227 34.56 -56.59 -3.33
CA LEU E 227 35.90 -56.84 -2.78
C LEU E 227 36.04 -56.09 -1.45
N ASP E 228 36.11 -56.80 -0.33
CA ASP E 228 36.36 -56.18 0.96
C ASP E 228 37.80 -55.64 1.07
N GLY E 229 38.72 -56.15 0.24
CA GLY E 229 40.14 -55.79 0.22
C GLY E 229 41.05 -56.73 1.01
N GLY E 230 40.59 -57.97 1.25
CA GLY E 230 41.35 -58.95 2.00
C GLY E 230 42.38 -59.70 1.16
N ASP E 231 42.83 -60.86 1.67
CA ASP E 231 43.79 -61.71 0.96
C ASP E 231 43.05 -62.83 0.23
N ASN E 232 41.84 -63.24 0.72
CA ASN E 232 41.05 -64.30 0.11
C ASN E 232 41.12 -64.13 -1.41
N PRO E 233 41.49 -65.19 -2.14
CA PRO E 233 41.66 -65.00 -3.59
C PRO E 233 40.39 -64.71 -4.38
N LEU E 234 40.58 -64.14 -5.56
CA LEU E 234 39.53 -63.77 -6.51
C LEU E 234 39.76 -64.51 -7.82
N ARG E 235 38.81 -65.37 -8.23
CA ARG E 235 38.95 -66.13 -9.47
C ARG E 235 38.19 -65.45 -10.60
N VAL E 236 38.91 -64.83 -11.55
CA VAL E 236 38.31 -64.09 -12.68
C VAL E 236 38.23 -64.98 -13.92
N GLN E 237 37.05 -65.06 -14.55
CA GLN E 237 36.86 -65.82 -15.78
C GLN E 237 36.41 -64.85 -16.88
N ILE E 238 37.25 -64.58 -17.88
CA ILE E 238 36.91 -63.71 -18.99
C ILE E 238 36.52 -64.57 -20.19
N GLY E 239 35.30 -64.40 -20.68
CA GLY E 239 34.80 -65.15 -21.81
C GLY E 239 34.75 -64.36 -23.10
N SER E 240 33.86 -64.75 -24.02
CA SER E 240 33.72 -64.07 -25.31
C SER E 240 33.05 -62.71 -25.14
N ASN E 241 31.88 -62.68 -24.48
CA ASN E 241 31.11 -61.47 -24.22
C ASN E 241 30.65 -61.36 -22.77
N ASN E 242 31.33 -62.06 -21.84
CA ASN E 242 31.00 -61.99 -20.41
C ASN E 242 32.27 -62.04 -19.56
N ILE E 243 32.17 -61.56 -18.31
CA ILE E 243 33.25 -61.66 -17.33
C ILE E 243 32.64 -62.17 -16.03
N ARG E 244 33.36 -63.03 -15.28
CA ARG E 244 32.86 -63.57 -14.01
C ARG E 244 33.92 -63.41 -12.94
N ALA E 245 33.50 -63.15 -11.70
CA ALA E 245 34.42 -62.95 -10.58
C ALA E 245 33.92 -63.69 -9.34
N HIS E 246 34.69 -64.67 -8.84
CA HIS E 246 34.32 -65.46 -7.67
C HIS E 246 35.11 -64.98 -6.47
N VAL E 247 34.42 -64.31 -5.54
CA VAL E 247 34.94 -63.83 -4.26
C VAL E 247 34.23 -64.54 -3.12
N GLY E 248 34.88 -65.50 -2.45
CA GLY E 248 34.23 -66.20 -1.36
C GLY E 248 32.95 -66.90 -1.80
N ASP E 249 31.83 -66.55 -1.15
CA ASP E 249 30.52 -67.13 -1.47
C ASP E 249 29.71 -66.23 -2.44
N PHE E 250 30.39 -65.32 -3.18
CA PHE E 250 29.78 -64.40 -4.13
C PHE E 250 30.32 -64.66 -5.51
N ILE E 251 29.43 -64.68 -6.51
CA ILE E 251 29.80 -64.86 -7.91
C ILE E 251 29.20 -63.73 -8.73
N PHE E 252 30.04 -62.78 -9.13
CA PHE E 252 29.59 -61.66 -9.95
C PHE E 252 29.78 -62.00 -11.43
N THR E 253 28.77 -61.74 -12.26
CA THR E 253 28.84 -61.95 -13.71
C THR E 253 28.34 -60.70 -14.42
N SER E 254 28.99 -60.29 -15.52
CA SER E 254 28.62 -59.08 -16.25
C SER E 254 28.90 -59.21 -17.76
N LYS E 255 28.00 -58.67 -18.59
CA LYS E 255 28.21 -58.66 -20.04
C LYS E 255 29.29 -57.64 -20.32
N LEU E 256 30.09 -57.84 -21.37
CA LEU E 256 31.16 -56.92 -21.70
C LEU E 256 30.66 -55.93 -22.74
N VAL E 257 31.22 -54.71 -22.76
CA VAL E 257 30.87 -53.66 -23.72
C VAL E 257 31.49 -54.05 -25.06
N ASP E 258 30.65 -54.28 -26.08
CA ASP E 258 31.06 -54.73 -27.40
C ASP E 258 31.52 -53.51 -28.22
N GLY E 259 32.75 -53.05 -27.95
CA GLY E 259 33.32 -51.89 -28.64
C GLY E 259 34.83 -51.96 -28.74
N ARG E 260 35.43 -50.97 -29.40
CA ARG E 260 36.89 -50.93 -29.60
C ARG E 260 37.51 -49.84 -28.75
N PHE E 261 38.10 -50.22 -27.63
CA PHE E 261 38.68 -49.27 -26.69
C PHE E 261 39.93 -48.63 -27.27
N PRO E 262 40.14 -47.30 -27.07
CA PRO E 262 41.38 -46.68 -27.59
C PRO E 262 42.67 -47.24 -26.98
N ASP E 263 43.78 -47.17 -27.73
CA ASP E 263 45.06 -47.67 -27.24
C ASP E 263 45.71 -46.65 -26.30
N TYR E 264 45.93 -47.07 -25.03
CA TYR E 264 46.52 -46.19 -24.03
C TYR E 264 47.94 -45.78 -24.40
N ARG E 265 48.65 -46.65 -25.11
CA ARG E 265 50.04 -46.42 -25.47
C ARG E 265 50.16 -45.22 -26.40
N ARG E 266 49.16 -44.99 -27.27
CA ARG E 266 49.17 -43.86 -28.19
C ARG E 266 48.87 -42.55 -27.47
N VAL E 267 48.11 -42.65 -26.37
CA VAL E 267 47.69 -41.49 -25.59
C VAL E 267 48.85 -40.98 -24.72
N LEU E 268 49.71 -41.90 -24.27
CA LEU E 268 50.86 -41.57 -23.44
C LEU E 268 51.76 -40.54 -24.11
N PRO E 269 52.20 -39.45 -23.41
CA PRO E 269 53.14 -38.51 -24.03
C PRO E 269 54.30 -39.17 -24.78
N LYS E 270 54.60 -38.71 -26.02
CA LYS E 270 55.57 -39.39 -26.89
C LYS E 270 56.88 -39.64 -26.18
N ASN E 271 57.60 -38.57 -25.81
CA ASN E 271 58.80 -38.63 -24.97
C ASN E 271 58.98 -37.24 -24.33
N PRO E 272 58.64 -37.09 -23.04
CA PRO E 272 58.60 -35.74 -22.44
C PRO E 272 59.98 -35.17 -22.09
N ASP E 273 60.12 -33.83 -22.14
CA ASP E 273 61.40 -33.17 -21.90
C ASP E 273 61.48 -32.38 -20.58
N LYS E 274 60.35 -32.09 -19.95
CA LYS E 274 60.28 -31.29 -18.73
C LYS E 274 59.65 -32.11 -17.58
N HIS E 275 60.44 -32.55 -16.58
CA HIS E 275 59.91 -33.33 -15.46
C HIS E 275 59.96 -32.49 -14.17
N LEU E 276 58.83 -32.45 -13.46
CA LEU E 276 58.63 -31.70 -12.22
C LEU E 276 58.34 -32.71 -11.09
N GLU E 277 59.01 -32.57 -9.95
CA GLU E 277 58.75 -33.42 -8.80
C GLU E 277 58.34 -32.55 -7.62
N ALA E 278 57.29 -32.96 -6.92
CA ALA E 278 56.81 -32.22 -5.74
C ALA E 278 56.03 -33.13 -4.80
N GLY E 279 55.83 -32.66 -3.57
CA GLY E 279 55.09 -33.39 -2.56
C GLY E 279 53.62 -33.50 -2.91
N CYS E 280 53.09 -34.72 -2.99
CA CYS E 280 51.71 -34.97 -3.40
C CYS E 280 50.69 -34.13 -2.62
N ASP E 281 50.83 -34.08 -1.29
CA ASP E 281 49.89 -33.34 -0.45
C ASP E 281 50.03 -31.83 -0.62
N LEU E 282 51.27 -31.32 -0.68
CA LEU E 282 51.48 -29.87 -0.85
C LEU E 282 50.93 -29.40 -2.20
N LEU E 283 51.10 -30.24 -3.24
CA LEU E 283 50.64 -29.95 -4.58
C LEU E 283 49.10 -30.01 -4.64
N LYS E 284 48.52 -31.03 -3.97
CA LYS E 284 47.05 -31.20 -3.90
C LYS E 284 46.40 -30.04 -3.16
N GLN E 285 46.97 -29.61 -2.01
CA GLN E 285 46.46 -28.49 -1.24
C GLN E 285 46.48 -27.21 -2.04
N ALA E 286 47.56 -26.93 -2.78
CA ALA E 286 47.67 -25.72 -3.59
C ALA E 286 46.60 -25.68 -4.70
N PHE E 287 46.38 -26.82 -5.38
CA PHE E 287 45.36 -26.90 -6.44
C PHE E 287 43.96 -26.78 -5.85
N ALA E 288 43.75 -27.36 -4.67
CA ALA E 288 42.46 -27.30 -4.00
C ALA E 288 42.14 -25.86 -3.60
N ARG E 289 43.16 -25.11 -3.14
CA ARG E 289 42.96 -23.71 -2.72
C ARG E 289 42.79 -22.80 -3.92
N ALA E 290 43.57 -23.04 -4.99
CA ALA E 290 43.45 -22.24 -6.22
C ALA E 290 42.07 -22.45 -6.87
N ALA E 291 41.57 -23.71 -6.86
CA ALA E 291 40.27 -24.07 -7.43
C ALA E 291 39.12 -23.25 -6.88
N ILE E 292 39.28 -22.66 -5.69
CA ILE E 292 38.21 -21.88 -5.05
C ILE E 292 37.87 -20.66 -5.93
N LEU E 293 38.90 -19.95 -6.44
CA LEU E 293 38.66 -18.77 -7.26
C LEU E 293 38.82 -19.06 -8.75
N SER E 294 38.58 -20.32 -9.16
CA SER E 294 38.58 -20.73 -10.57
C SER E 294 37.16 -20.61 -11.13
N ASN E 295 37.02 -20.73 -12.45
CA ASN E 295 35.70 -20.67 -13.09
C ASN E 295 34.85 -21.85 -12.59
N GLU E 296 33.61 -21.59 -12.19
CA GLU E 296 32.75 -22.63 -11.60
C GLU E 296 32.36 -23.73 -12.60
N LYS E 297 32.30 -23.39 -13.90
CA LYS E 297 31.91 -24.32 -14.94
C LYS E 297 33.10 -24.95 -15.64
N PHE E 298 34.11 -24.14 -15.98
CA PHE E 298 35.27 -24.60 -16.75
C PHE E 298 36.45 -25.03 -15.88
N ARG E 299 36.57 -24.51 -14.65
CA ARG E 299 37.59 -24.91 -13.68
C ARG E 299 39.02 -24.78 -14.23
N GLY E 300 39.30 -23.65 -14.86
CA GLY E 300 40.61 -23.39 -15.46
C GLY E 300 41.63 -22.77 -14.50
N VAL E 301 42.78 -23.46 -14.30
CA VAL E 301 43.91 -22.92 -13.53
C VAL E 301 45.11 -22.84 -14.48
N ARG E 302 46.18 -22.12 -14.10
CA ARG E 302 47.41 -22.01 -14.91
C ARG E 302 48.56 -22.60 -14.15
N LEU E 303 49.63 -22.96 -14.88
CA LEU E 303 50.89 -23.49 -14.31
C LEU E 303 52.07 -22.75 -14.94
N TYR E 304 52.82 -21.97 -14.15
CA TYR E 304 54.05 -21.36 -14.66
C TYR E 304 55.18 -22.15 -14.05
N VAL E 305 55.85 -22.99 -14.84
CA VAL E 305 56.98 -23.79 -14.36
C VAL E 305 58.29 -23.06 -14.61
N SER E 306 58.89 -22.53 -13.54
CA SER E 306 60.20 -21.89 -13.62
C SER E 306 61.20 -22.80 -12.92
N GLU E 307 62.50 -22.52 -12.99
CA GLU E 307 63.46 -23.44 -12.39
C GLU E 307 63.19 -23.57 -10.86
N ASN E 308 62.81 -24.79 -10.43
CA ASN E 308 62.47 -25.18 -9.05
C ASN E 308 61.36 -24.32 -8.40
N GLN E 309 60.33 -24.00 -9.19
CA GLN E 309 59.21 -23.22 -8.71
C GLN E 309 58.00 -23.39 -9.63
N LEU E 310 56.83 -23.67 -9.05
CA LEU E 310 55.57 -23.82 -9.78
C LEU E 310 54.60 -22.75 -9.27
N LYS E 311 53.97 -21.98 -10.18
CA LYS E 311 52.99 -20.98 -9.80
C LYS E 311 51.63 -21.35 -10.40
N ILE E 312 50.61 -21.57 -9.54
CA ILE E 312 49.26 -21.90 -9.96
C ILE E 312 48.42 -20.62 -9.84
N THR E 313 47.72 -20.22 -10.92
CA THR E 313 46.88 -19.02 -10.96
C THR E 313 45.49 -19.42 -11.40
N ALA E 314 44.47 -18.96 -10.67
CA ALA E 314 43.08 -19.23 -11.01
C ALA E 314 42.31 -17.90 -11.10
N ASN E 315 41.41 -17.75 -12.08
CA ASN E 315 40.54 -16.57 -12.18
C ASN E 315 39.13 -16.97 -12.58
N ASN E 316 38.14 -16.22 -12.09
CA ASN E 316 36.73 -16.53 -12.35
C ASN E 316 36.06 -15.36 -13.04
N PRO E 317 34.81 -15.51 -13.55
CA PRO E 317 34.17 -14.37 -14.22
C PRO E 317 34.06 -13.10 -13.35
N GLU E 318 34.04 -13.26 -12.01
CA GLU E 318 33.97 -12.12 -11.10
C GLU E 318 35.32 -11.41 -10.92
N GLN E 319 36.34 -11.76 -11.75
CA GLN E 319 37.68 -11.18 -11.71
C GLN E 319 38.39 -11.35 -10.37
N GLU E 320 38.13 -12.45 -9.67
CA GLU E 320 38.84 -12.76 -8.44
C GLU E 320 40.00 -13.65 -8.82
N GLU E 321 41.13 -13.51 -8.14
CA GLU E 321 42.32 -14.25 -8.50
C GLU E 321 42.94 -14.93 -7.29
N ALA E 322 43.32 -16.20 -7.48
CA ALA E 322 44.07 -16.99 -6.50
C ALA E 322 45.49 -17.15 -7.06
N GLU E 323 46.49 -17.26 -6.19
CA GLU E 323 47.87 -17.46 -6.62
C GLU E 323 48.58 -18.34 -5.62
N GLU E 324 49.17 -19.44 -6.09
CA GLU E 324 49.89 -20.39 -5.23
C GLU E 324 51.29 -20.58 -5.78
N ILE E 325 52.32 -20.39 -4.95
CA ILE E 325 53.71 -20.60 -5.36
C ILE E 325 54.29 -21.77 -4.55
N LEU E 326 54.85 -22.77 -5.25
CA LEU E 326 55.40 -23.97 -4.60
C LEU E 326 56.86 -24.15 -4.96
N ASP E 327 57.63 -24.74 -4.05
CA ASP E 327 59.02 -25.08 -4.31
C ASP E 327 59.01 -26.52 -4.80
N VAL E 328 59.36 -26.70 -6.08
CA VAL E 328 59.35 -28.00 -6.73
C VAL E 328 60.78 -28.38 -7.17
N THR E 329 60.96 -29.61 -7.62
CA THR E 329 62.22 -30.10 -8.12
C THR E 329 62.09 -30.09 -9.63
N TYR E 330 62.36 -28.95 -10.24
CA TYR E 330 62.19 -28.81 -11.68
C TYR E 330 63.34 -28.05 -12.34
N SER E 331 64.03 -28.70 -13.29
CA SER E 331 65.11 -28.10 -14.07
C SER E 331 64.83 -28.32 -15.57
N GLY E 332 64.52 -27.24 -16.27
CA GLY E 332 64.19 -27.31 -17.69
C GLY E 332 63.64 -25.99 -18.18
N ALA E 333 63.09 -25.95 -19.42
CA ALA E 333 62.69 -24.66 -19.96
C ALA E 333 61.41 -24.15 -19.35
N GLU E 334 61.27 -22.81 -19.27
CA GLU E 334 60.08 -22.18 -18.70
C GLU E 334 58.92 -22.30 -19.68
N MET E 335 57.77 -22.77 -19.19
CA MET E 335 56.57 -22.88 -20.01
C MET E 335 55.31 -22.65 -19.16
N GLU E 336 54.17 -22.43 -19.84
CA GLU E 336 52.90 -22.12 -19.22
C GLU E 336 51.85 -23.11 -19.74
N ILE E 337 51.01 -23.71 -18.86
CA ILE E 337 50.00 -24.68 -19.30
C ILE E 337 48.67 -24.52 -18.53
N GLY E 338 47.57 -24.54 -19.26
CA GLY E 338 46.24 -24.43 -18.70
C GLY E 338 45.65 -25.80 -18.39
N PHE E 339 44.97 -25.94 -17.23
CA PHE E 339 44.40 -27.22 -16.84
C PHE E 339 43.06 -27.11 -16.13
N ASN E 340 42.26 -28.17 -16.24
CA ASN E 340 40.99 -28.30 -15.54
C ASN E 340 41.32 -28.79 -14.14
N VAL E 341 41.35 -27.88 -13.16
CA VAL E 341 41.83 -28.19 -11.81
C VAL E 341 41.17 -29.43 -11.21
N SER E 342 39.90 -29.72 -11.57
CA SER E 342 39.21 -30.91 -11.07
C SER E 342 39.86 -32.18 -11.61
N TYR E 343 40.21 -32.20 -12.89
CA TYR E 343 40.90 -33.34 -13.47
C TYR E 343 42.25 -33.59 -12.80
N VAL E 344 42.98 -32.50 -12.43
CA VAL E 344 44.29 -32.58 -11.79
C VAL E 344 44.14 -33.05 -10.36
N LEU E 345 43.17 -32.51 -9.64
CA LEU E 345 42.95 -32.92 -8.25
C LEU E 345 42.52 -34.39 -8.16
N ASP E 346 41.72 -34.86 -9.14
CA ASP E 346 41.28 -36.26 -9.21
C ASP E 346 42.48 -37.21 -9.21
N VAL E 347 43.53 -36.84 -9.95
CA VAL E 347 44.74 -37.64 -10.07
C VAL E 347 45.51 -37.62 -8.74
N LEU E 348 45.70 -36.43 -8.16
CA LEU E 348 46.43 -36.27 -6.90
C LEU E 348 45.79 -37.03 -5.76
N ASN E 349 44.47 -37.16 -5.79
CA ASN E 349 43.75 -37.93 -4.78
C ASN E 349 43.87 -39.42 -5.05
N ALA E 350 43.93 -39.84 -6.34
CA ALA E 350 44.08 -41.24 -6.72
C ALA E 350 45.47 -41.74 -6.35
N LEU E 351 46.46 -40.82 -6.45
CA LEU E 351 47.84 -41.08 -6.03
C LEU E 351 47.96 -40.90 -4.52
N LYS E 352 47.73 -41.95 -3.75
CA LYS E 352 47.85 -41.85 -2.30
C LYS E 352 49.31 -42.12 -1.96
N CYS E 353 50.16 -41.12 -2.22
CA CYS E 353 51.61 -41.27 -2.07
C CYS E 353 52.23 -40.00 -1.44
N GLU E 354 53.56 -40.01 -1.28
CA GLU E 354 54.31 -38.90 -0.69
C GLU E 354 54.78 -37.92 -1.77
N ASN E 355 55.37 -38.43 -2.88
CA ASN E 355 55.95 -37.59 -3.94
C ASN E 355 55.42 -37.95 -5.33
N VAL E 356 55.11 -36.93 -6.17
CA VAL E 356 54.58 -37.15 -7.53
C VAL E 356 55.54 -36.61 -8.56
N ARG E 357 55.42 -37.09 -9.80
CA ARG E 357 56.22 -36.63 -10.92
C ARG E 357 55.31 -36.22 -12.06
N MET E 358 55.55 -35.04 -12.65
CA MET E 358 54.76 -34.55 -13.78
C MET E 358 55.65 -34.45 -15.00
N MET E 359 55.24 -35.05 -16.12
CA MET E 359 56.03 -35.07 -17.34
C MET E 359 55.41 -34.17 -18.40
N LEU E 360 55.88 -32.92 -18.47
CA LEU E 360 55.37 -31.90 -19.40
C LEU E 360 56.08 -31.93 -20.75
N THR E 361 55.33 -31.71 -21.84
CA THR E 361 55.90 -31.65 -23.18
C THR E 361 55.93 -30.19 -23.64
N ASP E 362 54.74 -29.59 -23.74
CA ASP E 362 54.56 -28.18 -24.13
C ASP E 362 53.17 -27.71 -23.67
N SER E 363 52.82 -26.46 -23.95
CA SER E 363 51.55 -25.86 -23.53
C SER E 363 50.30 -26.49 -24.18
N VAL E 364 50.42 -27.16 -25.34
CA VAL E 364 49.27 -27.76 -26.03
C VAL E 364 49.30 -29.28 -26.03
N SER E 365 50.20 -29.90 -25.27
CA SER E 365 50.29 -31.36 -25.21
C SER E 365 50.02 -31.88 -23.79
N SER E 366 49.60 -33.14 -23.71
CA SER E 366 49.23 -33.79 -22.44
C SER E 366 50.42 -33.92 -21.48
N VAL E 367 50.12 -33.98 -20.17
CA VAL E 367 51.12 -34.19 -19.13
C VAL E 367 50.88 -35.54 -18.47
N GLN E 368 51.94 -36.30 -18.23
CA GLN E 368 51.82 -37.57 -17.57
C GLN E 368 52.14 -37.39 -16.09
N ILE E 369 51.17 -37.63 -15.22
CA ILE E 369 51.37 -37.51 -13.77
C ILE E 369 51.36 -38.91 -13.20
N GLU E 370 52.39 -39.24 -12.39
CA GLU E 370 52.49 -40.56 -11.76
C GLU E 370 53.26 -40.47 -10.44
N ASP E 371 53.21 -41.54 -9.64
CA ASP E 371 53.94 -41.59 -8.38
C ASP E 371 55.44 -41.62 -8.68
N ALA E 372 56.21 -40.76 -7.99
CA ALA E 372 57.65 -40.70 -8.19
C ALA E 372 58.36 -41.97 -7.71
N ALA E 373 57.71 -42.75 -6.82
CA ALA E 373 58.27 -43.99 -6.29
C ALA E 373 57.83 -45.20 -7.10
N SER E 374 56.57 -45.27 -7.52
CA SER E 374 56.03 -46.40 -8.28
C SER E 374 55.49 -45.98 -9.65
N GLN E 375 55.71 -46.82 -10.65
CA GLN E 375 55.22 -46.55 -12.01
C GLN E 375 54.10 -47.53 -12.41
N SER E 376 53.51 -48.28 -11.44
CA SER E 376 52.41 -49.20 -11.75
C SER E 376 51.21 -48.45 -12.32
N ALA E 377 50.92 -47.26 -11.77
CA ALA E 377 49.85 -46.41 -12.25
C ALA E 377 50.40 -45.12 -12.86
N ALA E 378 49.82 -44.72 -14.00
CA ALA E 378 50.18 -43.50 -14.69
C ALA E 378 48.91 -42.80 -15.15
N TYR E 379 48.93 -41.47 -15.16
CA TYR E 379 47.76 -40.67 -15.53
C TYR E 379 48.14 -39.65 -16.57
N VAL E 380 47.30 -39.48 -17.59
CA VAL E 380 47.53 -38.50 -18.66
C VAL E 380 46.36 -37.52 -18.64
N VAL E 381 46.65 -36.21 -18.55
CA VAL E 381 45.63 -35.18 -18.52
C VAL E 381 45.87 -34.21 -19.66
N MET E 382 44.85 -34.03 -20.52
CA MET E 382 44.94 -33.11 -21.65
C MET E 382 44.70 -31.66 -21.18
N PRO E 383 45.53 -30.69 -21.59
CA PRO E 383 45.34 -29.31 -21.11
C PRO E 383 44.24 -28.55 -21.82
N MET E 384 43.97 -27.34 -21.36
CA MET E 384 42.97 -26.49 -22.00
C MET E 384 43.65 -25.22 -22.51
N ARG E 385 43.04 -24.54 -23.52
CA ARG E 385 43.57 -23.28 -24.04
C ARG E 385 43.68 -22.26 -22.90
N LEU E 386 44.79 -21.52 -22.88
CA LEU E 386 45.04 -20.50 -21.85
C LEU E 386 44.16 -19.27 -22.10
N HIS F 20 38.57 -0.09 5.07
CA HIS F 20 40.02 -0.17 4.92
C HIS F 20 40.70 -0.78 6.16
N MET F 21 40.19 -1.92 6.61
CA MET F 21 40.73 -2.62 7.77
C MET F 21 41.96 -3.46 7.41
N LYS F 22 42.55 -4.09 8.41
CA LYS F 22 43.65 -5.01 8.23
C LYS F 22 43.79 -5.81 9.52
N PHE F 23 44.07 -7.11 9.42
CA PHE F 23 44.19 -7.96 10.60
C PHE F 23 45.01 -9.20 10.28
N THR F 24 45.64 -9.79 11.31
CA THR F 24 46.42 -11.02 11.13
C THR F 24 46.02 -12.00 12.23
N VAL F 25 45.33 -13.09 11.85
CA VAL F 25 44.84 -14.08 12.79
C VAL F 25 45.42 -15.43 12.45
N GLU F 26 45.73 -16.19 13.49
CA GLU F 26 46.16 -17.58 13.36
C GLU F 26 44.91 -18.36 12.94
N ARG F 27 45.06 -19.24 11.94
CA ARG F 27 43.96 -19.95 11.28
C ARG F 27 42.97 -20.68 12.21
N GLU F 28 43.42 -21.36 13.27
CA GLU F 28 42.50 -22.08 14.18
C GLU F 28 41.43 -21.15 14.82
N HIS F 29 41.84 -19.96 15.30
CA HIS F 29 40.98 -19.01 16.04
C HIS F 29 39.78 -18.48 15.23
N LEU F 30 39.77 -18.67 13.89
CA LEU F 30 38.68 -18.23 13.02
C LEU F 30 37.97 -19.35 12.26
N LEU F 31 38.49 -20.62 12.25
CA LEU F 31 37.82 -21.73 11.58
C LEU F 31 36.42 -22.02 12.15
N LYS F 32 36.29 -22.21 13.46
CA LYS F 32 34.97 -22.47 14.00
C LYS F 32 34.06 -21.26 13.82
N PRO F 33 34.52 -20.03 14.11
CA PRO F 33 33.68 -18.86 13.85
C PRO F 33 33.17 -18.73 12.43
N LEU F 34 34.03 -18.97 11.44
CA LEU F 34 33.61 -18.89 10.04
C LEU F 34 32.55 -19.94 9.73
N GLN F 35 32.73 -21.15 10.25
CA GLN F 35 31.82 -22.28 10.05
C GLN F 35 30.48 -22.07 10.76
N GLN F 36 30.46 -21.31 11.88
CA GLN F 36 29.23 -21.01 12.62
C GLN F 36 28.42 -19.84 11.99
N VAL F 37 29.09 -18.75 11.57
CA VAL F 37 28.40 -17.61 10.93
C VAL F 37 27.91 -17.94 9.51
N SER F 38 28.43 -19.03 8.88
CA SER F 38 27.99 -19.47 7.56
C SER F 38 26.76 -20.43 7.62
N GLY F 39 26.18 -20.61 8.81
CA GLY F 39 24.97 -21.39 9.01
C GLY F 39 23.73 -20.73 8.44
N PRO F 40 23.39 -19.47 8.86
CA PRO F 40 22.22 -18.76 8.27
C PRO F 40 22.29 -18.46 6.76
N LEU F 41 23.43 -18.77 6.11
CA LEU F 41 23.59 -18.67 4.66
C LEU F 41 23.28 -20.03 3.98
N GLY F 42 22.63 -19.98 2.82
CA GLY F 42 22.28 -21.16 2.04
C GLY F 42 22.77 -21.07 0.61
N GLY F 43 22.27 -21.99 -0.21
CA GLY F 43 22.61 -22.06 -1.63
C GLY F 43 21.89 -20.99 -2.43
N ARG F 44 22.67 -20.12 -3.08
CA ARG F 44 22.14 -19.02 -3.87
C ARG F 44 21.15 -18.17 -3.06
N PRO F 45 21.67 -17.28 -2.18
CA PRO F 45 20.79 -16.36 -1.46
C PRO F 45 20.08 -15.38 -2.41
N THR F 46 18.91 -14.89 -1.96
CA THR F 46 18.04 -13.97 -2.71
C THR F 46 18.82 -12.71 -3.13
N LEU F 47 19.62 -12.16 -2.22
CA LEU F 47 20.43 -10.98 -2.47
C LEU F 47 21.90 -11.36 -2.51
N PRO F 48 22.72 -10.67 -3.32
CA PRO F 48 24.15 -11.00 -3.35
C PRO F 48 24.87 -10.79 -2.02
N ILE F 49 24.55 -9.70 -1.32
CA ILE F 49 25.13 -9.39 -0.02
C ILE F 49 24.82 -10.49 1.00
N LEU F 50 23.69 -11.20 0.86
CA LEU F 50 23.33 -12.29 1.80
C LEU F 50 24.21 -13.55 1.65
N GLY F 51 25.12 -13.56 0.67
CA GLY F 51 26.10 -14.62 0.49
C GLY F 51 27.47 -14.25 1.03
N ASN F 52 27.63 -13.00 1.51
CA ASN F 52 28.88 -12.47 2.07
C ASN F 52 28.81 -12.41 3.60
N LEU F 53 29.98 -12.33 4.26
CA LEU F 53 30.08 -12.19 5.70
C LEU F 53 30.65 -10.81 6.05
N LEU F 54 30.00 -10.09 6.99
CA LEU F 54 30.46 -8.78 7.41
C LEU F 54 31.62 -8.93 8.38
N LEU F 55 32.80 -8.43 7.98
CA LEU F 55 33.99 -8.46 8.83
C LEU F 55 34.25 -7.06 9.35
N GLN F 56 34.29 -6.92 10.69
CA GLN F 56 34.45 -5.63 11.35
C GLN F 56 35.59 -5.70 12.37
N VAL F 57 36.73 -5.05 12.07
CA VAL F 57 37.83 -4.93 13.01
C VAL F 57 37.59 -3.66 13.82
N ALA F 58 37.57 -3.79 15.14
CA ALA F 58 37.34 -2.68 16.06
C ALA F 58 37.87 -3.12 17.42
N ASP F 59 38.14 -2.16 18.36
CA ASP F 59 38.68 -2.53 19.68
C ASP F 59 39.95 -3.37 19.36
N GLY F 60 40.13 -4.53 20.00
CA GLY F 60 41.17 -5.48 19.63
C GLY F 60 40.53 -6.80 19.26
N THR F 61 39.37 -6.71 18.54
CA THR F 61 38.51 -7.83 18.18
C THR F 61 37.99 -7.74 16.74
N LEU F 62 37.80 -8.91 16.12
CA LEU F 62 37.26 -9.08 14.77
C LEU F 62 35.86 -9.63 14.90
N SER F 63 34.90 -9.04 14.18
CA SER F 63 33.51 -9.48 14.24
C SER F 63 33.05 -10.00 12.87
N LEU F 64 32.68 -11.28 12.82
CA LEU F 64 32.19 -11.92 11.60
C LEU F 64 30.68 -12.00 11.73
N THR F 65 29.91 -11.49 10.75
CA THR F 65 28.45 -11.54 10.82
C THR F 65 27.88 -12.18 9.55
N GLY F 66 26.90 -13.08 9.73
CA GLY F 66 26.23 -13.77 8.62
C GLY F 66 24.73 -13.78 8.80
N THR F 67 23.99 -13.26 7.82
CA THR F 67 22.53 -13.14 7.93
C THR F 67 21.80 -13.66 6.69
N ASP F 68 20.48 -13.85 6.85
CA ASP F 68 19.55 -14.18 5.76
C ASP F 68 18.33 -13.22 5.82
N LEU F 69 18.50 -12.04 6.46
CA LEU F 69 17.48 -11.05 6.74
C LEU F 69 16.71 -11.42 7.97
N GLU F 70 16.11 -12.63 8.02
CA GLU F 70 15.29 -13.05 9.17
C GLU F 70 16.11 -13.30 10.45
N MET F 71 17.33 -13.83 10.32
CA MET F 71 18.18 -14.08 11.49
C MET F 71 19.63 -13.72 11.21
N GLU F 72 20.42 -13.53 12.28
CA GLU F 72 21.81 -13.08 12.22
C GLU F 72 22.68 -13.90 13.19
N MET F 73 23.96 -14.10 12.83
CA MET F 73 24.92 -14.79 13.70
C MET F 73 26.20 -13.98 13.74
N VAL F 74 26.61 -13.52 14.94
CA VAL F 74 27.83 -12.71 15.08
C VAL F 74 28.90 -13.46 15.89
N ALA F 75 30.09 -13.60 15.33
CA ALA F 75 31.19 -14.27 16.02
C ALA F 75 32.32 -13.27 16.30
N ARG F 76 32.75 -13.18 17.58
CA ARG F 76 33.80 -12.27 18.02
C ARG F 76 35.10 -13.05 18.12
N VAL F 77 36.15 -12.56 17.47
CA VAL F 77 37.44 -13.24 17.53
C VAL F 77 38.48 -12.27 18.06
N ALA F 78 39.18 -12.64 19.15
CA ALA F 78 40.19 -11.79 19.78
C ALA F 78 41.42 -11.64 18.89
N LEU F 79 41.88 -10.39 18.69
CA LEU F 79 43.04 -10.09 17.84
C LEU F 79 44.27 -9.69 18.69
N VAL F 80 45.28 -10.58 18.78
CA VAL F 80 46.49 -10.31 19.58
C VAL F 80 47.57 -9.63 18.75
N GLN F 81 47.57 -9.83 17.42
CA GLN F 81 48.56 -9.23 16.53
C GLN F 81 48.08 -7.86 16.02
N PRO F 82 49.01 -6.97 15.65
CA PRO F 82 48.61 -5.63 15.21
C PRO F 82 47.60 -5.65 14.06
N HIS F 83 46.66 -4.69 14.11
CA HIS F 83 45.58 -4.58 13.14
C HIS F 83 45.12 -3.14 12.97
N GLU F 84 44.30 -2.90 11.93
CA GLU F 84 43.72 -1.60 11.60
C GLU F 84 42.20 -1.73 11.59
N PRO F 85 41.45 -0.81 12.23
CA PRO F 85 39.99 -0.93 12.23
C PRO F 85 39.34 -0.52 10.91
N GLY F 86 38.17 -1.06 10.66
CA GLY F 86 37.40 -0.85 9.44
C GLY F 86 36.44 -1.99 9.20
N ALA F 87 35.76 -2.02 8.03
CA ALA F 87 34.81 -3.08 7.75
C ALA F 87 34.53 -3.29 6.26
N THR F 88 34.16 -4.53 5.90
CA THR F 88 33.76 -4.92 4.55
C THR F 88 33.06 -6.28 4.61
N THR F 89 32.44 -6.70 3.50
CA THR F 89 31.80 -8.01 3.41
C THR F 89 32.51 -8.84 2.33
N VAL F 90 32.70 -10.14 2.59
CA VAL F 90 33.42 -11.02 1.67
C VAL F 90 32.66 -12.36 1.47
N PRO F 91 32.69 -12.97 0.24
CA PRO F 91 31.95 -14.22 0.04
C PRO F 91 32.24 -15.27 1.09
N ALA F 92 31.19 -15.80 1.74
CA ALA F 92 31.33 -16.75 2.82
C ALA F 92 31.98 -18.08 2.38
N ARG F 93 31.48 -18.74 1.31
CA ARG F 93 32.02 -20.04 0.90
C ARG F 93 33.44 -19.96 0.46
N LYS F 94 33.80 -18.90 -0.27
CA LYS F 94 35.16 -18.75 -0.77
C LYS F 94 36.11 -18.44 0.39
N PHE F 95 35.75 -17.47 1.23
CA PHE F 95 36.61 -17.11 2.36
C PHE F 95 36.80 -18.28 3.33
N PHE F 96 35.73 -19.04 3.61
CA PHE F 96 35.85 -20.19 4.50
C PHE F 96 36.69 -21.30 3.86
N ASP F 97 36.36 -21.67 2.62
CA ASP F 97 37.09 -22.75 1.95
C ASP F 97 38.57 -22.41 1.82
N ILE F 98 38.91 -21.12 1.72
CA ILE F 98 40.31 -20.67 1.66
C ILE F 98 40.99 -20.90 3.02
N CYS F 99 40.39 -20.41 4.10
CA CYS F 99 40.94 -20.59 5.44
C CYS F 99 41.04 -22.07 5.81
N ARG F 100 40.03 -22.87 5.45
CA ARG F 100 40.07 -24.31 5.74
C ARG F 100 41.12 -25.02 4.87
N GLY F 101 41.20 -24.65 3.60
CA GLY F 101 42.15 -25.23 2.65
C GLY F 101 43.61 -24.99 3.00
N LEU F 102 43.90 -23.95 3.80
CA LEU F 102 45.25 -23.65 4.24
C LEU F 102 45.77 -24.70 5.22
N PRO F 103 47.10 -24.86 5.33
CA PRO F 103 47.63 -25.90 6.23
C PRO F 103 47.45 -25.54 7.70
N GLU F 104 47.44 -26.57 8.55
CA GLU F 104 47.23 -26.39 9.97
C GLU F 104 48.33 -25.51 10.57
N GLY F 105 47.93 -24.44 11.24
CA GLY F 105 48.86 -23.51 11.89
C GLY F 105 49.25 -22.33 11.03
N ALA F 106 48.46 -22.05 10.00
CA ALA F 106 48.73 -20.96 9.08
C ALA F 106 48.43 -19.58 9.66
N GLU F 107 49.20 -18.58 9.27
CA GLU F 107 49.05 -17.19 9.69
C GLU F 107 48.31 -16.48 8.60
N ILE F 108 47.05 -16.11 8.81
CA ILE F 108 46.26 -15.47 7.76
C ILE F 108 46.33 -13.95 7.93
N ALA F 109 46.97 -13.26 6.97
CA ALA F 109 47.06 -11.81 6.95
C ALA F 109 46.05 -11.24 5.95
N VAL F 110 44.98 -10.61 6.43
CA VAL F 110 43.90 -10.06 5.61
C VAL F 110 44.00 -8.54 5.56
N GLN F 111 44.10 -7.98 4.33
CA GLN F 111 44.30 -6.55 4.10
C GLN F 111 43.40 -6.06 2.96
N LEU F 112 42.75 -4.91 3.14
CA LEU F 112 41.85 -4.36 2.13
C LEU F 112 42.65 -3.72 1.02
N GLU F 113 42.31 -4.02 -0.25
CA GLU F 113 42.99 -3.45 -1.43
C GLU F 113 41.98 -3.03 -2.51
N GLY F 114 41.35 -1.88 -2.29
CA GLY F 114 40.36 -1.31 -3.21
C GLY F 114 39.04 -2.04 -3.18
N GLU F 115 38.58 -2.48 -4.37
CA GLU F 115 37.32 -3.23 -4.50
C GLU F 115 37.50 -4.72 -4.14
N ARG F 116 38.72 -5.13 -3.70
CA ARG F 116 39.02 -6.51 -3.32
C ARG F 116 39.57 -6.61 -1.89
N MET F 117 39.48 -7.80 -1.30
CA MET F 117 40.08 -8.14 -0.01
C MET F 117 41.27 -9.05 -0.31
N LEU F 118 42.46 -8.72 0.21
CA LEU F 118 43.65 -9.52 -0.01
C LEU F 118 43.91 -10.46 1.16
N VAL F 119 43.80 -11.78 0.93
CA VAL F 119 44.06 -12.80 1.93
C VAL F 119 45.40 -13.46 1.61
N ARG F 120 46.42 -13.27 2.47
CA ARG F 120 47.74 -13.87 2.26
C ARG F 120 48.14 -14.76 3.42
N SER F 121 48.73 -15.92 3.12
CA SER F 121 49.19 -16.86 4.13
C SER F 121 50.31 -17.74 3.55
N GLY F 122 51.55 -17.37 3.87
CA GLY F 122 52.72 -18.07 3.38
C GLY F 122 52.93 -17.77 1.91
N ARG F 123 53.00 -18.81 1.07
CA ARG F 123 53.15 -18.65 -0.37
C ARG F 123 51.79 -18.62 -1.11
N SER F 124 50.67 -18.58 -0.35
CA SER F 124 49.31 -18.52 -0.88
C SER F 124 48.79 -17.08 -0.83
N ARG F 125 48.19 -16.60 -1.92
CA ARG F 125 47.66 -15.24 -2.01
C ARG F 125 46.30 -15.26 -2.72
N PHE F 126 45.28 -14.61 -2.13
CA PHE F 126 43.93 -14.61 -2.69
C PHE F 126 43.36 -13.21 -2.74
N SER F 127 42.62 -12.91 -3.81
CA SER F 127 42.00 -11.62 -4.05
C SER F 127 40.49 -11.81 -4.17
N LEU F 128 39.74 -11.53 -3.10
CA LEU F 128 38.29 -11.74 -3.07
C LEU F 128 37.52 -10.46 -3.38
N SER F 129 36.41 -10.58 -4.12
CA SER F 129 35.57 -9.42 -4.47
C SER F 129 34.70 -9.09 -3.27
N THR F 130 34.66 -7.81 -2.88
CA THR F 130 33.90 -7.40 -1.71
C THR F 130 32.74 -6.47 -2.06
N LEU F 131 31.70 -6.48 -1.21
CA LEU F 131 30.57 -5.58 -1.31
C LEU F 131 30.65 -4.64 -0.08
N PRO F 132 30.27 -3.36 -0.20
CA PRO F 132 30.43 -2.43 0.93
C PRO F 132 29.78 -2.89 2.24
N ALA F 133 30.44 -2.61 3.38
CA ALA F 133 29.94 -2.98 4.70
C ALA F 133 28.63 -2.24 5.02
N ALA F 134 28.49 -0.99 4.52
CA ALA F 134 27.31 -0.16 4.75
C ALA F 134 26.04 -0.78 4.16
N ASP F 135 26.19 -1.64 3.13
CA ASP F 135 25.05 -2.31 2.49
C ASP F 135 24.62 -3.60 3.22
N PHE F 136 25.35 -4.01 4.28
CA PHE F 136 25.02 -5.24 5.00
C PHE F 136 23.74 -5.05 5.83
N PRO F 137 22.83 -6.06 5.85
CA PRO F 137 21.55 -5.86 6.53
C PRO F 137 21.64 -5.52 8.00
N ASN F 138 21.10 -4.29 8.23
CA ASN F 138 20.98 -3.50 9.45
C ASN F 138 19.91 -4.09 10.33
N LEU F 139 20.28 -4.96 11.27
CA LEU F 139 19.32 -5.47 12.23
C LEU F 139 19.28 -4.48 13.40
N ASP F 140 18.07 -3.98 13.72
CA ASP F 140 17.83 -3.04 14.82
C ASP F 140 18.08 -3.70 16.18
N ASP F 141 18.77 -3.01 17.12
CA ASP F 141 18.89 -3.55 18.48
C ASP F 141 17.74 -3.02 19.33
N TRP F 142 16.78 -3.90 19.50
CA TRP F 142 15.53 -3.81 20.24
C TRP F 142 15.75 -3.63 21.74
N GLN F 143 14.66 -3.47 22.48
CA GLN F 143 14.70 -3.44 23.94
C GLN F 143 14.24 -4.83 24.43
N SER F 144 15.07 -5.49 25.25
CA SER F 144 14.78 -6.81 25.80
C SER F 144 13.70 -6.70 26.86
N GLU F 145 12.88 -7.75 26.98
CA GLU F 145 11.81 -7.79 27.98
C GLU F 145 12.14 -8.86 29.03
N VAL F 146 12.48 -10.07 28.57
CA VAL F 146 12.82 -11.17 29.47
C VAL F 146 14.29 -11.54 29.22
N GLU F 147 15.09 -11.66 30.29
CA GLU F 147 16.50 -12.01 30.17
C GLU F 147 16.87 -13.07 31.21
N PHE F 148 17.49 -14.18 30.76
CA PHE F 148 17.87 -15.28 31.67
C PHE F 148 19.07 -16.05 31.14
N THR F 149 19.73 -16.80 32.04
CA THR F 149 20.88 -17.65 31.71
C THR F 149 20.57 -19.10 32.09
N LEU F 150 21.09 -20.04 31.30
CA LEU F 150 20.92 -21.46 31.55
C LEU F 150 22.04 -22.28 30.87
N PRO F 151 22.27 -23.53 31.27
CA PRO F 151 23.34 -24.32 30.61
C PRO F 151 23.01 -24.68 29.17
N GLN F 152 24.02 -24.79 28.29
CA GLN F 152 23.82 -25.23 26.90
C GLN F 152 22.99 -26.51 26.87
N ALA F 153 23.38 -27.53 27.67
CA ALA F 153 22.73 -28.85 27.68
C ALA F 153 21.23 -28.76 27.93
N THR F 154 20.80 -27.79 28.74
CA THR F 154 19.39 -27.57 29.05
C THR F 154 18.65 -27.10 27.80
N MET F 155 19.16 -26.06 27.13
CA MET F 155 18.57 -25.56 25.90
C MET F 155 18.58 -26.63 24.82
N LYS F 156 19.70 -27.36 24.70
CA LYS F 156 19.83 -28.43 23.71
C LYS F 156 18.75 -29.48 23.92
N ARG F 157 18.55 -29.95 25.17
CA ARG F 157 17.53 -30.94 25.49
C ARG F 157 16.18 -30.38 25.13
N LEU F 158 15.90 -29.13 25.51
CA LEU F 158 14.60 -28.49 25.26
C LEU F 158 14.28 -28.42 23.77
N ILE F 159 15.27 -28.07 22.94
CA ILE F 159 15.05 -27.99 21.49
C ILE F 159 15.04 -29.40 20.90
N GLU F 160 16.06 -30.23 21.20
CA GLU F 160 16.18 -31.59 20.66
C GLU F 160 14.92 -32.39 20.84
N ALA F 161 14.32 -32.32 22.03
CA ALA F 161 13.15 -33.12 22.36
C ALA F 161 11.83 -32.63 21.74
N THR F 162 11.81 -31.47 21.06
CA THR F 162 10.58 -30.94 20.45
C THR F 162 10.70 -30.44 18.99
N GLN F 163 11.91 -30.33 18.43
CA GLN F 163 12.09 -29.72 17.09
C GLN F 163 11.40 -30.52 15.97
N PHE F 164 11.35 -31.86 16.11
CA PHE F 164 10.75 -32.69 15.07
C PHE F 164 9.26 -32.48 14.88
N SER F 165 8.55 -32.05 15.91
CA SER F 165 7.09 -31.81 15.84
C SER F 165 6.71 -30.49 15.18
N MET F 166 7.68 -29.63 14.84
CA MET F 166 7.38 -28.35 14.20
C MET F 166 6.79 -28.61 12.81
N ALA F 167 5.91 -27.72 12.33
CA ALA F 167 5.37 -27.80 10.98
C ALA F 167 6.42 -27.25 10.03
N HIS F 168 6.45 -27.76 8.80
CA HIS F 168 7.45 -27.30 7.85
C HIS F 168 6.98 -26.13 7.00
N GLN F 169 5.97 -26.32 6.11
CA GLN F 169 5.55 -25.25 5.20
C GLN F 169 4.07 -24.94 5.36
N ASP F 170 3.56 -25.10 6.58
CA ASP F 170 2.11 -24.97 6.81
C ASP F 170 1.63 -23.55 6.52
N VAL F 171 0.43 -23.42 5.93
CA VAL F 171 -0.12 -22.09 5.68
C VAL F 171 -0.29 -21.35 7.00
N ARG F 172 -0.54 -22.12 8.11
CA ARG F 172 -0.65 -21.58 9.45
C ARG F 172 0.77 -21.26 9.92
N TYR F 173 1.32 -20.11 9.48
CA TYR F 173 2.72 -19.71 9.70
C TYR F 173 3.19 -19.81 11.15
N TYR F 174 2.29 -19.59 12.11
CA TYR F 174 2.66 -19.66 13.52
C TYR F 174 3.08 -21.08 13.98
N LEU F 175 2.72 -22.15 13.20
CA LEU F 175 3.09 -23.53 13.51
C LEU F 175 4.47 -23.88 12.95
N ASN F 176 4.97 -23.10 11.97
CA ASN F 176 6.29 -23.31 11.35
C ASN F 176 7.39 -22.72 12.25
N GLY F 177 7.51 -23.26 13.45
CA GLY F 177 8.44 -22.77 14.45
C GLY F 177 8.16 -23.41 15.78
N MET F 178 8.88 -22.97 16.83
CA MET F 178 8.75 -23.52 18.17
C MET F 178 8.36 -22.44 19.15
N LEU F 179 7.61 -22.81 20.19
CA LEU F 179 7.28 -21.85 21.22
C LEU F 179 8.35 -21.89 22.31
N PHE F 180 8.75 -20.72 22.77
CA PHE F 180 9.65 -20.62 23.89
C PHE F 180 8.90 -19.87 24.97
N GLU F 181 8.28 -20.63 25.89
CA GLU F 181 7.44 -20.10 26.95
C GLU F 181 8.16 -20.23 28.30
N THR F 182 8.22 -19.13 29.07
CA THR F 182 8.80 -19.10 30.42
C THR F 182 7.65 -19.04 31.44
N GLU F 183 7.58 -20.01 32.35
CA GLU F 183 6.53 -20.07 33.34
C GLU F 183 7.10 -20.45 34.71
N GLY F 184 7.23 -19.44 35.57
CA GLY F 184 7.75 -19.63 36.91
C GLY F 184 9.25 -19.88 36.89
N GLU F 185 9.71 -20.98 37.50
CA GLU F 185 11.13 -21.31 37.51
C GLU F 185 11.54 -22.21 36.31
N GLU F 186 10.59 -22.45 35.37
CA GLU F 186 10.79 -23.31 34.21
C GLU F 186 10.90 -22.53 32.90
N LEU F 187 11.49 -23.19 31.88
CA LEU F 187 11.48 -22.76 30.49
C LEU F 187 10.89 -23.92 29.70
N ARG F 188 9.90 -23.63 28.87
CA ARG F 188 9.16 -24.65 28.13
C ARG F 188 9.25 -24.41 26.65
N THR F 189 9.43 -25.49 25.88
CA THR F 189 9.42 -25.43 24.42
C THR F 189 8.27 -26.30 23.93
N VAL F 190 7.43 -25.76 23.07
CA VAL F 190 6.29 -26.49 22.53
C VAL F 190 6.36 -26.39 21.02
N ALA F 191 6.12 -27.51 20.34
CA ALA F 191 6.09 -27.55 18.88
C ALA F 191 4.98 -28.50 18.43
N THR F 192 4.22 -28.09 17.40
CA THR F 192 3.13 -28.91 16.89
C THR F 192 2.81 -28.54 15.44
N ASP F 193 2.24 -29.50 14.69
CA ASP F 193 1.93 -29.31 13.27
C ASP F 193 0.46 -29.52 12.92
N GLY F 194 -0.38 -29.74 13.93
CA GLY F 194 -1.79 -30.01 13.73
C GLY F 194 -2.16 -31.47 13.90
N HIS F 195 -1.15 -32.37 13.83
CA HIS F 195 -1.34 -33.83 13.95
C HIS F 195 -0.69 -34.37 15.23
N ARG F 196 0.48 -33.84 15.60
CA ARG F 196 1.24 -34.27 16.77
C ARG F 196 1.82 -33.08 17.49
N LEU F 197 2.10 -33.26 18.79
CA LEU F 197 2.61 -32.17 19.61
C LEU F 197 3.72 -32.69 20.50
N ALA F 198 4.73 -31.86 20.72
CA ALA F 198 5.83 -32.18 21.62
C ALA F 198 5.99 -31.00 22.56
N VAL F 199 6.11 -31.29 23.86
CA VAL F 199 6.29 -30.25 24.86
C VAL F 199 7.36 -30.71 25.85
N CYS F 200 8.24 -29.79 26.22
CA CYS F 200 9.32 -30.08 27.14
C CYS F 200 9.55 -28.87 28.01
N SER F 201 9.63 -29.07 29.34
CA SER F 201 9.83 -27.99 30.28
C SER F 201 10.90 -28.36 31.28
N MET F 202 11.93 -27.51 31.40
CA MET F 202 13.07 -27.77 32.29
C MET F 202 13.26 -26.62 33.28
N PRO F 203 13.47 -26.92 34.58
CA PRO F 203 13.73 -25.82 35.52
C PRO F 203 15.09 -25.18 35.31
N ILE F 204 15.17 -23.84 35.41
CA ILE F 204 16.44 -23.13 35.23
C ILE F 204 16.81 -22.26 36.43
N GLY F 205 16.35 -22.66 37.62
CA GLY F 205 16.69 -22.01 38.87
C GLY F 205 16.55 -20.49 38.89
N GLN F 206 15.46 -19.97 38.31
CA GLN F 206 15.19 -18.53 38.26
C GLN F 206 13.69 -18.28 38.29
N SER F 207 13.22 -17.32 39.07
CA SER F 207 11.80 -16.97 39.05
C SER F 207 11.58 -16.03 37.84
N LEU F 208 10.98 -16.59 36.78
CA LEU F 208 10.74 -15.92 35.52
C LEU F 208 9.32 -15.38 35.39
N PRO F 209 9.15 -14.30 34.58
CA PRO F 209 7.80 -13.83 34.29
C PRO F 209 7.13 -14.69 33.25
N SER F 210 5.80 -14.75 33.24
CA SER F 210 5.07 -15.54 32.25
C SER F 210 5.10 -14.83 30.88
N HIS F 211 5.86 -15.39 29.91
CA HIS F 211 6.05 -14.78 28.60
CA HIS F 211 5.98 -14.80 28.59
C HIS F 211 6.24 -15.89 27.55
N SER F 212 5.51 -15.86 26.43
CA SER F 212 5.60 -16.87 25.38
C SER F 212 5.90 -16.23 24.03
N VAL F 213 6.93 -16.73 23.32
CA VAL F 213 7.32 -16.24 21.97
C VAL F 213 7.54 -17.39 20.99
N ILE F 214 7.25 -17.16 19.71
CA ILE F 214 7.42 -18.18 18.67
C ILE F 214 8.72 -17.91 17.91
N VAL F 215 9.71 -18.81 18.04
CA VAL F 215 10.97 -18.70 17.30
C VAL F 215 10.81 -19.44 15.97
N PRO F 216 11.15 -18.82 14.81
CA PRO F 216 10.93 -19.51 13.54
C PRO F 216 11.68 -20.84 13.39
N ARG F 217 11.15 -21.71 12.53
CA ARG F 217 11.69 -23.03 12.29
C ARG F 217 13.20 -22.98 12.00
N LYS F 218 13.62 -22.15 11.05
CA LYS F 218 15.03 -22.08 10.65
C LYS F 218 15.92 -21.54 11.76
N GLY F 219 15.41 -20.59 12.54
CA GLY F 219 16.14 -19.99 13.66
C GLY F 219 16.43 -21.00 14.74
N VAL F 220 15.42 -21.82 15.07
CA VAL F 220 15.49 -22.92 16.05
C VAL F 220 16.63 -23.88 15.67
N ILE F 221 16.74 -24.21 14.38
CA ILE F 221 17.76 -25.14 13.91
C ILE F 221 19.13 -24.53 14.11
N GLU F 222 19.33 -23.28 13.69
CA GLU F 222 20.63 -22.61 13.83
C GLU F 222 21.00 -22.35 15.30
N LEU F 223 19.99 -22.17 16.15
CA LEU F 223 20.23 -21.99 17.57
C LEU F 223 20.76 -23.31 18.16
N MET F 224 20.13 -24.44 17.79
CA MET F 224 20.55 -25.75 18.29
C MET F 224 21.91 -26.15 17.75
N ARG F 225 22.21 -25.76 16.52
CA ARG F 225 23.47 -26.10 15.90
C ARG F 225 24.66 -25.40 16.56
N MET F 226 24.52 -24.13 16.95
CA MET F 226 25.64 -23.43 17.54
C MET F 226 26.05 -23.98 18.94
N LEU F 227 25.20 -24.85 19.53
CA LEU F 227 25.42 -25.45 20.85
C LEU F 227 26.33 -26.67 20.80
N ASP F 228 27.56 -26.54 21.32
CA ASP F 228 28.50 -27.65 21.34
C ASP F 228 28.11 -28.67 22.43
N GLY F 229 27.49 -28.20 23.50
CA GLY F 229 27.09 -29.02 24.63
C GLY F 229 28.19 -29.14 25.66
N GLY F 230 28.08 -28.36 26.73
CA GLY F 230 29.04 -28.38 27.82
C GLY F 230 28.57 -27.55 29.00
N ASP F 231 29.49 -27.30 29.96
CA ASP F 231 29.20 -26.51 31.16
C ASP F 231 28.88 -25.04 30.84
N ASN F 232 29.42 -24.52 29.71
CA ASN F 232 29.33 -23.12 29.28
C ASN F 232 27.90 -22.56 29.26
N PRO F 233 27.68 -21.37 29.83
CA PRO F 233 26.31 -20.83 29.92
C PRO F 233 25.78 -20.20 28.63
N LEU F 234 24.45 -20.04 28.57
CA LEU F 234 23.75 -19.43 27.44
C LEU F 234 22.88 -18.30 27.94
N ARG F 235 23.11 -17.09 27.44
CA ARG F 235 22.34 -15.91 27.84
C ARG F 235 21.24 -15.64 26.81
N VAL F 236 19.97 -15.86 27.18
CA VAL F 236 18.85 -15.64 26.25
C VAL F 236 18.14 -14.31 26.55
N GLN F 237 18.02 -13.44 25.55
CA GLN F 237 17.27 -12.20 25.64
C GLN F 237 16.02 -12.34 24.74
N ILE F 238 14.80 -12.23 25.31
CA ILE F 238 13.58 -12.24 24.53
C ILE F 238 12.98 -10.83 24.54
N GLY F 239 12.85 -10.23 23.37
CA GLY F 239 12.30 -8.88 23.24
C GLY F 239 10.88 -8.87 22.72
N SER F 240 10.50 -7.75 22.07
CA SER F 240 9.16 -7.60 21.53
C SER F 240 8.96 -8.45 20.29
N ASN F 241 9.86 -8.31 19.29
CA ASN F 241 9.78 -9.08 18.04
C ASN F 241 11.11 -9.74 17.69
N ASN F 242 12.01 -9.94 18.68
CA ASN F 242 13.30 -10.59 18.44
C ASN F 242 13.71 -11.45 19.64
N ILE F 243 14.60 -12.42 19.38
CA ILE F 243 15.21 -13.24 20.43
C ILE F 243 16.70 -13.26 20.20
N ARG F 244 17.52 -13.26 21.27
CA ARG F 244 18.97 -13.29 21.14
C ARG F 244 19.55 -14.35 22.05
N ALA F 245 20.62 -15.02 21.61
CA ALA F 245 21.26 -16.08 22.39
C ALA F 245 22.79 -15.93 22.37
N HIS F 246 23.42 -15.73 23.55
CA HIS F 246 24.86 -15.55 23.65
C HIS F 246 25.51 -16.82 24.19
N VAL F 247 26.24 -17.55 23.32
CA VAL F 247 27.03 -18.74 23.71
C VAL F 247 28.48 -18.42 23.40
N GLY F 248 29.31 -18.38 24.43
CA GLY F 248 30.72 -18.13 24.22
C GLY F 248 30.94 -16.88 23.41
N ASP F 249 31.69 -17.00 22.32
CA ASP F 249 32.00 -15.86 21.46
C ASP F 249 31.01 -15.75 20.28
N PHE F 250 29.80 -16.34 20.41
CA PHE F 250 28.78 -16.31 19.36
C PHE F 250 27.52 -15.64 19.88
N ILE F 251 26.92 -14.78 19.07
CA ILE F 251 25.67 -14.10 19.40
C ILE F 251 24.67 -14.33 18.28
N PHE F 252 23.69 -15.19 18.53
CA PHE F 252 22.64 -15.50 17.56
C PHE F 252 21.45 -14.58 17.82
N THR F 253 20.89 -13.97 16.76
CA THR F 253 19.69 -13.14 16.87
C THR F 253 18.69 -13.56 15.80
N SER F 254 17.38 -13.57 16.13
CA SER F 254 16.34 -14.01 15.20
C SER F 254 15.02 -13.27 15.43
N LYS F 255 14.33 -12.90 14.34
CA LYS F 255 13.01 -12.29 14.45
C LYS F 255 12.04 -13.36 14.92
N LEU F 256 10.98 -12.97 15.65
CA LEU F 256 9.99 -13.93 16.13
C LEU F 256 8.81 -13.98 15.16
N VAL F 257 8.12 -15.14 15.12
CA VAL F 257 6.95 -15.34 14.27
C VAL F 257 5.79 -14.62 14.92
N ASP F 258 5.22 -13.62 14.22
CA ASP F 258 4.12 -12.78 14.70
C ASP F 258 2.80 -13.52 14.53
N GLY F 259 2.50 -14.44 15.45
CA GLY F 259 1.26 -15.18 15.44
C GLY F 259 0.79 -15.62 16.81
N ARG F 260 -0.38 -16.29 16.88
CA ARG F 260 -0.93 -16.79 18.13
C ARG F 260 -0.85 -18.33 18.21
N PHE F 261 0.14 -18.85 18.96
CA PHE F 261 0.41 -20.29 19.08
C PHE F 261 -0.68 -21.00 19.91
N PRO F 262 -1.12 -22.21 19.51
CA PRO F 262 -2.16 -22.91 20.28
C PRO F 262 -1.75 -23.32 21.69
N ASP F 263 -2.72 -23.46 22.62
CA ASP F 263 -2.43 -23.85 24.00
C ASP F 263 -2.21 -25.35 24.11
N TYR F 264 -1.00 -25.75 24.55
CA TYR F 264 -0.65 -27.16 24.68
C TYR F 264 -1.50 -27.86 25.75
N ARG F 265 -1.93 -27.13 26.76
CA ARG F 265 -2.69 -27.69 27.87
C ARG F 265 -4.03 -28.20 27.40
N ARG F 266 -4.64 -27.55 26.39
CA ARG F 266 -5.92 -27.96 25.83
C ARG F 266 -5.77 -29.21 24.95
N VAL F 267 -4.58 -29.37 24.35
CA VAL F 267 -4.28 -30.49 23.46
C VAL F 267 -4.04 -31.80 24.26
N LEU F 268 -3.43 -31.70 25.46
CA LEU F 268 -3.12 -32.86 26.31
C LEU F 268 -4.39 -33.63 26.64
N PRO F 269 -4.39 -35.00 26.58
CA PRO F 269 -5.60 -35.75 26.98
C PRO F 269 -5.99 -35.49 28.45
N LYS F 270 -7.26 -35.11 28.71
CA LYS F 270 -7.71 -34.71 30.04
C LYS F 270 -7.68 -35.83 31.09
N ASN F 271 -8.22 -37.02 30.75
CA ASN F 271 -8.32 -38.09 31.75
C ASN F 271 -8.26 -39.51 31.14
N PRO F 272 -7.06 -39.94 30.73
CA PRO F 272 -6.92 -41.30 30.18
C PRO F 272 -7.19 -42.41 31.19
N ASP F 273 -7.76 -43.53 30.72
CA ASP F 273 -8.06 -44.68 31.57
C ASP F 273 -7.23 -45.94 31.20
N LYS F 274 -6.50 -45.91 30.06
CA LYS F 274 -5.73 -47.06 29.58
C LYS F 274 -4.26 -46.71 29.48
N HIS F 275 -3.44 -47.30 30.36
CA HIS F 275 -2.01 -47.03 30.44
C HIS F 275 -1.19 -48.24 30.02
N LEU F 276 -0.30 -48.06 29.03
CA LEU F 276 0.56 -49.11 28.50
C LEU F 276 2.00 -48.76 28.78
N GLU F 277 2.78 -49.71 29.32
CA GLU F 277 4.20 -49.50 29.57
C GLU F 277 4.97 -50.56 28.81
N ALA F 278 6.03 -50.14 28.12
CA ALA F 278 6.88 -51.07 27.37
C ALA F 278 8.28 -50.50 27.16
N GLY F 279 9.23 -51.36 26.78
CA GLY F 279 10.60 -50.97 26.53
C GLY F 279 10.72 -50.10 25.29
N CYS F 280 11.28 -48.88 25.45
CA CYS F 280 11.38 -47.91 24.37
C CYS F 280 11.99 -48.50 23.08
N ASP F 281 13.10 -49.24 23.22
CA ASP F 281 13.78 -49.82 22.06
C ASP F 281 12.99 -50.95 21.42
N LEU F 282 12.44 -51.84 22.23
CA LEU F 282 11.66 -52.94 21.68
C LEU F 282 10.43 -52.42 20.94
N LEU F 283 9.78 -51.39 21.49
CA LEU F 283 8.58 -50.78 20.91
C LEU F 283 8.95 -50.06 19.61
N LYS F 284 10.09 -49.35 19.61
CA LYS F 284 10.62 -48.64 18.44
C LYS F 284 10.94 -49.61 17.32
N GLN F 285 11.64 -50.70 17.63
CA GLN F 285 12.01 -51.71 16.64
C GLN F 285 10.79 -52.35 16.00
N ALA F 286 9.75 -52.66 16.79
CA ALA F 286 8.54 -53.27 16.25
C ALA F 286 7.83 -52.33 15.27
N PHE F 287 7.72 -51.03 15.63
CA PHE F 287 7.10 -50.05 14.75
C PHE F 287 7.92 -49.83 13.50
N ALA F 288 9.25 -49.86 13.63
CA ALA F 288 10.14 -49.68 12.50
C ALA F 288 9.99 -50.83 11.51
N ARG F 289 9.84 -52.07 12.03
CA ARG F 289 9.71 -53.26 11.20
C ARG F 289 8.33 -53.33 10.55
N ALA F 290 7.29 -52.96 11.32
CA ALA F 290 5.92 -52.93 10.78
C ALA F 290 5.79 -51.89 9.67
N ALA F 291 6.43 -50.70 9.86
CA ALA F 291 6.42 -49.60 8.91
C ALA F 291 6.87 -50.01 7.52
N ILE F 292 7.64 -51.10 7.40
CA ILE F 292 8.14 -51.56 6.10
C ILE F 292 6.98 -51.93 5.17
N LEU F 293 5.99 -52.66 5.68
CA LEU F 293 4.86 -53.08 4.86
C LEU F 293 3.62 -52.20 5.09
N SER F 294 3.84 -50.95 5.51
CA SER F 294 2.77 -49.97 5.69
C SER F 294 2.58 -49.20 4.40
N ASN F 295 1.49 -48.43 4.29
CA ASN F 295 1.24 -47.62 3.10
C ASN F 295 2.37 -46.60 2.96
N GLU F 296 2.94 -46.47 1.77
CA GLU F 296 4.12 -45.60 1.57
C GLU F 296 3.79 -44.12 1.74
N LYS F 297 2.54 -43.74 1.48
CA LYS F 297 2.09 -42.35 1.56
C LYS F 297 1.42 -42.03 2.88
N PHE F 298 0.52 -42.91 3.34
CA PHE F 298 -0.27 -42.67 4.55
C PHE F 298 0.35 -43.23 5.82
N ARG F 299 1.20 -44.27 5.71
CA ARG F 299 1.94 -44.87 6.83
C ARG F 299 1.05 -45.31 7.99
N GLY F 300 -0.03 -46.00 7.67
CA GLY F 300 -1.00 -46.46 8.64
C GLY F 300 -0.70 -47.81 9.27
N VAL F 301 -0.70 -47.86 10.62
CA VAL F 301 -0.52 -49.10 11.38
C VAL F 301 -1.61 -49.21 12.45
N ARG F 302 -2.03 -50.44 12.78
CA ARG F 302 -3.08 -50.68 13.76
C ARG F 302 -2.50 -51.18 15.07
N LEU F 303 -2.99 -50.65 16.19
CA LEU F 303 -2.54 -51.08 17.50
C LEU F 303 -3.67 -51.85 18.18
N TYR F 304 -3.43 -53.10 18.59
CA TYR F 304 -4.43 -53.89 19.31
C TYR F 304 -3.93 -54.08 20.73
N VAL F 305 -4.53 -53.38 21.71
CA VAL F 305 -4.10 -53.50 23.12
C VAL F 305 -4.96 -54.53 23.87
N SER F 306 -4.40 -55.76 24.00
CA SER F 306 -4.90 -56.91 24.76
C SER F 306 -4.28 -56.86 26.19
N GLU F 307 -4.72 -57.74 27.14
CA GLU F 307 -4.11 -57.79 28.47
C GLU F 307 -2.63 -58.16 28.35
N ASN F 308 -1.74 -57.21 28.67
CA ASN F 308 -0.27 -57.35 28.61
C ASN F 308 0.24 -57.81 27.24
N GLN F 309 -0.37 -57.30 26.17
CA GLN F 309 0.04 -57.66 24.82
C GLN F 309 -0.41 -56.60 23.80
N LEU F 310 0.55 -56.07 23.03
CA LEU F 310 0.29 -55.06 22.00
C LEU F 310 0.55 -55.71 20.64
N LYS F 311 -0.40 -55.61 19.69
CA LYS F 311 -0.22 -56.14 18.35
C LYS F 311 -0.24 -55.00 17.35
N ILE F 312 0.87 -54.82 16.60
CA ILE F 312 0.99 -53.80 15.57
C ILE F 312 0.80 -54.48 14.20
N THR F 313 -0.14 -53.99 13.38
CA THR F 313 -0.42 -54.58 12.06
C THR F 313 -0.31 -53.51 11.00
N ALA F 314 0.45 -53.77 9.92
CA ALA F 314 0.63 -52.82 8.84
C ALA F 314 0.22 -53.46 7.50
N ASN F 315 -0.50 -52.69 6.67
CA ASN F 315 -0.95 -53.12 5.35
C ASN F 315 -0.63 -52.06 4.30
N ASN F 316 -0.29 -52.48 3.09
CA ASN F 316 -0.01 -51.55 2.01
C ASN F 316 -0.91 -51.88 0.83
N PRO F 317 -1.00 -51.02 -0.21
CA PRO F 317 -1.93 -51.32 -1.32
C PRO F 317 -1.69 -52.67 -2.02
N GLU F 318 -0.46 -53.20 -1.97
CA GLU F 318 -0.12 -54.47 -2.59
C GLU F 318 -0.59 -55.68 -1.76
N GLN F 319 -1.38 -55.44 -0.69
CA GLN F 319 -1.90 -56.48 0.19
C GLN F 319 -0.79 -57.32 0.87
N GLU F 320 0.33 -56.65 1.21
CA GLU F 320 1.36 -57.27 2.01
C GLU F 320 1.09 -56.87 3.44
N GLU F 321 1.35 -57.78 4.37
CA GLU F 321 1.05 -57.53 5.77
C GLU F 321 2.22 -57.83 6.67
N ALA F 322 2.46 -56.94 7.65
CA ALA F 322 3.43 -57.11 8.72
C ALA F 322 2.62 -57.30 9.99
N GLU F 323 3.17 -58.05 10.97
CA GLU F 323 2.49 -58.25 12.25
C GLU F 323 3.52 -58.36 13.36
N GLU F 324 3.41 -57.52 14.38
CA GLU F 324 4.35 -57.51 15.49
C GLU F 324 3.58 -57.69 16.79
N ILE F 325 3.95 -58.69 17.61
CA ILE F 325 3.30 -58.91 18.91
C ILE F 325 4.30 -58.64 20.00
N LEU F 326 3.86 -57.90 21.02
CA LEU F 326 4.77 -57.41 22.02
C LEU F 326 4.26 -57.62 23.42
N ASP F 327 5.16 -57.96 24.38
CA ASP F 327 4.78 -58.15 25.77
C ASP F 327 4.89 -56.82 26.46
N VAL F 328 3.73 -56.23 26.82
CA VAL F 328 3.67 -54.91 27.45
C VAL F 328 3.05 -55.03 28.84
N THR F 329 3.09 -53.93 29.61
CA THR F 329 2.48 -53.87 30.94
C THR F 329 1.19 -53.07 30.75
N TYR F 330 0.12 -53.74 30.31
CA TYR F 330 -1.12 -53.04 30.00
C TYR F 330 -2.22 -53.29 31.04
N SER F 331 -2.85 -52.18 31.50
CA SER F 331 -3.89 -52.15 32.55
C SER F 331 -5.17 -51.40 32.04
N GLY F 332 -6.18 -52.15 31.57
CA GLY F 332 -7.37 -51.54 30.97
C GLY F 332 -8.13 -52.44 29.99
N ALA F 333 -9.19 -51.87 29.40
CA ALA F 333 -10.07 -52.57 28.45
C ALA F 333 -9.40 -52.72 27.09
N GLU F 334 -9.85 -53.71 26.31
CA GLU F 334 -9.34 -53.95 24.97
C GLU F 334 -9.85 -52.90 24.01
N MET F 335 -8.95 -52.28 23.24
CA MET F 335 -9.32 -51.30 22.21
C MET F 335 -8.36 -51.36 21.02
N GLU F 336 -8.75 -50.73 19.91
CA GLU F 336 -7.97 -50.73 18.66
C GLU F 336 -7.77 -49.29 18.22
N ILE F 337 -6.55 -48.90 17.81
CA ILE F 337 -6.29 -47.51 17.39
C ILE F 337 -5.32 -47.44 16.20
N GLY F 338 -5.68 -46.63 15.20
CA GLY F 338 -4.88 -46.45 14.00
C GLY F 338 -3.90 -45.31 14.17
N PHE F 339 -2.67 -45.47 13.68
CA PHE F 339 -1.65 -44.42 13.81
C PHE F 339 -0.74 -44.29 12.61
N ASN F 340 -0.20 -43.08 12.43
CA ASN F 340 0.80 -42.78 11.41
C ASN F 340 2.14 -43.22 11.99
N VAL F 341 2.61 -44.40 11.59
CA VAL F 341 3.80 -45.01 12.20
C VAL F 341 5.00 -44.06 12.25
N SER F 342 5.12 -43.13 11.28
CA SER F 342 6.23 -42.16 11.27
C SER F 342 6.10 -41.18 12.44
N TYR F 343 4.89 -40.72 12.72
CA TYR F 343 4.67 -39.84 13.86
C TYR F 343 5.02 -40.53 15.17
N VAL F 344 4.70 -41.85 15.28
CA VAL F 344 4.98 -42.65 16.49
C VAL F 344 6.47 -42.91 16.63
N LEU F 345 7.12 -43.28 15.53
CA LEU F 345 8.56 -43.53 15.58
C LEU F 345 9.34 -42.27 15.93
N ASP F 346 8.89 -41.11 15.43
CA ASP F 346 9.50 -39.82 15.73
C ASP F 346 9.58 -39.58 17.25
N VAL F 347 8.51 -39.93 17.97
CA VAL F 347 8.43 -39.77 19.41
C VAL F 347 9.39 -40.74 20.09
N LEU F 348 9.38 -42.02 19.69
CA LEU F 348 10.22 -43.06 20.29
C LEU F 348 11.69 -42.74 20.14
N ASN F 349 12.07 -42.07 19.04
CA ASN F 349 13.45 -41.66 18.81
C ASN F 349 13.78 -40.46 19.66
N ALA F 350 12.80 -39.56 19.88
CA ALA F 350 13.00 -38.34 20.66
C ALA F 350 13.24 -38.62 22.11
N LEU F 351 12.42 -39.43 22.73
CA LEU F 351 12.74 -39.75 24.10
C LEU F 351 13.73 -40.93 24.08
N LYS F 352 14.97 -40.59 24.38
CA LYS F 352 16.11 -41.50 24.43
C LYS F 352 16.14 -42.08 25.84
N CYS F 353 15.25 -43.05 26.10
CA CYS F 353 15.09 -43.62 27.43
C CYS F 353 14.97 -45.16 27.37
N GLU F 354 14.76 -45.78 28.55
CA GLU F 354 14.66 -47.24 28.67
C GLU F 354 13.21 -47.71 28.52
N ASN F 355 12.27 -47.09 29.25
CA ASN F 355 10.86 -47.48 29.22
C ASN F 355 9.92 -46.30 28.99
N VAL F 356 8.85 -46.52 28.21
CA VAL F 356 7.89 -45.48 27.83
C VAL F 356 6.51 -45.79 28.37
N ARG F 357 5.67 -44.77 28.46
CA ARG F 357 4.30 -44.93 28.92
C ARG F 357 3.37 -44.30 27.88
N MET F 358 2.31 -45.03 27.50
CA MET F 358 1.31 -44.54 26.53
C MET F 358 -0.03 -44.41 27.23
N MET F 359 -0.66 -43.24 27.13
CA MET F 359 -1.93 -42.97 27.79
C MET F 359 -3.08 -42.90 26.79
N LEU F 360 -3.76 -44.03 26.60
CA LEU F 360 -4.85 -44.16 25.63
C LEU F 360 -6.19 -43.79 26.26
N THR F 361 -7.07 -43.19 25.47
CA THR F 361 -8.41 -42.82 25.92
C THR F 361 -9.43 -43.65 25.13
N ASP F 362 -9.40 -43.55 23.79
CA ASP F 362 -10.26 -44.37 22.93
C ASP F 362 -9.68 -44.39 21.52
N SER F 363 -10.36 -45.08 20.58
CA SER F 363 -9.90 -45.22 19.20
C SER F 363 -9.89 -43.93 18.38
N VAL F 364 -10.65 -42.89 18.77
CA VAL F 364 -10.71 -41.64 18.00
C VAL F 364 -10.10 -40.46 18.76
N SER F 365 -9.44 -40.70 19.90
CA SER F 365 -8.82 -39.64 20.68
C SER F 365 -7.29 -39.81 20.76
N SER F 366 -6.59 -38.69 21.03
CA SER F 366 -5.14 -38.66 21.09
C SER F 366 -4.55 -39.50 22.21
N VAL F 367 -3.31 -39.97 22.03
CA VAL F 367 -2.57 -40.74 23.04
C VAL F 367 -1.38 -39.91 23.50
N GLN F 368 -1.13 -39.89 24.81
CA GLN F 368 0.01 -39.15 25.34
C GLN F 368 1.12 -40.15 25.58
N ILE F 369 2.24 -39.98 24.87
CA ILE F 369 3.40 -40.85 25.03
C ILE F 369 4.46 -40.05 25.74
N GLU F 370 5.03 -40.60 26.82
CA GLU F 370 6.10 -39.93 27.56
C GLU F 370 7.01 -40.96 28.24
N ASP F 371 8.16 -40.50 28.76
CA ASP F 371 9.10 -41.37 29.44
C ASP F 371 8.47 -41.82 30.75
N ALA F 372 8.52 -43.14 31.02
CA ALA F 372 7.93 -43.69 32.25
C ALA F 372 8.67 -43.21 33.50
N ALA F 373 9.93 -42.76 33.35
CA ALA F 373 10.73 -42.28 34.47
C ALA F 373 10.59 -40.76 34.66
N SER F 374 10.63 -39.98 33.56
CA SER F 374 10.58 -38.52 33.62
C SER F 374 9.37 -37.95 32.89
N GLN F 375 8.79 -36.89 33.45
CA GLN F 375 7.64 -36.22 32.86
C GLN F 375 7.98 -34.81 32.34
N SER F 376 9.30 -34.48 32.21
CA SER F 376 9.72 -33.18 31.67
C SER F 376 9.21 -32.99 30.26
N ALA F 377 9.25 -34.07 29.45
CA ALA F 377 8.75 -34.08 28.07
C ALA F 377 7.56 -35.00 27.92
N ALA F 378 6.55 -34.51 27.19
CA ALA F 378 5.34 -35.27 26.89
C ALA F 378 4.98 -35.08 25.44
N TYR F 379 4.42 -36.12 24.80
CA TYR F 379 4.08 -36.07 23.39
C TYR F 379 2.66 -36.50 23.19
N VAL F 380 1.92 -35.80 22.33
CA VAL F 380 0.54 -36.13 22.02
C VAL F 380 0.47 -36.42 20.53
N VAL F 381 -0.07 -37.59 20.15
CA VAL F 381 -0.20 -37.97 18.74
C VAL F 381 -1.66 -38.27 18.44
N MET F 382 -2.23 -37.58 17.45
CA MET F 382 -3.61 -37.79 17.04
C MET F 382 -3.70 -39.03 16.14
N PRO F 383 -4.67 -39.94 16.38
CA PRO F 383 -4.77 -41.15 15.55
C PRO F 383 -5.42 -40.93 14.19
N MET F 384 -5.45 -41.96 13.38
CA MET F 384 -6.09 -41.89 12.07
C MET F 384 -7.23 -42.86 12.01
N ARG F 385 -8.18 -42.55 11.13
CA ARG F 385 -9.32 -43.40 10.87
C ARG F 385 -8.83 -44.65 10.16
N LEU F 386 -9.25 -45.80 10.67
CA LEU F 386 -8.77 -47.11 10.28
C LEU F 386 -9.36 -47.59 8.91
N HIS G 20 7.32 4.43 -6.26
CA HIS G 20 8.53 4.09 -7.01
C HIS G 20 8.26 4.07 -8.52
N MET G 21 7.62 3.02 -9.03
CA MET G 21 7.35 2.82 -10.44
C MET G 21 5.91 2.36 -10.64
N LYS G 22 5.26 2.81 -11.72
CA LYS G 22 3.89 2.42 -12.06
C LYS G 22 3.79 2.19 -13.54
N PHE G 23 2.77 1.44 -13.95
CA PHE G 23 2.37 1.35 -15.35
C PHE G 23 1.00 0.70 -15.45
N THR G 24 0.25 1.03 -16.52
CA THR G 24 -1.06 0.41 -16.75
C THR G 24 -1.12 -0.03 -18.21
N VAL G 25 -1.12 -1.36 -18.44
CA VAL G 25 -1.13 -1.93 -19.79
C VAL G 25 -2.34 -2.82 -19.94
N GLU G 26 -2.87 -2.93 -21.17
CA GLU G 26 -3.95 -3.85 -21.47
C GLU G 26 -3.34 -5.26 -21.63
N ARG G 27 -3.92 -6.27 -20.97
CA ARG G 27 -3.43 -7.65 -20.97
C ARG G 27 -2.90 -8.15 -22.35
N GLU G 28 -3.67 -7.99 -23.45
CA GLU G 28 -3.28 -8.54 -24.78
C GLU G 28 -1.90 -8.09 -25.24
N HIS G 29 -1.60 -6.80 -25.09
CA HIS G 29 -0.30 -6.22 -25.46
C HIS G 29 0.87 -6.89 -24.74
N LEU G 30 0.63 -7.34 -23.49
CA LEU G 30 1.64 -7.84 -22.57
C LEU G 30 1.83 -9.39 -22.53
N LEU G 31 0.86 -10.21 -22.99
CA LEU G 31 0.98 -11.68 -22.87
C LEU G 31 2.05 -12.36 -23.74
N LYS G 32 2.10 -12.09 -25.05
CA LYS G 32 3.13 -12.70 -25.89
C LYS G 32 4.52 -12.24 -25.44
N PRO G 33 4.74 -10.95 -25.10
CA PRO G 33 6.05 -10.58 -24.54
C PRO G 33 6.41 -11.40 -23.30
N LEU G 34 5.46 -11.57 -22.36
CA LEU G 34 5.71 -12.40 -21.17
C LEU G 34 5.98 -13.85 -21.55
N GLN G 35 5.18 -14.44 -22.47
CA GLN G 35 5.39 -15.82 -22.94
C GLN G 35 6.82 -16.02 -23.47
N GLN G 36 7.33 -15.01 -24.19
CA GLN G 36 8.63 -15.05 -24.85
C GLN G 36 9.81 -14.88 -23.90
N VAL G 37 9.77 -13.87 -23.02
CA VAL G 37 10.87 -13.64 -22.08
C VAL G 37 10.99 -14.73 -21.00
N SER G 38 9.92 -15.54 -20.80
CA SER G 38 9.94 -16.64 -19.83
C SER G 38 10.48 -17.97 -20.41
N GLY G 39 11.00 -17.90 -21.64
CA GLY G 39 11.59 -19.06 -22.30
C GLY G 39 12.89 -19.50 -21.64
N PRO G 40 13.91 -18.59 -21.56
CA PRO G 40 15.20 -18.98 -20.95
C PRO G 40 15.10 -19.49 -19.50
N LEU G 41 14.00 -19.16 -18.81
CA LEU G 41 13.77 -19.57 -17.44
C LEU G 41 13.27 -21.02 -17.37
N GLY G 42 13.78 -21.78 -16.40
CA GLY G 42 13.45 -23.18 -16.18
C GLY G 42 12.96 -23.48 -14.77
N GLY G 43 13.12 -24.74 -14.36
CA GLY G 43 12.70 -25.22 -13.04
C GLY G 43 13.84 -25.22 -12.02
N ARG G 44 13.54 -24.84 -10.75
CA ARG G 44 14.51 -24.72 -9.66
C ARG G 44 15.71 -23.91 -10.16
N PRO G 45 15.51 -22.65 -10.64
CA PRO G 45 16.69 -21.89 -11.07
C PRO G 45 17.64 -21.72 -9.89
N THR G 46 18.93 -22.02 -10.11
CA THR G 46 19.93 -22.01 -9.05
C THR G 46 19.91 -20.70 -8.24
N LEU G 47 19.90 -19.53 -8.92
CA LEU G 47 19.83 -18.24 -8.26
C LEU G 47 18.37 -17.79 -8.24
N PRO G 48 17.92 -17.20 -7.12
CA PRO G 48 16.51 -16.77 -7.05
C PRO G 48 16.16 -15.71 -8.09
N ILE G 49 17.08 -14.76 -8.32
CA ILE G 49 16.89 -13.70 -9.30
C ILE G 49 16.67 -14.27 -10.71
N LEU G 50 17.24 -15.44 -11.03
CA LEU G 50 17.08 -16.06 -12.35
C LEU G 50 15.68 -16.62 -12.61
N GLY G 51 14.79 -16.56 -11.61
CA GLY G 51 13.39 -16.94 -11.74
C GLY G 51 12.47 -15.73 -11.90
N ASN G 52 13.05 -14.52 -11.80
CA ASN G 52 12.32 -13.25 -11.93
C ASN G 52 12.55 -12.61 -13.29
N LEU G 53 11.67 -11.67 -13.68
CA LEU G 53 11.78 -10.90 -14.92
C LEU G 53 12.05 -9.44 -14.57
N LEU G 54 13.06 -8.85 -15.23
CA LEU G 54 13.39 -7.44 -15.01
C LEU G 54 12.41 -6.57 -15.76
N LEU G 55 11.59 -5.81 -15.01
CA LEU G 55 10.64 -4.86 -15.54
C LEU G 55 11.24 -3.46 -15.39
N GLN G 56 11.41 -2.72 -16.49
CA GLN G 56 11.98 -1.38 -16.42
C GLN G 56 11.25 -0.47 -17.42
N VAL G 57 10.70 0.68 -16.94
CA VAL G 57 9.98 1.63 -17.79
C VAL G 57 10.77 2.91 -18.03
N ALA G 58 10.86 3.30 -19.30
CA ALA G 58 11.64 4.45 -19.73
C ALA G 58 10.88 5.25 -20.79
N ASP G 59 10.55 6.52 -20.49
CA ASP G 59 9.86 7.49 -21.36
C ASP G 59 8.84 6.88 -22.38
N GLY G 60 7.95 6.01 -21.90
CA GLY G 60 6.87 5.46 -22.71
C GLY G 60 7.00 4.01 -23.14
N THR G 61 8.05 3.30 -22.69
CA THR G 61 8.19 1.88 -23.00
C THR G 61 8.57 1.03 -21.79
N LEU G 62 7.94 -0.16 -21.70
CA LEU G 62 8.15 -1.13 -20.63
C LEU G 62 9.08 -2.19 -21.18
N SER G 63 10.14 -2.54 -20.44
CA SER G 63 11.10 -3.55 -20.89
C SER G 63 11.08 -4.75 -19.99
N LEU G 64 10.73 -5.91 -20.53
CA LEU G 64 10.70 -7.16 -19.79
C LEU G 64 11.95 -7.94 -20.19
N THR G 65 12.77 -8.35 -19.21
CA THR G 65 14.00 -9.10 -19.51
C THR G 65 14.02 -10.41 -18.71
N GLY G 66 14.40 -11.51 -19.37
CA GLY G 66 14.50 -12.83 -18.76
C GLY G 66 15.78 -13.54 -19.13
N THR G 67 16.58 -13.96 -18.11
CA THR G 67 17.89 -14.57 -18.34
C THR G 67 18.12 -15.85 -17.52
N ASP G 68 19.14 -16.63 -17.95
CA ASP G 68 19.64 -17.81 -17.26
C ASP G 68 21.17 -17.70 -17.15
N LEU G 69 21.68 -16.45 -17.08
CA LEU G 69 23.11 -16.09 -17.12
C LEU G 69 23.70 -16.23 -18.53
N GLU G 70 23.58 -17.44 -19.13
CA GLU G 70 24.07 -17.74 -20.48
C GLU G 70 23.41 -16.88 -21.56
N MET G 71 22.09 -16.80 -21.51
CA MET G 71 21.35 -16.09 -22.56
C MET G 71 20.28 -15.21 -21.97
N GLU G 72 19.80 -14.23 -22.74
CA GLU G 72 18.74 -13.34 -22.28
C GLU G 72 17.76 -13.03 -23.37
N MET G 73 16.58 -12.56 -22.98
CA MET G 73 15.48 -12.18 -23.88
C MET G 73 14.94 -10.84 -23.41
N VAL G 74 14.92 -9.83 -24.29
CA VAL G 74 14.35 -8.53 -23.92
C VAL G 74 13.13 -8.19 -24.78
N ALA G 75 12.02 -7.77 -24.13
CA ALA G 75 10.79 -7.37 -24.82
C ALA G 75 10.45 -5.91 -24.52
N ARG G 76 10.26 -5.11 -25.56
CA ARG G 76 9.92 -3.69 -25.44
C ARG G 76 8.43 -3.51 -25.73
N VAL G 77 7.64 -3.11 -24.72
CA VAL G 77 6.20 -2.94 -24.86
C VAL G 77 5.87 -1.46 -24.79
N ALA G 78 5.19 -0.93 -25.82
CA ALA G 78 4.84 0.48 -25.89
C ALA G 78 3.74 0.79 -24.88
N LEU G 79 3.95 1.81 -24.05
CA LEU G 79 2.96 2.19 -23.04
C LEU G 79 2.38 3.58 -23.31
N VAL G 80 1.10 3.61 -23.75
CA VAL G 80 0.39 4.85 -24.11
C VAL G 80 -0.29 5.50 -22.90
N GLN G 81 -0.66 4.69 -21.89
CA GLN G 81 -1.31 5.19 -20.68
C GLN G 81 -0.28 5.73 -19.66
N PRO G 82 -0.66 6.71 -18.82
CA PRO G 82 0.33 7.32 -17.91
C PRO G 82 1.03 6.31 -17.00
N HIS G 83 2.32 6.57 -16.75
CA HIS G 83 3.18 5.69 -15.96
C HIS G 83 4.28 6.48 -15.25
N GLU G 84 4.92 5.86 -14.25
CA GLU G 84 6.00 6.49 -13.48
C GLU G 84 7.30 5.65 -13.63
N PRO G 85 8.43 6.26 -14.08
CA PRO G 85 9.64 5.46 -14.34
C PRO G 85 10.27 4.79 -13.11
N GLY G 86 11.04 3.73 -13.38
CA GLY G 86 11.74 2.92 -12.38
C GLY G 86 11.98 1.49 -12.86
N ALA G 87 12.45 0.60 -11.95
CA ALA G 87 12.68 -0.81 -12.32
C ALA G 87 12.67 -1.75 -11.12
N THR G 88 12.29 -3.01 -11.36
CA THR G 88 12.30 -4.08 -10.36
C THR G 88 12.20 -5.43 -11.07
N THR G 89 12.39 -6.52 -10.34
CA THR G 89 12.25 -7.86 -10.89
C THR G 89 11.13 -8.59 -10.16
N VAL G 90 10.32 -9.36 -10.89
CA VAL G 90 9.17 -10.05 -10.32
C VAL G 90 9.13 -11.53 -10.79
N PRO G 91 8.75 -12.52 -9.94
CA PRO G 91 8.70 -13.92 -10.40
C PRO G 91 7.99 -14.07 -11.74
N ALA G 92 8.62 -14.75 -12.69
CA ALA G 92 8.10 -14.90 -14.03
C ALA G 92 6.84 -15.73 -14.13
N ARG G 93 6.86 -16.93 -13.55
CA ARG G 93 5.77 -17.89 -13.65
C ARG G 93 4.51 -17.40 -12.96
N LYS G 94 4.65 -16.71 -11.83
CA LYS G 94 3.50 -16.14 -11.13
C LYS G 94 2.95 -14.95 -11.89
N PHE G 95 3.81 -14.01 -12.29
CA PHE G 95 3.37 -12.82 -13.02
C PHE G 95 2.72 -13.17 -14.36
N PHE G 96 3.25 -14.15 -15.08
CA PHE G 96 2.65 -14.57 -16.33
C PHE G 96 1.31 -15.26 -16.11
N ASP G 97 1.28 -16.27 -15.22
CA ASP G 97 0.05 -17.01 -14.97
C ASP G 97 -1.07 -16.10 -14.48
N ILE G 98 -0.71 -14.98 -13.79
CA ILE G 98 -1.68 -13.97 -13.33
C ILE G 98 -2.24 -13.21 -14.55
N CYS G 99 -1.37 -12.67 -15.39
CA CYS G 99 -1.80 -11.95 -16.60
C CYS G 99 -2.59 -12.85 -17.52
N ARG G 100 -2.18 -14.11 -17.70
CA ARG G 100 -2.90 -15.04 -18.56
C ARG G 100 -4.23 -15.43 -17.95
N GLY G 101 -4.25 -15.67 -16.64
CA GLY G 101 -5.46 -16.06 -15.93
C GLY G 101 -6.55 -15.00 -15.93
N LEU G 102 -6.18 -13.72 -16.13
CA LEU G 102 -7.15 -12.62 -16.21
C LEU G 102 -8.01 -12.71 -17.48
N PRO G 103 -9.23 -12.16 -17.43
CA PRO G 103 -10.11 -12.24 -18.61
C PRO G 103 -9.68 -11.30 -19.74
N GLU G 104 -10.08 -11.55 -20.98
CA GLU G 104 -9.64 -10.69 -22.08
C GLU G 104 -10.12 -9.27 -21.91
N GLY G 105 -9.35 -8.32 -22.43
CA GLY G 105 -9.63 -6.90 -22.30
C GLY G 105 -9.30 -6.33 -20.94
N ALA G 106 -8.65 -7.13 -20.05
CA ALA G 106 -8.38 -6.65 -18.70
C ALA G 106 -7.33 -5.53 -18.70
N GLU G 107 -7.53 -4.54 -17.82
CA GLU G 107 -6.61 -3.42 -17.65
C GLU G 107 -5.74 -3.76 -16.46
N ILE G 108 -4.45 -4.07 -16.70
CA ILE G 108 -3.55 -4.45 -15.62
C ILE G 108 -2.80 -3.21 -15.12
N ALA G 109 -3.08 -2.79 -13.88
CA ALA G 109 -2.42 -1.66 -13.24
C ALA G 109 -1.37 -2.18 -12.26
N VAL G 110 -0.08 -2.02 -12.60
CA VAL G 110 1.03 -2.52 -11.79
C VAL G 110 1.74 -1.35 -11.11
N GLN G 111 1.92 -1.41 -9.79
CA GLN G 111 2.63 -0.35 -9.05
C GLN G 111 3.45 -0.97 -7.94
N LEU G 112 4.59 -0.35 -7.61
CA LEU G 112 5.46 -0.86 -6.55
C LEU G 112 5.05 -0.28 -5.22
N GLU G 113 4.49 -1.13 -4.34
CA GLU G 113 4.08 -0.72 -2.98
C GLU G 113 5.15 -1.14 -1.98
N GLY G 114 6.29 -0.48 -2.06
CA GLY G 114 7.44 -0.74 -1.19
C GLY G 114 8.24 -1.94 -1.62
N GLU G 115 8.32 -2.97 -0.74
CA GLU G 115 9.07 -4.20 -0.99
C GLU G 115 8.43 -5.15 -2.02
N ARG G 116 7.10 -4.98 -2.28
CA ARG G 116 6.32 -5.87 -3.15
C ARG G 116 5.85 -5.16 -4.43
N MET G 117 5.35 -5.95 -5.40
CA MET G 117 4.76 -5.39 -6.61
C MET G 117 3.27 -5.63 -6.52
N LEU G 118 2.46 -4.57 -6.66
CA LEU G 118 1.00 -4.70 -6.60
C LEU G 118 0.41 -4.76 -8.01
N VAL G 119 -0.18 -5.90 -8.37
CA VAL G 119 -0.83 -6.11 -9.66
C VAL G 119 -2.35 -6.09 -9.44
N ARG G 120 -3.06 -5.07 -9.96
CA ARG G 120 -4.51 -4.96 -9.81
C ARG G 120 -5.20 -4.91 -11.16
N SER G 121 -6.32 -5.63 -11.28
CA SER G 121 -7.11 -5.67 -12.50
C SER G 121 -8.56 -6.04 -12.18
N GLY G 122 -9.41 -5.02 -12.12
CA GLY G 122 -10.82 -5.20 -11.81
C GLY G 122 -11.00 -5.51 -10.35
N ARG G 123 -11.63 -6.66 -10.06
CA ARG G 123 -11.82 -7.12 -8.66
C ARG G 123 -10.70 -8.07 -8.19
N SER G 124 -9.64 -8.25 -9.02
CA SER G 124 -8.50 -9.10 -8.73
C SER G 124 -7.32 -8.25 -8.24
N ARG G 125 -6.65 -8.66 -7.15
CA ARG G 125 -5.51 -7.94 -6.58
C ARG G 125 -4.42 -8.92 -6.20
N PHE G 126 -3.16 -8.68 -6.62
CA PHE G 126 -2.04 -9.57 -6.32
C PHE G 126 -0.84 -8.83 -5.77
N SER G 127 -0.17 -9.44 -4.81
CA SER G 127 1.00 -8.87 -4.14
C SER G 127 2.20 -9.81 -4.34
N LEU G 128 3.08 -9.47 -5.30
CA LEU G 128 4.23 -10.31 -5.65
C LEU G 128 5.52 -9.83 -4.97
N SER G 129 6.36 -10.79 -4.52
CA SER G 129 7.62 -10.49 -3.87
C SER G 129 8.63 -10.10 -4.91
N THR G 130 9.35 -8.98 -4.72
CA THR G 130 10.31 -8.52 -5.72
C THR G 130 11.74 -8.53 -5.20
N LEU G 131 12.71 -8.70 -6.12
CA LEU G 131 14.13 -8.61 -5.82
C LEU G 131 14.67 -7.36 -6.55
N PRO G 132 15.66 -6.64 -5.98
CA PRO G 132 16.11 -5.39 -6.62
C PRO G 132 16.54 -5.52 -8.08
N ALA G 133 16.24 -4.50 -8.89
CA ALA G 133 16.60 -4.48 -10.30
C ALA G 133 18.11 -4.44 -10.50
N ALA G 134 18.83 -3.77 -9.57
CA ALA G 134 20.28 -3.65 -9.65
C ALA G 134 21.00 -5.01 -9.56
N ASP G 135 20.34 -6.01 -8.93
CA ASP G 135 20.89 -7.37 -8.79
C ASP G 135 20.66 -8.24 -10.03
N PHE G 136 19.93 -7.75 -11.04
CA PHE G 136 19.64 -8.55 -12.23
C PHE G 136 20.88 -8.73 -13.10
N PRO G 137 21.13 -9.93 -13.67
CA PRO G 137 22.34 -10.14 -14.49
C PRO G 137 22.43 -9.40 -15.82
N ASN G 138 23.63 -8.85 -16.06
CA ASN G 138 23.98 -8.03 -17.22
C ASN G 138 24.52 -8.87 -18.39
N TRP G 142 29.16 -5.68 -24.94
CA TRP G 142 29.89 -6.35 -26.00
C TRP G 142 29.63 -5.63 -27.32
N GLN G 143 30.43 -5.92 -28.39
CA GLN G 143 30.30 -5.26 -29.70
C GLN G 143 30.13 -6.26 -30.87
N SER G 144 29.39 -5.88 -31.92
CA SER G 144 29.12 -6.76 -33.06
C SER G 144 30.23 -6.71 -34.08
N GLU G 145 30.42 -7.81 -34.81
CA GLU G 145 31.39 -7.92 -35.91
C GLU G 145 30.66 -8.15 -37.24
N VAL G 146 29.71 -9.08 -37.27
CA VAL G 146 28.93 -9.42 -38.45
C VAL G 146 27.50 -9.03 -38.19
N GLU G 147 26.86 -8.31 -39.14
CA GLU G 147 25.47 -7.92 -39.02
C GLU G 147 24.71 -8.16 -40.33
N PHE G 148 23.53 -8.79 -40.26
CA PHE G 148 22.73 -9.04 -41.47
C PHE G 148 21.25 -9.24 -41.13
N THR G 149 20.40 -9.29 -42.15
CA THR G 149 18.96 -9.51 -41.99
C THR G 149 18.51 -10.64 -42.90
N LEU G 150 17.52 -11.44 -42.44
CA LEU G 150 16.94 -12.52 -43.25
C LEU G 150 15.55 -12.88 -42.76
N PRO G 151 14.75 -13.58 -43.58
CA PRO G 151 13.38 -13.89 -43.14
C PRO G 151 13.34 -14.92 -42.04
N GLN G 152 12.31 -14.87 -41.18
CA GLN G 152 12.13 -15.87 -40.12
C GLN G 152 12.18 -17.28 -40.71
N ALA G 153 11.44 -17.52 -41.81
CA ALA G 153 11.32 -18.85 -42.41
C ALA G 153 12.67 -19.45 -42.80
N THR G 154 13.62 -18.59 -43.20
CA THR G 154 14.96 -19.00 -43.58
C THR G 154 15.71 -19.53 -42.37
N MET G 155 15.74 -18.74 -41.29
CA MET G 155 16.40 -19.13 -40.05
C MET G 155 15.73 -20.37 -39.47
N LYS G 156 14.40 -20.40 -39.49
CA LYS G 156 13.63 -21.54 -38.98
C LYS G 156 14.01 -22.81 -39.70
N ARG G 157 14.05 -22.78 -41.04
CA ARG G 157 14.42 -23.95 -41.82
C ARG G 157 15.85 -24.38 -41.49
N LEU G 158 16.77 -23.40 -41.40
CA LEU G 158 18.18 -23.67 -41.09
C LEU G 158 18.35 -24.37 -39.74
N ILE G 159 17.62 -23.91 -38.72
CA ILE G 159 17.71 -24.51 -37.39
C ILE G 159 16.93 -25.83 -37.36
N GLU G 160 15.66 -25.82 -37.83
CA GLU G 160 14.80 -27.02 -37.83
C GLU G 160 15.47 -28.23 -38.47
N ALA G 161 16.12 -28.02 -39.62
CA ALA G 161 16.72 -29.10 -40.37
C ALA G 161 18.00 -29.65 -39.78
N THR G 162 18.57 -29.03 -38.73
CA THR G 162 19.83 -29.50 -38.12
C THR G 162 19.81 -29.61 -36.58
N GLN G 163 18.72 -29.14 -35.92
CA GLN G 163 18.63 -29.10 -34.46
C GLN G 163 18.79 -30.47 -33.82
N PHE G 164 18.20 -31.51 -34.41
CA PHE G 164 18.19 -32.86 -33.86
C PHE G 164 19.55 -33.52 -33.78
N SER G 165 20.51 -33.14 -34.66
CA SER G 165 21.85 -33.74 -34.69
C SER G 165 22.81 -33.18 -33.64
N MET G 166 22.46 -32.12 -32.91
CA MET G 166 23.35 -31.58 -31.88
C MET G 166 23.49 -32.58 -30.72
N ALA G 167 24.65 -32.58 -30.05
CA ALA G 167 24.92 -33.44 -28.90
C ALA G 167 24.24 -32.84 -27.67
N HIS G 168 23.79 -33.72 -26.73
CA HIS G 168 23.04 -33.28 -25.56
C HIS G 168 23.96 -32.81 -24.40
N GLN G 169 24.66 -33.74 -23.76
CA GLN G 169 25.57 -33.38 -22.70
C GLN G 169 26.86 -34.13 -22.86
N ASP G 170 27.44 -34.02 -24.07
CA ASP G 170 28.71 -34.66 -24.43
C ASP G 170 29.87 -33.98 -23.68
N VAL G 171 30.87 -34.76 -23.28
CA VAL G 171 32.06 -34.18 -22.63
C VAL G 171 32.72 -33.18 -23.59
N ARG G 172 32.62 -33.44 -24.91
CA ARG G 172 33.12 -32.54 -25.94
C ARG G 172 32.16 -31.37 -26.04
N TYR G 173 32.30 -30.41 -25.09
CA TYR G 173 31.44 -29.23 -24.92
C TYR G 173 31.07 -28.46 -26.21
N TYR G 174 31.98 -28.40 -27.17
CA TYR G 174 31.75 -27.71 -28.45
C TYR G 174 30.70 -28.40 -29.36
N LEU G 175 30.38 -29.70 -29.12
CA LEU G 175 29.35 -30.42 -29.88
C LEU G 175 27.95 -30.18 -29.31
N ASN G 176 27.86 -29.68 -28.06
CA ASN G 176 26.58 -29.37 -27.41
C ASN G 176 26.06 -28.00 -27.88
N GLY G 177 25.77 -27.91 -29.16
CA GLY G 177 25.32 -26.66 -29.77
C GLY G 177 25.35 -26.78 -31.28
N MET G 178 25.08 -25.64 -31.95
CA MET G 178 25.00 -25.58 -33.41
C MET G 178 25.94 -24.53 -33.96
N LEU G 179 26.63 -24.84 -35.07
CA LEU G 179 27.55 -23.90 -35.68
C LEU G 179 26.78 -23.03 -36.64
N PHE G 180 26.99 -21.70 -36.57
CA PHE G 180 26.38 -20.74 -37.46
C PHE G 180 27.51 -20.12 -38.27
N GLU G 181 27.71 -20.65 -39.48
CA GLU G 181 28.80 -20.25 -40.35
C GLU G 181 28.25 -19.48 -41.56
N THR G 182 28.89 -18.35 -41.94
CA THR G 182 28.51 -17.55 -43.12
C THR G 182 29.51 -17.74 -44.24
N GLU G 183 29.05 -18.10 -45.44
CA GLU G 183 29.94 -18.30 -46.59
C GLU G 183 29.43 -17.58 -47.85
N GLY G 184 30.17 -16.57 -48.32
CA GLY G 184 29.81 -15.80 -49.50
C GLY G 184 28.54 -15.03 -49.30
N GLU G 185 27.46 -15.44 -50.00
CA GLU G 185 26.11 -14.89 -49.84
C GLU G 185 25.17 -15.99 -49.32
N GLU G 186 25.68 -16.78 -48.33
CA GLU G 186 24.98 -17.93 -47.74
C GLU G 186 25.16 -17.96 -46.21
N LEU G 187 24.22 -18.60 -45.49
CA LEU G 187 24.31 -18.84 -44.06
C LEU G 187 24.15 -20.34 -43.86
N ARG G 188 25.08 -20.97 -43.12
CA ARG G 188 25.11 -22.40 -42.92
C ARG G 188 25.01 -22.76 -41.47
N THR G 189 24.22 -23.79 -41.15
CA THR G 189 24.10 -24.33 -39.80
C THR G 189 24.58 -25.77 -39.82
N VAL G 190 25.50 -26.11 -38.92
CA VAL G 190 26.03 -27.46 -38.83
C VAL G 190 25.84 -27.96 -37.42
N ALA G 191 25.42 -29.22 -37.29
CA ALA G 191 25.28 -29.86 -35.99
C ALA G 191 25.75 -31.30 -36.10
N THR G 192 26.38 -31.82 -35.04
CA THR G 192 26.82 -33.22 -35.01
C THR G 192 27.10 -33.66 -33.58
N ASP G 193 26.99 -34.98 -33.32
CA ASP G 193 27.19 -35.54 -31.98
C ASP G 193 28.28 -36.61 -31.93
N GLY G 194 28.96 -36.86 -33.04
CA GLY G 194 29.98 -37.89 -33.10
C GLY G 194 29.52 -39.16 -33.81
N HIS G 195 28.19 -39.32 -34.00
CA HIS G 195 27.60 -40.48 -34.69
C HIS G 195 26.92 -40.08 -35.99
N ARG G 196 26.32 -38.90 -36.00
CA ARG G 196 25.61 -38.39 -37.16
C ARG G 196 25.90 -36.90 -37.32
N LEU G 197 25.65 -36.37 -38.51
CA LEU G 197 25.86 -34.95 -38.79
C LEU G 197 24.77 -34.43 -39.66
N ALA G 198 24.40 -33.18 -39.44
CA ALA G 198 23.42 -32.48 -40.24
C ALA G 198 24.05 -31.15 -40.63
N VAL G 199 23.85 -30.76 -41.89
CA VAL G 199 24.32 -29.47 -42.40
C VAL G 199 23.28 -28.89 -43.34
N CYS G 200 23.04 -27.59 -43.22
CA CYS G 200 22.08 -26.89 -44.06
C CYS G 200 22.60 -25.50 -44.37
N SER G 201 22.57 -25.11 -45.64
CA SER G 201 23.07 -23.80 -46.08
C SER G 201 22.08 -23.16 -47.03
N MET G 202 21.73 -21.90 -46.81
CA MET G 202 20.77 -21.24 -47.68
C MET G 202 21.18 -19.82 -47.99
N PRO G 203 21.01 -19.41 -49.26
CA PRO G 203 21.41 -18.05 -49.64
C PRO G 203 20.47 -16.99 -49.08
N ILE G 204 21.04 -15.86 -48.63
CA ILE G 204 20.23 -14.78 -48.04
C ILE G 204 20.41 -13.43 -48.77
N GLY G 205 20.94 -13.48 -50.00
CA GLY G 205 21.12 -12.31 -50.84
C GLY G 205 21.88 -11.14 -50.23
N GLN G 206 23.06 -11.40 -49.65
CA GLN G 206 23.90 -10.38 -49.03
C GLN G 206 25.37 -10.76 -49.12
N SER G 207 26.25 -9.79 -49.41
CA SER G 207 27.69 -10.05 -49.51
C SER G 207 28.26 -10.15 -48.09
N LEU G 208 28.20 -11.36 -47.50
CA LEU G 208 28.58 -11.67 -46.10
C LEU G 208 30.06 -11.98 -45.94
N PRO G 209 30.65 -11.66 -44.76
CA PRO G 209 32.03 -12.10 -44.48
C PRO G 209 32.08 -13.53 -43.96
N SER G 210 33.19 -14.22 -44.18
CA SER G 210 33.35 -15.60 -43.70
C SER G 210 33.59 -15.59 -42.19
N HIS G 211 32.61 -16.10 -41.42
CA HIS G 211 32.65 -16.08 -39.96
C HIS G 211 31.93 -17.32 -39.43
N SER G 212 32.54 -18.11 -38.52
CA SER G 212 31.89 -19.29 -37.94
C SER G 212 31.86 -19.20 -36.42
N VAL G 213 30.66 -19.38 -35.80
CA VAL G 213 30.47 -19.33 -34.35
C VAL G 213 29.60 -20.49 -33.87
N ILE G 214 29.83 -20.98 -32.63
CA ILE G 214 29.04 -22.06 -32.04
C ILE G 214 28.00 -21.47 -31.07
N VAL G 215 26.71 -21.59 -31.41
CA VAL G 215 25.63 -21.13 -30.55
C VAL G 215 25.24 -22.31 -29.62
N PRO G 216 25.16 -22.10 -28.29
CA PRO G 216 24.85 -23.24 -27.40
C PRO G 216 23.51 -23.92 -27.67
N ARG G 217 23.41 -25.18 -27.28
CA ARG G 217 22.21 -26.01 -27.49
C ARG G 217 20.94 -25.31 -27.03
N LYS G 218 20.92 -24.80 -25.78
CA LYS G 218 19.72 -24.17 -25.23
C LYS G 218 19.38 -22.85 -25.93
N GLY G 219 20.40 -22.09 -26.34
CA GLY G 219 20.20 -20.84 -27.06
C GLY G 219 19.53 -21.03 -28.41
N VAL G 220 19.99 -22.06 -29.13
CA VAL G 220 19.45 -22.49 -30.43
C VAL G 220 17.94 -22.77 -30.31
N ILE G 221 17.56 -23.46 -29.25
CA ILE G 221 16.16 -23.83 -29.05
C ILE G 221 15.33 -22.58 -28.82
N GLU G 222 15.77 -21.67 -27.93
CA GLU G 222 15.04 -20.43 -27.65
C GLU G 222 15.01 -19.49 -28.84
N LEU G 223 16.04 -19.53 -29.68
CA LEU G 223 16.07 -18.71 -30.88
C LEU G 223 15.00 -19.22 -31.86
N MET G 224 14.91 -20.56 -32.04
CA MET G 224 13.93 -21.16 -32.94
C MET G 224 12.51 -20.93 -32.45
N ARG G 225 12.28 -21.14 -31.16
CA ARG G 225 10.92 -21.00 -30.60
C ARG G 225 10.39 -19.58 -30.73
N MET G 226 11.27 -18.55 -30.75
CA MET G 226 10.80 -17.18 -30.83
C MET G 226 10.37 -16.73 -32.24
N LEU G 227 10.53 -17.59 -33.27
CA LEU G 227 10.15 -17.21 -34.62
C LEU G 227 9.14 -18.16 -35.29
N ASP G 228 8.10 -17.56 -35.95
CA ASP G 228 7.02 -18.27 -36.66
C ASP G 228 7.41 -18.66 -38.11
N GLY G 229 7.48 -17.69 -39.02
CA GLY G 229 7.84 -17.92 -40.41
C GLY G 229 7.57 -16.74 -41.33
N GLY G 230 7.40 -17.03 -42.62
CA GLY G 230 7.18 -16.02 -43.65
C GLY G 230 8.35 -15.08 -43.84
N ASP G 231 8.06 -13.89 -44.40
CA ASP G 231 9.07 -12.85 -44.66
C ASP G 231 9.24 -11.91 -43.44
N ASN G 232 8.88 -12.38 -42.23
CA ASN G 232 9.05 -11.59 -41.00
C ASN G 232 10.56 -11.37 -40.80
N PRO G 233 11.06 -10.12 -40.72
CA PRO G 233 12.52 -9.98 -40.70
C PRO G 233 13.18 -10.32 -39.36
N LEU G 234 14.44 -10.77 -39.47
CA LEU G 234 15.29 -11.13 -38.34
C LEU G 234 16.67 -10.49 -38.51
N ARG G 235 17.08 -9.58 -37.60
CA ARG G 235 18.40 -8.94 -37.65
C ARG G 235 19.38 -9.71 -36.75
N VAL G 236 20.39 -10.41 -37.32
CA VAL G 236 21.35 -11.18 -36.54
C VAL G 236 22.67 -10.42 -36.41
N GLN G 237 23.19 -10.29 -35.18
CA GLN G 237 24.47 -9.63 -34.91
C GLN G 237 25.42 -10.64 -34.26
N ILE G 238 26.49 -11.07 -34.97
CA ILE G 238 27.44 -12.04 -34.43
C ILE G 238 28.72 -11.31 -34.02
N GLY G 239 29.27 -11.66 -32.86
CA GLY G 239 30.50 -11.06 -32.37
C GLY G 239 31.56 -12.06 -31.98
N SER G 240 32.48 -11.65 -31.10
CA SER G 240 33.60 -12.49 -30.67
C SER G 240 33.12 -13.72 -29.89
N ASN G 241 32.30 -13.49 -28.85
CA ASN G 241 31.76 -14.57 -28.02
C ASN G 241 30.28 -14.30 -27.65
N ASN G 242 29.51 -13.68 -28.56
CA ASN G 242 28.08 -13.43 -28.34
C ASN G 242 27.32 -13.36 -29.66
N ILE G 243 26.03 -13.65 -29.63
CA ILE G 243 25.17 -13.55 -30.81
C ILE G 243 23.87 -12.87 -30.40
N ARG G 244 23.30 -12.02 -31.27
CA ARG G 244 22.05 -11.32 -30.96
C ARG G 244 21.09 -11.47 -32.12
N ALA G 245 19.79 -11.56 -31.82
CA ALA G 245 18.75 -11.75 -32.84
C ALA G 245 17.57 -10.83 -32.54
N HIS G 246 17.27 -9.89 -33.46
CA HIS G 246 16.16 -8.95 -33.29
C HIS G 246 15.01 -9.35 -34.17
N VAL G 247 13.86 -9.65 -33.58
CA VAL G 247 12.66 -9.93 -34.34
C VAL G 247 11.55 -9.12 -33.70
N GLY G 248 11.07 -8.11 -34.42
CA GLY G 248 10.05 -7.20 -33.93
C GLY G 248 10.46 -6.47 -32.66
N ASP G 249 9.61 -6.56 -31.63
CA ASP G 249 9.90 -5.94 -30.33
C ASP G 249 10.58 -6.91 -29.34
N PHE G 250 11.27 -7.97 -29.86
CA PHE G 250 11.94 -8.99 -29.06
C PHE G 250 13.41 -9.06 -29.47
N ILE G 251 14.36 -9.04 -28.48
CA ILE G 251 15.83 -9.07 -28.71
C ILE G 251 16.44 -10.23 -27.91
N PHE G 252 16.83 -11.30 -28.61
CA PHE G 252 17.46 -12.46 -28.01
C PHE G 252 18.97 -12.29 -28.06
N THR G 253 19.67 -12.56 -26.96
CA THR G 253 21.14 -12.51 -26.91
C THR G 253 21.64 -13.78 -26.22
N SER G 254 22.76 -14.34 -26.72
CA SER G 254 23.33 -15.58 -26.15
C SER G 254 24.85 -15.62 -26.26
N LYS G 255 25.53 -16.13 -25.22
CA LYS G 255 26.99 -16.30 -25.27
C LYS G 255 27.30 -17.44 -26.23
N LEU G 256 28.46 -17.41 -26.89
CA LEU G 256 28.85 -18.46 -27.82
C LEU G 256 29.78 -19.46 -27.14
N VAL G 257 29.68 -20.75 -27.56
CA VAL G 257 30.51 -21.83 -27.01
C VAL G 257 31.93 -21.62 -27.53
N ASP G 258 32.89 -21.34 -26.62
CA ASP G 258 34.28 -21.08 -27.01
C ASP G 258 35.02 -22.41 -27.21
N GLY G 259 34.85 -22.99 -28.38
CA GLY G 259 35.48 -24.25 -28.75
C GLY G 259 35.80 -24.33 -30.23
N ARG G 260 36.44 -25.43 -30.67
CA ARG G 260 36.80 -25.65 -32.08
C ARG G 260 35.96 -26.75 -32.75
N PHE G 261 34.87 -26.32 -33.43
CA PHE G 261 33.89 -27.21 -34.03
C PHE G 261 34.53 -28.00 -35.16
N PRO G 262 34.24 -29.31 -35.31
CA PRO G 262 34.84 -30.08 -36.41
C PRO G 262 34.41 -29.60 -37.81
N ASP G 263 35.27 -29.81 -38.82
CA ASP G 263 34.95 -29.40 -40.19
C ASP G 263 33.99 -30.41 -40.85
N TYR G 264 32.81 -29.94 -41.26
CA TYR G 264 31.80 -30.79 -41.86
C TYR G 264 32.27 -31.36 -43.20
N ARG G 265 33.14 -30.62 -43.89
CA ARG G 265 33.61 -31.02 -45.21
C ARG G 265 34.44 -32.30 -45.12
N ARG G 266 35.17 -32.49 -44.00
CA ARG G 266 35.99 -33.68 -43.79
C ARG G 266 35.11 -34.90 -43.47
N VAL G 267 33.95 -34.65 -42.85
CA VAL G 267 33.03 -35.70 -42.42
C VAL G 267 32.24 -36.27 -43.61
N LEU G 268 31.91 -35.41 -44.59
CA LEU G 268 31.14 -35.82 -45.78
C LEU G 268 31.85 -36.96 -46.52
N PRO G 269 31.15 -38.03 -46.97
CA PRO G 269 31.85 -39.10 -47.73
C PRO G 269 32.59 -38.52 -48.93
N LYS G 270 33.95 -38.50 -48.83
CA LYS G 270 34.88 -37.87 -49.80
C LYS G 270 34.52 -38.25 -51.22
N ASN G 271 34.42 -39.56 -51.50
CA ASN G 271 33.93 -40.02 -52.78
C ASN G 271 33.27 -41.39 -52.66
N PRO G 272 31.93 -41.40 -52.60
CA PRO G 272 31.21 -42.68 -52.57
C PRO G 272 30.96 -43.18 -54.01
N ASP G 273 30.62 -44.46 -54.17
CA ASP G 273 30.36 -45.00 -55.50
C ASP G 273 28.93 -45.53 -55.70
N LYS G 274 28.10 -45.61 -54.64
CA LYS G 274 26.74 -46.17 -54.73
C LYS G 274 25.66 -45.11 -54.50
N HIS G 275 24.47 -45.32 -55.09
CA HIS G 275 23.37 -44.36 -55.04
C HIS G 275 22.01 -45.07 -55.00
N LEU G 276 21.20 -44.82 -53.94
CA LEU G 276 19.85 -45.39 -53.78
C LEU G 276 18.83 -44.26 -53.72
N GLU G 277 17.75 -44.34 -54.51
CA GLU G 277 16.69 -43.34 -54.49
C GLU G 277 15.39 -44.04 -54.14
N ALA G 278 14.61 -43.44 -53.23
CA ALA G 278 13.31 -43.99 -52.83
C ALA G 278 12.41 -42.91 -52.25
N GLY G 279 11.11 -43.22 -52.15
CA GLY G 279 10.12 -42.30 -51.60
C GLY G 279 10.33 -42.07 -50.12
N CYS G 280 10.50 -40.81 -49.71
CA CYS G 280 10.80 -40.44 -48.33
C CYS G 280 9.84 -41.07 -47.32
N ASP G 281 8.53 -40.97 -47.57
CA ASP G 281 7.53 -41.50 -46.64
C ASP G 281 7.49 -43.02 -46.63
N LEU G 282 7.60 -43.65 -47.79
CA LEU G 282 7.60 -45.12 -47.86
C LEU G 282 8.83 -45.70 -47.15
N LEU G 283 9.97 -45.02 -47.30
CA LEU G 283 11.22 -45.42 -46.66
C LEU G 283 11.11 -45.21 -45.14
N LYS G 284 10.46 -44.10 -44.72
CA LYS G 284 10.27 -43.75 -43.31
C LYS G 284 9.33 -44.72 -42.63
N GLN G 285 8.23 -45.07 -43.28
CA GLN G 285 7.27 -46.01 -42.68
C GLN G 285 7.85 -47.44 -42.63
N ALA G 286 8.77 -47.76 -43.53
CA ALA G 286 9.40 -49.07 -43.54
C ALA G 286 10.35 -49.19 -42.33
N PHE G 287 11.17 -48.16 -42.08
CA PHE G 287 12.12 -48.10 -40.96
C PHE G 287 11.39 -48.00 -39.64
N ALA G 288 10.28 -47.27 -39.62
CA ALA G 288 9.47 -47.14 -38.40
C ALA G 288 8.87 -48.48 -38.00
N ARG G 289 8.41 -49.27 -38.99
CA ARG G 289 7.81 -50.58 -38.72
C ARG G 289 8.86 -51.59 -38.33
N ALA G 290 10.03 -51.55 -38.99
CA ALA G 290 11.14 -52.46 -38.68
C ALA G 290 11.67 -52.19 -37.25
N ALA G 291 11.77 -50.90 -36.88
CA ALA G 291 12.24 -50.46 -35.57
C ALA G 291 11.47 -51.09 -34.41
N ILE G 292 10.23 -51.55 -34.65
CA ILE G 292 9.41 -52.16 -33.60
C ILE G 292 10.10 -53.42 -33.05
N LEU G 293 10.61 -54.28 -33.93
CA LEU G 293 11.26 -55.52 -33.50
C LEU G 293 12.78 -55.42 -33.50
N SER G 294 13.31 -54.18 -33.35
CA SER G 294 14.75 -53.94 -33.22
C SER G 294 15.14 -53.97 -31.77
N ASN G 295 16.45 -53.99 -31.50
CA ASN G 295 16.95 -54.00 -30.12
C ASN G 295 16.55 -52.70 -29.45
N GLU G 296 15.99 -52.76 -28.25
CA GLU G 296 15.46 -51.60 -27.55
C GLU G 296 16.55 -50.58 -27.18
N LYS G 297 17.78 -51.07 -26.94
CA LYS G 297 18.92 -50.24 -26.52
C LYS G 297 19.77 -49.82 -27.69
N PHE G 298 20.11 -50.77 -28.58
CA PHE G 298 21.04 -50.53 -29.68
C PHE G 298 20.35 -50.09 -30.97
N ARG G 299 19.07 -50.47 -31.16
CA ARG G 299 18.25 -50.07 -32.32
C ARG G 299 18.92 -50.41 -33.67
N GLY G 300 19.44 -51.63 -33.77
CA GLY G 300 20.14 -52.09 -34.96
C GLY G 300 19.25 -52.70 -36.02
N VAL G 301 19.37 -52.19 -37.26
CA VAL G 301 18.66 -52.73 -38.42
C VAL G 301 19.67 -52.96 -39.56
N ARG G 302 19.45 -54.05 -40.35
CA ARG G 302 20.28 -54.43 -41.51
C ARG G 302 19.68 -53.88 -42.79
N LEU G 303 20.51 -53.30 -43.67
CA LEU G 303 20.07 -52.85 -44.99
C LEU G 303 20.70 -53.76 -46.04
N TYR G 304 19.89 -54.41 -46.89
CA TYR G 304 20.40 -55.26 -47.99
C TYR G 304 20.05 -54.57 -49.30
N VAL G 305 21.05 -53.98 -49.97
CA VAL G 305 20.80 -53.28 -51.25
C VAL G 305 21.12 -54.17 -52.45
N SER G 306 20.10 -54.61 -53.21
CA SER G 306 20.29 -55.36 -54.44
C SER G 306 19.74 -54.51 -55.60
N GLU G 307 19.62 -55.08 -56.80
CA GLU G 307 19.12 -54.32 -57.96
C GLU G 307 17.69 -53.81 -57.73
N ASN G 308 17.55 -52.49 -57.53
CA ASN G 308 16.27 -51.79 -57.30
C ASN G 308 15.43 -52.41 -56.19
N GLN G 309 16.08 -52.86 -55.12
CA GLN G 309 15.39 -53.48 -54.01
C GLN G 309 16.19 -53.28 -52.72
N LEU G 310 15.52 -52.80 -51.66
CA LEU G 310 16.14 -52.59 -50.34
C LEU G 310 15.41 -53.47 -49.35
N LYS G 311 16.15 -54.26 -48.56
CA LYS G 311 15.54 -55.10 -47.54
C LYS G 311 16.02 -54.65 -46.16
N ILE G 312 15.09 -54.23 -45.29
CA ILE G 312 15.40 -53.81 -43.93
C ILE G 312 15.04 -54.97 -42.99
N THR G 313 16.00 -55.42 -42.17
CA THR G 313 15.78 -56.53 -41.24
C THR G 313 16.14 -56.09 -39.84
N ALA G 314 15.24 -56.32 -38.87
CA ALA G 314 15.46 -55.94 -37.49
C ALA G 314 15.32 -57.16 -36.59
N ASN G 315 16.24 -57.31 -35.61
CA ASN G 315 16.22 -58.40 -34.63
C ASN G 315 16.38 -57.85 -33.22
N ASN G 316 15.69 -58.47 -32.25
CA ASN G 316 15.80 -58.06 -30.86
C ASN G 316 16.21 -59.25 -30.01
N PRO G 317 16.59 -59.05 -28.72
CA PRO G 317 17.04 -60.21 -27.90
C PRO G 317 16.03 -61.36 -27.75
N GLU G 318 14.73 -61.06 -27.91
CA GLU G 318 13.68 -62.06 -27.80
C GLU G 318 13.55 -62.90 -29.09
N GLN G 319 14.51 -62.75 -30.04
CA GLN G 319 14.54 -63.50 -31.31
C GLN G 319 13.32 -63.23 -32.20
N GLU G 320 12.77 -62.02 -32.13
CA GLU G 320 11.67 -61.62 -33.00
C GLU G 320 12.30 -60.91 -34.18
N GLU G 321 11.72 -61.09 -35.36
CA GLU G 321 12.28 -60.50 -36.57
C GLU G 321 11.25 -59.76 -37.38
N ALA G 322 11.63 -58.55 -37.86
CA ALA G 322 10.83 -57.75 -38.78
C ALA G 322 11.55 -57.80 -40.11
N GLU G 323 10.81 -57.70 -41.22
CA GLU G 323 11.41 -57.69 -42.55
C GLU G 323 10.59 -56.79 -43.46
N GLU G 324 11.24 -55.80 -44.07
CA GLU G 324 10.60 -54.85 -44.97
C GLU G 324 11.32 -54.87 -46.31
N ILE G 325 10.60 -55.09 -47.41
CA ILE G 325 11.18 -55.08 -48.75
C ILE G 325 10.58 -53.90 -49.52
N LEU G 326 11.44 -53.04 -50.09
CA LEU G 326 11.00 -51.86 -50.82
C LEU G 326 11.54 -51.88 -52.24
N ASP G 327 10.81 -51.28 -53.17
CA ASP G 327 11.26 -51.11 -54.54
C ASP G 327 11.91 -49.75 -54.62
N VAL G 328 13.25 -49.74 -54.80
CA VAL G 328 14.06 -48.52 -54.84
C VAL G 328 14.70 -48.37 -56.21
N THR G 329 15.33 -47.22 -56.45
CA THR G 329 16.05 -46.95 -57.69
C THR G 329 17.53 -47.11 -57.33
N TYR G 330 18.04 -48.36 -57.33
CA TYR G 330 19.41 -48.63 -56.90
C TYR G 330 20.33 -49.03 -58.05
N SER G 331 21.61 -48.61 -57.97
CA SER G 331 22.60 -48.94 -58.99
C SER G 331 23.94 -49.33 -58.39
N GLY G 332 24.62 -50.27 -59.03
CA GLY G 332 25.93 -50.70 -58.58
C GLY G 332 25.93 -52.10 -58.01
N MET G 335 25.54 -54.87 -51.35
CA MET G 335 26.23 -54.75 -50.08
C MET G 335 25.26 -54.77 -48.91
N GLU G 336 25.79 -54.95 -47.70
CA GLU G 336 25.02 -55.03 -46.45
C GLU G 336 25.54 -53.97 -45.46
N ILE G 337 24.65 -53.17 -44.83
CA ILE G 337 25.09 -52.14 -43.88
C ILE G 337 24.16 -52.07 -42.65
N GLY G 338 24.77 -52.03 -41.47
CA GLY G 338 24.04 -51.95 -40.21
C GLY G 338 23.84 -50.50 -39.81
N PHE G 339 22.65 -50.18 -39.28
CA PHE G 339 22.35 -48.80 -38.86
C PHE G 339 21.51 -48.71 -37.61
N ASN G 340 21.66 -47.59 -36.90
CA ASN G 340 20.85 -47.24 -35.74
C ASN G 340 19.56 -46.65 -36.27
N VAL G 341 18.49 -47.45 -36.35
CA VAL G 341 17.24 -47.05 -37.00
C VAL G 341 16.72 -45.68 -36.52
N SER G 342 16.98 -45.31 -35.25
CA SER G 342 16.55 -44.00 -34.72
C SER G 342 17.31 -42.86 -35.40
N TYR G 343 18.61 -43.03 -35.62
CA TYR G 343 19.39 -42.02 -36.34
C TYR G 343 18.89 -41.84 -37.77
N VAL G 344 18.48 -42.95 -38.42
CA VAL G 344 17.99 -42.94 -39.80
C VAL G 344 16.61 -42.31 -39.87
N LEU G 345 15.72 -42.66 -38.95
CA LEU G 345 14.40 -42.08 -38.92
C LEU G 345 14.44 -40.59 -38.66
N ASP G 346 15.36 -40.14 -37.79
CA ASP G 346 15.57 -38.72 -37.48
C ASP G 346 15.80 -37.90 -38.75
N VAL G 347 16.61 -38.45 -39.67
CA VAL G 347 16.94 -37.79 -40.93
C VAL G 347 15.71 -37.76 -41.83
N LEU G 348 15.01 -38.90 -41.98
CA LEU G 348 13.83 -39.00 -42.84
C LEU G 348 12.72 -38.06 -42.42
N ASN G 349 12.62 -37.79 -41.13
CA ASN G 349 11.64 -36.86 -40.59
C ASN G 349 12.08 -35.43 -40.83
N ALA G 350 13.41 -35.16 -40.76
CA ALA G 350 13.97 -33.82 -41.02
C ALA G 350 13.81 -33.45 -42.49
N LEU G 351 13.92 -34.46 -43.37
CA LEU G 351 13.70 -34.31 -44.80
C LEU G 351 12.21 -34.34 -45.08
N LYS G 352 11.56 -33.18 -45.05
CA LYS G 352 10.14 -33.09 -45.38
C LYS G 352 10.04 -32.91 -46.90
N CYS G 353 10.24 -34.03 -47.61
CA CYS G 353 10.26 -34.05 -49.06
C CYS G 353 9.56 -35.31 -49.61
N GLU G 354 9.55 -35.44 -50.95
CA GLU G 354 8.91 -36.54 -51.65
C GLU G 354 9.87 -37.71 -51.84
N ASN G 355 11.09 -37.44 -52.36
CA ASN G 355 12.07 -38.50 -52.64
C ASN G 355 13.45 -38.17 -52.06
N VAL G 356 14.14 -39.21 -51.56
CA VAL G 356 15.45 -39.07 -50.90
C VAL G 356 16.52 -39.81 -51.67
N ARG G 357 17.78 -39.45 -51.43
CA ARG G 357 18.91 -40.11 -52.07
C ARG G 357 19.89 -40.52 -50.99
N MET G 358 20.38 -41.77 -51.05
CA MET G 358 21.36 -42.30 -50.09
C MET G 358 22.63 -42.62 -50.82
N MET G 359 23.77 -42.09 -50.33
CA MET G 359 25.07 -42.28 -50.97
C MET G 359 25.95 -43.23 -50.16
N LEU G 360 25.98 -44.52 -50.58
CA LEU G 360 26.70 -45.60 -49.91
C LEU G 360 28.15 -45.71 -50.34
N THR G 361 29.06 -46.04 -49.42
CA THR G 361 30.47 -46.23 -49.76
C THR G 361 30.83 -47.71 -49.54
N ASP G 362 30.72 -48.20 -48.29
CA ASP G 362 31.05 -49.58 -47.90
C ASP G 362 30.26 -49.89 -46.62
N SER G 363 30.23 -51.16 -46.22
CA SER G 363 29.57 -51.59 -44.99
C SER G 363 30.15 -50.93 -43.71
N VAL G 364 31.42 -50.45 -43.72
CA VAL G 364 32.05 -49.84 -42.55
C VAL G 364 32.21 -48.32 -42.65
N SER G 365 31.64 -47.67 -43.71
CA SER G 365 31.76 -46.21 -43.91
C SER G 365 30.39 -45.51 -43.90
N SER G 366 30.41 -44.19 -43.61
CA SER G 366 29.21 -43.37 -43.49
C SER G 366 28.42 -43.25 -44.80
N VAL G 367 27.10 -43.03 -44.69
CA VAL G 367 26.21 -42.82 -45.83
C VAL G 367 25.69 -41.39 -45.78
N GLN G 368 25.64 -40.73 -46.94
CA GLN G 368 25.13 -39.37 -47.01
C GLN G 368 23.68 -39.44 -47.49
N ILE G 369 22.74 -39.01 -46.66
CA ILE G 369 21.33 -39.01 -47.01
C ILE G 369 20.92 -37.56 -47.22
N GLU G 370 20.29 -37.24 -48.34
CA GLU G 370 19.76 -35.90 -48.57
C GLU G 370 18.61 -35.94 -49.58
N ASP G 371 17.91 -34.81 -49.72
CA ASP G 371 16.76 -34.69 -50.60
C ASP G 371 17.21 -34.86 -52.06
N ALA G 372 16.53 -35.72 -52.82
CA ALA G 372 16.89 -35.98 -54.21
C ALA G 372 16.67 -34.75 -55.09
N ALA G 373 15.81 -33.82 -54.64
CA ALA G 373 15.53 -32.60 -55.40
C ALA G 373 16.47 -31.46 -55.01
N SER G 374 16.70 -31.27 -53.69
CA SER G 374 17.51 -30.16 -53.18
C SER G 374 18.74 -30.65 -52.41
N GLN G 375 19.85 -29.93 -52.57
CA GLN G 375 21.10 -30.26 -51.89
C GLN G 375 21.45 -29.22 -50.81
N SER G 376 20.49 -28.33 -50.43
CA SER G 376 20.71 -27.33 -49.37
C SER G 376 21.05 -28.00 -48.04
N ALA G 377 20.37 -29.11 -47.73
CA ALA G 377 20.63 -29.89 -46.53
C ALA G 377 21.16 -31.27 -46.87
N ALA G 378 22.18 -31.71 -46.14
CA ALA G 378 22.78 -33.02 -46.29
C ALA G 378 23.02 -33.63 -44.93
N TYR G 379 22.87 -34.97 -44.81
CA TYR G 379 23.03 -35.66 -43.54
C TYR G 379 23.98 -36.82 -43.70
N VAL G 380 24.87 -37.01 -42.72
CA VAL G 380 25.83 -38.11 -42.73
C VAL G 380 25.57 -38.96 -41.48
N VAL G 381 25.36 -40.28 -41.67
CA VAL G 381 25.10 -41.20 -40.57
C VAL G 381 26.14 -42.32 -40.58
N MET G 382 26.84 -42.49 -39.45
CA MET G 382 27.85 -43.54 -39.30
C MET G 382 27.18 -44.89 -39.00
N PRO G 383 27.55 -45.99 -39.69
CA PRO G 383 26.91 -47.29 -39.45
C PRO G 383 27.43 -48.03 -38.20
N MET G 384 26.79 -49.17 -37.90
CA MET G 384 27.18 -50.03 -36.79
C MET G 384 27.73 -51.33 -37.34
N ARG G 385 28.48 -52.03 -36.49
CA ARG G 385 29.01 -53.35 -36.79
C ARG G 385 27.88 -54.39 -36.79
N LEU G 386 27.81 -55.19 -37.87
CA LEU G 386 26.75 -56.17 -38.14
C LEU G 386 27.01 -57.53 -37.42
N SER H 19 -5.01 -75.87 -31.58
CA SER H 19 -3.87 -75.09 -31.10
C SER H 19 -3.38 -74.12 -32.17
N HIS H 20 -3.31 -74.57 -33.44
CA HIS H 20 -2.79 -73.78 -34.57
C HIS H 20 -3.90 -73.08 -35.31
N MET H 21 -3.65 -71.82 -35.73
CA MET H 21 -4.65 -70.98 -36.38
C MET H 21 -4.12 -70.18 -37.54
N LYS H 22 -5.05 -69.58 -38.29
CA LYS H 22 -4.77 -68.69 -39.40
C LYS H 22 -5.99 -67.80 -39.62
N PHE H 23 -5.78 -66.50 -39.85
CA PHE H 23 -6.86 -65.57 -40.15
C PHE H 23 -6.35 -64.44 -41.02
N THR H 24 -7.23 -63.84 -41.82
CA THR H 24 -6.86 -62.71 -42.67
C THR H 24 -7.90 -61.61 -42.50
N VAL H 25 -7.51 -60.49 -41.85
CA VAL H 25 -8.41 -59.38 -41.57
C VAL H 25 -7.86 -58.11 -42.20
N GLU H 26 -8.77 -57.18 -42.57
CA GLU H 26 -8.37 -55.86 -43.07
C GLU H 26 -7.97 -55.00 -41.86
N ARG H 27 -6.80 -54.36 -41.95
CA ARG H 27 -6.20 -53.54 -40.91
C ARG H 27 -7.19 -52.67 -40.12
N GLU H 28 -8.16 -52.04 -40.79
CA GLU H 28 -9.09 -51.11 -40.12
C GLU H 28 -10.02 -51.81 -39.11
N HIS H 29 -10.52 -53.00 -39.46
CA HIS H 29 -11.46 -53.76 -38.62
C HIS H 29 -10.77 -54.31 -37.37
N LEU H 30 -9.43 -54.41 -37.40
CA LEU H 30 -8.59 -54.94 -36.33
C LEU H 30 -7.94 -53.84 -35.48
N LEU H 31 -7.77 -52.64 -36.06
CA LEU H 31 -7.12 -51.48 -35.44
C LEU H 31 -7.85 -50.95 -34.20
N LYS H 32 -9.18 -50.76 -34.29
CA LYS H 32 -9.97 -50.21 -33.19
C LYS H 32 -10.07 -51.19 -32.02
N PRO H 33 -10.41 -52.47 -32.27
CA PRO H 33 -10.42 -53.45 -31.15
C PRO H 33 -9.09 -53.68 -30.46
N LEU H 34 -7.98 -53.62 -31.20
CA LEU H 34 -6.65 -53.76 -30.62
C LEU H 34 -6.37 -52.64 -29.62
N GLN H 35 -6.70 -51.39 -29.99
CA GLN H 35 -6.52 -50.24 -29.11
C GLN H 35 -7.32 -50.42 -27.82
N GLN H 36 -8.56 -50.94 -27.94
CA GLN H 36 -9.47 -51.13 -26.83
C GLN H 36 -9.01 -52.21 -25.85
N VAL H 37 -8.65 -53.40 -26.34
CA VAL H 37 -8.20 -54.48 -25.48
C VAL H 37 -6.81 -54.22 -24.85
N SER H 38 -6.04 -53.25 -25.40
CA SER H 38 -4.73 -52.87 -24.84
C SER H 38 -4.82 -51.80 -23.74
N GLY H 39 -6.04 -51.46 -23.35
CA GLY H 39 -6.26 -50.48 -22.31
C GLY H 39 -5.86 -51.01 -20.96
N PRO H 40 -6.52 -52.12 -20.53
CA PRO H 40 -6.19 -52.74 -19.22
C PRO H 40 -4.71 -53.05 -18.96
N LEU H 41 -3.92 -53.18 -20.04
CA LEU H 41 -2.48 -53.44 -19.99
C LEU H 41 -1.73 -52.12 -19.71
N GLY H 42 -0.71 -52.20 -18.86
CA GLY H 42 0.08 -51.06 -18.44
C GLY H 42 1.55 -51.21 -18.78
N GLY H 43 2.35 -50.28 -18.32
CA GLY H 43 3.78 -50.29 -18.57
C GLY H 43 4.48 -51.28 -17.67
N ARG H 44 5.35 -52.11 -18.26
CA ARG H 44 6.10 -53.11 -17.50
C ARG H 44 5.14 -53.93 -16.58
N PRO H 45 4.33 -54.81 -17.21
CA PRO H 45 3.42 -55.65 -16.42
C PRO H 45 4.16 -56.68 -15.56
N THR H 46 3.55 -57.08 -14.42
CA THR H 46 4.18 -57.98 -13.44
C THR H 46 4.48 -59.37 -14.00
N LEU H 47 3.53 -59.93 -14.76
CA LEU H 47 3.70 -61.24 -15.38
C LEU H 47 3.88 -61.03 -16.87
N PRO H 48 4.69 -61.87 -17.53
CA PRO H 48 4.91 -61.68 -18.96
C PRO H 48 3.64 -61.86 -19.77
N ILE H 49 2.82 -62.86 -19.42
CA ILE H 49 1.56 -63.12 -20.11
C ILE H 49 0.60 -61.94 -20.02
N LEU H 50 0.69 -61.11 -18.94
CA LEU H 50 -0.17 -59.93 -18.79
C LEU H 50 0.17 -58.77 -19.74
N GLY H 51 1.21 -58.93 -20.56
CA GLY H 51 1.59 -58.00 -21.62
C GLY H 51 1.19 -58.46 -23.00
N ASN H 52 0.63 -59.68 -23.10
CA ASN H 52 0.19 -60.26 -24.37
C ASN H 52 -1.34 -60.24 -24.46
N LEU H 53 -1.86 -60.34 -25.70
CA LEU H 53 -3.30 -60.39 -25.96
C LEU H 53 -3.68 -61.79 -26.43
N LEU H 54 -4.74 -62.37 -25.85
CA LEU H 54 -5.22 -63.69 -26.25
C LEU H 54 -6.01 -63.57 -27.53
N LEU H 55 -5.48 -64.15 -28.62
CA LEU H 55 -6.14 -64.21 -29.92
C LEU H 55 -6.77 -65.61 -30.09
N GLN H 56 -8.10 -65.67 -30.31
CA GLN H 56 -8.84 -66.93 -30.44
C GLN H 56 -9.71 -66.93 -31.68
N VAL H 57 -9.44 -67.84 -32.63
CA VAL H 57 -10.28 -68.04 -33.79
C VAL H 57 -11.12 -69.29 -33.55
N ALA H 58 -12.44 -69.12 -33.43
CA ALA H 58 -13.40 -70.22 -33.29
C ALA H 58 -14.64 -69.86 -34.08
N ASP H 59 -15.16 -70.82 -34.87
CA ASP H 59 -16.27 -70.59 -35.79
C ASP H 59 -15.97 -69.32 -36.66
N GLY H 60 -16.81 -68.31 -36.66
CA GLY H 60 -16.55 -67.15 -37.52
C GLY H 60 -16.42 -65.85 -36.75
N THR H 61 -15.42 -65.82 -35.86
CA THR H 61 -15.18 -64.69 -34.96
C THR H 61 -13.74 -64.77 -34.41
N LEU H 62 -12.98 -63.65 -34.52
CA LEU H 62 -11.66 -63.53 -33.88
C LEU H 62 -11.90 -62.86 -32.56
N SER H 63 -11.34 -63.40 -31.47
CA SER H 63 -11.53 -62.83 -30.14
C SER H 63 -10.19 -62.35 -29.58
N LEU H 64 -10.10 -61.05 -29.32
CA LEU H 64 -8.91 -60.45 -28.74
C LEU H 64 -9.22 -60.21 -27.28
N THR H 65 -8.38 -60.72 -26.35
CA THR H 65 -8.63 -60.53 -24.92
C THR H 65 -7.39 -59.93 -24.26
N GLY H 66 -7.60 -58.94 -23.39
CA GLY H 66 -6.52 -58.27 -22.67
C GLY H 66 -6.86 -58.11 -21.21
N THR H 67 -6.00 -58.64 -20.30
CA THR H 67 -6.22 -58.60 -18.85
C THR H 67 -5.03 -58.04 -18.05
N ASP H 68 -5.32 -57.75 -16.77
CA ASP H 68 -4.37 -57.36 -15.72
C ASP H 68 -4.68 -58.14 -14.42
N LEU H 69 -5.36 -59.29 -14.55
CA LEU H 69 -5.88 -60.13 -13.47
C LEU H 69 -7.18 -59.56 -12.85
N GLU H 70 -7.21 -58.29 -12.41
CA GLU H 70 -8.41 -57.75 -11.81
C GLU H 70 -9.47 -57.32 -12.83
N MET H 71 -9.14 -57.21 -14.15
CA MET H 71 -10.16 -56.96 -15.19
C MET H 71 -9.77 -57.51 -16.54
N GLU H 72 -10.76 -57.68 -17.43
CA GLU H 72 -10.47 -58.13 -18.78
C GLU H 72 -11.35 -57.40 -19.78
N MET H 73 -10.91 -57.40 -21.03
CA MET H 73 -11.63 -56.75 -22.12
C MET H 73 -11.60 -57.69 -23.30
N VAL H 74 -12.78 -58.09 -23.80
CA VAL H 74 -12.85 -59.02 -24.93
C VAL H 74 -13.46 -58.33 -26.14
N ALA H 75 -12.75 -58.34 -27.27
CA ALA H 75 -13.26 -57.75 -28.50
C ALA H 75 -13.47 -58.85 -29.53
N ARG H 76 -14.73 -58.98 -30.04
CA ARG H 76 -15.12 -59.98 -31.04
C ARG H 76 -15.11 -59.34 -32.44
N VAL H 77 -14.25 -59.81 -33.35
CA VAL H 77 -14.11 -59.25 -34.69
C VAL H 77 -14.60 -60.28 -35.70
N ALA H 78 -15.56 -59.88 -36.57
CA ALA H 78 -16.13 -60.77 -37.58
C ALA H 78 -15.10 -61.08 -38.67
N LEU H 79 -14.92 -62.38 -39.01
CA LEU H 79 -13.98 -62.83 -40.02
C LEU H 79 -14.68 -63.21 -41.33
N VAL H 80 -14.49 -62.34 -42.35
CA VAL H 80 -15.07 -62.43 -43.71
C VAL H 80 -14.33 -63.48 -44.55
N GLN H 81 -12.99 -63.49 -44.43
CA GLN H 81 -12.12 -64.29 -45.27
C GLN H 81 -11.80 -65.64 -44.61
N PRO H 82 -11.48 -66.66 -45.41
CA PRO H 82 -11.23 -67.99 -44.83
C PRO H 82 -10.16 -67.97 -43.74
N HIS H 83 -10.36 -68.81 -42.72
CA HIS H 83 -9.49 -68.88 -41.55
C HIS H 83 -9.48 -70.30 -40.98
N GLU H 84 -8.51 -70.58 -40.09
CA GLU H 84 -8.36 -71.87 -39.40
C GLU H 84 -8.51 -71.64 -37.88
N PRO H 85 -9.27 -72.48 -37.15
CA PRO H 85 -9.42 -72.27 -35.70
C PRO H 85 -8.18 -72.61 -34.85
N GLY H 86 -8.04 -71.89 -33.74
CA GLY H 86 -6.93 -72.08 -32.80
C GLY H 86 -6.73 -70.85 -31.92
N ALA H 87 -5.70 -70.86 -31.05
CA ALA H 87 -5.48 -69.73 -30.14
C ALA H 87 -4.02 -69.60 -29.68
N THR H 88 -3.62 -68.35 -29.38
CA THR H 88 -2.31 -68.00 -28.85
C THR H 88 -2.34 -66.59 -28.29
N THR H 89 -1.27 -66.19 -27.57
CA THR H 89 -1.16 -64.83 -27.02
C THR H 89 0.06 -64.15 -27.65
N VAL H 90 -0.07 -62.86 -27.99
CA VAL H 90 1.01 -62.12 -28.66
C VAL H 90 1.23 -60.73 -28.01
N PRO H 91 2.48 -60.19 -27.95
CA PRO H 91 2.70 -58.89 -27.30
C PRO H 91 1.78 -57.80 -27.81
N ALA H 92 1.05 -57.15 -26.89
CA ALA H 92 0.05 -56.15 -27.26
C ALA H 92 0.64 -54.93 -27.96
N ARG H 93 1.67 -54.29 -27.36
CA ARG H 93 2.24 -53.06 -27.91
C ARG H 93 2.87 -53.26 -29.27
N LYS H 94 3.54 -54.41 -29.47
CA LYS H 94 4.19 -54.72 -30.76
C LYS H 94 3.13 -55.04 -31.81
N PHE H 95 2.19 -55.93 -31.49
CA PHE H 95 1.16 -56.31 -32.45
C PHE H 95 0.31 -55.11 -32.86
N PHE H 96 -0.04 -54.22 -31.94
CA PHE H 96 -0.80 -53.03 -32.28
C PHE H 96 0.02 -52.06 -33.11
N ASP H 97 1.22 -51.72 -32.66
CA ASP H 97 2.06 -50.78 -33.40
C ASP H 97 2.35 -51.27 -34.80
N ILE H 98 2.39 -52.60 -35.02
CA ILE H 98 2.58 -53.20 -36.34
C ILE H 98 1.34 -52.95 -37.21
N CYS H 99 0.17 -53.31 -36.72
CA CYS H 99 -1.07 -53.09 -37.46
C CYS H 99 -1.30 -51.61 -37.73
N ARG H 100 -0.99 -50.72 -36.77
CA ARG H 100 -1.16 -49.28 -36.98
C ARG H 100 -0.11 -48.75 -37.95
N GLY H 101 1.12 -49.23 -37.84
CA GLY H 101 2.20 -48.79 -38.71
C GLY H 101 2.01 -49.14 -40.18
N LEU H 102 1.20 -50.18 -40.47
CA LEU H 102 0.92 -50.59 -41.85
C LEU H 102 0.09 -49.54 -42.58
N PRO H 103 0.17 -49.51 -43.93
CA PRO H 103 -0.58 -48.48 -44.68
C PRO H 103 -2.08 -48.73 -44.64
N GLU H 104 -2.85 -47.66 -44.82
CA GLU H 104 -4.30 -47.72 -44.74
C GLU H 104 -4.85 -48.62 -45.85
N GLY H 105 -5.64 -49.61 -45.45
CA GLY H 105 -6.24 -50.56 -46.38
C GLY H 105 -5.45 -51.84 -46.54
N ALA H 106 -4.54 -52.12 -45.60
CA ALA H 106 -3.68 -53.30 -45.66
C ALA H 106 -4.43 -54.58 -45.30
N GLU H 107 -4.07 -55.69 -45.95
CA GLU H 107 -4.63 -57.01 -45.67
C GLU H 107 -3.66 -57.73 -44.76
N ILE H 108 -4.02 -57.92 -43.49
CA ILE H 108 -3.14 -58.56 -42.52
C ILE H 108 -3.43 -60.06 -42.46
N ALA H 109 -2.47 -60.89 -42.92
CA ALA H 109 -2.57 -62.34 -42.87
C ALA H 109 -1.74 -62.87 -41.69
N VAL H 110 -2.41 -63.35 -40.63
CA VAL H 110 -1.74 -63.83 -39.42
C VAL H 110 -1.84 -65.35 -39.33
N GLN H 111 -0.80 -66.00 -38.78
CA GLN H 111 -0.80 -67.44 -38.58
C GLN H 111 0.11 -67.85 -37.42
N LEU H 112 -0.19 -68.99 -36.79
CA LEU H 112 0.67 -69.49 -35.71
C LEU H 112 1.62 -70.49 -36.32
N GLU H 113 2.84 -70.00 -36.67
CA GLU H 113 3.90 -70.85 -37.20
C GLU H 113 4.95 -71.09 -36.11
N GLY H 114 4.70 -72.12 -35.29
CA GLY H 114 5.63 -72.56 -34.25
C GLY H 114 5.45 -71.77 -32.98
N GLU H 115 6.57 -71.54 -32.27
CA GLU H 115 6.53 -70.75 -31.04
C GLU H 115 6.39 -69.24 -31.32
N ARG H 116 6.43 -68.81 -32.60
CA ARG H 116 6.21 -67.41 -32.95
C ARG H 116 4.96 -67.28 -33.85
N MET H 117 4.43 -66.07 -33.95
CA MET H 117 3.24 -65.72 -34.75
C MET H 117 3.75 -64.97 -35.95
N LEU H 118 3.33 -65.38 -37.16
CA LEU H 118 3.76 -64.73 -38.39
C LEU H 118 2.69 -63.75 -38.88
N VAL H 119 3.02 -62.44 -38.86
CA VAL H 119 2.13 -61.38 -39.34
C VAL H 119 2.67 -60.90 -40.69
N ARG H 120 1.93 -61.15 -41.79
CA ARG H 120 2.34 -60.75 -43.13
C ARG H 120 1.31 -59.83 -43.77
N SER H 121 1.78 -58.76 -44.40
CA SER H 121 0.93 -57.79 -45.08
C SER H 121 1.71 -57.13 -46.21
N GLY H 122 1.51 -57.63 -47.42
CA GLY H 122 2.23 -57.16 -48.60
C GLY H 122 3.67 -57.61 -48.57
N ARG H 123 4.60 -56.65 -48.66
CA ARG H 123 6.04 -56.94 -48.59
C ARG H 123 6.59 -56.84 -47.16
N SER H 124 5.69 -56.63 -46.15
CA SER H 124 6.05 -56.55 -44.74
C SER H 124 5.80 -57.91 -44.08
N ARG H 125 6.78 -58.40 -43.31
CA ARG H 125 6.70 -59.70 -42.63
C ARG H 125 7.22 -59.56 -41.20
N PHE H 126 6.45 -60.00 -40.21
CA PHE H 126 6.83 -59.88 -38.80
C PHE H 126 6.70 -61.20 -38.09
N SER H 127 7.65 -61.46 -37.19
CA SER H 127 7.72 -62.70 -36.44
C SER H 127 7.68 -62.36 -34.96
N LEU H 128 6.50 -62.51 -34.33
CA LEU H 128 6.31 -62.16 -32.92
C LEU H 128 6.42 -63.39 -32.01
N SER H 129 7.04 -63.22 -30.83
CA SER H 129 7.20 -64.29 -29.85
C SER H 129 5.88 -64.47 -29.10
N THR H 130 5.40 -65.71 -29.01
CA THR H 130 4.10 -65.97 -28.38
C THR H 130 4.24 -66.81 -27.12
N LEU H 131 3.28 -66.66 -26.21
CA LEU H 131 3.16 -67.49 -25.02
C LEU H 131 1.89 -68.33 -25.19
N PRO H 132 1.86 -69.60 -24.71
CA PRO H 132 0.67 -70.44 -24.93
C PRO H 132 -0.65 -69.82 -24.48
N ALA H 133 -1.73 -70.08 -25.25
CA ALA H 133 -3.07 -69.58 -24.93
C ALA H 133 -3.60 -70.19 -23.63
N ALA H 134 -3.23 -71.44 -23.34
CA ALA H 134 -3.67 -72.15 -22.13
C ALA H 134 -3.19 -71.46 -20.85
N ASP H 135 -2.09 -70.69 -20.94
CA ASP H 135 -1.53 -69.97 -19.79
C ASP H 135 -2.19 -68.59 -19.55
N PHE H 136 -3.14 -68.17 -20.42
CA PHE H 136 -3.77 -66.87 -20.27
C PHE H 136 -4.75 -66.86 -19.10
N PRO H 137 -4.79 -65.79 -18.28
CA PRO H 137 -5.72 -65.76 -17.13
C PRO H 137 -7.22 -65.79 -17.48
N ASN H 138 -7.90 -66.92 -17.13
CA ASN H 138 -9.35 -67.13 -17.32
C ASN H 138 -10.10 -66.66 -16.08
N LEU H 139 -10.99 -65.65 -16.24
CA LEU H 139 -11.75 -65.12 -15.10
C LEU H 139 -12.77 -66.16 -14.60
N ASP H 140 -12.89 -66.30 -13.28
CA ASP H 140 -13.79 -67.29 -12.66
C ASP H 140 -15.26 -67.15 -13.08
N ASP H 141 -15.78 -68.18 -13.78
CA ASP H 141 -17.18 -68.29 -14.21
C ASP H 141 -18.11 -67.79 -13.13
N TRP H 142 -18.99 -66.83 -13.45
CA TRP H 142 -19.90 -66.26 -12.44
C TRP H 142 -21.33 -66.08 -12.96
N GLN H 143 -22.25 -65.81 -12.02
CA GLN H 143 -23.68 -65.65 -12.26
C GLN H 143 -24.13 -64.21 -11.94
N SER H 144 -24.84 -63.57 -12.89
CA SER H 144 -25.33 -62.21 -12.76
C SER H 144 -26.51 -62.15 -11.79
N GLU H 145 -26.65 -61.02 -11.08
CA GLU H 145 -27.74 -60.78 -10.15
C GLU H 145 -28.63 -59.65 -10.65
N VAL H 146 -28.01 -58.52 -11.03
CA VAL H 146 -28.75 -57.37 -11.55
C VAL H 146 -28.34 -57.19 -13.02
N GLU H 147 -29.32 -57.05 -13.92
CA GLU H 147 -29.06 -56.88 -15.34
C GLU H 147 -29.94 -55.77 -15.91
N PHE H 148 -29.34 -54.83 -16.65
CA PHE H 148 -30.10 -53.70 -17.19
C PHE H 148 -29.38 -53.05 -18.38
N THR H 149 -30.12 -52.25 -19.16
CA THR H 149 -29.60 -51.57 -20.34
C THR H 149 -29.81 -50.08 -20.24
N LEU H 150 -28.86 -49.30 -20.78
CA LEU H 150 -28.95 -47.85 -20.79
C LEU H 150 -28.07 -47.27 -21.93
N PRO H 151 -28.29 -46.00 -22.34
CA PRO H 151 -27.46 -45.44 -23.42
C PRO H 151 -26.02 -45.18 -22.99
N GLN H 152 -25.07 -45.23 -23.94
CA GLN H 152 -23.66 -44.94 -23.66
C GLN H 152 -23.46 -43.55 -23.06
N ALA H 153 -24.21 -42.54 -23.53
CA ALA H 153 -24.11 -41.17 -23.03
C ALA H 153 -24.49 -41.06 -21.56
N THR H 154 -25.44 -41.89 -21.10
CA THR H 154 -25.89 -41.91 -19.70
C THR H 154 -24.77 -42.40 -18.80
N MET H 155 -24.19 -43.55 -19.12
CA MET H 155 -23.08 -44.10 -18.36
C MET H 155 -21.90 -43.16 -18.39
N LYS H 156 -21.59 -42.59 -19.57
CA LYS H 156 -20.48 -41.65 -19.71
C LYS H 156 -20.65 -40.47 -18.78
N ARG H 157 -21.84 -39.87 -18.77
CA ARG H 157 -22.11 -38.73 -17.91
C ARG H 157 -21.96 -39.12 -16.45
N LEU H 158 -22.51 -40.28 -16.07
CA LEU H 158 -22.44 -40.79 -14.69
C LEU H 158 -20.98 -40.97 -14.23
N ILE H 159 -20.13 -41.53 -15.07
CA ILE H 159 -18.73 -41.75 -14.72
C ILE H 159 -17.97 -40.43 -14.81
N GLU H 160 -18.09 -39.70 -15.93
CA GLU H 160 -17.40 -38.41 -16.13
C GLU H 160 -17.62 -37.42 -14.98
N ALA H 161 -18.86 -37.30 -14.52
CA ALA H 161 -19.16 -36.35 -13.47
C ALA H 161 -18.54 -36.71 -12.12
N THR H 162 -18.10 -37.97 -11.92
CA THR H 162 -17.51 -38.42 -10.65
C THR H 162 -16.14 -39.16 -10.80
N GLN H 163 -15.56 -39.14 -12.00
CA GLN H 163 -14.31 -39.87 -12.27
C GLN H 163 -13.18 -39.40 -11.37
N PHE H 164 -13.14 -38.11 -11.04
CA PHE H 164 -11.99 -37.48 -10.36
C PHE H 164 -11.98 -37.63 -8.85
N SER H 165 -13.16 -37.70 -8.20
CA SER H 165 -13.25 -37.76 -6.75
C SER H 165 -12.79 -39.07 -6.13
N MET H 166 -12.48 -40.08 -6.93
CA MET H 166 -12.01 -41.38 -6.43
C MET H 166 -10.65 -41.23 -5.73
N ALA H 167 -10.35 -42.08 -4.73
CA ALA H 167 -9.04 -42.10 -4.08
C ALA H 167 -8.10 -42.91 -4.95
N HIS H 168 -6.76 -42.64 -4.95
CA HIS H 168 -5.85 -43.41 -5.82
C HIS H 168 -5.22 -44.61 -5.10
N GLN H 169 -4.54 -44.36 -3.99
CA GLN H 169 -3.84 -45.40 -3.26
C GLN H 169 -4.14 -45.32 -1.76
N ASP H 170 -5.34 -44.83 -1.40
CA ASP H 170 -5.75 -44.72 0.00
C ASP H 170 -5.73 -46.08 0.69
N VAL H 171 -5.18 -46.13 1.91
CA VAL H 171 -5.08 -47.34 2.73
C VAL H 171 -6.47 -48.02 2.83
N ARG H 172 -7.51 -47.19 2.83
CA ARG H 172 -8.91 -47.61 2.82
C ARG H 172 -9.24 -48.07 1.40
N TYR H 173 -8.82 -49.30 1.07
CA TYR H 173 -8.95 -49.93 -0.25
C TYR H 173 -10.31 -49.73 -0.97
N TYR H 174 -11.41 -49.70 -0.21
CA TYR H 174 -12.77 -49.51 -0.75
C TYR H 174 -13.01 -48.12 -1.36
N LEU H 175 -12.17 -47.11 -1.04
CA LEU H 175 -12.27 -45.76 -1.61
C LEU H 175 -11.55 -45.63 -2.95
N ASN H 176 -10.65 -46.57 -3.26
CA ASN H 176 -9.91 -46.58 -4.53
C ASN H 176 -10.79 -47.18 -5.65
N GLY H 177 -11.90 -46.51 -5.95
CA GLY H 177 -12.88 -46.97 -6.91
C GLY H 177 -14.16 -46.16 -6.85
N MET H 178 -15.18 -46.57 -7.63
CA MET H 178 -16.46 -45.88 -7.74
C MET H 178 -17.60 -46.81 -7.40
N LEU H 179 -18.59 -46.31 -6.67
CA LEU H 179 -19.75 -47.11 -6.30
C LEU H 179 -20.78 -47.00 -7.39
N PHE H 180 -21.33 -48.13 -7.80
CA PHE H 180 -22.40 -48.20 -8.80
C PHE H 180 -23.63 -48.73 -8.11
N GLU H 181 -24.50 -47.81 -7.67
CA GLU H 181 -25.67 -48.14 -6.89
C GLU H 181 -26.92 -47.94 -7.73
N THR H 182 -27.81 -48.94 -7.75
CA THR H 182 -29.10 -48.90 -8.45
C THR H 182 -30.21 -48.72 -7.40
N GLU H 183 -31.00 -47.65 -7.51
CA GLU H 183 -32.05 -47.39 -6.53
C GLU H 183 -33.32 -46.98 -7.23
N GLY H 184 -34.26 -47.92 -7.29
CA GLY H 184 -35.56 -47.73 -7.94
C GLY H 184 -35.42 -47.72 -9.44
N GLU H 185 -35.56 -46.54 -10.02
CA GLU H 185 -35.47 -46.36 -11.45
C GLU H 185 -34.09 -45.79 -11.85
N GLU H 186 -33.46 -45.02 -10.94
CA GLU H 186 -32.17 -44.39 -11.21
C GLU H 186 -30.98 -45.34 -11.02
N LEU H 187 -29.85 -44.97 -11.67
CA LEU H 187 -28.52 -45.55 -11.49
C LEU H 187 -27.63 -44.42 -10.94
N ARG H 188 -26.95 -44.69 -9.84
CA ARG H 188 -26.16 -43.69 -9.15
C ARG H 188 -24.70 -44.10 -9.07
N THR H 189 -23.80 -43.13 -9.29
CA THR H 189 -22.37 -43.35 -9.15
C THR H 189 -21.87 -42.42 -8.05
N VAL H 190 -21.13 -42.98 -7.09
CA VAL H 190 -20.58 -42.21 -5.99
C VAL H 190 -19.09 -42.47 -5.92
N ALA H 191 -18.29 -41.40 -5.76
CA ALA H 191 -16.84 -41.52 -5.59
C ALA H 191 -16.36 -40.53 -4.54
N THR H 192 -15.45 -40.97 -3.66
CA THR H 192 -14.92 -40.11 -2.61
C THR H 192 -13.55 -40.60 -2.14
N ASP H 193 -12.71 -39.67 -1.64
CA ASP H 193 -11.37 -40.00 -1.17
C ASP H 193 -11.08 -39.47 0.24
N GLY H 194 -12.12 -39.18 0.99
CA GLY H 194 -11.96 -38.74 2.37
C GLY H 194 -11.82 -37.24 2.52
N HIS H 195 -11.51 -36.53 1.42
CA HIS H 195 -11.43 -35.07 1.42
C HIS H 195 -12.45 -34.45 0.46
N ARG H 196 -13.10 -35.25 -0.39
CA ARG H 196 -14.14 -34.73 -1.30
C ARG H 196 -15.03 -35.88 -1.79
N LEU H 197 -16.30 -35.58 -2.19
CA LEU H 197 -17.25 -36.58 -2.68
C LEU H 197 -17.99 -36.07 -3.90
N ALA H 198 -18.25 -36.95 -4.84
CA ALA H 198 -19.02 -36.63 -6.03
C ALA H 198 -20.08 -37.70 -6.15
N VAL H 199 -21.32 -37.29 -6.38
CA VAL H 199 -22.43 -38.22 -6.57
C VAL H 199 -23.28 -37.76 -7.75
N CYS H 200 -23.68 -38.72 -8.58
CA CYS H 200 -24.49 -38.44 -9.75
C CYS H 200 -25.50 -39.57 -9.94
N SER H 201 -26.77 -39.22 -10.16
CA SER H 201 -27.83 -40.22 -10.32
C SER H 201 -28.72 -39.84 -11.49
N MET H 202 -28.98 -40.80 -12.38
CA MET H 202 -29.81 -40.52 -13.54
C MET H 202 -30.79 -41.64 -13.84
N PRO H 203 -32.01 -41.28 -14.25
CA PRO H 203 -33.03 -42.30 -14.53
C PRO H 203 -32.76 -43.09 -15.81
N ILE H 204 -33.00 -44.41 -15.77
CA ILE H 204 -32.78 -45.28 -16.92
C ILE H 204 -34.05 -46.06 -17.32
N GLY H 205 -35.23 -45.52 -17.03
CA GLY H 205 -36.51 -46.08 -17.43
C GLY H 205 -36.71 -47.56 -17.14
N GLN H 206 -36.41 -48.00 -15.92
CA GLN H 206 -36.58 -49.40 -15.55
C GLN H 206 -36.86 -49.57 -14.06
N SER H 207 -37.39 -50.74 -13.69
CA SER H 207 -37.65 -51.10 -12.30
C SER H 207 -36.46 -51.90 -11.75
N LEU H 208 -35.54 -51.24 -11.03
CA LEU H 208 -34.34 -51.90 -10.54
C LEU H 208 -34.35 -52.21 -9.05
N PRO H 209 -33.68 -53.31 -8.68
CA PRO H 209 -33.56 -53.63 -7.25
C PRO H 209 -32.48 -52.80 -6.59
N SER H 210 -32.57 -52.59 -5.27
CA SER H 210 -31.55 -51.84 -4.55
C SER H 210 -30.29 -52.70 -4.38
N HIS H 211 -29.23 -52.33 -5.11
CA HIS H 211 -27.98 -53.08 -5.15
C HIS H 211 -26.83 -52.09 -5.32
N SER H 212 -25.82 -52.16 -4.45
CA SER H 212 -24.66 -51.27 -4.54
C SER H 212 -23.38 -52.08 -4.63
N VAL H 213 -22.52 -51.78 -5.63
CA VAL H 213 -21.23 -52.46 -5.83
C VAL H 213 -20.11 -51.46 -6.07
N ILE H 214 -18.87 -51.79 -5.63
CA ILE H 214 -17.70 -50.93 -5.83
C ILE H 214 -16.88 -51.43 -7.00
N VAL H 215 -16.82 -50.64 -8.09
CA VAL H 215 -16.01 -50.97 -9.24
C VAL H 215 -14.62 -50.35 -9.02
N PRO H 216 -13.52 -51.12 -9.16
CA PRO H 216 -12.19 -50.55 -8.92
C PRO H 216 -11.84 -49.33 -9.78
N ARG H 217 -10.93 -48.50 -9.27
CA ARG H 217 -10.48 -47.27 -9.94
C ARG H 217 -10.08 -47.51 -11.40
N LYS H 218 -9.18 -48.48 -11.64
CA LYS H 218 -8.69 -48.76 -12.98
C LYS H 218 -9.79 -49.28 -13.90
N GLY H 219 -10.72 -50.08 -13.35
CA GLY H 219 -11.84 -50.63 -14.11
C GLY H 219 -12.76 -49.55 -14.62
N VAL H 220 -13.07 -48.58 -13.75
CA VAL H 220 -13.90 -47.41 -14.05
C VAL H 220 -13.32 -46.63 -15.23
N ILE H 221 -12.01 -46.45 -15.25
CA ILE H 221 -11.35 -45.69 -16.31
C ILE H 221 -11.50 -46.43 -17.62
N GLU H 222 -11.21 -47.76 -17.63
CA GLU H 222 -11.33 -48.55 -18.86
C GLU H 222 -12.77 -48.69 -19.32
N LEU H 223 -13.73 -48.68 -18.41
CA LEU H 223 -15.12 -48.73 -18.78
C LEU H 223 -15.51 -47.44 -19.50
N MET H 224 -15.08 -46.29 -18.98
CA MET H 224 -15.39 -45.00 -19.58
C MET H 224 -14.70 -44.83 -20.93
N ARG H 225 -13.48 -45.36 -21.06
CA ARG H 225 -12.71 -45.26 -22.29
C ARG H 225 -13.32 -46.09 -23.42
N MET H 226 -13.80 -47.29 -23.06
CA MET H 226 -14.48 -48.22 -23.95
C MET H 226 -15.78 -47.59 -24.50
N LEU H 227 -16.41 -46.74 -23.67
CA LEU H 227 -17.57 -45.96 -24.07
C LEU H 227 -17.13 -44.90 -25.07
N ASP H 228 -17.25 -45.19 -26.38
CA ASP H 228 -16.86 -44.25 -27.44
C ASP H 228 -17.78 -43.01 -27.57
N GLY H 229 -19.00 -43.09 -27.02
CA GLY H 229 -19.99 -42.03 -27.10
C GLY H 229 -20.87 -42.15 -28.34
N GLY H 230 -21.48 -43.33 -28.52
CA GLY H 230 -22.35 -43.61 -29.66
C GLY H 230 -23.78 -43.92 -29.29
N ASP H 231 -24.58 -44.33 -30.28
CA ASP H 231 -26.00 -44.68 -30.09
C ASP H 231 -26.13 -46.04 -29.38
N ASN H 232 -25.26 -47.00 -29.76
CA ASN H 232 -25.23 -48.35 -29.21
C ASN H 232 -25.59 -48.40 -27.70
N PRO H 233 -26.61 -49.19 -27.33
CA PRO H 233 -26.93 -49.36 -25.90
C PRO H 233 -25.82 -50.10 -25.15
N LEU H 234 -25.88 -50.06 -23.81
CA LEU H 234 -24.89 -50.69 -22.95
C LEU H 234 -25.62 -51.65 -22.00
N ARG H 235 -25.36 -52.98 -22.06
CA ARG H 235 -25.98 -53.93 -21.14
C ARG H 235 -25.03 -54.22 -20.00
N VAL H 236 -25.39 -53.77 -18.79
CA VAL H 236 -24.57 -53.96 -17.59
C VAL H 236 -25.08 -55.15 -16.78
N GLN H 237 -24.17 -56.06 -16.40
CA GLN H 237 -24.51 -57.23 -15.59
C GLN H 237 -23.71 -57.16 -14.29
N ILE H 238 -24.38 -56.92 -13.16
CA ILE H 238 -23.71 -56.86 -11.85
C ILE H 238 -23.93 -58.19 -11.14
N GLY H 239 -22.84 -58.88 -10.82
CA GLY H 239 -22.90 -60.17 -10.13
C GLY H 239 -22.54 -60.09 -8.67
N SER H 240 -22.07 -61.22 -8.12
CA SER H 240 -21.69 -61.29 -6.71
C SER H 240 -20.37 -60.54 -6.47
N ASN H 241 -19.32 -60.89 -7.22
CA ASN H 241 -18.00 -60.25 -7.09
C ASN H 241 -17.46 -59.78 -8.46
N ASN H 242 -18.33 -59.58 -9.46
CA ASN H 242 -17.91 -59.12 -10.77
C ASN H 242 -18.94 -58.18 -11.40
N ILE H 243 -18.51 -57.36 -12.36
CA ILE H 243 -19.41 -56.50 -13.14
C ILE H 243 -19.04 -56.69 -14.61
N ARG H 244 -20.03 -56.68 -15.52
CA ARG H 244 -19.78 -56.84 -16.95
C ARG H 244 -20.50 -55.77 -17.72
N ALA H 245 -19.90 -55.30 -18.82
CA ALA H 245 -20.49 -54.24 -19.64
C ALA H 245 -20.33 -54.58 -21.13
N HIS H 246 -21.45 -54.74 -21.85
CA HIS H 246 -21.43 -55.07 -23.27
C HIS H 246 -21.74 -53.84 -24.13
N VAL H 247 -20.75 -53.40 -24.96
CA VAL H 247 -20.91 -52.30 -25.94
C VAL H 247 -20.64 -52.86 -27.36
N GLY H 248 -21.64 -53.52 -27.90
CA GLY H 248 -21.54 -54.11 -29.22
C GLY H 248 -20.49 -55.19 -29.28
N ASP H 249 -19.38 -54.92 -29.97
CA ASP H 249 -18.35 -55.92 -30.15
C ASP H 249 -17.38 -56.00 -28.96
N PHE H 250 -17.55 -55.16 -27.90
CA PHE H 250 -16.68 -55.21 -26.72
C PHE H 250 -17.42 -55.73 -25.54
N ILE H 251 -16.73 -56.56 -24.71
CA ILE H 251 -17.28 -57.05 -23.45
C ILE H 251 -16.25 -56.80 -22.35
N PHE H 252 -16.51 -55.80 -21.51
CA PHE H 252 -15.63 -55.47 -20.40
C PHE H 252 -16.10 -56.21 -19.17
N THR H 253 -15.18 -56.85 -18.44
CA THR H 253 -15.49 -57.52 -17.19
C THR H 253 -14.47 -57.09 -16.12
N SER H 254 -14.92 -56.88 -14.88
CA SER H 254 -14.04 -56.43 -13.80
C SER H 254 -14.47 -56.99 -12.45
N LYS H 255 -13.49 -57.39 -11.61
CA LYS H 255 -13.78 -57.83 -10.25
C LYS H 255 -14.21 -56.61 -9.46
N LEU H 256 -15.08 -56.80 -8.46
CA LEU H 256 -15.52 -55.68 -7.64
C LEU H 256 -14.68 -55.61 -6.39
N VAL H 257 -14.51 -54.39 -5.84
CA VAL H 257 -13.75 -54.18 -4.61
C VAL H 257 -14.62 -54.68 -3.46
N ASP H 258 -14.15 -55.73 -2.75
CA ASP H 258 -14.92 -56.36 -1.67
C ASP H 258 -14.73 -55.55 -0.39
N GLY H 259 -15.46 -54.45 -0.28
CA GLY H 259 -15.41 -53.56 0.87
C GLY H 259 -16.74 -52.90 1.15
N ARG H 260 -16.81 -52.13 2.25
CA ARG H 260 -18.02 -51.41 2.68
C ARG H 260 -17.89 -49.91 2.38
N PHE H 261 -18.48 -49.45 1.26
CA PHE H 261 -18.38 -48.06 0.83
C PHE H 261 -19.17 -47.17 1.77
N PRO H 262 -18.65 -45.98 2.15
CA PRO H 262 -19.41 -45.10 3.03
C PRO H 262 -20.73 -44.61 2.44
N ASP H 263 -21.72 -44.31 3.29
CA ASP H 263 -23.02 -43.82 2.83
C ASP H 263 -22.92 -42.34 2.45
N TYR H 264 -23.19 -42.01 1.18
CA TYR H 264 -23.11 -40.63 0.69
C TYR H 264 -24.12 -39.72 1.39
N ARG H 265 -25.25 -40.28 1.81
CA ARG H 265 -26.31 -39.52 2.44
C ARG H 265 -25.85 -38.95 3.79
N ARG H 266 -24.97 -39.67 4.50
CA ARG H 266 -24.43 -39.20 5.79
C ARG H 266 -23.41 -38.09 5.59
N VAL H 267 -22.71 -38.14 4.44
CA VAL H 267 -21.65 -37.20 4.10
C VAL H 267 -22.28 -35.88 3.68
N LEU H 268 -23.47 -35.95 3.04
CA LEU H 268 -24.21 -34.77 2.61
C LEU H 268 -24.42 -33.87 3.79
N PRO H 269 -24.21 -32.55 3.64
CA PRO H 269 -24.57 -31.68 4.76
C PRO H 269 -26.05 -31.80 5.10
N LYS H 270 -26.34 -32.18 6.37
CA LYS H 270 -27.69 -32.45 6.85
C LYS H 270 -28.67 -31.30 6.60
N ASN H 271 -28.41 -30.12 7.21
CA ASN H 271 -29.28 -28.97 7.05
C ASN H 271 -28.46 -27.67 6.92
N PRO H 272 -28.24 -27.16 5.71
CA PRO H 272 -27.45 -25.93 5.59
C PRO H 272 -28.30 -24.70 5.81
N ASP H 273 -27.69 -23.67 6.41
CA ASP H 273 -28.36 -22.38 6.66
C ASP H 273 -27.69 -21.22 5.93
N LYS H 274 -26.64 -21.51 5.12
CA LYS H 274 -25.92 -20.48 4.38
C LYS H 274 -25.80 -20.88 2.90
N HIS H 275 -26.46 -20.13 1.99
CA HIS H 275 -26.44 -20.50 0.57
C HIS H 275 -25.85 -19.40 -0.29
N LEU H 276 -24.97 -19.79 -1.24
CA LEU H 276 -24.30 -18.84 -2.13
C LEU H 276 -24.55 -19.22 -3.61
N GLU H 277 -24.97 -18.27 -4.46
CA GLU H 277 -25.21 -18.56 -5.87
C GLU H 277 -24.42 -17.58 -6.74
N ALA H 278 -23.55 -18.10 -7.64
CA ALA H 278 -22.66 -17.28 -8.48
C ALA H 278 -22.41 -17.94 -9.85
N GLY H 279 -21.86 -17.16 -10.79
CA GLY H 279 -21.55 -17.64 -12.14
C GLY H 279 -20.41 -18.64 -12.13
N CYS H 280 -20.66 -19.86 -12.64
CA CYS H 280 -19.67 -20.94 -12.64
C CYS H 280 -18.30 -20.51 -13.19
N ASP H 281 -18.29 -19.82 -14.35
CA ASP H 281 -17.04 -19.41 -14.99
C ASP H 281 -16.33 -18.32 -14.22
N LEU H 282 -17.07 -17.32 -13.74
CA LEU H 282 -16.46 -16.24 -12.95
C LEU H 282 -15.88 -16.75 -11.64
N LEU H 283 -16.58 -17.70 -11.00
CA LEU H 283 -16.14 -18.32 -9.76
C LEU H 283 -14.90 -19.18 -10.02
N LYS H 284 -14.90 -19.95 -11.12
CA LYS H 284 -13.78 -20.80 -11.53
C LYS H 284 -12.55 -19.96 -11.85
N GLN H 285 -12.70 -18.86 -12.60
CA GLN H 285 -11.59 -17.98 -12.93
C GLN H 285 -10.97 -17.35 -11.69
N ALA H 286 -11.80 -16.89 -10.76
CA ALA H 286 -11.29 -16.28 -9.52
C ALA H 286 -10.46 -17.30 -8.72
N PHE H 287 -10.94 -18.55 -8.57
CA PHE H 287 -10.22 -19.60 -7.84
C PHE H 287 -8.94 -19.99 -8.58
N ALA H 288 -8.98 -20.01 -9.91
CA ALA H 288 -7.81 -20.32 -10.72
C ALA H 288 -6.73 -19.26 -10.55
N ARG H 289 -7.13 -17.97 -10.49
CA ARG H 289 -6.20 -16.87 -10.31
C ARG H 289 -5.65 -16.82 -8.89
N ALA H 290 -6.53 -17.13 -7.91
CA ALA H 290 -6.15 -17.16 -6.49
C ALA H 290 -5.15 -18.27 -6.22
N ALA H 291 -5.37 -19.41 -6.86
CA ALA H 291 -4.51 -20.60 -6.75
C ALA H 291 -3.04 -20.34 -7.13
N ILE H 292 -2.78 -19.29 -7.91
CA ILE H 292 -1.42 -18.96 -8.34
C ILE H 292 -0.55 -18.62 -7.13
N LEU H 293 -1.06 -17.81 -6.20
CA LEU H 293 -0.29 -17.42 -5.04
C LEU H 293 -0.67 -18.23 -3.79
N SER H 294 -1.18 -19.46 -3.99
CA SER H 294 -1.50 -20.39 -2.91
C SER H 294 -0.28 -21.27 -2.63
N ASN H 295 -0.33 -22.02 -1.51
CA ASN H 295 0.76 -22.93 -1.18
C ASN H 295 0.85 -24.02 -2.25
N GLU H 296 2.04 -24.31 -2.75
CA GLU H 296 2.21 -25.26 -3.87
C GLU H 296 1.83 -26.70 -3.50
N LYS H 297 1.98 -27.07 -2.21
CA LYS H 297 1.70 -28.42 -1.74
C LYS H 297 0.31 -28.53 -1.13
N PHE H 298 -0.06 -27.56 -0.28
CA PHE H 298 -1.31 -27.62 0.45
C PHE H 298 -2.48 -26.95 -0.27
N ARG H 299 -2.20 -25.97 -1.15
CA ARG H 299 -3.20 -25.31 -2.00
C ARG H 299 -4.36 -24.71 -1.19
N GLY H 300 -4.03 -24.02 -0.10
CA GLY H 300 -5.01 -23.43 0.79
C GLY H 300 -5.48 -22.05 0.39
N VAL H 301 -6.81 -21.85 0.31
CA VAL H 301 -7.44 -20.56 0.03
C VAL H 301 -8.55 -20.29 1.05
N ARG H 302 -8.75 -19.02 1.43
CA ARG H 302 -9.76 -18.62 2.40
C ARG H 302 -10.96 -18.02 1.70
N LEU H 303 -12.17 -18.40 2.14
CA LEU H 303 -13.42 -17.87 1.60
C LEU H 303 -14.08 -17.01 2.67
N TYR H 304 -14.34 -15.74 2.36
CA TYR H 304 -15.03 -14.83 3.30
C TYR H 304 -16.40 -14.53 2.71
N VAL H 305 -17.47 -15.11 3.27
CA VAL H 305 -18.83 -14.88 2.77
C VAL H 305 -19.54 -13.78 3.56
N SER H 306 -19.66 -12.61 2.95
CA SER H 306 -20.37 -11.48 3.54
C SER H 306 -21.63 -11.26 2.73
N GLU H 307 -22.45 -10.27 3.08
CA GLU H 307 -23.70 -10.03 2.37
C GLU H 307 -23.45 -9.78 0.88
N ASN H 308 -23.90 -10.72 0.01
CA ASN H 308 -23.73 -10.66 -1.44
C ASN H 308 -22.30 -10.35 -1.88
N GLN H 309 -21.32 -11.00 -1.26
CA GLN H 309 -19.93 -10.80 -1.57
C GLN H 309 -19.09 -11.97 -1.07
N LEU H 310 -18.23 -12.52 -1.95
CA LEU H 310 -17.32 -13.61 -1.61
C LEU H 310 -15.90 -13.12 -1.83
N LYS H 311 -15.03 -13.29 -0.82
CA LYS H 311 -13.62 -12.88 -0.94
C LYS H 311 -12.74 -14.12 -0.84
N ILE H 312 -11.96 -14.40 -1.89
CA ILE H 312 -11.03 -15.53 -1.91
C ILE H 312 -9.63 -14.98 -1.66
N THR H 313 -8.93 -15.51 -0.66
CA THR H 313 -7.59 -15.05 -0.31
C THR H 313 -6.63 -16.24 -0.30
N ALA H 314 -5.50 -16.11 -0.98
CA ALA H 314 -4.49 -17.18 -1.05
C ALA H 314 -3.15 -16.66 -0.57
N ASN H 315 -2.43 -17.48 0.23
CA ASN H 315 -1.11 -17.15 0.74
C ASN H 315 -0.13 -18.32 0.51
N ASN H 316 1.13 -18.01 0.22
CA ASN H 316 2.14 -19.04 0.01
C ASN H 316 3.33 -18.78 0.95
N PRO H 317 4.28 -19.72 1.09
CA PRO H 317 5.39 -19.49 2.02
C PRO H 317 6.22 -18.22 1.78
N GLU H 318 6.24 -17.74 0.52
CA GLU H 318 6.99 -16.53 0.16
C GLU H 318 6.26 -15.24 0.55
N GLN H 319 5.17 -15.35 1.34
CA GLN H 319 4.38 -14.22 1.83
C GLN H 319 3.74 -13.39 0.69
N GLU H 320 3.40 -14.03 -0.42
CA GLU H 320 2.70 -13.37 -1.50
C GLU H 320 1.22 -13.62 -1.27
N GLU H 321 0.39 -12.65 -1.62
CA GLU H 321 -1.04 -12.77 -1.38
C GLU H 321 -1.84 -12.43 -2.62
N ALA H 322 -2.85 -13.25 -2.92
CA ALA H 322 -3.83 -13.01 -3.98
C ALA H 322 -5.12 -12.67 -3.28
N GLU H 323 -5.95 -11.84 -3.90
CA GLU H 323 -7.25 -11.49 -3.34
C GLU H 323 -8.25 -11.31 -4.46
N GLU H 324 -9.37 -12.04 -4.39
CA GLU H 324 -10.41 -11.97 -5.40
C GLU H 324 -11.73 -11.65 -4.71
N ILE H 325 -12.44 -10.59 -5.16
CA ILE H 325 -13.73 -10.23 -4.61
C ILE H 325 -14.79 -10.41 -5.68
N LEU H 326 -15.85 -11.17 -5.38
CA LEU H 326 -16.92 -11.45 -6.34
C LEU H 326 -18.26 -11.00 -5.80
N ASP H 327 -19.18 -10.61 -6.69
CA ASP H 327 -20.54 -10.25 -6.31
C ASP H 327 -21.38 -11.51 -6.46
N VAL H 328 -21.82 -12.07 -5.33
CA VAL H 328 -22.57 -13.31 -5.30
C VAL H 328 -23.97 -13.05 -4.75
N THR H 329 -24.83 -14.07 -4.80
CA THR H 329 -26.18 -14.00 -4.26
C THR H 329 -26.14 -14.76 -2.94
N TYR H 330 -25.71 -14.10 -1.84
CA TYR H 330 -25.51 -14.78 -0.56
C TYR H 330 -26.56 -14.46 0.50
N SER H 331 -26.95 -15.55 1.19
CA SER H 331 -27.94 -15.63 2.25
C SER H 331 -27.29 -16.27 3.46
N GLY H 332 -27.39 -15.63 4.61
CA GLY H 332 -26.89 -16.18 5.86
C GLY H 332 -25.91 -15.30 6.59
N ALA H 333 -25.40 -15.81 7.71
CA ALA H 333 -24.46 -15.12 8.57
C ALA H 333 -23.07 -15.09 7.95
N GLU H 334 -22.23 -14.14 8.39
CA GLU H 334 -20.86 -14.04 7.90
C GLU H 334 -20.02 -15.15 8.50
N MET H 335 -19.25 -15.86 7.66
CA MET H 335 -18.36 -16.91 8.13
C MET H 335 -17.14 -17.01 7.23
N GLU H 336 -16.10 -17.71 7.71
CA GLU H 336 -14.84 -17.87 7.01
C GLU H 336 -14.53 -19.36 6.89
N ILE H 337 -14.11 -19.84 5.70
CA ILE H 337 -13.83 -21.26 5.51
C ILE H 337 -12.60 -21.48 4.62
N GLY H 338 -11.73 -22.38 5.05
CA GLY H 338 -10.52 -22.73 4.32
C GLY H 338 -10.75 -23.89 3.39
N PHE H 339 -10.19 -23.84 2.17
CA PHE H 339 -10.37 -24.92 1.20
C PHE H 339 -9.15 -25.21 0.36
N ASN H 340 -9.06 -26.44 -0.13
CA ASN H 340 -8.02 -26.89 -1.04
C ASN H 340 -8.46 -26.45 -2.43
N VAL H 341 -7.93 -25.33 -2.93
CA VAL H 341 -8.39 -24.72 -4.17
C VAL H 341 -8.47 -25.71 -5.34
N SER H 342 -7.58 -26.74 -5.37
CA SER H 342 -7.60 -27.75 -6.43
C SER H 342 -8.88 -28.60 -6.34
N TYR H 343 -9.28 -28.98 -5.13
CA TYR H 343 -10.53 -29.73 -4.94
C TYR H 343 -11.73 -28.91 -5.40
N VAL H 344 -11.71 -27.59 -5.16
CA VAL H 344 -12.81 -26.68 -5.53
C VAL H 344 -12.83 -26.48 -7.04
N LEU H 345 -11.68 -26.27 -7.64
CA LEU H 345 -11.61 -26.09 -9.09
C LEU H 345 -12.04 -27.34 -9.83
N ASP H 346 -11.69 -28.53 -9.30
CA ASP H 346 -12.10 -29.82 -9.87
C ASP H 346 -13.62 -29.90 -10.02
N VAL H 347 -14.35 -29.41 -9.02
CA VAL H 347 -15.81 -29.42 -9.02
C VAL H 347 -16.33 -28.44 -10.08
N LEU H 348 -15.80 -27.20 -10.09
CA LEU H 348 -16.22 -26.16 -11.02
C LEU H 348 -16.02 -26.57 -12.47
N ASN H 349 -14.99 -27.37 -12.73
CA ASN H 349 -14.71 -27.88 -14.07
C ASN H 349 -15.63 -29.05 -14.41
N ALA H 350 -15.99 -29.88 -13.40
CA ALA H 350 -16.93 -31.00 -13.58
C ALA H 350 -18.34 -30.47 -13.86
N LEU H 351 -18.68 -29.33 -13.25
CA LEU H 351 -19.95 -28.63 -13.46
C LEU H 351 -19.82 -27.75 -14.72
N LYS H 352 -20.14 -28.32 -15.89
CA LYS H 352 -20.09 -27.56 -17.14
C LYS H 352 -21.41 -26.83 -17.31
N CYS H 353 -21.61 -25.77 -16.50
CA CYS H 353 -22.89 -25.06 -16.42
C CYS H 353 -22.67 -23.54 -16.35
N GLU H 354 -23.78 -22.78 -16.24
CA GLU H 354 -23.77 -21.33 -16.18
C GLU H 354 -23.69 -20.83 -14.74
N ASN H 355 -24.55 -21.33 -13.84
CA ASN H 355 -24.56 -20.89 -12.44
C ASN H 355 -24.50 -22.06 -11.46
N VAL H 356 -23.78 -21.85 -10.34
CA VAL H 356 -23.58 -22.88 -9.31
C VAL H 356 -24.16 -22.43 -8.00
N ARG H 357 -24.41 -23.40 -7.11
CA ARG H 357 -24.93 -23.12 -5.79
C ARG H 357 -24.02 -23.79 -4.76
N MET H 358 -23.62 -23.05 -3.71
CA MET H 358 -22.78 -23.57 -2.62
C MET H 358 -23.57 -23.55 -1.32
N MET H 359 -23.64 -24.69 -0.62
CA MET H 359 -24.41 -24.81 0.61
C MET H 359 -23.49 -24.94 1.84
N LEU H 360 -23.23 -23.83 2.53
CA LEU H 360 -22.31 -23.80 3.66
C LEU H 360 -23.02 -24.08 4.99
N THR H 361 -22.34 -24.77 5.91
CA THR H 361 -22.88 -25.06 7.23
C THR H 361 -22.13 -24.18 8.23
N ASP H 362 -20.81 -24.39 8.35
CA ASP H 362 -19.92 -23.63 9.23
C ASP H 362 -18.47 -23.78 8.76
N SER H 363 -17.52 -23.17 9.47
CA SER H 363 -16.10 -23.20 9.09
C SER H 363 -15.43 -24.57 9.19
N VAL H 364 -15.98 -25.52 9.98
CA VAL H 364 -15.36 -26.85 10.16
C VAL H 364 -16.20 -27.97 9.53
N SER H 365 -17.25 -27.62 8.77
CA SER H 365 -18.11 -28.61 8.13
C SER H 365 -18.06 -28.49 6.61
N SER H 366 -18.40 -29.58 5.94
CA SER H 366 -18.38 -29.64 4.48
C SER H 366 -19.37 -28.70 3.79
N VAL H 367 -19.07 -28.32 2.52
CA VAL H 367 -19.95 -27.50 1.69
C VAL H 367 -20.43 -28.32 0.50
N GLN H 368 -21.72 -28.20 0.16
CA GLN H 368 -22.26 -28.93 -0.97
C GLN H 368 -22.32 -27.99 -2.16
N ILE H 369 -21.57 -28.31 -3.22
CA ILE H 369 -21.54 -27.51 -4.44
C ILE H 369 -22.27 -28.29 -5.52
N GLU H 370 -23.24 -27.66 -6.20
CA GLU H 370 -23.97 -28.31 -7.28
C GLU H 370 -24.47 -27.29 -8.29
N ASP H 371 -24.94 -27.76 -9.44
CA ASP H 371 -25.48 -26.88 -10.48
C ASP H 371 -26.79 -26.27 -9.96
N ALA H 372 -26.92 -24.94 -10.08
CA ALA H 372 -28.11 -24.24 -9.62
C ALA H 372 -29.35 -24.64 -10.43
N ALA H 373 -29.17 -25.16 -11.67
CA ALA H 373 -30.27 -25.59 -12.54
C ALA H 373 -30.61 -27.07 -12.36
N SER H 374 -29.58 -27.95 -12.27
CA SER H 374 -29.78 -29.40 -12.15
C SER H 374 -29.21 -29.97 -10.86
N GLN H 375 -29.94 -30.93 -10.28
CA GLN H 375 -29.51 -31.57 -9.04
C GLN H 375 -29.13 -33.05 -9.27
N SER H 376 -28.95 -33.48 -10.56
CA SER H 376 -28.56 -34.87 -10.82
C SER H 376 -27.19 -35.17 -10.18
N ALA H 377 -26.26 -34.19 -10.23
CA ALA H 377 -24.94 -34.30 -9.63
C ALA H 377 -24.77 -33.29 -8.50
N ALA H 378 -24.18 -33.77 -7.39
CA ALA H 378 -23.89 -32.96 -6.21
C ALA H 378 -22.49 -33.28 -5.73
N TYR H 379 -21.78 -32.28 -5.20
CA TYR H 379 -20.40 -32.45 -4.75
C TYR H 379 -20.24 -31.93 -3.34
N VAL H 380 -19.52 -32.67 -2.50
CA VAL H 380 -19.27 -32.27 -1.12
C VAL H 380 -17.76 -32.16 -0.97
N VAL H 381 -17.27 -31.02 -0.49
CA VAL H 381 -15.84 -30.81 -0.29
C VAL H 381 -15.59 -30.48 1.19
N MET H 382 -14.72 -31.25 1.84
CA MET H 382 -14.37 -31.04 3.24
C MET H 382 -13.33 -29.91 3.35
N PRO H 383 -13.53 -28.94 4.27
CA PRO H 383 -12.58 -27.83 4.36
C PRO H 383 -11.30 -28.15 5.12
N MET H 384 -10.37 -27.19 5.13
CA MET H 384 -9.12 -27.35 5.86
C MET H 384 -9.05 -26.28 6.95
N ARG H 385 -8.36 -26.58 8.05
CA ARG H 385 -8.24 -25.68 9.19
C ARG H 385 -7.51 -24.36 8.83
N LEU H 386 -7.98 -23.23 9.39
CA LEU H 386 -7.34 -21.93 9.22
C LEU H 386 -6.69 -21.48 10.55
CA GLY I 1 -36.39 50.15 25.35
C GLY I 1 -37.37 49.15 24.76
N GLN I 2 -36.89 48.23 23.90
CA GLN I 2 -37.71 47.17 23.29
C GLN I 2 -38.41 46.30 24.33
N ALC I 3 -39.72 46.11 24.16
CA ALC I 3 -40.53 45.29 25.02
C ALC I 3 -40.51 43.85 24.56
O ALC I 3 -40.48 43.60 23.35
CB ALC I 3 -42.03 45.64 25.02
CG ALC I 3 -42.45 46.70 26.04
CD2 ALC I 3 -41.29 47.19 26.90
CE2 ALC I 3 -41.73 48.27 27.90
CZ ALC I 3 -42.38 49.44 27.19
CE1 ALC I 3 -43.54 48.96 26.33
CD1 ALC I 3 -43.11 47.89 25.34
CA SOQ I 4 -40.58 41.46 25.16
CB SOQ I 4 -40.08 40.51 26.26
CG SOQ I 4 -38.82 39.86 25.77
N SOQ I 4 -40.40 42.86 25.48
C SOQ I 4 -41.99 41.07 24.76
O SOQ I 4 -42.96 41.50 25.40
OD1 SOQ I 4 -38.89 38.85 25.02
OD2 SOQ I 4 -37.75 40.41 26.12
C1 SOQ I 4 -40.09 43.11 26.91
N LEU I 5 -42.13 40.26 23.70
CA LEU I 5 -43.43 39.81 23.21
C LEU I 5 -43.96 38.67 24.10
N PHE I 6 -43.02 37.96 24.76
CA PHE I 6 -43.34 36.86 25.66
C PHE I 6 -42.17 36.41 26.53
CA GLY J 1 8.67 31.03 -7.00
C GLY J 1 8.52 32.17 -7.98
N GLN J 2 7.64 33.13 -7.63
CA GLN J 2 7.31 34.28 -8.48
C GLN J 2 8.50 35.21 -8.83
N ALC J 3 8.68 35.44 -10.13
CA ALC J 3 9.72 36.33 -10.61
C ALC J 3 9.26 37.81 -10.69
O ALC J 3 8.05 38.08 -10.78
CB ALC J 3 10.21 35.94 -12.01
CG ALC J 3 11.37 34.96 -12.09
CD2 ALC J 3 11.89 34.51 -10.72
CE2 ALC J 3 13.06 33.53 -10.84
CZ ALC J 3 12.68 32.32 -11.68
CE1 ALC J 3 12.14 32.75 -13.05
CD1 ALC J 3 11.00 33.74 -12.92
CA SOQ J 4 9.92 40.18 -10.88
CB SOQ J 4 10.99 41.12 -10.28
CG SOQ J 4 10.32 42.17 -9.44
N SOQ J 4 10.10 38.80 -10.46
C SOQ J 4 9.96 40.50 -12.36
O SOQ J 4 10.85 40.02 -13.05
OD1 SOQ J 4 10.38 42.04 -8.21
OD2 SOQ J 4 9.72 43.12 -10.01
C1 SOQ J 4 11.37 38.58 -9.74
N LEU J 5 9.11 41.43 -12.85
CA LEU J 5 9.20 41.89 -14.23
C LEU J 5 10.47 42.68 -14.43
N PHE J 6 10.81 43.48 -13.44
CA PHE J 6 11.94 44.39 -13.50
C PHE J 6 13.31 43.72 -13.49
CA GLY K 1 -34.38 19.47 25.68
C GLY K 1 -34.38 20.45 26.82
N GLN K 2 -33.52 21.48 26.73
CA GLN K 2 -33.36 22.50 27.77
C GLN K 2 -34.66 23.22 28.11
N ALC K 3 -34.96 23.32 29.42
CA ALC K 3 -36.14 24.05 29.89
C ALC K 3 -35.83 25.55 30.05
O ALC K 3 -34.68 25.91 30.34
CB ALC K 3 -36.69 23.65 31.27
CG ALC K 3 -37.68 22.48 31.25
CD2 ALC K 3 -38.00 21.98 29.84
CE2 ALC K 3 -39.01 20.83 29.87
CZ ALC K 3 -38.54 19.68 30.76
CE1 ALC K 3 -38.18 20.18 32.15
CD1 ALC K 3 -37.16 21.32 32.08
CA SOQ K 4 -36.63 27.87 30.02
CB SOQ K 4 -37.67 28.76 29.33
CG SOQ K 4 -36.99 29.58 28.25
N SOQ K 4 -36.74 26.49 29.69
C SOQ K 4 -36.63 28.22 31.50
O SOQ K 4 -37.49 27.73 32.23
OD1 SOQ K 4 -37.07 29.12 27.11
OD2 SOQ K 4 -36.39 30.65 28.53
C1 SOQ K 4 -37.91 26.12 28.88
N LEU K 5 -35.66 29.04 31.95
CA LEU K 5 -35.62 29.49 33.35
C LEU K 5 -36.71 30.48 33.55
N PHE K 6 -36.87 31.40 32.58
CA PHE K 6 -37.91 32.43 32.53
C PHE K 6 -38.12 32.90 31.06
CA GLY L 1 8.69 43.17 -3.80
C GLY L 1 9.65 42.03 -3.61
N GLN L 2 9.22 41.00 -2.85
CA GLN L 2 10.04 39.84 -2.45
C GLN L 2 10.59 39.02 -3.62
N ALC L 3 11.90 38.77 -3.57
CA ALC L 3 12.57 37.98 -4.59
C ALC L 3 12.52 36.48 -4.23
O ALC L 3 12.49 36.12 -3.05
CB ALC L 3 14.06 38.32 -4.73
CG ALC L 3 14.38 39.43 -5.73
CD2 ALC L 3 13.17 40.03 -6.43
CE2 ALC L 3 13.58 41.06 -7.49
CZ ALC L 3 14.46 42.16 -6.89
CE1 ALC L 3 15.64 41.57 -6.12
CD1 ALC L 3 15.19 40.55 -5.09
CA SOQ L 4 12.75 34.18 -4.94
CB SOQ L 4 11.92 33.24 -5.83
CG SOQ L 4 11.55 32.01 -5.04
N SOQ L 4 12.43 35.55 -5.18
C SOQ L 4 14.26 33.82 -5.00
O SOQ L 4 14.98 34.31 -5.88
OD1 SOQ L 4 12.21 30.96 -5.22
OD2 SOQ L 4 10.57 32.12 -4.24
C1 SOQ L 4 11.87 35.86 -6.52
N LEU L 5 14.71 32.94 -4.09
CA LEU L 5 16.05 32.37 -4.02
C LEU L 5 16.31 31.42 -5.20
N PHE L 6 15.27 30.65 -5.57
CA PHE L 6 15.42 29.59 -6.56
C PHE L 6 14.89 29.92 -7.94
CA GLY M 1 38.75 -24.15 -23.56
C GLY M 1 39.47 -25.48 -23.51
N GLN M 2 38.80 -26.51 -22.96
CA GLN M 2 39.31 -27.87 -22.86
C GLN M 2 39.71 -28.49 -24.21
N ALC M 3 40.96 -28.97 -24.29
CA ALC M 3 41.47 -29.65 -25.46
C ALC M 3 41.14 -31.14 -25.42
O ALC M 3 41.08 -31.72 -24.34
CB ALC M 3 42.99 -29.56 -25.66
CG ALC M 3 43.47 -28.31 -26.40
CD2 ALC M 3 42.34 -27.51 -27.05
CE2 ALC M 3 42.88 -26.35 -27.88
CZ ALC M 3 43.77 -25.43 -27.04
CE1 ALC M 3 44.86 -26.21 -26.31
CD1 ALC M 3 44.28 -27.37 -25.52
CA SOQ M 4 40.46 -33.18 -26.60
CB SOQ M 4 39.58 -33.64 -27.78
CG SOQ M 4 38.14 -33.87 -27.33
N SOQ M 4 40.71 -31.78 -26.55
C SOQ M 4 41.72 -34.02 -26.52
O SOQ M 4 42.76 -33.63 -27.06
OD1 SOQ M 4 37.78 -35.04 -27.05
OD2 SOQ M 4 37.37 -32.90 -27.21
C1 SOQ M 4 40.44 -31.05 -27.82
N LEU M 5 41.66 -35.14 -25.81
CA LEU M 5 42.78 -36.09 -25.71
C LEU M 5 42.77 -36.94 -26.99
N PHE M 6 41.57 -37.20 -27.55
CA PHE M 6 41.46 -37.87 -28.84
C PHE M 6 40.03 -37.71 -29.41
CA GLY N 1 -7.75 -40.72 7.45
C GLY N 1 -7.33 -39.95 8.68
N GLN N 2 -6.20 -39.22 8.61
CA GLN N 2 -5.62 -38.48 9.74
C GLN N 2 -6.58 -37.43 10.34
N ALC N 3 -6.75 -37.48 11.67
CA ALC N 3 -7.58 -36.54 12.38
C ALC N 3 -6.77 -35.31 12.82
O ALC N 3 -5.58 -35.42 13.10
CB ALC N 3 -8.17 -37.13 13.66
CG ALC N 3 -9.57 -37.75 13.51
CD2 ALC N 3 -10.06 -37.83 12.06
CE2 ALC N 3 -11.46 -38.44 11.97
CZ ALC N 3 -11.51 -39.81 12.63
CE1 ALC N 3 -11.02 -39.73 14.07
CD1 ALC N 3 -9.62 -39.13 14.15
CA SOQ N 4 -6.79 -32.94 13.56
CB SOQ N 4 -7.64 -31.69 13.34
CG SOQ N 4 -6.78 -30.58 12.82
N SOQ N 4 -7.21 -34.05 12.79
C SOQ N 4 -6.64 -33.03 15.10
O SOQ N 4 -7.52 -33.57 15.78
OD1 SOQ N 4 -6.69 -30.45 11.58
OD2 SOQ N 4 -6.23 -29.84 13.67
C1 SOQ N 4 -8.30 -33.84 11.80
N LEU N 5 -5.60 -32.37 15.65
CA LEU N 5 -5.35 -32.33 17.10
C LEU N 5 -6.22 -31.27 17.77
N PHE N 6 -6.70 -30.30 16.99
CA PHE N 6 -7.49 -29.21 17.54
C PHE N 6 -8.99 -29.49 17.40
CA GLY O 1 28.94 -52.13 -32.45
C GLY O 1 29.08 -50.80 -33.19
N GLN O 2 28.55 -49.71 -32.60
CA GLN O 2 28.57 -48.37 -33.22
C GLN O 2 29.98 -47.89 -33.58
N ALC O 3 30.14 -47.41 -34.81
CA ALC O 3 31.40 -46.87 -35.31
C ALC O 3 31.50 -45.37 -35.04
O ALC O 3 30.47 -44.68 -35.08
CB ALC O 3 31.65 -47.04 -36.81
CG ALC O 3 32.30 -48.36 -37.22
CD2 ALC O 3 32.85 -49.15 -36.04
CE2 ALC O 3 33.55 -50.42 -36.49
CZ ALC O 3 32.61 -51.32 -37.27
CE1 ALC O 3 31.97 -50.57 -38.45
CD1 ALC O 3 31.33 -49.26 -38.00
CA SOQ O 4 32.86 -43.41 -34.54
CB SOQ O 4 34.16 -43.01 -33.83
CG SOQ O 4 33.83 -42.26 -32.57
N SOQ O 4 32.52 -44.74 -34.51
C SOQ O 4 32.79 -42.64 -35.88
O SOQ O 4 33.38 -43.10 -36.86
OD1 SOQ O 4 33.64 -42.93 -31.54
OD2 SOQ O 4 33.71 -41.02 -32.60
C1 SOQ O 4 33.51 -45.64 -33.77
N LEU O 5 32.08 -41.51 -35.93
CA LEU O 5 32.04 -40.70 -37.16
C LEU O 5 33.31 -39.87 -37.31
N PHE O 6 33.97 -39.53 -36.20
CA PHE O 6 35.22 -38.79 -36.22
C PHE O 6 35.82 -38.79 -34.79
CA GLY P 1 -4.91 -28.79 7.85
C GLY P 1 -6.17 -29.47 7.37
N GLN P 2 -6.03 -30.34 6.33
CA GLN P 2 -7.14 -31.05 5.70
C GLN P 2 -7.91 -31.96 6.68
N ALC P 3 -9.24 -31.80 6.69
CA ALC P 3 -10.12 -32.60 7.51
C ALC P 3 -10.58 -33.86 6.76
O ALC P 3 -10.73 -33.83 5.54
CB ALC P 3 -11.45 -31.88 7.79
CG ALC P 3 -11.47 -31.04 9.08
CD2 ALC P 3 -10.12 -30.92 9.77
CE2 ALC P 3 -10.23 -30.11 11.05
CZ ALC P 3 -10.83 -28.73 10.80
CE1 ALC P 3 -12.17 -28.85 10.10
CD1 ALC P 3 -12.04 -29.66 8.81
CA SOQ P 4 -11.41 -36.17 6.90
CB SOQ P 4 -10.97 -37.50 7.53
CG SOQ P 4 -10.73 -38.49 6.41
N SOQ P 4 -10.71 -35.01 7.42
C SOQ P 4 -12.95 -36.08 6.88
O SOQ P 4 -13.55 -35.57 7.83
OD1 SOQ P 4 -11.65 -39.26 6.11
OD2 SOQ P 4 -9.65 -38.47 5.78
C1 SOQ P 4 -10.02 -35.22 8.72
N LEU P 5 -13.55 -36.62 5.83
CA LEU P 5 -15.00 -36.63 5.69
C LEU P 5 -15.63 -37.59 6.69
N PHE P 6 -14.99 -38.77 6.88
CA PHE P 6 -15.46 -39.84 7.77
C PHE P 6 -14.27 -40.47 8.51
#